data_1V97
#
_entry.id   1V97
#
_cell.length_a   167.987
_cell.length_b   124.612
_cell.length_c   146.926
_cell.angle_alpha   90.00
_cell.angle_beta   90.99
_cell.angle_gamma   90.00
#
_symmetry.space_group_name_H-M   'C 1 2 1'
#
loop_
_entity.id
_entity.type
_entity.pdbx_description
1 polymer 'Xanthine dehydrogenase'
2 non-polymer 'CALCIUM ION'
3 non-polymer 'FE2/S2 (INORGANIC) CLUSTER'
4 non-polymer 'PHOSPHONIC ACIDMONO-(2-AMINO-5,6-DIMERCAPTO-4-OXO-3,7,8A,9,10,10A-HEXAHYDRO-4H-8-OXA-1,3,9,10-TETRAAZA-ANTHRACEN-7-YLMETHYL)ESTER'
5 non-polymer 'DIOXOTHIOMOLYBDENUM(VI) ION'
6 non-polymer 'FLAVIN-ADENINE DINUCLEOTIDE'
7 non-polymer 4-(5-PYRIDIN-4-YL-1H-1,2,4-TRIAZOL-3-YL)PYRIDINE-2-CARBONITRILE
8 non-polymer 'ACETIC ACID'
9 non-polymer GLYCEROL
10 water water
#
_entity_poly.entity_id   1
_entity_poly.type   'polypeptide(L)'
_entity_poly.pdbx_seq_one_letter_code
;MTADELVFFVNGKKVVEKNADPETTLLAYLRRKLGLRGTKLGCGEGGCGACTVMLSKYDRLQDKIIHFSANACLAPICTL
HHVAVTTVEGIGSTKTRLHPVQERIAKSHGSQCGFCTPGIVMSMYTLLRNQPEPTVEEIEDAFQGNLCRCTGYRPILQGF
RTFAKNGGCCGGNGNNPNCCMNQKKDHTVTLSPSLFNPEEFMPLDPTQEPIFPPELLRLKDVPPKQLRFEGERVTWIQAS
TLKELLDLKAQHPEAKLVVGNTEIGIEMKFKNQLFPMIICPAWIPELNAVEHGPEGISFGAACALSSVEKTLLEAVAKLP
TQKTEVFRGVLEQLRWFAGKQVKSVASLGGNIITASPISDLNPVFMASGTKLTIVSRGTRRTVPMDHTFFPSYRKTLLGP
EEILLSIEIPYSREDEFFSAFKQASRREDDIAKVTCGMRVLFQPGSMQVKELALCYGGMADRTISALKTTQKQLSKFWNE
KLLQDVCAGLAEELSLSPDAPGGMIEFRRTLTLSFFFKFYLTVLKKLGKDSKDKCGKLDPTYTSATLLFQKHPPANIQLF
QEVPNGQSKEDTVGRPLPHLAAAMQASGEAVYCDDIPRYENELFLRLVTSTRAHAKIKSIDVSEAQKVPGFVCFLSADDI
PGSNETGLFNDETVFAKDTVTCVGHIIGAVVADTPEHAERAAHVVKVTYEDLPAIITIEDAIKNNSFYGSELKIEKGDLK
KGFSEADNVVSGELYIGGQDHFYLETHCTIAIPKGEEGEMELFVSTQNAMKTQSFVAKMLGVPVNRILVRVKRMGGGFGG
KETRSTLVSVAVALAAYKTGHPVRCMLDRNEDMLITGGRHPFLARYKVGFMKTGTIVALEVDHYSNAGNSRDLSHSIMER
ALFHMDNCYKIPNIRGTGRLCKTNLSSNTAFRGFGGPQALFIAENWMSEVAVTCGLPAEEVRWKNMYKEGDLTHFNQRLE
GFSVPRCWDECLKSSQYYARKSEVDKFNKENCWKKRGLCIIPTKFGISFTVPFLNQAGALIHVYTDGSVLVSHGGTEMGQ
GLHTKMVQVASKALKIPISKIYISETSTNTVPNSSPTAASVSTDIYGQAVYEACQTILKRLEPFKKKNPDGSWEDWVMAA
YQDRVSLSTTGFYRTPNLGYSFETNSGNAFHYFTYGVACSEVEIDCLTGDHKNLRTDIVMDVGSSLNPAIDIGQVEGAFV
QGLGLFTLEELHYSPEGSLHTRGPSTYKIPAFGSIPTEFRVSLLRDCPNKKAIYASKAVGEPPLFLGASVFFAIKDAIRA
ARAQHTNNNTKELFRLDSPATPEKIRNACVDKFTTLCVTGAPGNCKPWSLRV
;
_entity_poly.pdbx_strand_id   A,B
#
loop_
_chem_comp.id
_chem_comp.type
_chem_comp.name
_chem_comp.formula
ACY non-polymer 'ACETIC ACID' 'C2 H4 O2'
CA non-polymer 'CALCIUM ION' 'Ca 2'
FAD non-polymer 'FLAVIN-ADENINE DINUCLEOTIDE' 'C27 H33 N9 O15 P2'
FES non-polymer 'FE2/S2 (INORGANIC) CLUSTER' 'Fe2 S2'
FYX non-polymer 4-(5-PYRIDIN-4-YL-1H-1,2,4-TRIAZOL-3-YL)PYRIDINE-2-CARBONITRILE 'C13 H8 N6'
GOL non-polymer GLYCEROL 'C3 H8 O3'
MOS non-polymer 'DIOXOTHIOMOLYBDENUM(VI) ION' 'H Mo O2 S'
MTE non-polymer 'PHOSPHONIC ACIDMONO-(2-AMINO-5,6-DIMERCAPTO-4-OXO-3,7,8A,9,10,10A-HEXAHYDRO-4H-8-OXA-1,3,9,10-TETRAAZA-ANTHRACEN-7-YLMETHYL)ESTER' 'C10 H14 N5 O6 P S2'
#
# COMPACT_ATOMS: atom_id res chain seq x y z
N ALA A 3 34.08 -16.53 13.92
CA ALA A 3 33.53 -17.07 12.65
C ALA A 3 32.22 -16.37 12.34
N ASP A 4 31.25 -16.61 13.22
CA ASP A 4 29.91 -16.05 13.12
C ASP A 4 29.65 -14.98 12.06
N GLU A 5 30.11 -13.75 12.27
CA GLU A 5 29.85 -12.67 11.33
C GLU A 5 30.24 -12.85 9.87
N LEU A 6 29.26 -12.62 9.00
CA LEU A 6 29.47 -12.71 7.55
C LEU A 6 29.61 -11.26 7.11
N VAL A 7 30.74 -10.93 6.50
CA VAL A 7 30.99 -9.55 6.08
C VAL A 7 31.28 -9.43 4.58
N PHE A 8 30.45 -8.65 3.89
CA PHE A 8 30.65 -8.42 2.47
C PHE A 8 30.14 -7.05 2.08
N PHE A 9 30.26 -6.70 0.81
CA PHE A 9 29.80 -5.40 0.35
C PHE A 9 28.81 -5.51 -0.79
N VAL A 10 27.89 -4.55 -0.84
CA VAL A 10 26.89 -4.48 -1.88
C VAL A 10 26.85 -3.04 -2.35
N ASN A 11 27.18 -2.84 -3.62
CA ASN A 11 27.22 -1.50 -4.19
C ASN A 11 28.06 -0.53 -3.36
N GLY A 12 29.20 -1.01 -2.90
CA GLY A 12 30.11 -0.18 -2.13
C GLY A 12 29.82 -0.03 -0.64
N LYS A 13 28.66 -0.49 -0.22
CA LYS A 13 28.26 -0.39 1.18
C LYS A 13 28.59 -1.68 1.93
N LYS A 14 29.14 -1.56 3.14
CA LYS A 14 29.48 -2.73 3.92
C LYS A 14 28.27 -3.38 4.57
N VAL A 15 28.22 -4.70 4.49
CA VAL A 15 27.13 -5.47 5.06
C VAL A 15 27.70 -6.41 6.12
N VAL A 16 27.13 -6.35 7.32
CA VAL A 16 27.58 -7.23 8.40
C VAL A 16 26.39 -8.05 8.86
N GLU A 17 26.36 -9.31 8.45
CA GLU A 17 25.28 -10.21 8.82
C GLU A 17 25.74 -11.07 9.97
N LYS A 18 25.27 -10.77 11.17
CA LYS A 18 25.66 -11.51 12.36
C LYS A 18 25.05 -12.91 12.45
N ASN A 19 23.98 -13.15 11.72
CA ASN A 19 23.33 -14.45 11.78
C ASN A 19 22.99 -15.02 10.41
N ALA A 20 24.00 -15.19 9.57
CA ALA A 20 23.79 -15.70 8.24
C ALA A 20 23.28 -17.14 8.24
N ASP A 21 22.23 -17.40 7.46
CA ASP A 21 21.68 -18.73 7.34
C ASP A 21 22.26 -19.33 6.06
N PRO A 22 22.94 -20.48 6.16
CA PRO A 22 23.55 -21.14 5.01
C PRO A 22 22.64 -21.33 3.79
N GLU A 23 21.33 -21.41 4.02
CA GLU A 23 20.39 -21.61 2.91
C GLU A 23 19.97 -20.32 2.21
N THR A 24 20.38 -19.18 2.73
CA THR A 24 20.00 -17.91 2.12
C THR A 24 20.81 -17.62 0.85
N THR A 25 20.11 -17.38 -0.25
CA THR A 25 20.77 -17.06 -1.52
C THR A 25 20.98 -15.56 -1.58
N LEU A 26 21.90 -15.12 -2.43
CA LEU A 26 22.15 -13.69 -2.58
C LEU A 26 20.90 -12.99 -3.08
N LEU A 27 20.17 -13.63 -3.98
CA LEU A 27 18.97 -13.04 -4.55
C LEU A 27 17.96 -12.69 -3.45
N ALA A 28 17.70 -13.66 -2.57
CA ALA A 28 16.76 -13.46 -1.48
C ALA A 28 17.25 -12.37 -0.53
N TYR A 29 18.54 -12.38 -0.24
CA TYR A 29 19.11 -11.38 0.66
C TYR A 29 18.97 -9.98 0.06
N LEU A 30 19.30 -9.84 -1.22
CA LEU A 30 19.19 -8.55 -1.89
C LEU A 30 17.76 -8.02 -1.87
N ARG A 31 16.81 -8.87 -2.27
CA ARG A 31 15.42 -8.45 -2.34
C ARG A 31 14.67 -8.30 -1.02
N ARG A 32 14.85 -9.27 -0.12
CA ARG A 32 14.12 -9.24 1.14
C ARG A 32 14.81 -8.57 2.33
N LYS A 33 16.14 -8.54 2.33
CA LYS A 33 16.85 -7.94 3.44
C LYS A 33 17.37 -6.55 3.12
N LEU A 34 17.97 -6.38 1.95
CA LEU A 34 18.53 -5.09 1.56
C LEU A 34 17.59 -4.18 0.79
N GLY A 35 16.43 -4.70 0.40
CA GLY A 35 15.48 -3.87 -0.32
C GLY A 35 15.93 -3.42 -1.69
N LEU A 36 16.82 -4.20 -2.32
CA LEU A 36 17.30 -3.87 -3.66
C LEU A 36 16.59 -4.83 -4.62
N ARG A 37 15.43 -4.41 -5.11
CA ARG A 37 14.61 -5.24 -5.99
C ARG A 37 14.91 -5.22 -7.48
N GLY A 38 16.01 -4.58 -7.87
CA GLY A 38 16.38 -4.53 -9.27
C GLY A 38 16.71 -5.91 -9.79
N THR A 39 17.34 -6.73 -8.96
CA THR A 39 17.70 -8.09 -9.34
C THR A 39 16.43 -8.92 -9.22
N LYS A 40 16.10 -9.66 -10.29
CA LYS A 40 14.87 -10.45 -10.32
C LYS A 40 15.03 -11.96 -10.24
N LEU A 41 13.90 -12.62 -9.97
CA LEU A 41 13.83 -14.08 -9.94
C LEU A 41 13.09 -14.45 -11.22
N GLY A 42 13.75 -15.20 -12.09
CA GLY A 42 13.12 -15.61 -13.33
C GLY A 42 12.99 -17.12 -13.47
N CYS A 43 13.84 -17.87 -12.78
CA CYS A 43 13.79 -19.33 -12.87
C CYS A 43 14.34 -20.06 -11.66
N GLY A 44 15.31 -19.44 -10.98
CA GLY A 44 15.91 -20.06 -9.81
C GLY A 44 16.79 -21.27 -10.14
N GLU A 45 17.15 -21.44 -11.40
CA GLU A 45 18.00 -22.57 -11.76
C GLU A 45 19.19 -22.25 -12.68
N GLY A 46 19.56 -20.97 -12.74
CA GLY A 46 20.72 -20.56 -13.54
C GLY A 46 20.55 -20.41 -15.03
N GLY A 47 19.35 -20.65 -15.56
CA GLY A 47 19.16 -20.54 -16.99
C GLY A 47 18.72 -19.23 -17.60
N CYS A 48 18.02 -18.39 -16.86
CA CYS A 48 17.51 -17.14 -17.43
C CYS A 48 18.38 -15.89 -17.25
N GLY A 49 19.23 -15.88 -16.23
CA GLY A 49 20.10 -14.74 -16.00
C GLY A 49 19.43 -13.47 -15.50
N ALA A 50 18.14 -13.53 -15.17
CA ALA A 50 17.45 -12.33 -14.68
C ALA A 50 18.01 -11.88 -13.33
N CYS A 51 18.69 -12.78 -12.65
CA CYS A 51 19.27 -12.50 -11.32
C CYS A 51 20.76 -12.18 -11.39
N THR A 52 21.28 -11.93 -12.59
CA THR A 52 22.69 -11.65 -12.75
C THR A 52 23.23 -10.43 -11.99
N VAL A 53 24.36 -10.62 -11.33
CA VAL A 53 25.02 -9.55 -10.60
C VAL A 53 26.51 -9.70 -10.88
N MET A 54 27.30 -8.72 -10.49
CA MET A 54 28.74 -8.81 -10.67
C MET A 54 29.35 -8.98 -9.29
N LEU A 55 30.41 -9.78 -9.22
CA LEU A 55 31.12 -10.02 -7.98
C LEU A 55 32.56 -9.59 -8.21
N SER A 56 33.14 -8.96 -7.20
CA SER A 56 34.52 -8.49 -7.26
C SER A 56 35.25 -8.92 -6.00
N LYS A 57 36.49 -9.34 -6.16
CA LYS A 57 37.28 -9.74 -5.01
C LYS A 57 38.77 -9.66 -5.32
N TYR A 58 39.58 -9.64 -4.26
CA TYR A 58 41.02 -9.60 -4.42
C TYR A 58 41.48 -11.04 -4.62
N ASP A 59 42.19 -11.29 -5.70
CA ASP A 59 42.68 -12.64 -5.97
C ASP A 59 44.14 -12.78 -5.54
N ARG A 60 44.36 -13.45 -4.42
CA ARG A 60 45.72 -13.65 -3.94
C ARG A 60 46.36 -14.87 -4.60
N LEU A 61 46.65 -14.71 -5.89
CA LEU A 61 47.27 -15.74 -6.70
C LEU A 61 47.70 -15.02 -7.96
N GLN A 62 47.03 -13.90 -8.21
CA GLN A 62 47.32 -13.05 -9.35
C GLN A 62 47.62 -11.67 -8.78
N ASP A 63 47.40 -11.54 -7.47
CA ASP A 63 47.61 -10.28 -6.77
C ASP A 63 46.90 -9.18 -7.55
N LYS A 64 45.59 -9.31 -7.69
CA LYS A 64 44.81 -8.33 -8.44
C LYS A 64 43.33 -8.45 -8.15
N ILE A 65 42.58 -7.40 -8.45
CA ILE A 65 41.13 -7.40 -8.25
C ILE A 65 40.51 -8.04 -9.48
N ILE A 66 39.63 -9.00 -9.27
CA ILE A 66 38.97 -9.67 -10.39
C ILE A 66 37.46 -9.42 -10.36
N HIS A 67 36.86 -9.31 -11.54
CA HIS A 67 35.42 -9.07 -11.66
C HIS A 67 34.79 -10.17 -12.50
N PHE A 68 33.66 -10.70 -12.04
CA PHE A 68 32.97 -11.75 -12.78
C PHE A 68 31.48 -11.75 -12.44
N SER A 69 30.67 -12.31 -13.33
CA SER A 69 29.23 -12.35 -13.12
C SER A 69 28.81 -13.64 -12.44
N ALA A 70 27.63 -13.64 -11.83
CA ALA A 70 27.11 -14.82 -11.15
C ALA A 70 25.61 -14.71 -11.02
N ASN A 71 24.95 -15.85 -10.87
CA ASN A 71 23.50 -15.88 -10.70
C ASN A 71 23.21 -15.72 -9.21
N ALA A 72 22.54 -14.63 -8.86
CA ALA A 72 22.22 -14.40 -7.45
C ALA A 72 21.31 -15.50 -6.87
N CYS A 73 20.55 -16.17 -7.72
CA CYS A 73 19.65 -17.23 -7.25
C CYS A 73 20.35 -18.50 -6.81
N LEU A 74 21.60 -18.69 -7.23
CA LEU A 74 22.34 -19.89 -6.86
C LEU A 74 23.50 -19.60 -5.93
N ALA A 75 23.86 -18.34 -5.79
CA ALA A 75 24.97 -17.96 -4.93
C ALA A 75 24.61 -17.87 -3.45
N PRO A 76 25.15 -18.77 -2.63
CA PRO A 76 24.85 -18.73 -1.19
C PRO A 76 25.58 -17.52 -0.64
N ILE A 77 24.94 -16.72 0.20
CA ILE A 77 25.64 -15.56 0.74
C ILE A 77 26.84 -16.03 1.57
N CYS A 78 26.78 -17.26 2.07
CA CYS A 78 27.88 -17.77 2.88
C CYS A 78 29.17 -18.02 2.09
N THR A 79 29.11 -17.87 0.77
CA THR A 79 30.30 -18.03 -0.07
C THR A 79 30.87 -16.66 -0.38
N LEU A 80 30.18 -15.61 0.05
CA LEU A 80 30.59 -14.25 -0.26
C LEU A 80 31.34 -13.42 0.78
N HIS A 81 31.90 -14.07 1.81
CA HIS A 81 32.63 -13.31 2.82
C HIS A 81 33.76 -12.56 2.12
N HIS A 82 33.86 -11.26 2.40
CA HIS A 82 34.88 -10.39 1.80
C HIS A 82 34.82 -10.30 0.28
N VAL A 83 33.60 -10.38 -0.26
CA VAL A 83 33.41 -10.24 -1.70
C VAL A 83 32.55 -8.99 -1.87
N ALA A 84 32.76 -8.26 -2.97
CA ALA A 84 31.98 -7.06 -3.23
C ALA A 84 30.97 -7.34 -4.33
N VAL A 85 29.70 -7.10 -4.02
CA VAL A 85 28.63 -7.33 -4.99
C VAL A 85 28.21 -6.01 -5.64
N THR A 86 27.91 -6.06 -6.94
CA THR A 86 27.42 -4.89 -7.66
C THR A 86 26.14 -5.30 -8.35
N THR A 87 25.05 -4.61 -8.04
CA THR A 87 23.77 -4.91 -8.67
C THR A 87 23.47 -3.81 -9.67
N VAL A 88 22.35 -3.94 -10.38
CA VAL A 88 21.97 -2.94 -11.37
C VAL A 88 21.88 -1.53 -10.74
N GLU A 89 21.40 -1.45 -9.50
CA GLU A 89 21.30 -0.13 -8.88
C GLU A 89 22.67 0.42 -8.47
N GLY A 90 23.69 -0.43 -8.53
CA GLY A 90 25.03 0.03 -8.18
C GLY A 90 25.81 0.71 -9.29
N ILE A 91 25.33 0.65 -10.52
CA ILE A 91 26.06 1.28 -11.62
C ILE A 91 25.43 2.55 -12.17
N GLY A 92 24.17 2.80 -11.80
CA GLY A 92 23.48 3.99 -12.26
C GLY A 92 21.99 3.91 -12.06
N SER A 93 21.30 5.05 -12.27
CA SER A 93 19.85 5.10 -12.13
C SER A 93 19.35 6.41 -12.73
N THR A 94 18.04 6.49 -12.96
CA THR A 94 17.46 7.69 -13.52
C THR A 94 17.44 8.84 -12.51
N LYS A 95 17.59 8.52 -11.22
CA LYS A 95 17.60 9.56 -10.18
C LYS A 95 18.92 10.30 -10.18
N THR A 96 19.99 9.60 -10.54
CA THR A 96 21.31 10.20 -10.60
C THR A 96 21.67 10.31 -12.07
N ARG A 97 22.33 9.28 -12.59
CA ARG A 97 22.72 9.25 -13.99
C ARG A 97 22.83 7.79 -14.42
N LEU A 98 22.38 7.50 -15.63
CA LEU A 98 22.45 6.13 -16.14
C LEU A 98 23.86 5.81 -16.61
N HIS A 99 24.25 4.56 -16.43
CA HIS A 99 25.56 4.11 -16.88
C HIS A 99 25.40 3.91 -18.39
N PRO A 100 26.50 4.02 -19.16
CA PRO A 100 26.37 3.84 -20.61
C PRO A 100 25.62 2.56 -21.00
N VAL A 101 25.88 1.45 -20.30
CA VAL A 101 25.21 0.19 -20.62
C VAL A 101 23.69 0.36 -20.54
N GLN A 102 23.23 1.02 -19.47
CA GLN A 102 21.81 1.27 -19.27
C GLN A 102 21.24 2.23 -20.32
N GLU A 103 21.95 3.32 -20.60
CA GLU A 103 21.48 4.28 -21.59
C GLU A 103 21.32 3.65 -22.97
N ARG A 104 22.29 2.85 -23.37
CA ARG A 104 22.26 2.25 -24.69
C ARG A 104 21.21 1.17 -24.89
N ILE A 105 21.00 0.30 -23.90
CA ILE A 105 19.99 -0.74 -24.09
C ILE A 105 18.61 -0.08 -24.12
N ALA A 106 18.45 1.00 -23.37
CA ALA A 106 17.18 1.70 -23.34
C ALA A 106 16.92 2.44 -24.66
N LYS A 107 17.86 3.26 -25.08
CA LYS A 107 17.71 4.03 -26.32
C LYS A 107 17.73 3.20 -27.60
N SER A 108 18.29 1.99 -27.52
CA SER A 108 18.37 1.13 -28.69
C SER A 108 17.13 0.25 -28.82
N HIS A 109 16.19 0.42 -27.90
CA HIS A 109 14.94 -0.35 -27.91
C HIS A 109 15.21 -1.82 -27.55
N GLY A 110 16.20 -2.03 -26.68
CA GLY A 110 16.53 -3.37 -26.26
C GLY A 110 15.75 -3.80 -25.02
N SER A 111 14.78 -2.99 -24.62
CA SER A 111 13.97 -3.30 -23.45
C SER A 111 12.49 -3.14 -23.75
N GLN A 112 11.73 -4.22 -23.62
CA GLN A 112 10.29 -4.18 -23.84
C GLN A 112 9.57 -4.33 -22.49
N CYS A 113 9.31 -5.54 -22.01
CA CYS A 113 8.64 -5.64 -20.72
C CYS A 113 9.63 -5.22 -19.64
N GLY A 114 10.92 -5.39 -19.95
CA GLY A 114 11.98 -4.99 -19.04
C GLY A 114 12.39 -5.89 -17.89
N PHE A 115 11.77 -7.05 -17.73
CA PHE A 115 12.11 -7.92 -16.60
C PHE A 115 13.51 -8.55 -16.71
N CYS A 116 13.97 -8.76 -17.94
CA CYS A 116 15.29 -9.36 -18.18
C CYS A 116 16.39 -8.30 -18.29
N THR A 117 16.00 -7.04 -18.42
CA THR A 117 16.96 -5.97 -18.61
C THR A 117 18.05 -5.80 -17.56
N PRO A 118 17.70 -5.79 -16.27
CA PRO A 118 18.77 -5.64 -15.27
C PRO A 118 19.83 -6.73 -15.42
N GLY A 119 19.39 -7.96 -15.60
CA GLY A 119 20.32 -9.07 -15.75
C GLY A 119 21.21 -8.95 -16.97
N ILE A 120 20.62 -8.48 -18.07
CA ILE A 120 21.36 -8.27 -19.33
C ILE A 120 22.36 -7.16 -19.11
N VAL A 121 21.92 -6.10 -18.44
CA VAL A 121 22.75 -4.96 -18.13
C VAL A 121 23.99 -5.38 -17.35
N MET A 122 23.80 -6.22 -16.34
CA MET A 122 24.92 -6.66 -15.53
C MET A 122 25.88 -7.58 -16.27
N SER A 123 25.36 -8.37 -17.20
CA SER A 123 26.21 -9.24 -17.98
C SER A 123 27.12 -8.37 -18.85
N MET A 124 26.53 -7.36 -19.48
CA MET A 124 27.29 -6.45 -20.34
C MET A 124 28.26 -5.61 -19.50
N TYR A 125 27.78 -5.11 -18.37
CA TYR A 125 28.60 -4.31 -17.48
C TYR A 125 29.83 -5.10 -17.04
N THR A 126 29.63 -6.37 -16.69
CA THR A 126 30.73 -7.22 -16.26
C THR A 126 31.77 -7.38 -17.37
N LEU A 127 31.31 -7.53 -18.60
CA LEU A 127 32.22 -7.67 -19.74
C LEU A 127 33.11 -6.44 -19.84
N LEU A 128 32.50 -5.26 -19.83
CA LEU A 128 33.23 -4.00 -19.94
C LEU A 128 34.21 -3.74 -18.81
N ARG A 129 33.92 -4.28 -17.63
CA ARG A 129 34.79 -4.09 -16.48
C ARG A 129 36.04 -4.97 -16.67
N ASN A 130 35.91 -6.00 -17.50
CA ASN A 130 37.01 -6.90 -17.79
C ASN A 130 37.71 -6.48 -19.09
N GLN A 131 36.92 -5.95 -20.02
CA GLN A 131 37.42 -5.51 -21.31
C GLN A 131 36.65 -4.26 -21.74
N PRO A 132 37.22 -3.08 -21.50
CA PRO A 132 36.59 -1.80 -21.86
C PRO A 132 36.32 -1.61 -23.36
N GLU A 133 37.07 -2.32 -24.19
CA GLU A 133 36.88 -2.26 -25.64
C GLU A 133 36.81 -3.68 -26.17
N PRO A 134 35.70 -4.37 -25.93
CA PRO A 134 35.49 -5.75 -26.38
C PRO A 134 35.20 -5.86 -27.88
N THR A 135 35.38 -7.06 -28.41
CA THR A 135 35.12 -7.31 -29.82
C THR A 135 33.64 -7.68 -29.95
N VAL A 136 33.15 -7.70 -31.18
CA VAL A 136 31.76 -8.05 -31.43
C VAL A 136 31.45 -9.46 -30.94
N GLU A 137 32.39 -10.37 -31.12
CA GLU A 137 32.19 -11.75 -30.68
C GLU A 137 32.11 -11.85 -29.16
N GLU A 138 32.96 -11.10 -28.46
CA GLU A 138 32.95 -11.11 -27.00
C GLU A 138 31.62 -10.59 -26.49
N ILE A 139 31.05 -9.63 -27.21
CA ILE A 139 29.77 -9.06 -26.82
C ILE A 139 28.64 -10.09 -26.87
N GLU A 140 28.60 -10.94 -27.89
CA GLU A 140 27.54 -11.95 -27.94
C GLU A 140 27.72 -13.06 -26.90
N ASP A 141 28.93 -13.58 -26.77
CA ASP A 141 29.21 -14.65 -25.82
C ASP A 141 28.90 -14.24 -24.41
N ALA A 142 28.82 -12.93 -24.19
CA ALA A 142 28.54 -12.41 -22.87
C ALA A 142 27.13 -12.74 -22.41
N PHE A 143 26.25 -13.11 -23.35
CA PHE A 143 24.86 -13.38 -22.97
C PHE A 143 24.34 -14.81 -23.11
N GLN A 144 25.24 -15.78 -23.12
CA GLN A 144 24.82 -17.17 -23.23
C GLN A 144 23.92 -17.55 -22.06
N GLY A 145 24.04 -16.82 -20.95
CA GLY A 145 23.25 -17.11 -19.77
C GLY A 145 22.08 -16.17 -19.52
N ASN A 146 21.69 -15.39 -20.53
CA ASN A 146 20.57 -14.47 -20.37
C ASN A 146 19.47 -14.69 -21.41
N LEU A 147 18.23 -14.76 -20.96
CA LEU A 147 17.10 -14.96 -21.85
C LEU A 147 16.16 -13.75 -21.90
N CYS A 148 15.62 -13.49 -23.09
CA CYS A 148 14.67 -12.40 -23.28
C CYS A 148 13.56 -12.99 -24.11
N ARG A 149 12.32 -12.77 -23.68
CA ARG A 149 11.16 -13.30 -24.39
C ARG A 149 10.44 -12.28 -25.28
N CYS A 150 10.72 -10.99 -25.06
CA CYS A 150 10.05 -9.92 -25.82
C CYS A 150 10.75 -9.37 -27.05
N THR A 151 12.05 -9.13 -26.90
CA THR A 151 12.89 -8.47 -27.89
C THR A 151 13.32 -9.12 -29.21
N GLY A 152 13.60 -10.40 -29.22
CA GLY A 152 14.08 -11.00 -30.45
C GLY A 152 15.59 -10.78 -30.45
N TYR A 153 16.08 -10.23 -29.35
CA TYR A 153 17.51 -9.99 -29.11
C TYR A 153 18.25 -9.00 -30.00
N ARG A 154 17.87 -8.92 -31.26
CA ARG A 154 18.54 -8.03 -32.22
C ARG A 154 18.91 -6.63 -31.71
N PRO A 155 17.94 -5.87 -31.18
CA PRO A 155 18.26 -4.52 -30.69
C PRO A 155 19.23 -4.44 -29.52
N ILE A 156 19.25 -5.48 -28.68
CA ILE A 156 20.15 -5.50 -27.54
C ILE A 156 21.60 -5.58 -28.05
N LEU A 157 21.84 -6.52 -28.96
CA LEU A 157 23.16 -6.70 -29.52
C LEU A 157 23.59 -5.50 -30.38
N GLN A 158 22.66 -4.98 -31.18
CA GLN A 158 22.99 -3.84 -32.03
C GLN A 158 23.34 -2.59 -31.22
N GLY A 159 22.66 -2.40 -30.10
CA GLY A 159 22.96 -1.25 -29.27
C GLY A 159 24.29 -1.43 -28.55
N PHE A 160 24.56 -2.65 -28.08
CA PHE A 160 25.80 -2.94 -27.38
C PHE A 160 27.00 -3.05 -28.31
N ARG A 161 26.72 -3.30 -29.59
CA ARG A 161 27.78 -3.41 -30.57
C ARG A 161 28.56 -2.10 -30.63
N THR A 162 27.91 -1.00 -30.26
CA THR A 162 28.53 0.32 -30.27
C THR A 162 29.69 0.44 -29.29
N PHE A 163 29.82 -0.52 -28.37
CA PHE A 163 30.91 -0.51 -27.40
C PHE A 163 32.19 -1.07 -28.00
N ALA A 164 32.04 -1.83 -29.08
CA ALA A 164 33.18 -2.44 -29.75
C ALA A 164 33.92 -1.46 -30.67
N LYS A 165 34.77 -2.01 -31.53
CA LYS A 165 35.54 -1.21 -32.47
C LYS A 165 36.51 -0.28 -31.75
N SER A 192 16.93 6.24 -45.60
CA SER A 192 15.99 5.75 -44.55
C SER A 192 16.42 6.22 -43.16
N PRO A 193 15.44 6.56 -42.31
CA PRO A 193 15.74 7.03 -40.95
C PRO A 193 16.26 5.87 -40.09
N SER A 194 16.86 6.19 -38.95
CA SER A 194 17.40 5.17 -38.05
C SER A 194 16.58 5.08 -36.76
N LEU A 195 16.57 3.90 -36.14
CA LEU A 195 15.82 3.70 -34.90
C LEU A 195 16.45 4.40 -33.70
N PHE A 196 17.77 4.61 -33.76
CA PHE A 196 18.48 5.32 -32.70
C PHE A 196 19.77 5.91 -33.25
N ASN A 197 20.36 6.84 -32.50
CA ASN A 197 21.59 7.50 -32.95
C ASN A 197 22.73 7.36 -31.95
N PRO A 198 23.67 6.44 -32.23
CA PRO A 198 24.84 6.14 -31.40
C PRO A 198 25.71 7.36 -31.09
N GLU A 199 25.71 8.33 -32.00
CA GLU A 199 26.52 9.52 -31.82
C GLU A 199 26.16 10.31 -30.57
N GLU A 200 24.95 10.12 -30.07
CA GLU A 200 24.51 10.83 -28.89
C GLU A 200 24.81 10.08 -27.59
N PHE A 201 25.24 8.83 -27.70
CA PHE A 201 25.55 8.01 -26.52
C PHE A 201 26.75 8.55 -25.75
N MET A 202 26.67 8.55 -24.42
CA MET A 202 27.78 9.02 -23.61
C MET A 202 28.91 7.98 -23.66
N PRO A 203 30.14 8.41 -23.96
CA PRO A 203 31.27 7.48 -24.04
C PRO A 203 31.53 6.77 -22.71
N LEU A 204 32.05 5.55 -22.79
CA LEU A 204 32.36 4.80 -21.59
C LEU A 204 33.68 5.33 -21.03
N ASP A 205 33.70 5.65 -19.74
CA ASP A 205 34.92 6.15 -19.09
C ASP A 205 35.19 5.32 -17.84
N PRO A 206 36.02 4.27 -17.98
CA PRO A 206 36.34 3.41 -16.84
C PRO A 206 36.93 4.10 -15.61
N THR A 207 37.49 5.29 -15.79
CA THR A 207 38.08 6.01 -14.65
C THR A 207 36.99 6.49 -13.70
N GLN A 208 35.74 6.42 -14.15
CA GLN A 208 34.62 6.88 -13.32
C GLN A 208 33.82 5.73 -12.71
N GLU A 209 34.29 4.50 -12.86
CA GLU A 209 33.61 3.34 -12.30
C GLU A 209 33.80 3.28 -10.78
N PRO A 210 32.84 2.67 -10.07
CA PRO A 210 32.93 2.55 -8.61
C PRO A 210 34.23 1.87 -8.20
N ILE A 211 34.88 2.42 -7.18
CA ILE A 211 36.14 1.88 -6.67
C ILE A 211 35.91 0.61 -5.86
N PHE A 212 36.87 -0.30 -5.88
CA PHE A 212 36.76 -1.55 -5.11
C PHE A 212 36.83 -1.10 -3.65
N PRO A 213 35.91 -1.60 -2.79
CA PRO A 213 35.90 -1.21 -1.38
C PRO A 213 37.28 -1.18 -0.73
N PRO A 214 37.72 0.01 -0.30
CA PRO A 214 39.03 0.16 0.35
C PRO A 214 39.19 -0.75 1.57
N GLU A 215 38.14 -0.85 2.38
CA GLU A 215 38.18 -1.69 3.57
C GLU A 215 38.49 -3.14 3.19
N LEU A 216 37.97 -3.59 2.05
CA LEU A 216 38.22 -4.94 1.59
C LEU A 216 39.67 -5.10 1.17
N LEU A 217 40.24 -4.05 0.60
CA LEU A 217 41.61 -4.09 0.15
C LEU A 217 42.56 -4.22 1.34
N ARG A 218 42.14 -3.69 2.49
CA ARG A 218 42.95 -3.77 3.70
C ARG A 218 42.90 -5.20 4.24
N LEU A 219 41.69 -5.75 4.30
CA LEU A 219 41.46 -7.09 4.81
C LEU A 219 42.24 -8.17 4.06
N LYS A 220 42.67 -7.87 2.83
CA LYS A 220 43.41 -8.86 2.05
C LYS A 220 44.74 -9.20 2.72
N ASP A 221 45.20 -8.30 3.59
CA ASP A 221 46.47 -8.50 4.29
C ASP A 221 46.27 -9.16 5.65
N VAL A 222 45.17 -9.88 5.79
CA VAL A 222 44.86 -10.59 7.01
C VAL A 222 44.61 -12.05 6.64
N PRO A 223 45.47 -12.96 7.11
CA PRO A 223 45.34 -14.39 6.81
C PRO A 223 43.93 -14.91 7.12
N PRO A 224 43.34 -15.64 6.17
CA PRO A 224 41.98 -16.19 6.35
C PRO A 224 41.93 -17.18 7.51
N LYS A 225 40.77 -17.25 8.15
CA LYS A 225 40.56 -18.16 9.26
C LYS A 225 39.22 -18.86 9.04
N GLN A 226 39.09 -20.08 9.54
CA GLN A 226 37.87 -20.85 9.39
C GLN A 226 36.65 -20.13 9.98
N LEU A 227 35.55 -20.14 9.25
CA LEU A 227 34.33 -19.50 9.71
C LEU A 227 33.21 -20.53 9.87
N ARG A 228 32.26 -20.21 10.75
CA ARG A 228 31.14 -21.10 11.00
C ARG A 228 29.85 -20.31 10.97
N PHE A 229 28.91 -20.76 10.15
CA PHE A 229 27.61 -20.10 10.03
C PHE A 229 26.53 -21.10 10.45
N GLU A 230 25.57 -20.63 11.22
CA GLU A 230 24.49 -21.50 11.70
C GLU A 230 23.12 -20.98 11.29
N GLY A 231 22.39 -21.81 10.55
CA GLY A 231 21.07 -21.42 10.09
C GLY A 231 19.98 -22.23 10.78
N GLU A 232 18.77 -22.11 10.26
CA GLU A 232 17.64 -22.83 10.84
C GLU A 232 17.81 -24.35 10.73
N ARG A 233 18.38 -24.83 9.63
CA ARG A 233 18.55 -26.26 9.41
C ARG A 233 19.95 -26.69 9.00
N VAL A 234 20.79 -25.73 8.61
CA VAL A 234 22.12 -26.05 8.13
C VAL A 234 23.28 -25.34 8.82
N THR A 235 24.39 -26.05 8.96
CA THR A 235 25.61 -25.50 9.55
C THR A 235 26.67 -25.46 8.44
N TRP A 236 27.23 -24.28 8.22
CA TRP A 236 28.20 -24.06 7.17
C TRP A 236 29.60 -23.76 7.70
N ILE A 237 30.60 -24.48 7.20
CA ILE A 237 31.98 -24.25 7.62
C ILE A 237 32.84 -23.87 6.42
N GLN A 238 33.39 -22.65 6.46
CA GLN A 238 34.25 -22.15 5.40
C GLN A 238 35.66 -22.53 5.82
N ALA A 239 36.21 -23.58 5.21
CA ALA A 239 37.56 -24.05 5.55
C ALA A 239 38.61 -23.15 4.93
N SER A 240 39.58 -22.71 5.73
CA SER A 240 40.62 -21.83 5.22
C SER A 240 41.85 -22.56 4.68
N THR A 241 42.13 -23.75 5.20
CA THR A 241 43.29 -24.51 4.74
C THR A 241 42.94 -25.95 4.40
N LEU A 242 43.81 -26.59 3.63
CA LEU A 242 43.60 -27.98 3.23
C LEU A 242 43.55 -28.88 4.46
N LYS A 243 44.43 -28.63 5.43
CA LYS A 243 44.45 -29.42 6.65
C LYS A 243 43.11 -29.39 7.36
N GLU A 244 42.50 -28.21 7.46
CA GLU A 244 41.21 -28.07 8.11
C GLU A 244 40.15 -28.86 7.34
N LEU A 245 40.20 -28.77 6.02
CA LEU A 245 39.24 -29.49 5.17
C LEU A 245 39.34 -31.00 5.42
N LEU A 246 40.56 -31.53 5.40
CA LEU A 246 40.74 -32.96 5.60
C LEU A 246 40.36 -33.40 7.01
N ASP A 247 40.64 -32.56 8.00
CA ASP A 247 40.28 -32.90 9.38
C ASP A 247 38.76 -32.95 9.50
N LEU A 248 38.10 -31.96 8.91
CA LEU A 248 36.65 -31.89 8.94
C LEU A 248 36.03 -33.12 8.28
N LYS A 249 36.54 -33.49 7.12
CA LYS A 249 36.03 -34.65 6.40
C LYS A 249 36.33 -35.96 7.11
N ALA A 250 37.43 -35.99 7.85
CA ALA A 250 37.81 -37.19 8.58
C ALA A 250 36.86 -37.37 9.77
N GLN A 251 36.44 -36.27 10.38
CA GLN A 251 35.54 -36.32 11.52
C GLN A 251 34.08 -36.33 11.11
N HIS A 252 33.78 -35.75 9.96
CA HIS A 252 32.41 -35.66 9.46
C HIS A 252 32.32 -36.02 7.98
N PRO A 253 32.41 -37.31 7.65
CA PRO A 253 32.34 -37.77 6.25
C PRO A 253 31.04 -37.34 5.57
N GLU A 254 29.98 -37.20 6.37
CA GLU A 254 28.68 -36.82 5.83
C GLU A 254 28.64 -35.37 5.34
N ALA A 255 29.51 -34.53 5.89
CA ALA A 255 29.55 -33.12 5.51
C ALA A 255 29.59 -32.99 3.98
N LYS A 256 28.68 -32.18 3.45
CA LYS A 256 28.58 -31.97 2.02
C LYS A 256 29.44 -30.81 1.51
N LEU A 257 30.33 -31.08 0.57
CA LEU A 257 31.17 -30.02 0.03
C LEU A 257 30.35 -29.15 -0.90
N VAL A 258 30.65 -27.86 -0.90
CA VAL A 258 29.96 -26.90 -1.75
C VAL A 258 30.96 -25.87 -2.20
N VAL A 259 31.04 -25.66 -3.51
CA VAL A 259 31.94 -24.66 -4.04
C VAL A 259 31.06 -23.63 -4.74
N GLY A 260 30.66 -23.91 -5.98
CA GLY A 260 29.82 -22.98 -6.71
C GLY A 260 28.33 -23.09 -6.41
N ASN A 261 27.93 -24.22 -5.84
CA ASN A 261 26.53 -24.47 -5.49
C ASN A 261 25.60 -24.53 -6.70
N THR A 262 26.16 -24.62 -7.91
CA THR A 262 25.29 -24.66 -9.09
C THR A 262 24.61 -26.00 -9.26
N GLU A 263 25.05 -27.00 -8.49
CA GLU A 263 24.43 -28.32 -8.51
C GLU A 263 23.67 -28.51 -7.19
N ILE A 264 24.36 -28.29 -6.08
CA ILE A 264 23.73 -28.44 -4.77
C ILE A 264 22.51 -27.52 -4.63
N GLY A 265 22.62 -26.31 -5.17
CA GLY A 265 21.52 -25.36 -5.11
C GLY A 265 20.27 -25.92 -5.79
N ILE A 266 20.49 -26.68 -6.85
CA ILE A 266 19.41 -27.30 -7.59
C ILE A 266 18.83 -28.44 -6.75
N GLU A 267 19.73 -29.26 -6.19
CA GLU A 267 19.32 -30.39 -5.37
C GLU A 267 18.45 -29.96 -4.18
N MET A 268 18.81 -28.84 -3.56
CA MET A 268 18.06 -28.36 -2.42
C MET A 268 16.74 -27.69 -2.80
N LYS A 269 16.75 -26.93 -3.90
CA LYS A 269 15.55 -26.24 -4.34
C LYS A 269 14.56 -27.12 -5.11
N PHE A 270 15.07 -28.03 -5.92
CA PHE A 270 14.18 -28.88 -6.72
C PHE A 270 14.08 -30.36 -6.35
N LYS A 271 15.08 -30.88 -5.64
CA LYS A 271 15.07 -32.29 -5.28
C LYS A 271 14.75 -32.57 -3.81
N ASN A 272 14.37 -31.53 -3.08
CA ASN A 272 14.03 -31.67 -1.66
C ASN A 272 15.19 -32.20 -0.81
N GLN A 273 16.41 -31.96 -1.25
CA GLN A 273 17.58 -32.43 -0.51
C GLN A 273 17.93 -31.46 0.61
N LEU A 274 18.42 -32.02 1.71
CA LEU A 274 18.82 -31.20 2.85
C LEU A 274 20.11 -31.76 3.42
N PHE A 275 21.14 -30.93 3.46
CA PHE A 275 22.43 -31.34 4.00
C PHE A 275 22.68 -30.48 5.24
N PRO A 276 22.51 -31.07 6.43
CA PRO A 276 22.71 -30.39 7.71
C PRO A 276 24.08 -29.77 7.93
N MET A 277 25.11 -30.35 7.32
CA MET A 277 26.45 -29.81 7.46
C MET A 277 27.13 -29.65 6.11
N ILE A 278 27.54 -28.42 5.83
CA ILE A 278 28.22 -28.10 4.58
C ILE A 278 29.61 -27.56 4.87
N ILE A 279 30.54 -27.87 3.99
CA ILE A 279 31.91 -27.38 4.10
C ILE A 279 32.25 -26.75 2.75
N CYS A 280 32.63 -25.48 2.77
CA CYS A 280 33.01 -24.80 1.53
C CYS A 280 34.53 -24.66 1.57
N PRO A 281 35.22 -25.33 0.65
CA PRO A 281 36.69 -25.30 0.56
C PRO A 281 37.24 -24.34 -0.50
N ALA A 282 36.37 -23.49 -1.04
CA ALA A 282 36.77 -22.55 -2.10
C ALA A 282 38.00 -21.68 -1.84
N TRP A 283 38.25 -21.33 -0.58
CA TRP A 283 39.40 -20.49 -0.23
C TRP A 283 40.75 -21.19 -0.29
N ILE A 284 40.74 -22.52 -0.13
CA ILE A 284 41.97 -23.31 -0.11
C ILE A 284 42.86 -23.15 -1.33
N PRO A 285 44.09 -22.65 -1.13
CA PRO A 285 45.02 -22.45 -2.24
C PRO A 285 45.32 -23.68 -3.09
N GLU A 286 45.46 -24.84 -2.47
CA GLU A 286 45.75 -26.05 -3.23
C GLU A 286 44.60 -26.43 -4.16
N LEU A 287 43.38 -26.04 -3.81
CA LEU A 287 42.20 -26.34 -4.62
C LEU A 287 42.00 -25.33 -5.74
N ASN A 288 42.88 -24.33 -5.81
CA ASN A 288 42.77 -23.29 -6.84
C ASN A 288 44.04 -23.13 -7.65
N ALA A 289 45.03 -23.98 -7.38
CA ALA A 289 46.31 -23.90 -8.09
C ALA A 289 46.31 -24.45 -9.51
N VAL A 290 47.04 -23.76 -10.39
CA VAL A 290 47.16 -24.18 -11.78
C VAL A 290 48.63 -24.44 -12.03
N GLU A 291 48.97 -25.68 -12.36
CA GLU A 291 50.37 -26.05 -12.58
C GLU A 291 50.60 -26.67 -13.96
N HIS A 292 51.55 -26.12 -14.69
CA HIS A 292 51.89 -26.62 -16.03
C HIS A 292 53.02 -27.63 -15.90
N GLY A 293 52.68 -28.91 -16.04
CA GLY A 293 53.68 -29.96 -15.92
C GLY A 293 54.05 -30.55 -17.26
N PRO A 294 54.95 -31.55 -17.29
CA PRO A 294 55.37 -32.18 -18.54
C PRO A 294 54.32 -33.07 -19.20
N GLU A 295 53.38 -33.58 -18.41
CA GLU A 295 52.34 -34.45 -18.94
C GLU A 295 51.06 -33.68 -19.29
N GLY A 296 50.90 -32.49 -18.73
CA GLY A 296 49.72 -31.70 -19.01
C GLY A 296 49.57 -30.54 -18.06
N ILE A 297 48.35 -30.01 -17.97
CA ILE A 297 48.06 -28.88 -17.10
C ILE A 297 47.14 -29.30 -15.97
N SER A 298 47.56 -29.00 -14.74
CA SER A 298 46.80 -29.37 -13.55
C SER A 298 45.98 -28.21 -13.00
N PHE A 299 44.74 -28.51 -12.65
CA PHE A 299 43.84 -27.51 -12.09
C PHE A 299 43.31 -27.97 -10.74
N GLY A 300 43.32 -27.07 -9.76
CA GLY A 300 42.78 -27.41 -8.46
C GLY A 300 41.29 -27.64 -8.67
N ALA A 301 40.71 -28.58 -7.92
CA ALA A 301 39.29 -28.90 -8.06
C ALA A 301 38.33 -27.72 -7.91
N ALA A 302 38.75 -26.68 -7.20
CA ALA A 302 37.88 -25.52 -7.00
C ALA A 302 37.93 -24.52 -8.14
N CYS A 303 38.88 -24.67 -9.05
CA CYS A 303 39.00 -23.76 -10.18
C CYS A 303 37.70 -23.67 -10.95
N ALA A 304 37.26 -22.44 -11.22
CA ALA A 304 36.01 -22.24 -11.97
C ALA A 304 36.24 -22.65 -13.42
N LEU A 305 35.16 -23.09 -14.07
CA LEU A 305 35.26 -23.50 -15.45
C LEU A 305 35.76 -22.37 -16.33
N SER A 306 35.45 -21.13 -15.95
CA SER A 306 35.91 -19.98 -16.73
C SER A 306 37.43 -19.90 -16.70
N SER A 307 38.02 -20.27 -15.56
CA SER A 307 39.48 -20.24 -15.41
C SER A 307 40.10 -21.35 -16.26
N VAL A 308 39.48 -22.53 -16.21
CA VAL A 308 39.95 -23.67 -16.97
C VAL A 308 39.93 -23.31 -18.47
N GLU A 309 38.83 -22.70 -18.90
CA GLU A 309 38.67 -22.31 -20.29
C GLU A 309 39.73 -21.28 -20.73
N LYS A 310 39.97 -20.28 -19.88
CA LYS A 310 40.95 -19.24 -20.18
C LYS A 310 42.35 -19.82 -20.30
N THR A 311 42.71 -20.69 -19.35
CA THR A 311 44.02 -21.32 -19.34
C THR A 311 44.20 -22.23 -20.56
N LEU A 312 43.17 -23.00 -20.87
CA LEU A 312 43.24 -23.90 -22.02
C LEU A 312 43.31 -23.15 -23.35
N LEU A 313 42.60 -22.03 -23.44
CA LEU A 313 42.61 -21.22 -24.64
C LEU A 313 44.03 -20.71 -24.90
N GLU A 314 44.68 -20.24 -23.83
CA GLU A 314 46.04 -19.74 -23.92
C GLU A 314 46.96 -20.87 -24.38
N ALA A 315 46.80 -22.04 -23.75
CA ALA A 315 47.61 -23.19 -24.09
C ALA A 315 47.48 -23.56 -25.57
N VAL A 316 46.25 -23.53 -26.08
CA VAL A 316 46.01 -23.86 -27.48
C VAL A 316 46.63 -22.84 -28.43
N ALA A 317 46.72 -21.60 -27.97
CA ALA A 317 47.30 -20.53 -28.78
C ALA A 317 48.82 -20.51 -28.75
N LYS A 318 49.41 -21.09 -27.70
CA LYS A 318 50.86 -21.08 -27.56
C LYS A 318 51.57 -22.40 -27.88
N LEU A 319 50.91 -23.52 -27.61
CA LEU A 319 51.51 -24.82 -27.86
C LEU A 319 51.21 -25.39 -29.25
N PRO A 320 52.03 -26.35 -29.71
CA PRO A 320 51.83 -26.96 -31.02
C PRO A 320 50.48 -27.67 -31.06
N THR A 321 49.86 -27.65 -32.24
CA THR A 321 48.57 -28.30 -32.42
C THR A 321 48.53 -29.73 -31.91
N GLN A 322 49.60 -30.48 -32.18
CA GLN A 322 49.66 -31.88 -31.78
C GLN A 322 49.66 -32.14 -30.28
N LYS A 323 49.94 -31.12 -29.48
CA LYS A 323 49.96 -31.28 -28.03
C LYS A 323 48.65 -30.89 -27.36
N THR A 324 47.77 -30.23 -28.11
CA THR A 324 46.49 -29.76 -27.53
C THR A 324 45.20 -30.41 -28.04
N GLU A 325 45.28 -31.66 -28.48
CA GLU A 325 44.10 -32.35 -28.98
C GLU A 325 43.04 -32.49 -27.88
N VAL A 326 43.45 -32.87 -26.69
CA VAL A 326 42.52 -33.05 -25.58
C VAL A 326 42.00 -31.71 -25.06
N PHE A 327 42.88 -30.71 -25.01
CA PHE A 327 42.47 -29.39 -24.54
C PHE A 327 41.39 -28.84 -25.46
N ARG A 328 41.59 -29.04 -26.76
CA ARG A 328 40.65 -28.59 -27.77
C ARG A 328 39.28 -29.23 -27.55
N GLY A 329 39.28 -30.50 -27.13
CA GLY A 329 38.03 -31.19 -26.89
C GLY A 329 37.30 -30.60 -25.69
N VAL A 330 38.05 -30.26 -24.66
CA VAL A 330 37.46 -29.67 -23.46
C VAL A 330 36.85 -28.32 -23.81
N LEU A 331 37.58 -27.54 -24.61
CA LEU A 331 37.10 -26.22 -25.02
C LEU A 331 35.83 -26.31 -25.85
N GLU A 332 35.79 -27.29 -26.76
CA GLU A 332 34.62 -27.48 -27.60
C GLU A 332 33.38 -27.75 -26.77
N GLN A 333 33.54 -28.52 -25.69
CA GLN A 333 32.40 -28.83 -24.83
C GLN A 333 31.97 -27.60 -24.04
N LEU A 334 32.94 -26.75 -23.68
CA LEU A 334 32.66 -25.53 -22.93
C LEU A 334 32.05 -24.41 -23.76
N ARG A 335 32.06 -24.57 -25.08
CA ARG A 335 31.51 -23.55 -25.98
C ARG A 335 30.04 -23.22 -25.79
N TRP A 336 29.19 -24.25 -25.76
CA TRP A 336 27.76 -24.04 -25.57
C TRP A 336 27.40 -24.73 -24.27
N PHE A 337 28.12 -24.34 -23.24
CA PHE A 337 28.01 -24.87 -21.89
C PHE A 337 27.70 -23.73 -20.93
N ALA A 338 26.41 -23.52 -20.65
CA ALA A 338 25.99 -22.47 -19.73
C ALA A 338 26.57 -21.09 -20.09
N GLY A 339 26.09 -20.07 -19.41
CA GLY A 339 26.58 -18.72 -19.68
C GLY A 339 27.76 -18.39 -18.81
N LYS A 340 28.24 -17.15 -18.91
CA LYS A 340 29.38 -16.70 -18.13
C LYS A 340 29.08 -16.77 -16.63
N GLN A 341 27.84 -16.47 -16.25
CA GLN A 341 27.45 -16.48 -14.83
C GLN A 341 27.71 -17.83 -14.16
N VAL A 342 27.37 -18.91 -14.84
CA VAL A 342 27.56 -20.24 -14.29
C VAL A 342 29.01 -20.71 -14.37
N LYS A 343 29.65 -20.47 -15.51
CA LYS A 343 31.05 -20.90 -15.67
C LYS A 343 32.02 -20.18 -14.75
N SER A 344 31.66 -18.98 -14.30
CA SER A 344 32.53 -18.22 -13.40
C SER A 344 32.47 -18.69 -11.96
N VAL A 345 31.47 -19.48 -11.61
CA VAL A 345 31.36 -19.99 -10.25
C VAL A 345 31.35 -21.51 -10.18
N ALA A 346 30.91 -22.15 -11.25
CA ALA A 346 30.90 -23.61 -11.29
C ALA A 346 32.33 -24.14 -11.33
N SER A 347 32.67 -25.04 -10.40
CA SER A 347 34.02 -25.58 -10.36
C SER A 347 34.20 -26.82 -11.21
N LEU A 348 35.47 -27.12 -11.52
CA LEU A 348 35.83 -28.27 -12.33
C LEU A 348 35.49 -29.54 -11.53
N GLY A 349 35.99 -29.60 -10.30
CA GLY A 349 35.74 -30.75 -9.46
C GLY A 349 34.26 -31.01 -9.26
N GLY A 350 33.49 -29.93 -9.14
CA GLY A 350 32.07 -30.06 -8.94
C GLY A 350 31.37 -30.80 -10.07
N ASN A 351 31.78 -30.52 -11.32
CA ASN A 351 31.15 -31.19 -12.45
C ASN A 351 31.48 -32.69 -12.43
N ILE A 352 32.75 -32.99 -12.17
CA ILE A 352 33.20 -34.38 -12.14
C ILE A 352 32.51 -35.19 -11.05
N ILE A 353 32.46 -34.65 -9.84
CA ILE A 353 31.85 -35.36 -8.72
C ILE A 353 30.32 -35.41 -8.80
N THR A 354 29.70 -34.41 -9.41
CA THR A 354 28.24 -34.42 -9.55
C THR A 354 27.88 -35.70 -10.30
N ALA A 355 28.79 -36.14 -11.16
CA ALA A 355 28.61 -37.36 -11.93
C ALA A 355 27.26 -37.50 -12.63
N SER A 356 26.79 -36.43 -13.25
CA SER A 356 25.53 -36.49 -13.97
C SER A 356 25.68 -37.37 -15.21
N PRO A 357 24.64 -38.16 -15.53
CA PRO A 357 24.72 -39.03 -16.71
C PRO A 357 24.99 -38.20 -17.97
N ILE A 358 24.61 -36.93 -17.93
CA ILE A 358 24.81 -36.06 -19.09
C ILE A 358 25.91 -35.01 -18.95
N SER A 359 26.88 -35.27 -18.09
CA SER A 359 27.99 -34.34 -17.94
C SER A 359 28.67 -34.29 -19.31
N ASP A 360 29.04 -33.10 -19.77
CA ASP A 360 29.72 -32.98 -21.06
C ASP A 360 31.22 -33.07 -20.87
N LEU A 361 31.67 -32.96 -19.62
CA LEU A 361 33.08 -33.02 -19.31
C LEU A 361 33.61 -34.41 -18.97
N ASN A 362 32.87 -35.15 -18.15
CA ASN A 362 33.34 -36.49 -17.77
C ASN A 362 33.64 -37.42 -18.95
N PRO A 363 32.84 -37.36 -20.02
CA PRO A 363 33.13 -38.25 -21.16
C PRO A 363 34.50 -37.92 -21.76
N VAL A 364 34.85 -36.63 -21.75
CA VAL A 364 36.13 -36.17 -22.28
C VAL A 364 37.27 -36.56 -21.36
N PHE A 365 37.07 -36.37 -20.07
CA PHE A 365 38.09 -36.73 -19.09
C PHE A 365 38.31 -38.24 -19.09
N MET A 366 37.25 -39.00 -19.30
CA MET A 366 37.35 -40.46 -19.32
C MET A 366 38.06 -40.96 -20.58
N ALA A 367 37.70 -40.42 -21.73
CA ALA A 367 38.31 -40.84 -22.98
C ALA A 367 39.80 -40.50 -23.03
N SER A 368 40.20 -39.46 -22.30
CA SER A 368 41.60 -39.04 -22.28
C SER A 368 42.36 -39.54 -21.06
N GLY A 369 41.68 -40.29 -20.21
CA GLY A 369 42.33 -40.80 -19.02
C GLY A 369 42.88 -39.68 -18.15
N THR A 370 42.15 -38.57 -18.07
CA THR A 370 42.56 -37.43 -17.27
C THR A 370 42.87 -37.88 -15.85
N LYS A 371 43.98 -37.40 -15.30
CA LYS A 371 44.40 -37.79 -13.97
C LYS A 371 43.74 -37.03 -12.82
N LEU A 372 43.25 -37.79 -11.85
CA LEU A 372 42.58 -37.24 -10.69
C LEU A 372 43.38 -37.48 -9.42
N THR A 373 43.73 -36.41 -8.72
CA THR A 373 44.47 -36.55 -7.48
C THR A 373 43.44 -36.43 -6.36
N ILE A 374 43.29 -37.52 -5.61
CA ILE A 374 42.34 -37.62 -4.53
C ILE A 374 43.04 -37.74 -3.19
N VAL A 375 42.57 -36.98 -2.20
CA VAL A 375 43.17 -37.00 -0.87
C VAL A 375 42.20 -37.15 0.28
N SER A 376 42.75 -37.52 1.42
CA SER A 376 42.02 -37.72 2.67
C SER A 376 43.08 -37.45 3.74
N ARG A 377 42.67 -37.29 4.99
CA ARG A 377 43.67 -37.04 6.03
C ARG A 377 44.60 -38.25 6.10
N GLY A 378 45.87 -38.03 5.76
CA GLY A 378 46.84 -39.10 5.81
C GLY A 378 46.96 -39.93 4.54
N THR A 379 46.13 -39.66 3.54
CA THR A 379 46.18 -40.43 2.30
C THR A 379 46.22 -39.55 1.06
N ARG A 380 46.77 -40.09 -0.01
CA ARG A 380 46.87 -39.38 -1.28
C ARG A 380 47.12 -40.36 -2.41
N ARG A 381 46.31 -40.26 -3.47
CA ARG A 381 46.45 -41.13 -4.62
C ARG A 381 46.04 -40.41 -5.90
N THR A 382 46.62 -40.83 -7.02
CA THR A 382 46.33 -40.24 -8.31
C THR A 382 45.95 -41.35 -9.28
N VAL A 383 44.77 -41.24 -9.88
CA VAL A 383 44.31 -42.26 -10.81
C VAL A 383 43.75 -41.65 -12.08
N PRO A 384 43.97 -42.31 -13.22
CA PRO A 384 43.44 -41.77 -14.47
C PRO A 384 41.96 -42.13 -14.51
N MET A 385 41.12 -41.22 -14.99
CA MET A 385 39.71 -41.52 -15.06
C MET A 385 39.46 -42.56 -16.15
N ASP A 386 38.76 -43.62 -15.78
CA ASP A 386 38.42 -44.68 -16.73
C ASP A 386 36.98 -45.07 -16.44
N HIS A 387 36.47 -46.08 -17.14
CA HIS A 387 35.08 -46.49 -16.97
C HIS A 387 34.69 -46.90 -15.55
N THR A 388 35.64 -47.37 -14.76
CA THR A 388 35.36 -47.80 -13.40
C THR A 388 35.14 -46.66 -12.41
N PHE A 389 35.52 -45.45 -12.78
CA PHE A 389 35.38 -44.31 -11.87
C PHE A 389 33.92 -43.98 -11.53
N PHE A 390 33.00 -44.34 -12.41
CA PHE A 390 31.58 -44.09 -12.16
C PHE A 390 30.85 -45.42 -12.08
N PRO A 391 30.80 -46.02 -10.87
CA PRO A 391 30.17 -47.30 -10.57
C PRO A 391 28.68 -47.38 -10.87
N SER A 392 27.95 -46.34 -10.46
CA SER A 392 26.51 -46.31 -10.65
C SER A 392 25.98 -44.89 -10.65
N TYR A 393 24.66 -44.76 -10.79
CA TYR A 393 24.01 -43.46 -10.82
C TYR A 393 24.49 -42.45 -9.79
N ARG A 394 25.07 -41.36 -10.27
CA ARG A 394 25.55 -40.27 -9.42
C ARG A 394 26.65 -40.61 -8.41
N LYS A 395 27.34 -41.72 -8.60
CA LYS A 395 28.42 -42.09 -7.69
C LYS A 395 29.78 -42.17 -8.38
N THR A 396 30.83 -41.91 -7.62
CA THR A 396 32.20 -41.97 -8.11
C THR A 396 33.00 -42.84 -7.16
N LEU A 397 34.22 -43.20 -7.55
CA LEU A 397 35.06 -44.03 -6.70
C LEU A 397 35.81 -43.24 -5.63
N LEU A 398 35.09 -42.39 -4.91
CA LEU A 398 35.71 -41.62 -3.84
C LEU A 398 35.17 -42.13 -2.52
N GLY A 399 36.05 -42.25 -1.54
CA GLY A 399 35.60 -42.70 -0.22
C GLY A 399 34.87 -41.54 0.41
N PRO A 400 33.98 -41.79 1.38
CA PRO A 400 33.24 -40.70 2.03
C PRO A 400 34.13 -39.64 2.66
N GLU A 401 35.34 -40.04 3.07
CA GLU A 401 36.27 -39.11 3.69
C GLU A 401 37.18 -38.42 2.69
N GLU A 402 37.16 -38.86 1.44
CA GLU A 402 38.01 -38.29 0.40
C GLU A 402 37.43 -37.09 -0.33
N ILE A 403 38.31 -36.24 -0.84
CA ILE A 403 37.92 -35.06 -1.61
C ILE A 403 38.82 -34.99 -2.84
N LEU A 404 38.31 -34.45 -3.93
CA LEU A 404 39.10 -34.32 -5.16
C LEU A 404 39.95 -33.06 -5.03
N LEU A 405 41.27 -33.24 -5.05
CA LEU A 405 42.20 -32.12 -4.89
C LEU A 405 42.54 -31.41 -6.19
N SER A 406 42.89 -32.18 -7.22
CA SER A 406 43.23 -31.58 -8.49
C SER A 406 43.02 -32.53 -9.67
N ILE A 407 42.96 -31.94 -10.86
CA ILE A 407 42.74 -32.67 -12.09
C ILE A 407 43.76 -32.23 -13.13
N GLU A 408 44.48 -33.19 -13.70
CA GLU A 408 45.48 -32.85 -14.71
C GLU A 408 45.01 -33.31 -16.09
N ILE A 409 44.69 -32.34 -16.94
CA ILE A 409 44.25 -32.63 -18.29
C ILE A 409 45.53 -32.82 -19.09
N PRO A 410 45.71 -34.01 -19.69
CA PRO A 410 46.88 -34.38 -20.47
C PRO A 410 47.15 -33.71 -21.81
N TYR A 411 48.44 -33.58 -22.12
CA TYR A 411 48.87 -33.03 -23.38
C TYR A 411 48.64 -34.15 -24.37
N SER A 412 48.39 -33.81 -25.62
CA SER A 412 48.18 -34.79 -26.67
C SER A 412 49.56 -35.29 -27.12
N ARG A 413 49.66 -36.56 -27.48
CA ARG A 413 50.92 -37.13 -27.93
C ARG A 413 50.92 -37.26 -29.46
N GLU A 414 52.07 -37.61 -30.02
CA GLU A 414 52.16 -37.80 -31.46
C GLU A 414 51.29 -38.99 -31.82
N ASP A 415 50.71 -38.97 -33.02
CA ASP A 415 49.86 -40.06 -33.49
C ASP A 415 48.61 -40.24 -32.62
N GLU A 416 48.26 -39.22 -31.85
CA GLU A 416 47.09 -39.29 -30.98
C GLU A 416 46.14 -38.13 -31.31
N PHE A 417 44.89 -38.46 -31.59
CA PHE A 417 43.90 -37.45 -31.95
C PHE A 417 42.67 -37.53 -31.04
N PHE A 418 42.00 -36.40 -30.87
CA PHE A 418 40.84 -36.32 -29.99
C PHE A 418 39.70 -35.49 -30.56
N SER A 419 38.47 -35.89 -30.25
CA SER A 419 37.27 -35.17 -30.68
C SER A 419 36.21 -35.27 -29.57
N ALA A 420 35.41 -34.21 -29.45
CA ALA A 420 34.34 -34.18 -28.47
C ALA A 420 33.12 -33.61 -29.16
N PHE A 421 31.97 -34.27 -28.97
CA PHE A 421 30.73 -33.81 -29.59
C PHE A 421 29.61 -33.77 -28.55
N LYS A 422 28.63 -32.91 -28.80
CA LYS A 422 27.50 -32.75 -27.92
C LYS A 422 26.30 -32.32 -28.73
N GLN A 423 25.16 -32.96 -28.52
CA GLN A 423 23.96 -32.58 -29.24
C GLN A 423 22.81 -32.46 -28.25
N ALA A 424 22.31 -31.23 -28.11
CA ALA A 424 21.21 -30.95 -27.20
C ALA A 424 19.96 -30.51 -27.96
N SER A 425 19.00 -29.92 -27.24
CA SER A 425 17.77 -29.43 -27.85
C SER A 425 18.07 -28.08 -28.50
N ARG A 426 18.85 -27.26 -27.79
CA ARG A 426 19.24 -25.94 -28.27
C ARG A 426 20.76 -25.83 -28.16
N ARG A 427 21.39 -25.23 -29.16
CA ARG A 427 22.83 -25.09 -29.17
C ARG A 427 23.37 -24.39 -27.92
N GLU A 428 22.83 -23.23 -27.59
CA GLU A 428 23.29 -22.47 -26.42
C GLU A 428 22.75 -22.99 -25.08
N ASP A 429 23.56 -22.87 -24.04
CA ASP A 429 23.23 -23.29 -22.68
C ASP A 429 22.08 -24.30 -22.63
N ASP A 430 22.39 -25.57 -22.82
CA ASP A 430 21.36 -26.61 -22.80
C ASP A 430 21.88 -28.00 -22.44
N ILE A 431 21.07 -28.75 -21.71
CA ILE A 431 21.40 -30.10 -21.29
C ILE A 431 21.60 -30.98 -22.52
N ALA A 432 22.74 -31.66 -22.58
CA ALA A 432 23.06 -32.52 -23.71
C ALA A 432 22.27 -33.82 -23.71
N LYS A 433 21.84 -34.24 -24.88
CA LYS A 433 21.12 -35.50 -25.01
C LYS A 433 22.27 -36.51 -24.98
N VAL A 434 22.94 -36.65 -26.11
CA VAL A 434 24.09 -37.54 -26.21
C VAL A 434 25.29 -36.60 -26.21
N THR A 435 26.37 -37.01 -25.54
CA THR A 435 27.57 -36.19 -25.46
C THR A 435 28.74 -37.16 -25.39
N CYS A 436 29.89 -36.80 -25.96
CA CYS A 436 30.99 -37.75 -25.96
C CYS A 436 32.40 -37.20 -26.05
N GLY A 437 33.33 -38.10 -25.78
CA GLY A 437 34.75 -37.81 -25.87
C GLY A 437 35.32 -38.99 -26.62
N MET A 438 36.11 -38.74 -27.66
CA MET A 438 36.67 -39.83 -28.43
C MET A 438 38.17 -39.63 -28.66
N ARG A 439 38.94 -40.69 -28.41
CA ARG A 439 40.38 -40.62 -28.56
C ARG A 439 40.95 -41.84 -29.29
N VAL A 440 41.98 -41.60 -30.08
CA VAL A 440 42.64 -42.68 -30.80
C VAL A 440 44.13 -42.44 -30.79
N LEU A 441 44.89 -43.52 -30.58
CA LEU A 441 46.34 -43.48 -30.57
C LEU A 441 46.78 -44.54 -31.56
N PHE A 442 47.53 -44.14 -32.58
CA PHE A 442 48.01 -45.08 -33.58
C PHE A 442 49.46 -45.45 -33.31
N GLN A 443 49.92 -46.54 -33.91
CA GLN A 443 51.31 -46.93 -33.78
C GLN A 443 52.06 -45.80 -34.47
N PRO A 444 53.32 -45.54 -34.09
CA PRO A 444 54.13 -44.47 -34.70
C PRO A 444 53.97 -44.27 -36.20
N GLY A 445 53.52 -43.09 -36.59
CA GLY A 445 53.34 -42.74 -37.99
C GLY A 445 52.48 -43.65 -38.85
N SER A 446 51.61 -44.44 -38.23
CA SER A 446 50.77 -45.34 -39.00
C SER A 446 49.28 -45.03 -38.85
N MET A 447 48.47 -45.88 -39.48
CA MET A 447 47.02 -45.77 -39.41
C MET A 447 46.51 -46.99 -38.66
N GLN A 448 47.41 -47.64 -37.93
CA GLN A 448 47.07 -48.83 -37.15
C GLN A 448 46.76 -48.47 -35.70
N VAL A 449 45.54 -48.75 -35.29
CA VAL A 449 45.08 -48.44 -33.94
C VAL A 449 45.85 -49.12 -32.81
N LYS A 450 46.33 -48.31 -31.86
CA LYS A 450 47.04 -48.85 -30.70
C LYS A 450 46.07 -48.77 -29.53
N GLU A 451 45.41 -47.61 -29.41
CA GLU A 451 44.42 -47.40 -28.36
C GLU A 451 43.23 -46.64 -28.96
N LEU A 452 42.03 -46.95 -28.47
CA LEU A 452 40.81 -46.29 -28.95
C LEU A 452 39.84 -46.20 -27.78
N ALA A 453 39.32 -45.00 -27.53
CA ALA A 453 38.39 -44.81 -26.44
C ALA A 453 37.22 -43.97 -26.90
N LEU A 454 36.01 -44.53 -26.78
CA LEU A 454 34.79 -43.85 -27.15
C LEU A 454 33.89 -43.81 -25.92
N CYS A 455 33.85 -42.65 -25.26
CA CYS A 455 33.05 -42.51 -24.05
C CYS A 455 31.83 -41.62 -24.26
N TYR A 456 30.67 -42.09 -23.77
CA TYR A 456 29.42 -41.37 -23.96
C TYR A 456 28.64 -41.04 -22.70
N GLY A 457 27.93 -39.91 -22.77
CA GLY A 457 27.06 -39.47 -21.71
C GLY A 457 25.68 -39.53 -22.35
N GLY A 458 24.63 -39.56 -21.54
CA GLY A 458 23.29 -39.58 -22.09
C GLY A 458 22.83 -40.88 -22.72
N MET A 459 23.61 -41.94 -22.57
CA MET A 459 23.24 -43.25 -23.12
C MET A 459 23.01 -44.28 -22.03
N ALA A 460 23.07 -43.84 -20.78
CA ALA A 460 22.87 -44.70 -19.62
C ALA A 460 22.77 -43.81 -18.39
N ASP A 461 22.64 -44.41 -17.20
CA ASP A 461 22.54 -43.61 -15.98
C ASP A 461 23.90 -43.18 -15.43
N ARG A 462 24.89 -43.14 -16.31
CA ARG A 462 26.25 -42.75 -15.93
C ARG A 462 27.08 -42.65 -17.20
N THR A 463 28.25 -42.02 -17.10
CA THR A 463 29.13 -41.90 -18.25
C THR A 463 29.68 -43.30 -18.51
N ILE A 464 29.62 -43.75 -19.75
CA ILE A 464 30.13 -45.09 -20.06
C ILE A 464 31.11 -45.07 -21.22
N SER A 465 31.81 -46.20 -21.39
CA SER A 465 32.79 -46.36 -22.45
C SER A 465 32.42 -47.60 -23.26
N ALA A 466 32.43 -47.48 -24.58
CA ALA A 466 32.10 -48.60 -25.45
C ALA A 466 33.32 -49.51 -25.57
N LEU A 467 33.73 -50.08 -24.44
CA LEU A 467 34.90 -50.96 -24.36
C LEU A 467 34.86 -52.17 -25.27
N LYS A 468 33.71 -52.85 -25.32
CA LYS A 468 33.59 -54.03 -26.16
C LYS A 468 33.82 -53.68 -27.62
N THR A 469 33.26 -52.55 -28.05
CA THR A 469 33.41 -52.11 -29.43
C THR A 469 34.82 -51.66 -29.78
N THR A 470 35.43 -50.86 -28.90
CA THR A 470 36.77 -50.37 -29.16
C THR A 470 37.84 -51.45 -29.06
N GLN A 471 37.68 -52.38 -28.13
CA GLN A 471 38.64 -53.45 -27.96
C GLN A 471 38.83 -54.25 -29.25
N LYS A 472 37.75 -54.44 -30.00
CA LYS A 472 37.81 -55.19 -31.25
C LYS A 472 38.58 -54.51 -32.36
N GLN A 473 38.89 -53.23 -32.20
CA GLN A 473 39.61 -52.50 -33.24
C GLN A 473 41.10 -52.34 -33.00
N LEU A 474 41.58 -52.78 -31.84
CA LEU A 474 43.00 -52.65 -31.54
C LEU A 474 43.78 -53.49 -32.57
N SER A 475 44.77 -52.87 -33.19
CA SER A 475 45.62 -53.49 -34.20
C SER A 475 45.03 -53.39 -35.60
N LYS A 476 43.80 -52.90 -35.71
CA LYS A 476 43.16 -52.74 -37.01
C LYS A 476 43.56 -51.39 -37.58
N PHE A 477 43.36 -51.19 -38.87
CA PHE A 477 43.70 -49.93 -39.50
C PHE A 477 42.47 -49.04 -39.69
N TRP A 478 42.71 -47.72 -39.71
CA TRP A 478 41.65 -46.75 -39.86
C TRP A 478 41.14 -46.76 -41.30
N ASN A 479 40.07 -47.51 -41.53
CA ASN A 479 39.50 -47.63 -42.86
C ASN A 479 37.98 -47.85 -42.82
N GLU A 480 37.38 -47.92 -44.00
CA GLU A 480 35.94 -48.11 -44.14
C GLU A 480 35.42 -49.30 -43.35
N LYS A 481 36.19 -50.39 -43.32
CA LYS A 481 35.77 -51.57 -42.59
C LYS A 481 35.70 -51.27 -41.10
N LEU A 482 36.67 -50.50 -40.59
CA LEU A 482 36.65 -50.16 -39.18
C LEU A 482 35.43 -49.30 -38.88
N LEU A 483 35.10 -48.40 -39.80
CA LEU A 483 33.94 -47.52 -39.62
C LEU A 483 32.66 -48.35 -39.50
N GLN A 484 32.49 -49.29 -40.43
CA GLN A 484 31.32 -50.16 -40.44
C GLN A 484 31.28 -51.03 -39.18
N ASP A 485 32.42 -51.61 -38.82
CA ASP A 485 32.48 -52.46 -37.64
C ASP A 485 32.17 -51.71 -36.35
N VAL A 486 32.72 -50.51 -36.21
CA VAL A 486 32.49 -49.71 -35.02
C VAL A 486 31.02 -49.32 -34.93
N CYS A 487 30.43 -48.89 -36.05
CA CYS A 487 29.02 -48.51 -36.05
C CYS A 487 28.15 -49.69 -35.64
N ALA A 488 28.50 -50.88 -36.13
CA ALA A 488 27.73 -52.07 -35.80
C ALA A 488 27.86 -52.36 -34.30
N GLY A 489 29.07 -52.22 -33.78
CA GLY A 489 29.31 -52.46 -32.38
C GLY A 489 28.61 -51.47 -31.47
N LEU A 490 28.66 -50.19 -31.85
CA LEU A 490 28.01 -49.15 -31.06
C LEU A 490 26.50 -49.38 -30.99
N ALA A 491 25.93 -49.78 -32.12
CA ALA A 491 24.50 -50.04 -32.21
C ALA A 491 24.08 -51.18 -31.29
N GLU A 492 24.97 -52.14 -31.10
CA GLU A 492 24.69 -53.30 -30.26
C GLU A 492 25.06 -53.07 -28.80
N GLU A 493 26.26 -52.56 -28.56
CA GLU A 493 26.73 -52.32 -27.20
C GLU A 493 26.02 -51.18 -26.48
N LEU A 494 25.55 -50.18 -27.22
CA LEU A 494 24.86 -49.05 -26.59
C LEU A 494 23.36 -49.06 -26.89
N SER A 495 22.80 -50.22 -27.20
CA SER A 495 21.39 -50.33 -27.51
C SER A 495 20.49 -49.80 -26.40
N LEU A 496 19.36 -49.22 -26.77
CA LEU A 496 18.41 -48.67 -25.81
C LEU A 496 17.07 -49.40 -25.89
N SER A 497 16.43 -49.56 -24.74
CA SER A 497 15.11 -50.21 -24.69
C SER A 497 14.06 -49.17 -25.03
N PRO A 498 12.96 -49.58 -25.67
CA PRO A 498 11.89 -48.65 -26.04
C PRO A 498 11.41 -47.81 -24.85
N ASP A 499 11.63 -48.32 -23.65
CA ASP A 499 11.21 -47.63 -22.43
C ASP A 499 12.35 -46.88 -21.78
N ALA A 500 13.52 -46.90 -22.41
CA ALA A 500 14.68 -46.20 -21.87
C ALA A 500 14.30 -44.80 -21.46
N PRO A 501 14.66 -44.39 -20.23
CA PRO A 501 14.34 -43.05 -19.76
C PRO A 501 14.86 -41.98 -20.71
N GLY A 502 14.06 -40.93 -20.91
CA GLY A 502 14.48 -39.85 -21.80
C GLY A 502 13.90 -39.94 -23.19
N GLY A 503 13.55 -41.15 -23.61
CA GLY A 503 12.98 -41.32 -24.94
C GLY A 503 13.98 -41.03 -26.04
N MET A 504 13.47 -40.55 -27.18
CA MET A 504 14.31 -40.23 -28.33
C MET A 504 15.31 -41.36 -28.56
N ILE A 505 14.81 -42.59 -28.52
CA ILE A 505 15.66 -43.77 -28.69
C ILE A 505 16.36 -43.84 -30.05
N GLU A 506 15.61 -43.62 -31.13
CA GLU A 506 16.21 -43.69 -32.47
C GLU A 506 17.22 -42.56 -32.67
N PHE A 507 16.86 -41.36 -32.22
CA PHE A 507 17.72 -40.21 -32.35
C PHE A 507 19.05 -40.39 -31.61
N ARG A 508 18.98 -40.84 -30.36
CA ARG A 508 20.18 -41.05 -29.57
C ARG A 508 21.10 -42.13 -30.14
N ARG A 509 20.50 -43.20 -30.65
CA ARG A 509 21.30 -44.28 -31.23
C ARG A 509 21.99 -43.74 -32.48
N THR A 510 21.25 -42.99 -33.29
CA THR A 510 21.80 -42.41 -34.51
C THR A 510 22.95 -41.43 -34.23
N LEU A 511 22.82 -40.67 -33.15
CA LEU A 511 23.86 -39.71 -32.78
C LEU A 511 25.14 -40.40 -32.36
N THR A 512 25.04 -41.52 -31.66
CA THR A 512 26.23 -42.22 -31.21
C THR A 512 27.03 -42.66 -32.44
N LEU A 513 26.34 -43.07 -33.49
CA LEU A 513 27.01 -43.49 -34.72
C LEU A 513 27.48 -42.28 -35.50
N SER A 514 26.62 -41.28 -35.61
CA SER A 514 26.93 -40.06 -36.34
C SER A 514 28.15 -39.34 -35.77
N PHE A 515 28.24 -39.30 -34.44
CA PHE A 515 29.36 -38.66 -33.78
C PHE A 515 30.65 -39.43 -34.10
N PHE A 516 30.58 -40.75 -34.11
CA PHE A 516 31.78 -41.52 -34.42
C PHE A 516 32.18 -41.30 -35.88
N PHE A 517 31.19 -41.19 -36.76
CA PHE A 517 31.45 -40.97 -38.18
C PHE A 517 32.22 -39.67 -38.33
N LYS A 518 31.79 -38.64 -37.61
CA LYS A 518 32.46 -37.34 -37.66
C LYS A 518 33.90 -37.50 -37.18
N PHE A 519 34.08 -38.30 -36.13
CA PHE A 519 35.39 -38.56 -35.55
C PHE A 519 36.25 -39.29 -36.59
N TYR A 520 35.66 -40.31 -37.21
CA TYR A 520 36.33 -41.10 -38.23
C TYR A 520 36.88 -40.23 -39.36
N LEU A 521 36.04 -39.36 -39.89
CA LEU A 521 36.44 -38.48 -40.99
C LEU A 521 37.48 -37.46 -40.53
N THR A 522 37.29 -36.93 -39.32
CA THR A 522 38.22 -35.95 -38.78
C THR A 522 39.60 -36.55 -38.59
N VAL A 523 39.65 -37.80 -38.15
CA VAL A 523 40.93 -38.48 -37.95
C VAL A 523 41.61 -38.76 -39.30
N LEU A 524 40.81 -39.08 -40.32
CA LEU A 524 41.38 -39.33 -41.64
C LEU A 524 42.06 -38.05 -42.11
N LYS A 525 41.39 -36.93 -41.87
CA LYS A 525 41.90 -35.62 -42.23
C LYS A 525 43.20 -35.36 -41.48
N LYS A 526 43.20 -35.66 -40.19
CA LYS A 526 44.37 -35.45 -39.35
C LYS A 526 45.50 -36.43 -39.71
N LEU A 527 45.15 -37.62 -40.20
CA LEU A 527 46.15 -38.60 -40.59
C LEU A 527 46.74 -38.26 -41.95
N GLY A 528 46.18 -37.21 -42.57
CA GLY A 528 46.64 -36.81 -43.88
C GLY A 528 47.51 -35.57 -43.90
N LYS A 529 48.34 -35.41 -42.86
CA LYS A 529 49.26 -34.27 -42.78
C LYS A 529 48.54 -32.93 -42.65
N ASP A 530 48.23 -32.32 -43.80
CA ASP A 530 47.56 -31.02 -43.84
C ASP A 530 48.48 -29.91 -43.37
N LYS A 537 42.00 -31.71 -47.35
CA LYS A 537 41.86 -31.33 -48.79
C LYS A 537 42.07 -32.57 -49.66
N LEU A 538 41.69 -33.73 -49.11
CA LEU A 538 41.82 -35.00 -49.82
C LEU A 538 40.48 -35.74 -49.86
N ASP A 539 39.38 -34.98 -49.97
CA ASP A 539 38.04 -35.56 -50.01
C ASP A 539 36.93 -34.52 -49.88
N PRO A 540 36.70 -33.72 -50.94
CA PRO A 540 35.66 -32.67 -50.91
C PRO A 540 34.26 -33.25 -50.65
N THR A 541 33.27 -32.37 -50.55
CA THR A 541 31.88 -32.78 -50.32
C THR A 541 31.64 -33.37 -48.93
N TYR A 542 32.70 -33.89 -48.31
CA TYR A 542 32.61 -34.48 -46.97
C TYR A 542 33.32 -33.60 -45.93
N THR A 543 34.21 -32.73 -46.41
CA THR A 543 34.97 -31.84 -45.55
C THR A 543 34.19 -31.07 -44.48
N SER A 544 33.06 -30.47 -44.86
CA SER A 544 32.26 -29.71 -43.91
C SER A 544 31.75 -30.54 -42.76
N ALA A 545 31.83 -31.87 -42.89
CA ALA A 545 31.37 -32.77 -41.84
C ALA A 545 32.35 -32.84 -40.68
N THR A 546 33.55 -32.30 -40.89
CA THR A 546 34.59 -32.32 -39.86
C THR A 546 34.81 -30.94 -39.24
N LEU A 547 34.20 -29.92 -39.84
CA LEU A 547 34.34 -28.55 -39.36
C LEU A 547 33.51 -28.26 -38.11
N LEU A 548 34.13 -27.58 -37.15
CA LEU A 548 33.46 -27.21 -35.91
C LEU A 548 32.60 -25.98 -36.14
N PHE A 549 31.59 -25.79 -35.30
CA PHE A 549 30.69 -24.64 -35.43
C PHE A 549 31.45 -23.35 -35.70
N GLN A 550 31.03 -22.65 -36.74
CA GLN A 550 31.64 -21.38 -37.12
C GLN A 550 30.61 -20.26 -37.01
N LYS A 551 30.97 -19.19 -36.33
CA LYS A 551 30.08 -18.04 -36.14
C LYS A 551 30.28 -17.00 -37.24
N HIS A 552 29.18 -16.64 -37.90
CA HIS A 552 29.22 -15.64 -38.97
C HIS A 552 28.90 -14.27 -38.38
N PRO A 553 29.52 -13.20 -38.91
CA PRO A 553 29.29 -11.84 -38.42
C PRO A 553 27.84 -11.37 -38.62
N PRO A 554 27.27 -10.70 -37.61
CA PRO A 554 25.90 -10.20 -37.66
C PRO A 554 25.71 -9.05 -38.64
N ALA A 555 24.55 -9.03 -39.30
CA ALA A 555 24.18 -7.98 -40.25
C ALA A 555 22.69 -7.71 -40.06
N ASN A 556 22.35 -6.53 -39.56
CA ASN A 556 20.95 -6.19 -39.33
C ASN A 556 20.57 -4.84 -39.88
N ILE A 557 19.52 -4.82 -40.69
CA ILE A 557 19.05 -3.57 -41.30
C ILE A 557 17.56 -3.39 -41.04
N GLN A 558 17.17 -2.20 -40.62
CA GLN A 558 15.76 -1.91 -40.38
C GLN A 558 15.35 -0.76 -41.30
N LEU A 559 14.27 -0.96 -42.05
CA LEU A 559 13.78 0.07 -42.95
C LEU A 559 12.36 0.50 -42.57
N PHE A 560 12.16 1.80 -42.40
CA PHE A 560 10.84 2.33 -42.08
C PHE A 560 10.71 3.70 -42.72
N GLN A 561 9.53 4.28 -42.63
CA GLN A 561 9.28 5.57 -43.25
C GLN A 561 9.43 6.78 -42.34
N GLU A 562 10.02 7.84 -42.88
CA GLU A 562 10.22 9.09 -42.16
C GLU A 562 8.89 9.81 -42.09
N VAL A 563 8.72 10.65 -41.08
CA VAL A 563 7.49 11.42 -40.94
C VAL A 563 7.56 12.60 -41.90
N PRO A 564 6.40 13.18 -42.26
CA PRO A 564 6.39 14.32 -43.19
C PRO A 564 7.35 15.43 -42.74
N ASN A 565 8.06 16.01 -43.71
CA ASN A 565 9.04 17.06 -43.42
C ASN A 565 8.48 18.21 -42.59
N GLY A 566 7.19 18.48 -42.74
CA GLY A 566 6.58 19.58 -41.99
C GLY A 566 6.04 19.24 -40.61
N GLN A 567 6.01 17.96 -40.25
CA GLN A 567 5.49 17.56 -38.96
C GLN A 567 6.25 18.17 -37.79
N SER A 568 5.50 18.72 -36.84
CA SER A 568 6.09 19.35 -35.66
C SER A 568 6.93 18.37 -34.85
N LYS A 569 7.99 18.91 -34.23
CA LYS A 569 8.88 18.10 -33.42
C LYS A 569 8.14 17.54 -32.20
N GLU A 570 7.14 18.27 -31.70
CA GLU A 570 6.37 17.82 -30.55
C GLU A 570 5.38 16.71 -30.88
N ASP A 571 5.10 16.54 -32.17
CA ASP A 571 4.19 15.48 -32.62
C ASP A 571 5.07 14.25 -32.83
N THR A 572 5.05 13.32 -31.88
CA THR A 572 5.88 12.12 -31.95
C THR A 572 5.24 10.95 -32.68
N VAL A 573 4.00 11.10 -33.11
CA VAL A 573 3.32 10.03 -33.82
C VAL A 573 4.08 9.73 -35.11
N GLY A 574 4.57 8.50 -35.23
CA GLY A 574 5.32 8.11 -36.41
C GLY A 574 6.82 8.11 -36.19
N ARG A 575 7.25 8.61 -35.04
CA ARG A 575 8.68 8.66 -34.72
C ARG A 575 9.07 7.48 -33.84
N PRO A 576 10.34 7.05 -33.91
CA PRO A 576 10.86 5.92 -33.13
C PRO A 576 11.17 6.26 -31.67
N LEU A 577 10.14 6.71 -30.95
CA LEU A 577 10.30 7.08 -29.55
C LEU A 577 10.47 5.84 -28.67
N PRO A 578 11.57 5.78 -27.89
CA PRO A 578 11.75 4.59 -27.04
C PRO A 578 10.66 4.42 -25.97
N HIS A 579 10.44 3.18 -25.56
CA HIS A 579 9.47 2.81 -24.53
C HIS A 579 9.70 3.76 -23.35
N LEU A 580 8.63 4.41 -22.87
CA LEU A 580 8.76 5.39 -21.79
C LEU A 580 9.38 4.90 -20.49
N ALA A 581 9.34 3.61 -20.22
CA ALA A 581 9.91 3.09 -18.98
C ALA A 581 11.21 2.33 -19.18
N ALA A 582 11.71 2.33 -20.42
CA ALA A 582 12.94 1.61 -20.73
C ALA A 582 14.10 2.00 -19.82
N ALA A 583 14.27 3.30 -19.58
CA ALA A 583 15.37 3.76 -18.74
C ALA A 583 15.24 3.19 -17.33
N MET A 584 14.02 3.21 -16.80
CA MET A 584 13.78 2.70 -15.45
C MET A 584 13.89 1.18 -15.40
N GLN A 585 13.64 0.53 -16.52
CA GLN A 585 13.74 -0.92 -16.57
C GLN A 585 15.22 -1.30 -16.61
N ALA A 586 16.03 -0.50 -17.30
CA ALA A 586 17.45 -0.76 -17.38
C ALA A 586 18.15 -0.44 -16.07
N SER A 587 17.53 0.40 -15.23
CA SER A 587 18.11 0.78 -13.95
C SER A 587 17.56 -0.04 -12.78
N GLY A 588 16.58 -0.89 -13.07
CA GLY A 588 16.01 -1.69 -12.00
C GLY A 588 15.07 -0.91 -11.09
N GLU A 589 14.68 0.30 -11.51
CA GLU A 589 13.78 1.12 -10.71
C GLU A 589 12.31 0.81 -11.05
N ALA A 590 12.07 0.25 -12.24
CA ALA A 590 10.72 -0.10 -12.65
C ALA A 590 10.17 -1.13 -11.68
N VAL A 591 9.00 -0.87 -11.13
CA VAL A 591 8.40 -1.78 -10.17
C VAL A 591 7.44 -2.82 -10.76
N TYR A 592 7.74 -4.09 -10.52
CA TYR A 592 6.85 -5.17 -10.95
C TYR A 592 6.18 -5.63 -9.65
N CYS A 593 5.11 -6.40 -9.77
CA CYS A 593 4.35 -6.85 -8.60
C CYS A 593 5.13 -7.25 -7.35
N ASP A 594 6.00 -8.24 -7.44
CA ASP A 594 6.74 -8.67 -6.26
C ASP A 594 7.75 -7.63 -5.78
N ASP A 595 8.02 -6.63 -6.60
CA ASP A 595 8.97 -5.58 -6.21
C ASP A 595 8.31 -4.63 -5.20
N ILE A 596 6.99 -4.64 -5.14
CA ILE A 596 6.29 -3.79 -4.19
C ILE A 596 6.68 -4.25 -2.78
N PRO A 597 7.07 -3.30 -1.92
CA PRO A 597 7.46 -3.66 -0.55
C PRO A 597 6.36 -4.43 0.17
N ARG A 598 6.76 -5.34 1.05
CA ARG A 598 5.78 -6.12 1.80
C ARG A 598 5.41 -5.38 3.06
N TYR A 599 4.16 -5.53 3.49
CA TYR A 599 3.73 -4.92 4.72
C TYR A 599 4.38 -5.70 5.85
N GLU A 600 4.53 -5.07 7.01
CA GLU A 600 5.14 -5.74 8.15
C GLU A 600 4.42 -7.04 8.51
N ASN A 601 3.11 -7.06 8.31
CA ASN A 601 2.30 -8.23 8.63
C ASN A 601 1.88 -9.05 7.42
N GLU A 602 2.57 -8.87 6.30
CA GLU A 602 2.25 -9.59 5.07
C GLU A 602 2.71 -11.04 5.10
N LEU A 603 1.81 -11.94 4.72
CA LEU A 603 2.10 -13.37 4.72
C LEU A 603 2.33 -13.90 3.30
N PHE A 604 2.83 -15.12 3.21
CA PHE A 604 3.12 -15.74 1.92
C PHE A 604 2.30 -16.98 1.69
N LEU A 605 1.82 -17.13 0.46
CA LEU A 605 1.01 -18.28 0.10
C LEU A 605 1.73 -19.18 -0.90
N ARG A 606 1.56 -20.48 -0.72
CA ARG A 606 2.15 -21.48 -1.59
C ARG A 606 1.02 -22.44 -1.95
N LEU A 607 0.76 -22.61 -3.24
CA LEU A 607 -0.31 -23.49 -3.68
C LEU A 607 0.03 -24.97 -3.48
N VAL A 608 -0.98 -25.74 -3.12
CA VAL A 608 -0.83 -27.18 -2.96
C VAL A 608 -1.58 -27.75 -4.16
N THR A 609 -0.87 -28.46 -5.04
CA THR A 609 -1.48 -28.99 -6.24
C THR A 609 -1.47 -30.51 -6.37
N SER A 610 -2.35 -31.01 -7.23
CA SER A 610 -2.47 -32.43 -7.49
C SER A 610 -1.27 -33.04 -8.20
N THR A 611 -0.91 -34.26 -7.80
CA THR A 611 0.21 -34.98 -8.41
C THR A 611 -0.36 -36.12 -9.25
N ARG A 612 -1.68 -36.12 -9.43
CA ARG A 612 -2.36 -37.15 -10.21
C ARG A 612 -3.17 -36.49 -11.33
N ALA A 613 -3.21 -37.14 -12.49
CA ALA A 613 -3.95 -36.60 -13.63
C ALA A 613 -5.46 -36.65 -13.43
N HIS A 614 -5.93 -37.68 -12.74
CA HIS A 614 -7.37 -37.83 -12.52
C HIS A 614 -7.60 -38.80 -11.37
N ALA A 615 -8.19 -38.31 -10.29
CA ALA A 615 -8.44 -39.17 -9.14
C ALA A 615 -9.32 -38.52 -8.11
N LYS A 616 -9.87 -39.33 -7.22
CA LYS A 616 -10.71 -38.83 -6.16
C LYS A 616 -9.77 -38.42 -5.05
N ILE A 617 -10.12 -37.35 -4.33
CA ILE A 617 -9.32 -36.91 -3.20
C ILE A 617 -9.94 -37.63 -2.01
N LYS A 618 -9.24 -38.64 -1.48
CA LYS A 618 -9.76 -39.41 -0.35
C LYS A 618 -9.55 -38.69 0.98
N SER A 619 -8.40 -38.06 1.15
CA SER A 619 -8.13 -37.35 2.39
C SER A 619 -6.96 -36.40 2.25
N ILE A 620 -6.88 -35.45 3.18
CA ILE A 620 -5.80 -34.47 3.20
C ILE A 620 -5.27 -34.35 4.60
N ASP A 621 -3.99 -34.68 4.76
CA ASP A 621 -3.32 -34.63 6.06
C ASP A 621 -2.35 -33.45 6.13
N VAL A 622 -2.63 -32.51 7.02
CA VAL A 622 -1.79 -31.33 7.20
C VAL A 622 -0.98 -31.36 8.49
N SER A 623 -1.04 -32.48 9.21
CA SER A 623 -0.33 -32.61 10.49
C SER A 623 1.15 -32.26 10.44
N GLU A 624 1.86 -32.70 9.40
CA GLU A 624 3.29 -32.40 9.30
C GLU A 624 3.53 -30.94 8.90
N ALA A 625 2.72 -30.42 8.00
CA ALA A 625 2.87 -29.03 7.57
C ALA A 625 2.72 -28.10 8.77
N GLN A 626 1.78 -28.43 9.66
CA GLN A 626 1.53 -27.62 10.86
C GLN A 626 2.75 -27.53 11.76
N LYS A 627 3.69 -28.46 11.59
CA LYS A 627 4.89 -28.48 12.41
C LYS A 627 5.97 -27.54 11.89
N VAL A 628 5.89 -27.17 10.63
CA VAL A 628 6.88 -26.27 10.04
C VAL A 628 6.79 -24.88 10.67
N PRO A 629 7.94 -24.33 11.07
CA PRO A 629 7.99 -23.00 11.69
C PRO A 629 7.31 -21.95 10.80
N GLY A 630 6.57 -21.04 11.42
CA GLY A 630 5.91 -19.99 10.67
C GLY A 630 4.62 -20.38 9.98
N PHE A 631 4.23 -21.64 10.07
CA PHE A 631 2.98 -22.10 9.44
C PHE A 631 1.82 -21.28 10.01
N VAL A 632 0.94 -20.80 9.14
CA VAL A 632 -0.21 -20.03 9.60
C VAL A 632 -1.47 -20.87 9.42
N CYS A 633 -1.68 -21.36 8.20
CA CYS A 633 -2.86 -22.17 7.93
C CYS A 633 -2.84 -22.82 6.56
N PHE A 634 -3.69 -23.83 6.41
CA PHE A 634 -3.87 -24.52 5.15
C PHE A 634 -5.26 -24.12 4.70
N LEU A 635 -5.39 -23.70 3.45
CA LEU A 635 -6.69 -23.28 2.93
C LEU A 635 -7.20 -24.28 1.91
N SER A 636 -8.49 -24.53 1.94
CA SER A 636 -9.10 -25.45 0.99
C SER A 636 -10.49 -24.96 0.61
N ALA A 637 -11.19 -25.75 -0.19
CA ALA A 637 -12.52 -25.39 -0.67
C ALA A 637 -13.51 -24.95 0.40
N ASP A 638 -13.53 -25.64 1.54
CA ASP A 638 -14.46 -25.30 2.61
C ASP A 638 -14.25 -23.92 3.21
N ASP A 639 -13.09 -23.32 2.99
CA ASP A 639 -12.81 -22.01 3.53
C ASP A 639 -13.43 -20.87 2.71
N ILE A 640 -13.81 -21.18 1.48
CA ILE A 640 -14.41 -20.18 0.59
C ILE A 640 -15.75 -19.69 1.14
N PRO A 641 -15.86 -18.37 1.40
CA PRO A 641 -17.12 -17.83 1.92
C PRO A 641 -18.18 -17.63 0.85
N GLY A 642 -17.76 -17.41 -0.39
CA GLY A 642 -18.71 -17.21 -1.47
C GLY A 642 -18.90 -18.43 -2.33
N SER A 643 -18.35 -18.41 -3.54
CA SER A 643 -18.50 -19.52 -4.46
C SER A 643 -17.18 -20.16 -4.88
N ASN A 644 -17.19 -21.49 -5.03
CA ASN A 644 -16.01 -22.23 -5.45
C ASN A 644 -16.11 -22.50 -6.95
N GLU A 645 -17.12 -21.90 -7.59
CA GLU A 645 -17.32 -22.06 -9.03
C GLU A 645 -16.67 -20.85 -9.70
N THR A 646 -15.66 -21.11 -10.52
CA THR A 646 -14.94 -20.04 -11.20
C THR A 646 -14.61 -20.40 -12.65
N GLY A 647 -13.83 -19.55 -13.31
CA GLY A 647 -13.46 -19.81 -14.69
C GLY A 647 -14.35 -19.07 -15.65
N LEU A 648 -13.81 -18.74 -16.83
CA LEU A 648 -14.54 -18.02 -17.84
C LEU A 648 -15.92 -18.64 -18.10
N PHE A 649 -16.01 -19.96 -18.00
CA PHE A 649 -17.29 -20.64 -18.23
C PHE A 649 -17.85 -21.33 -16.99
N ASN A 650 -17.49 -20.84 -15.80
CA ASN A 650 -17.96 -21.42 -14.54
C ASN A 650 -17.78 -22.91 -14.62
N ASP A 651 -16.66 -23.23 -15.25
CA ASP A 651 -16.19 -24.55 -15.60
C ASP A 651 -15.25 -25.18 -14.57
N GLU A 652 -14.73 -24.37 -13.66
CA GLU A 652 -13.75 -24.87 -12.72
C GLU A 652 -13.95 -24.54 -11.25
N THR A 653 -13.06 -25.08 -10.43
CA THR A 653 -13.09 -24.85 -8.99
C THR A 653 -11.95 -23.91 -8.61
N VAL A 654 -12.10 -23.20 -7.51
CA VAL A 654 -11.04 -22.31 -7.02
C VAL A 654 -10.07 -23.28 -6.36
N PHE A 655 -10.63 -24.22 -5.61
CA PHE A 655 -9.87 -25.26 -4.93
C PHE A 655 -10.60 -26.58 -5.22
N ALA A 656 -9.86 -27.59 -5.67
CA ALA A 656 -10.43 -28.88 -6.01
C ALA A 656 -11.34 -29.44 -4.92
N LYS A 657 -12.47 -29.98 -5.34
CA LYS A 657 -13.45 -30.56 -4.41
C LYS A 657 -13.77 -31.98 -4.87
N ASP A 658 -13.50 -32.94 -4.00
CA ASP A 658 -13.77 -34.35 -4.27
C ASP A 658 -12.82 -35.03 -5.27
N THR A 659 -12.54 -34.36 -6.40
CA THR A 659 -11.66 -34.94 -7.42
C THR A 659 -10.69 -33.96 -8.07
N VAL A 660 -9.56 -34.49 -8.55
CA VAL A 660 -8.56 -33.69 -9.25
C VAL A 660 -8.63 -34.14 -10.71
N THR A 661 -8.52 -33.20 -11.64
CA THR A 661 -8.61 -33.54 -13.04
C THR A 661 -7.37 -33.27 -13.89
N CYS A 662 -6.24 -33.04 -13.23
CA CYS A 662 -4.98 -32.82 -13.92
C CYS A 662 -3.85 -32.66 -12.92
N VAL A 663 -2.63 -32.97 -13.34
CA VAL A 663 -1.49 -32.79 -12.47
C VAL A 663 -1.34 -31.27 -12.44
N GLY A 664 -1.30 -30.71 -11.23
CA GLY A 664 -1.19 -29.27 -11.10
C GLY A 664 -2.51 -28.65 -10.67
N HIS A 665 -3.57 -29.46 -10.66
CA HIS A 665 -4.88 -28.97 -10.24
C HIS A 665 -4.75 -28.45 -8.81
N ILE A 666 -5.12 -27.19 -8.59
CA ILE A 666 -4.98 -26.59 -7.27
C ILE A 666 -5.97 -27.13 -6.24
N ILE A 667 -5.44 -27.81 -5.22
CA ILE A 667 -6.28 -28.41 -4.18
C ILE A 667 -6.45 -27.47 -3.00
N GLY A 668 -5.42 -26.71 -2.68
CA GLY A 668 -5.50 -25.79 -1.57
C GLY A 668 -4.26 -24.93 -1.54
N ALA A 669 -3.93 -24.41 -0.37
CA ALA A 669 -2.76 -23.56 -0.26
C ALA A 669 -2.33 -23.39 1.19
N VAL A 670 -1.03 -23.27 1.40
CA VAL A 670 -0.50 -23.05 2.73
C VAL A 670 -0.11 -21.58 2.84
N VAL A 671 -0.36 -20.98 3.99
CA VAL A 671 0.03 -19.60 4.23
C VAL A 671 1.04 -19.66 5.37
N ALA A 672 2.16 -18.96 5.23
CA ALA A 672 3.19 -18.96 6.26
C ALA A 672 3.85 -17.57 6.38
N ASP A 673 4.73 -17.41 7.37
CA ASP A 673 5.38 -16.12 7.58
C ASP A 673 6.47 -15.77 6.57
N THR A 674 7.00 -16.78 5.89
CA THR A 674 8.03 -16.55 4.87
C THR A 674 7.76 -17.47 3.69
N PRO A 675 8.29 -17.14 2.50
CA PRO A 675 8.10 -17.96 1.30
C PRO A 675 8.65 -19.36 1.48
N GLU A 676 9.81 -19.47 2.13
CA GLU A 676 10.45 -20.76 2.36
C GLU A 676 9.62 -21.67 3.24
N HIS A 677 9.09 -21.11 4.33
CA HIS A 677 8.27 -21.90 5.25
C HIS A 677 6.98 -22.35 4.57
N ALA A 678 6.40 -21.47 3.75
CA ALA A 678 5.16 -21.82 3.06
C ALA A 678 5.45 -22.95 2.07
N GLU A 679 6.60 -22.87 1.42
CA GLU A 679 7.02 -23.87 0.45
C GLU A 679 7.26 -25.22 1.13
N ARG A 680 8.03 -25.21 2.21
CA ARG A 680 8.35 -26.44 2.94
C ARG A 680 7.11 -27.10 3.51
N ALA A 681 6.21 -26.30 4.06
CA ALA A 681 4.98 -26.83 4.65
C ALA A 681 4.10 -27.43 3.57
N ALA A 682 3.93 -26.71 2.46
CA ALA A 682 3.11 -27.18 1.36
C ALA A 682 3.59 -28.53 0.85
N HIS A 683 4.91 -28.70 0.76
CA HIS A 683 5.50 -29.94 0.26
C HIS A 683 5.18 -31.15 1.13
N VAL A 684 4.94 -30.93 2.42
CA VAL A 684 4.65 -32.04 3.32
C VAL A 684 3.15 -32.26 3.56
N VAL A 685 2.30 -31.53 2.86
CA VAL A 685 0.86 -31.74 2.99
C VAL A 685 0.64 -33.06 2.26
N LYS A 686 0.08 -34.05 2.97
CA LYS A 686 -0.15 -35.37 2.38
C LYS A 686 -1.56 -35.56 1.85
N VAL A 687 -1.67 -35.85 0.56
CA VAL A 687 -2.96 -36.07 -0.07
C VAL A 687 -3.08 -37.53 -0.49
N THR A 688 -4.18 -38.16 -0.11
CA THR A 688 -4.42 -39.56 -0.47
C THR A 688 -5.38 -39.59 -1.65
N TYR A 689 -5.00 -40.29 -2.72
CA TYR A 689 -5.83 -40.37 -3.92
C TYR A 689 -6.34 -41.77 -4.24
N GLU A 690 -7.29 -41.80 -5.16
CA GLU A 690 -7.86 -43.03 -5.69
C GLU A 690 -8.02 -42.69 -7.16
N ASP A 691 -7.07 -43.18 -7.97
CA ASP A 691 -7.07 -42.90 -9.41
C ASP A 691 -8.36 -43.24 -10.15
N LEU A 692 -8.65 -42.41 -11.15
CA LEU A 692 -9.81 -42.58 -12.00
C LEU A 692 -9.26 -42.64 -13.43
N PRO A 693 -10.01 -43.24 -14.37
CA PRO A 693 -9.55 -43.33 -15.75
C PRO A 693 -9.20 -41.94 -16.30
N ALA A 694 -8.00 -41.81 -16.86
CA ALA A 694 -7.56 -40.52 -17.39
C ALA A 694 -7.51 -40.47 -18.92
N ILE A 695 -7.78 -39.28 -19.45
CA ILE A 695 -7.75 -39.03 -20.89
C ILE A 695 -6.70 -37.94 -21.06
N ILE A 696 -5.57 -38.27 -21.66
CA ILE A 696 -4.47 -37.34 -21.82
C ILE A 696 -4.26 -36.74 -23.20
N THR A 697 -4.19 -37.59 -24.20
CA THR A 697 -3.93 -37.15 -25.56
C THR A 697 -5.16 -36.82 -26.39
N ILE A 698 -4.92 -36.18 -27.52
CA ILE A 698 -5.99 -35.83 -28.44
C ILE A 698 -6.58 -37.15 -28.92
N GLU A 699 -5.72 -38.13 -29.16
CA GLU A 699 -6.16 -39.45 -29.60
C GLU A 699 -7.06 -40.08 -28.54
N ASP A 700 -6.66 -39.96 -27.28
CA ASP A 700 -7.45 -40.51 -26.18
C ASP A 700 -8.84 -39.90 -26.22
N ALA A 701 -8.88 -38.57 -26.29
CA ALA A 701 -10.13 -37.82 -26.32
C ALA A 701 -11.06 -38.22 -27.45
N ILE A 702 -10.52 -38.33 -28.65
CA ILE A 702 -11.31 -38.71 -29.81
C ILE A 702 -11.90 -40.12 -29.59
N LYS A 703 -11.04 -41.06 -29.20
CA LYS A 703 -11.46 -42.43 -28.96
C LYS A 703 -12.58 -42.49 -27.93
N ASN A 704 -12.50 -41.62 -26.92
CA ASN A 704 -13.50 -41.60 -25.87
C ASN A 704 -14.59 -40.56 -26.05
N ASN A 705 -14.60 -39.89 -27.20
CA ASN A 705 -15.61 -38.88 -27.46
C ASN A 705 -15.62 -37.86 -26.31
N SER A 706 -14.42 -37.43 -25.90
CA SER A 706 -14.27 -36.47 -24.82
C SER A 706 -13.98 -35.08 -25.39
N PHE A 707 -15.04 -34.30 -25.60
CA PHE A 707 -14.90 -32.94 -26.15
C PHE A 707 -15.70 -31.91 -25.37
N TYR A 708 -15.40 -30.64 -25.63
CA TYR A 708 -16.12 -29.54 -25.00
C TYR A 708 -17.01 -29.01 -26.12
N GLY A 709 -18.33 -29.06 -25.91
CA GLY A 709 -19.26 -28.57 -26.91
C GLY A 709 -19.28 -29.37 -28.20
N SER A 710 -20.02 -28.86 -29.18
CA SER A 710 -20.15 -29.52 -30.46
C SER A 710 -19.14 -28.99 -31.48
N GLU A 711 -19.07 -29.66 -32.62
CA GLU A 711 -18.16 -29.30 -33.70
C GLU A 711 -18.36 -27.87 -34.23
N LEU A 712 -17.24 -27.21 -34.52
CA LEU A 712 -17.25 -25.87 -35.08
C LEU A 712 -16.98 -26.08 -36.56
N LYS A 713 -17.57 -25.26 -37.42
CA LYS A 713 -17.35 -25.44 -38.85
C LYS A 713 -17.65 -24.25 -39.74
N ILE A 714 -16.83 -24.12 -40.78
CA ILE A 714 -16.99 -23.08 -41.79
C ILE A 714 -16.89 -23.85 -43.11
N GLU A 715 -17.90 -23.73 -43.96
CA GLU A 715 -17.88 -24.42 -45.24
C GLU A 715 -18.38 -23.50 -46.34
N LYS A 716 -17.64 -23.48 -47.44
CA LYS A 716 -17.99 -22.63 -48.57
C LYS A 716 -17.80 -23.40 -49.88
N GLY A 717 -18.70 -23.19 -50.82
CA GLY A 717 -18.60 -23.86 -52.10
C GLY A 717 -19.11 -25.28 -52.10
N ASP A 718 -18.68 -26.04 -53.11
CA ASP A 718 -19.09 -27.43 -53.27
C ASP A 718 -17.86 -28.33 -53.22
N LEU A 719 -17.64 -28.98 -52.08
CA LEU A 719 -16.47 -29.85 -51.92
C LEU A 719 -16.44 -31.01 -52.91
N LYS A 720 -17.53 -31.78 -52.96
CA LYS A 720 -17.59 -32.91 -53.87
C LYS A 720 -17.23 -32.50 -55.29
N LYS A 721 -17.78 -31.38 -55.72
CA LYS A 721 -17.51 -30.88 -57.07
C LYS A 721 -16.04 -30.48 -57.20
N GLY A 722 -15.52 -29.73 -56.22
CA GLY A 722 -14.14 -29.31 -56.27
C GLY A 722 -13.17 -30.48 -56.38
N PHE A 723 -13.41 -31.51 -55.59
CA PHE A 723 -12.54 -32.70 -55.61
C PHE A 723 -12.69 -33.48 -56.91
N SER A 724 -13.88 -33.50 -57.48
CA SER A 724 -14.10 -34.24 -58.72
C SER A 724 -13.39 -33.58 -59.90
N GLU A 725 -13.08 -32.30 -59.79
CA GLU A 725 -12.41 -31.61 -60.89
C GLU A 725 -10.92 -31.44 -60.69
N ALA A 726 -10.43 -31.77 -59.48
CA ALA A 726 -9.00 -31.65 -59.18
C ALA A 726 -8.18 -32.73 -59.89
N ASP A 727 -6.98 -32.36 -60.32
CA ASP A 727 -6.10 -33.32 -60.99
C ASP A 727 -5.46 -34.24 -59.98
N ASN A 728 -5.09 -33.67 -58.83
CA ASN A 728 -4.43 -34.42 -57.77
C ASN A 728 -5.12 -34.21 -56.42
N VAL A 729 -5.00 -35.21 -55.55
CA VAL A 729 -5.59 -35.12 -54.22
C VAL A 729 -4.59 -35.68 -53.22
N VAL A 730 -4.18 -34.83 -52.27
CA VAL A 730 -3.23 -35.23 -51.24
C VAL A 730 -3.94 -35.23 -49.89
N SER A 731 -3.78 -36.32 -49.15
CA SER A 731 -4.39 -36.45 -47.84
C SER A 731 -3.30 -36.72 -46.81
N GLY A 732 -3.52 -36.26 -45.58
CA GLY A 732 -2.51 -36.49 -44.57
C GLY A 732 -2.93 -36.05 -43.17
N GLU A 733 -1.99 -36.18 -42.24
CA GLU A 733 -2.22 -35.81 -40.85
C GLU A 733 -1.03 -34.97 -40.40
N LEU A 734 -1.28 -34.00 -39.52
CA LEU A 734 -0.20 -33.14 -39.02
C LEU A 734 -0.42 -32.80 -37.54
N TYR A 735 0.67 -32.57 -36.82
CA TYR A 735 0.58 -32.24 -35.39
C TYR A 735 1.48 -31.04 -35.08
N ILE A 736 0.99 -30.16 -34.19
CA ILE A 736 1.73 -28.98 -33.76
C ILE A 736 1.76 -29.01 -32.23
N GLY A 737 2.97 -29.13 -31.66
CA GLY A 737 3.09 -29.16 -30.21
C GLY A 737 2.70 -27.85 -29.56
N GLY A 738 2.50 -27.88 -28.24
CA GLY A 738 2.13 -26.69 -27.51
C GLY A 738 3.29 -25.74 -27.28
N GLN A 739 3.13 -24.82 -26.33
CA GLN A 739 4.17 -23.85 -26.05
C GLN A 739 3.93 -23.19 -24.70
N ASP A 740 5.00 -22.99 -23.93
CA ASP A 740 4.88 -22.33 -22.64
C ASP A 740 5.20 -20.86 -22.86
N HIS A 741 4.37 -19.98 -22.30
CA HIS A 741 4.58 -18.54 -22.49
C HIS A 741 5.98 -18.05 -22.13
N PHE A 742 6.48 -18.56 -21.01
CA PHE A 742 7.78 -18.16 -20.50
C PHE A 742 7.98 -16.65 -20.43
N TYR A 743 6.99 -15.94 -19.88
CA TYR A 743 7.12 -14.51 -19.68
C TYR A 743 8.21 -14.50 -18.60
N LEU A 744 9.15 -13.57 -18.67
CA LEU A 744 10.21 -13.59 -17.68
C LEU A 744 9.70 -13.41 -16.25
N GLU A 745 8.63 -12.64 -16.09
CA GLU A 745 8.02 -12.48 -14.77
C GLU A 745 6.85 -13.46 -14.75
N THR A 746 6.89 -14.39 -13.80
CA THR A 746 5.81 -15.37 -13.68
C THR A 746 4.58 -14.72 -13.04
N HIS A 747 3.50 -15.49 -12.91
CA HIS A 747 2.26 -15.00 -12.31
C HIS A 747 2.49 -14.53 -10.88
N CYS A 748 1.86 -13.41 -10.52
CA CYS A 748 2.03 -12.87 -9.18
C CYS A 748 0.83 -12.02 -8.75
N THR A 749 0.47 -12.12 -7.48
CA THR A 749 -0.63 -11.34 -6.93
C THR A 749 -0.40 -10.99 -5.47
N ILE A 750 -0.74 -9.76 -5.11
CA ILE A 750 -0.65 -9.28 -3.74
C ILE A 750 -2.09 -8.86 -3.43
N ALA A 751 -2.64 -9.36 -2.33
CA ALA A 751 -4.01 -9.01 -1.94
C ALA A 751 -4.01 -8.33 -0.58
N ILE A 752 -4.62 -7.14 -0.52
CA ILE A 752 -4.66 -6.39 0.72
C ILE A 752 -6.09 -6.26 1.25
N PRO A 753 -6.40 -6.98 2.35
CA PRO A 753 -7.75 -6.90 2.92
C PRO A 753 -7.85 -5.62 3.76
N LYS A 754 -8.84 -4.78 3.48
CA LYS A 754 -9.00 -3.53 4.24
C LYS A 754 -9.68 -3.74 5.59
N GLY A 755 -10.56 -4.73 5.67
CA GLY A 755 -11.26 -4.99 6.92
C GLY A 755 -12.56 -4.25 7.01
N GLU A 756 -12.89 -3.50 5.96
CA GLU A 756 -14.13 -2.73 5.88
C GLU A 756 -15.02 -3.14 4.73
N GLU A 757 -16.29 -3.45 5.05
CA GLU A 757 -17.27 -3.81 4.03
C GLU A 757 -16.79 -4.80 2.98
N GLY A 758 -15.87 -5.69 3.35
CA GLY A 758 -15.39 -6.69 2.40
C GLY A 758 -14.43 -6.14 1.36
N GLU A 759 -14.02 -4.89 1.52
CA GLU A 759 -13.09 -4.25 0.59
C GLU A 759 -11.74 -4.95 0.50
N MET A 760 -11.20 -5.02 -0.71
CA MET A 760 -9.90 -5.64 -0.94
C MET A 760 -9.23 -4.95 -2.13
N GLU A 761 -7.95 -4.64 -1.99
CA GLU A 761 -7.18 -3.98 -3.05
C GLU A 761 -6.11 -4.98 -3.48
N LEU A 762 -6.05 -5.27 -4.78
CA LEU A 762 -5.06 -6.23 -5.28
C LEU A 762 -4.13 -5.66 -6.34
N PHE A 763 -2.86 -6.06 -6.27
CA PHE A 763 -1.85 -5.67 -7.24
C PHE A 763 -1.57 -6.97 -7.96
N VAL A 764 -1.82 -6.99 -9.26
CA VAL A 764 -1.69 -8.22 -10.03
C VAL A 764 -0.98 -8.11 -11.37
N SER A 765 -0.25 -9.17 -11.72
CA SER A 765 0.42 -9.22 -13.01
C SER A 765 -0.61 -9.87 -13.91
N THR A 766 -1.48 -9.07 -14.51
CA THR A 766 -2.53 -9.60 -15.38
C THR A 766 -2.93 -8.64 -16.50
N GLN A 767 -3.43 -9.19 -17.59
CA GLN A 767 -3.89 -8.42 -18.73
C GLN A 767 -5.41 -8.22 -18.60
N ASN A 768 -5.99 -8.79 -17.54
CA ASN A 768 -7.44 -8.73 -17.35
C ASN A 768 -7.86 -8.31 -15.94
N ALA A 769 -7.75 -7.02 -15.64
CA ALA A 769 -8.14 -6.54 -14.31
C ALA A 769 -9.62 -6.75 -14.06
N MET A 770 -10.44 -6.64 -15.11
CA MET A 770 -11.88 -6.81 -14.98
C MET A 770 -12.27 -8.21 -14.51
N LYS A 771 -11.76 -9.23 -15.19
CA LYS A 771 -12.07 -10.60 -14.78
C LYS A 771 -11.45 -10.91 -13.43
N THR A 772 -10.28 -10.36 -13.16
CA THR A 772 -9.64 -10.60 -11.86
C THR A 772 -10.58 -10.07 -10.79
N GLN A 773 -11.08 -8.86 -11.02
CA GLN A 773 -11.98 -8.21 -10.07
C GLN A 773 -13.27 -9.00 -9.85
N SER A 774 -13.94 -9.37 -10.93
CA SER A 774 -15.20 -10.12 -10.81
C SER A 774 -15.02 -11.51 -10.22
N PHE A 775 -13.96 -12.22 -10.61
CA PHE A 775 -13.70 -13.56 -10.08
C PHE A 775 -13.41 -13.52 -8.58
N VAL A 776 -12.67 -12.51 -8.14
CA VAL A 776 -12.35 -12.38 -6.72
C VAL A 776 -13.64 -12.08 -5.95
N ALA A 777 -14.44 -11.17 -6.49
CA ALA A 777 -15.71 -10.81 -5.86
C ALA A 777 -16.63 -12.03 -5.76
N LYS A 778 -16.67 -12.84 -6.81
CA LYS A 778 -17.52 -14.03 -6.85
C LYS A 778 -17.09 -15.05 -5.79
N MET A 779 -15.79 -15.26 -5.66
CA MET A 779 -15.26 -16.19 -4.68
C MET A 779 -15.56 -15.71 -3.26
N LEU A 780 -15.44 -14.39 -3.06
CA LEU A 780 -15.68 -13.79 -1.75
C LEU A 780 -17.17 -13.63 -1.42
N GLY A 781 -17.99 -13.55 -2.45
CA GLY A 781 -19.42 -13.36 -2.25
C GLY A 781 -19.77 -11.92 -1.93
N VAL A 782 -19.02 -10.97 -2.49
CA VAL A 782 -19.29 -9.56 -2.27
C VAL A 782 -19.49 -8.86 -3.60
N PRO A 783 -20.11 -7.65 -3.58
CA PRO A 783 -20.36 -6.91 -4.81
C PRO A 783 -19.02 -6.54 -5.46
N VAL A 784 -19.03 -6.42 -6.78
CA VAL A 784 -17.83 -6.08 -7.53
C VAL A 784 -17.24 -4.71 -7.12
N ASN A 785 -18.11 -3.78 -6.73
CA ASN A 785 -17.67 -2.44 -6.32
C ASN A 785 -16.82 -2.43 -5.04
N ARG A 786 -16.62 -3.59 -4.44
CA ARG A 786 -15.82 -3.69 -3.22
C ARG A 786 -14.37 -4.06 -3.54
N ILE A 787 -14.16 -4.55 -4.75
CA ILE A 787 -12.83 -5.01 -5.15
C ILE A 787 -12.11 -4.07 -6.09
N LEU A 788 -10.86 -3.76 -5.75
CA LEU A 788 -10.03 -2.87 -6.58
C LEU A 788 -8.81 -3.65 -7.10
N VAL A 789 -8.64 -3.66 -8.41
CA VAL A 789 -7.49 -4.34 -9.00
C VAL A 789 -6.63 -3.30 -9.71
N ARG A 790 -5.33 -3.32 -9.42
CA ARG A 790 -4.40 -2.37 -10.00
C ARG A 790 -3.27 -3.11 -10.68
N VAL A 791 -2.97 -2.71 -11.91
CA VAL A 791 -1.91 -3.32 -12.69
C VAL A 791 -0.97 -2.22 -13.16
N LYS A 792 0.24 -2.21 -12.61
CA LYS A 792 1.23 -1.21 -12.99
C LYS A 792 1.82 -1.66 -14.32
N ARG A 793 2.36 -2.88 -14.32
CA ARG A 793 2.95 -3.46 -15.52
C ARG A 793 3.22 -4.94 -15.30
N MET A 794 3.41 -5.67 -16.39
CA MET A 794 3.71 -7.09 -16.36
C MET A 794 5.06 -7.31 -17.03
N GLY A 795 5.85 -8.22 -16.49
CA GLY A 795 7.13 -8.54 -17.11
C GLY A 795 6.82 -9.62 -18.13
N GLY A 796 5.95 -9.27 -19.08
CA GLY A 796 5.54 -10.22 -20.11
C GLY A 796 4.18 -10.83 -19.81
N GLY A 797 3.39 -11.07 -20.85
CA GLY A 797 2.07 -11.67 -20.71
C GLY A 797 1.82 -12.69 -21.81
N PHE A 798 1.90 -12.22 -23.05
CA PHE A 798 1.74 -13.07 -24.23
C PHE A 798 0.47 -13.90 -24.29
N GLY A 799 -0.59 -13.43 -23.63
CA GLY A 799 -1.84 -14.16 -23.63
C GLY A 799 -1.97 -15.05 -22.42
N GLY A 800 -0.83 -15.41 -21.84
CA GLY A 800 -0.82 -16.27 -20.66
C GLY A 800 -1.39 -15.60 -19.43
N LYS A 801 -1.59 -14.29 -19.49
CA LYS A 801 -2.15 -13.59 -18.34
C LYS A 801 -3.47 -12.95 -18.74
N GLU A 802 -4.08 -13.47 -19.81
CA GLU A 802 -5.38 -12.96 -20.26
C GLU A 802 -6.49 -13.48 -19.32
N THR A 803 -6.33 -14.70 -18.81
CA THR A 803 -7.31 -15.27 -17.90
C THR A 803 -6.73 -16.11 -16.77
N ARG A 804 -5.73 -16.92 -17.08
CA ARG A 804 -5.16 -17.82 -16.09
C ARG A 804 -4.49 -17.19 -14.88
N SER A 805 -4.32 -15.88 -14.89
CA SER A 805 -3.72 -15.20 -13.75
C SER A 805 -4.67 -15.26 -12.55
N THR A 806 -5.96 -15.51 -12.81
CA THR A 806 -6.93 -15.58 -11.73
C THR A 806 -6.73 -16.79 -10.83
N LEU A 807 -6.12 -17.84 -11.36
CA LEU A 807 -5.86 -19.04 -10.57
C LEU A 807 -5.11 -18.65 -9.30
N VAL A 808 -4.11 -17.78 -9.45
CA VAL A 808 -3.34 -17.32 -8.30
C VAL A 808 -4.06 -16.21 -7.54
N SER A 809 -4.58 -15.22 -8.26
CA SER A 809 -5.26 -14.10 -7.63
C SER A 809 -6.35 -14.49 -6.66
N VAL A 810 -7.20 -15.42 -7.07
CA VAL A 810 -8.32 -15.84 -6.23
C VAL A 810 -7.85 -16.60 -4.99
N ALA A 811 -6.78 -17.38 -5.13
CA ALA A 811 -6.25 -18.13 -3.98
C ALA A 811 -5.68 -17.14 -2.97
N VAL A 812 -4.93 -16.16 -3.47
CA VAL A 812 -4.33 -15.14 -2.62
C VAL A 812 -5.42 -14.27 -1.97
N ALA A 813 -6.47 -13.96 -2.72
CA ALA A 813 -7.55 -13.15 -2.18
C ALA A 813 -8.21 -13.91 -1.01
N LEU A 814 -8.43 -15.20 -1.18
CA LEU A 814 -9.03 -16.00 -0.10
C LEU A 814 -8.15 -15.95 1.14
N ALA A 815 -6.85 -16.07 0.95
CA ALA A 815 -5.90 -16.05 2.06
C ALA A 815 -5.97 -14.73 2.82
N ALA A 816 -6.08 -13.62 2.09
CA ALA A 816 -6.16 -12.30 2.71
C ALA A 816 -7.49 -12.19 3.46
N TYR A 817 -8.56 -12.70 2.87
CA TYR A 817 -9.87 -12.66 3.49
C TYR A 817 -9.85 -13.44 4.81
N LYS A 818 -9.34 -14.66 4.75
CA LYS A 818 -9.29 -15.54 5.91
C LYS A 818 -8.38 -15.09 7.04
N THR A 819 -7.19 -14.61 6.71
CA THR A 819 -6.25 -14.17 7.73
C THR A 819 -6.43 -12.72 8.17
N GLY A 820 -6.93 -11.88 7.28
CA GLY A 820 -7.09 -10.48 7.63
C GLY A 820 -5.75 -9.76 7.43
N HIS A 821 -4.78 -10.49 6.88
CA HIS A 821 -3.46 -9.93 6.61
C HIS A 821 -3.23 -9.84 5.12
N PRO A 822 -2.35 -8.91 4.71
CA PRO A 822 -2.07 -8.82 3.28
C PRO A 822 -1.34 -10.13 2.98
N VAL A 823 -1.48 -10.65 1.77
CA VAL A 823 -0.83 -11.89 1.41
C VAL A 823 -0.37 -11.78 -0.04
N ARG A 824 0.70 -12.50 -0.38
CA ARG A 824 1.18 -12.48 -1.76
C ARG A 824 1.69 -13.83 -2.19
N CYS A 825 1.81 -14.00 -3.50
CA CYS A 825 2.32 -15.23 -4.08
C CYS A 825 2.84 -14.96 -5.48
N MET A 826 4.09 -15.32 -5.70
CA MET A 826 4.69 -15.22 -7.02
C MET A 826 5.08 -16.67 -7.28
N LEU A 827 4.67 -17.20 -8.42
CA LEU A 827 4.97 -18.60 -8.74
C LEU A 827 6.42 -18.82 -9.16
N ASP A 828 6.97 -19.98 -8.77
CA ASP A 828 8.32 -20.32 -9.19
C ASP A 828 8.11 -20.78 -10.64
N ARG A 829 9.18 -20.80 -11.42
CA ARG A 829 9.11 -21.21 -12.82
C ARG A 829 8.42 -22.56 -13.01
N ASN A 830 8.83 -23.56 -12.23
CA ASN A 830 8.24 -24.89 -12.36
C ASN A 830 6.73 -24.94 -12.06
N GLU A 831 6.27 -24.15 -11.10
CA GLU A 831 4.84 -24.12 -10.79
C GLU A 831 4.09 -23.50 -11.95
N ASP A 832 4.63 -22.39 -12.44
CA ASP A 832 4.02 -21.65 -13.53
C ASP A 832 3.82 -22.51 -14.78
N MET A 833 4.87 -23.20 -15.19
CA MET A 833 4.81 -24.06 -16.37
C MET A 833 3.85 -25.23 -16.20
N LEU A 834 3.74 -25.74 -14.99
CA LEU A 834 2.86 -26.88 -14.72
C LEU A 834 1.38 -26.52 -14.65
N ILE A 835 1.10 -25.45 -13.92
CA ILE A 835 -0.27 -25.01 -13.64
C ILE A 835 -1.04 -24.07 -14.57
N THR A 836 -0.39 -23.00 -15.00
CA THR A 836 -1.07 -21.97 -15.78
C THR A 836 -1.52 -22.15 -17.23
N GLY A 837 -1.18 -23.28 -17.85
CA GLY A 837 -1.60 -23.51 -19.21
C GLY A 837 -0.71 -22.86 -20.25
N GLY A 838 -0.78 -23.34 -21.49
CA GLY A 838 0.04 -22.77 -22.54
C GLY A 838 -0.72 -22.76 -23.84
N ARG A 839 0.00 -22.77 -24.96
CA ARG A 839 -0.62 -22.78 -26.27
C ARG A 839 -1.27 -24.15 -26.50
N HIS A 840 -2.33 -24.17 -27.30
CA HIS A 840 -3.05 -25.40 -27.61
C HIS A 840 -2.37 -26.30 -28.63
N PRO A 841 -2.08 -27.55 -28.26
CA PRO A 841 -1.45 -28.43 -29.26
C PRO A 841 -2.58 -28.69 -30.27
N PHE A 842 -2.25 -28.85 -31.53
CA PHE A 842 -3.25 -29.11 -32.57
C PHE A 842 -2.93 -30.35 -33.38
N LEU A 843 -3.96 -31.12 -33.70
CA LEU A 843 -3.81 -32.30 -34.55
C LEU A 843 -4.72 -31.99 -35.72
N ALA A 844 -4.26 -32.22 -36.94
CA ALA A 844 -5.08 -31.94 -38.11
C ALA A 844 -5.06 -33.08 -39.12
N ARG A 845 -6.22 -33.32 -39.71
CA ARG A 845 -6.39 -34.35 -40.73
C ARG A 845 -6.93 -33.56 -41.91
N TYR A 846 -6.18 -33.54 -42.98
CA TYR A 846 -6.54 -32.76 -44.16
C TYR A 846 -6.57 -33.53 -45.46
N LYS A 847 -7.19 -32.92 -46.45
CA LYS A 847 -7.31 -33.49 -47.79
C LYS A 847 -7.43 -32.29 -48.72
N VAL A 848 -6.49 -32.15 -49.64
CA VAL A 848 -6.51 -31.02 -50.54
C VAL A 848 -6.48 -31.43 -52.01
N GLY A 849 -7.35 -30.81 -52.80
CA GLY A 849 -7.42 -31.09 -54.22
C GLY A 849 -6.87 -29.92 -55.00
N PHE A 850 -6.05 -30.20 -55.99
CA PHE A 850 -5.44 -29.15 -56.79
C PHE A 850 -5.18 -29.57 -58.23
N MET A 851 -4.86 -28.60 -59.08
CA MET A 851 -4.59 -28.87 -60.50
C MET A 851 -3.09 -29.04 -60.70
N LYS A 852 -2.70 -29.57 -61.85
CA LYS A 852 -1.29 -29.77 -62.17
C LYS A 852 -0.51 -28.48 -62.10
N THR A 853 -1.21 -27.35 -62.23
CA THR A 853 -0.58 -26.05 -62.18
C THR A 853 -0.30 -25.62 -60.74
N GLY A 854 -0.92 -26.31 -59.78
CA GLY A 854 -0.71 -25.97 -58.38
C GLY A 854 -1.86 -25.18 -57.81
N THR A 855 -2.86 -24.91 -58.63
CA THR A 855 -4.04 -24.17 -58.21
C THR A 855 -4.92 -25.06 -57.34
N ILE A 856 -5.28 -24.60 -56.15
CA ILE A 856 -6.12 -25.38 -55.24
C ILE A 856 -7.60 -25.24 -55.60
N VAL A 857 -8.30 -26.38 -55.62
CA VAL A 857 -9.72 -26.37 -55.97
C VAL A 857 -10.61 -26.91 -54.86
N ALA A 858 -10.03 -27.60 -53.89
CA ALA A 858 -10.81 -28.15 -52.79
C ALA A 858 -9.93 -28.36 -51.57
N LEU A 859 -10.51 -28.15 -50.39
CA LEU A 859 -9.78 -28.34 -49.15
C LEU A 859 -10.69 -28.70 -47.99
N GLU A 860 -10.31 -29.75 -47.28
CA GLU A 860 -11.05 -30.20 -46.11
C GLU A 860 -10.02 -30.36 -45.00
N VAL A 861 -10.26 -29.73 -43.86
CA VAL A 861 -9.36 -29.85 -42.73
C VAL A 861 -10.15 -29.98 -41.44
N ASP A 862 -9.89 -31.03 -40.69
CA ASP A 862 -10.56 -31.24 -39.41
C ASP A 862 -9.52 -30.97 -38.33
N HIS A 863 -9.76 -29.94 -37.52
CA HIS A 863 -8.83 -29.58 -36.45
C HIS A 863 -9.27 -30.14 -35.10
N TYR A 864 -8.28 -30.49 -34.28
CA TYR A 864 -8.53 -31.00 -32.93
C TYR A 864 -7.50 -30.33 -32.03
N SER A 865 -7.97 -29.69 -30.97
CA SER A 865 -7.06 -29.03 -30.04
C SER A 865 -7.12 -29.72 -28.70
N ASN A 866 -5.99 -29.76 -27.99
CA ASN A 866 -5.98 -30.36 -26.67
C ASN A 866 -6.27 -29.19 -25.73
N ALA A 867 -7.51 -29.10 -25.25
CA ALA A 867 -7.94 -28.00 -24.40
C ALA A 867 -7.64 -28.10 -22.92
N GLY A 868 -7.43 -29.31 -22.40
CA GLY A 868 -7.15 -29.43 -20.99
C GLY A 868 -8.39 -29.64 -20.14
N ASN A 869 -8.28 -29.41 -18.82
CA ASN A 869 -9.38 -29.64 -17.90
C ASN A 869 -10.47 -28.59 -17.72
N SER A 870 -10.50 -27.57 -18.57
CA SER A 870 -11.56 -26.57 -18.51
C SER A 870 -11.67 -25.92 -19.89
N ARG A 871 -12.76 -25.21 -20.12
CA ARG A 871 -12.95 -24.57 -21.41
C ARG A 871 -12.06 -23.34 -21.58
N ASP A 872 -12.11 -22.43 -20.61
CA ASP A 872 -11.34 -21.20 -20.69
C ASP A 872 -11.57 -20.57 -22.07
N LEU A 873 -10.51 -20.22 -22.77
CA LEU A 873 -10.63 -19.59 -24.08
C LEU A 873 -10.53 -20.54 -25.27
N SER A 874 -10.56 -21.85 -25.01
CA SER A 874 -10.44 -22.84 -26.06
C SER A 874 -11.41 -22.71 -27.25
N HIS A 875 -12.64 -22.29 -27.00
CA HIS A 875 -13.59 -22.17 -28.12
C HIS A 875 -13.24 -21.00 -29.03
N SER A 876 -12.96 -19.85 -28.44
CA SER A 876 -12.62 -18.68 -29.23
C SER A 876 -11.35 -18.95 -30.03
N ILE A 877 -10.44 -19.69 -29.42
CA ILE A 877 -9.19 -20.03 -30.07
C ILE A 877 -9.44 -20.90 -31.29
N MET A 878 -10.33 -21.87 -31.17
CA MET A 878 -10.63 -22.74 -32.30
C MET A 878 -11.32 -21.94 -33.41
N GLU A 879 -12.11 -20.94 -33.02
CA GLU A 879 -12.78 -20.11 -34.01
C GLU A 879 -11.77 -19.33 -34.83
N ARG A 880 -10.77 -18.76 -34.17
CA ARG A 880 -9.73 -18.01 -34.86
C ARG A 880 -8.92 -18.93 -35.77
N ALA A 881 -8.72 -20.17 -35.33
CA ALA A 881 -7.98 -21.12 -36.16
C ALA A 881 -8.75 -21.29 -37.48
N LEU A 882 -10.04 -21.57 -37.37
CA LEU A 882 -10.87 -21.75 -38.56
C LEU A 882 -10.85 -20.50 -39.44
N PHE A 883 -10.85 -19.33 -38.81
CA PHE A 883 -10.82 -18.07 -39.54
C PHE A 883 -9.51 -17.88 -40.31
N HIS A 884 -8.47 -18.64 -39.95
CA HIS A 884 -7.19 -18.50 -40.63
C HIS A 884 -6.65 -19.73 -41.36
N MET A 885 -7.51 -20.72 -41.61
CA MET A 885 -7.08 -21.94 -42.30
C MET A 885 -6.78 -21.70 -43.78
N ASP A 886 -7.06 -20.48 -44.24
CA ASP A 886 -6.84 -20.08 -45.62
C ASP A 886 -5.53 -19.33 -45.80
N ASN A 887 -5.04 -18.79 -44.69
CA ASN A 887 -3.86 -17.94 -44.69
C ASN A 887 -4.11 -16.87 -45.75
N CYS A 888 -3.31 -16.83 -46.81
CA CYS A 888 -3.51 -15.81 -47.85
C CYS A 888 -3.90 -16.39 -49.20
N TYR A 889 -4.55 -17.56 -49.19
CA TYR A 889 -4.92 -18.21 -50.43
C TYR A 889 -6.41 -18.36 -50.69
N LYS A 890 -6.81 -18.06 -51.93
CA LYS A 890 -8.20 -18.17 -52.34
C LYS A 890 -8.51 -19.63 -52.62
N ILE A 891 -9.48 -20.18 -51.89
CA ILE A 891 -9.86 -21.58 -52.06
C ILE A 891 -11.37 -21.66 -52.28
N PRO A 892 -11.79 -21.86 -53.55
CA PRO A 892 -13.19 -21.96 -53.99
C PRO A 892 -14.10 -22.87 -53.16
N ASN A 893 -13.67 -24.10 -52.95
CA ASN A 893 -14.44 -25.08 -52.20
C ASN A 893 -13.63 -25.46 -50.97
N ILE A 894 -14.18 -25.19 -49.80
CA ILE A 894 -13.45 -25.44 -48.57
C ILE A 894 -14.36 -25.77 -47.39
N ARG A 895 -13.86 -26.65 -46.53
CA ARG A 895 -14.59 -27.06 -45.33
C ARG A 895 -13.59 -27.25 -44.20
N GLY A 896 -13.82 -26.55 -43.09
CA GLY A 896 -12.93 -26.67 -41.95
C GLY A 896 -13.75 -26.93 -40.72
N THR A 897 -13.34 -27.90 -39.92
CA THR A 897 -14.07 -28.21 -38.69
C THR A 897 -13.14 -28.14 -37.50
N GLY A 898 -13.71 -27.97 -36.33
CA GLY A 898 -12.92 -27.90 -35.12
C GLY A 898 -13.58 -28.58 -33.94
N ARG A 899 -12.76 -29.28 -33.16
CA ARG A 899 -13.23 -29.97 -31.96
C ARG A 899 -12.27 -29.71 -30.81
N LEU A 900 -12.82 -29.41 -29.64
CA LEU A 900 -12.00 -29.15 -28.45
C LEU A 900 -11.92 -30.43 -27.64
N CYS A 901 -10.71 -30.96 -27.46
CA CYS A 901 -10.54 -32.19 -26.69
C CYS A 901 -10.45 -31.94 -25.19
N LYS A 902 -11.37 -32.55 -24.45
CA LYS A 902 -11.44 -32.44 -23.01
C LYS A 902 -10.49 -33.51 -22.45
N THR A 903 -9.41 -33.06 -21.81
CA THR A 903 -8.41 -33.97 -21.27
C THR A 903 -8.00 -33.63 -19.85
N ASN A 904 -7.26 -34.55 -19.24
CA ASN A 904 -6.79 -34.37 -17.88
C ASN A 904 -5.41 -33.75 -17.85
N LEU A 905 -5.34 -32.52 -18.35
CA LEU A 905 -4.10 -31.74 -18.39
C LEU A 905 -4.49 -30.32 -18.00
N SER A 906 -3.52 -29.53 -17.55
CA SER A 906 -3.79 -28.14 -17.19
C SER A 906 -4.49 -27.50 -18.38
N SER A 907 -5.52 -26.71 -18.10
CA SER A 907 -6.32 -26.05 -19.13
C SER A 907 -5.47 -25.11 -19.97
N ASN A 908 -5.42 -25.35 -21.28
CA ASN A 908 -4.64 -24.47 -22.15
C ASN A 908 -5.40 -23.19 -22.40
N THR A 909 -4.68 -22.14 -22.78
CA THR A 909 -5.31 -20.83 -22.93
C THR A 909 -4.75 -20.01 -24.09
N ALA A 910 -4.92 -18.70 -24.00
CA ALA A 910 -4.44 -17.78 -25.03
C ALA A 910 -2.92 -17.70 -25.04
N PHE A 911 -2.37 -17.61 -26.24
CA PHE A 911 -0.93 -17.47 -26.45
C PHE A 911 -0.79 -16.76 -27.80
N ARG A 912 -0.08 -15.64 -27.78
CA ARG A 912 0.18 -14.82 -28.95
C ARG A 912 -0.11 -15.55 -30.25
N GLY A 913 -1.19 -15.16 -30.93
CA GLY A 913 -1.58 -15.83 -32.16
C GLY A 913 -2.99 -16.39 -31.95
N PHE A 914 -3.24 -16.89 -30.75
CA PHE A 914 -4.57 -17.37 -30.38
C PHE A 914 -5.21 -18.31 -31.41
N GLY A 915 -4.54 -19.43 -31.68
CA GLY A 915 -5.08 -20.39 -32.63
C GLY A 915 -4.71 -20.13 -34.07
N GLY A 916 -4.38 -18.88 -34.38
CA GLY A 916 -4.00 -18.54 -35.74
C GLY A 916 -2.75 -19.27 -36.20
N PRO A 917 -1.65 -19.21 -35.44
CA PRO A 917 -0.39 -19.88 -35.81
C PRO A 917 -0.59 -21.35 -36.17
N GLN A 918 -1.42 -22.04 -35.39
CA GLN A 918 -1.66 -23.46 -35.65
C GLN A 918 -2.35 -23.70 -36.99
N ALA A 919 -3.40 -22.93 -37.25
CA ALA A 919 -4.16 -23.07 -38.49
C ALA A 919 -3.32 -22.64 -39.69
N LEU A 920 -2.53 -21.58 -39.51
CA LEU A 920 -1.68 -21.08 -40.58
C LEU A 920 -0.59 -22.09 -40.90
N PHE A 921 -0.07 -22.75 -39.86
CA PHE A 921 0.97 -23.76 -40.02
C PHE A 921 0.42 -24.90 -40.86
N ILE A 922 -0.79 -25.36 -40.51
CA ILE A 922 -1.44 -26.45 -41.23
C ILE A 922 -1.65 -26.10 -42.69
N ALA A 923 -2.03 -24.87 -42.96
CA ALA A 923 -2.26 -24.41 -44.33
C ALA A 923 -0.96 -24.45 -45.13
N GLU A 924 0.10 -23.87 -44.58
CA GLU A 924 1.38 -23.86 -45.28
C GLU A 924 1.93 -25.26 -45.45
N ASN A 925 1.57 -26.18 -44.56
CA ASN A 925 2.07 -27.54 -44.72
C ASN A 925 1.51 -28.17 -45.98
N TRP A 926 0.19 -28.17 -46.16
CA TRP A 926 -0.35 -28.78 -47.36
C TRP A 926 0.03 -27.98 -48.60
N MET A 927 0.24 -26.68 -48.44
CA MET A 927 0.62 -25.85 -49.58
C MET A 927 2.01 -26.29 -50.05
N SER A 928 2.89 -26.61 -49.09
CA SER A 928 4.23 -27.06 -49.43
C SER A 928 4.16 -28.42 -50.12
N GLU A 929 3.20 -29.25 -49.71
CA GLU A 929 3.05 -30.57 -50.31
C GLU A 929 2.48 -30.46 -51.73
N VAL A 930 1.68 -29.43 -51.96
CA VAL A 930 1.11 -29.20 -53.29
C VAL A 930 2.22 -28.84 -54.26
N ALA A 931 3.09 -27.93 -53.83
CA ALA A 931 4.20 -27.49 -54.67
C ALA A 931 5.09 -28.67 -55.04
N VAL A 932 5.44 -29.48 -54.06
CA VAL A 932 6.30 -30.64 -54.29
C VAL A 932 5.63 -31.63 -55.25
N THR A 933 4.37 -31.95 -54.97
CA THR A 933 3.62 -32.88 -55.81
C THR A 933 3.56 -32.42 -57.26
N CYS A 934 3.40 -31.12 -57.46
CA CYS A 934 3.33 -30.56 -58.79
C CYS A 934 4.71 -30.41 -59.43
N GLY A 935 5.74 -30.45 -58.59
CA GLY A 935 7.10 -30.30 -59.09
C GLY A 935 7.34 -28.87 -59.55
N LEU A 936 6.74 -27.93 -58.83
CA LEU A 936 6.86 -26.50 -59.16
C LEU A 936 7.46 -25.70 -58.02
N PRO A 937 8.09 -24.56 -58.33
CA PRO A 937 8.70 -23.70 -57.32
C PRO A 937 7.64 -23.26 -56.30
N ALA A 938 7.94 -23.43 -55.02
CA ALA A 938 7.00 -23.08 -53.97
C ALA A 938 6.44 -21.66 -54.09
N GLU A 939 7.30 -20.68 -54.34
CA GLU A 939 6.84 -19.29 -54.44
C GLU A 939 5.85 -19.10 -55.58
N GLU A 940 6.03 -19.87 -56.66
CA GLU A 940 5.13 -19.78 -57.81
C GLU A 940 3.74 -20.26 -57.44
N VAL A 941 3.69 -21.41 -56.78
CA VAL A 941 2.42 -22.00 -56.36
C VAL A 941 1.71 -21.10 -55.36
N ARG A 942 2.46 -20.51 -54.44
CA ARG A 942 1.85 -19.64 -53.46
C ARG A 942 1.28 -18.39 -54.14
N TRP A 943 2.07 -17.75 -54.98
CA TRP A 943 1.61 -16.55 -55.67
C TRP A 943 0.34 -16.73 -56.49
N LYS A 944 0.27 -17.80 -57.28
CA LYS A 944 -0.91 -18.01 -58.12
C LYS A 944 -2.18 -18.35 -57.34
N ASN A 945 -2.02 -18.76 -56.09
CA ASN A 945 -3.16 -19.11 -55.24
C ASN A 945 -3.54 -17.97 -54.30
N MET A 946 -2.70 -16.95 -54.25
CA MET A 946 -2.90 -15.79 -53.39
C MET A 946 -4.16 -14.98 -53.71
N TYR A 947 -4.78 -14.45 -52.67
CA TYR A 947 -5.98 -13.62 -52.84
C TYR A 947 -5.57 -12.38 -53.63
N LYS A 948 -6.57 -11.68 -54.14
CA LYS A 948 -6.32 -10.44 -54.86
C LYS A 948 -7.21 -9.40 -54.18
N GLU A 949 -6.85 -8.13 -54.34
CA GLU A 949 -7.62 -7.04 -53.75
C GLU A 949 -9.11 -7.22 -54.03
N GLY A 950 -9.93 -7.17 -52.99
CA GLY A 950 -11.36 -7.30 -53.19
C GLY A 950 -11.95 -8.69 -53.05
N ASP A 951 -11.12 -9.71 -53.04
CA ASP A 951 -11.61 -11.08 -52.90
C ASP A 951 -12.28 -11.28 -51.54
N LEU A 952 -13.07 -12.35 -51.43
CA LEU A 952 -13.74 -12.68 -50.18
C LEU A 952 -13.03 -13.89 -49.59
N THR A 953 -12.93 -13.93 -48.27
CA THR A 953 -12.31 -15.06 -47.59
C THR A 953 -13.31 -16.20 -47.55
N HIS A 954 -12.91 -17.32 -46.96
CA HIS A 954 -13.79 -18.48 -46.86
C HIS A 954 -14.96 -18.18 -45.91
N PHE A 955 -14.81 -17.14 -45.09
CA PHE A 955 -15.89 -16.76 -44.19
C PHE A 955 -16.59 -15.52 -44.73
N ASN A 956 -16.47 -15.37 -46.05
CA ASN A 956 -17.10 -14.30 -46.82
C ASN A 956 -16.85 -12.83 -46.46
N GLN A 957 -15.66 -12.52 -45.95
CA GLN A 957 -15.37 -11.13 -45.63
C GLN A 957 -14.47 -10.58 -46.73
N ARG A 958 -14.80 -9.39 -47.20
CA ARG A 958 -14.04 -8.76 -48.27
C ARG A 958 -12.67 -8.29 -47.81
N LEU A 959 -11.65 -8.53 -48.63
CA LEU A 959 -10.30 -8.10 -48.32
C LEU A 959 -10.02 -6.76 -48.99
N GLU A 960 -10.14 -5.70 -48.20
CA GLU A 960 -9.91 -4.35 -48.70
C GLU A 960 -8.56 -3.85 -48.20
N GLY A 961 -7.74 -3.36 -49.11
CA GLY A 961 -6.42 -2.89 -48.73
C GLY A 961 -5.52 -4.08 -48.48
N PHE A 962 -5.71 -5.14 -49.29
CA PHE A 962 -4.92 -6.37 -49.20
C PHE A 962 -3.52 -6.07 -49.73
N SER A 963 -2.57 -5.86 -48.82
CA SER A 963 -1.20 -5.51 -49.23
C SER A 963 -0.20 -6.65 -49.36
N VAL A 964 -0.65 -7.89 -49.18
CA VAL A 964 0.28 -9.01 -49.29
C VAL A 964 1.11 -8.94 -50.56
N PRO A 965 0.47 -8.70 -51.73
CA PRO A 965 1.23 -8.62 -52.98
C PRO A 965 2.43 -7.68 -52.92
N ARG A 966 2.23 -6.49 -52.35
CA ARG A 966 3.31 -5.52 -52.22
C ARG A 966 4.38 -6.07 -51.29
N CYS A 967 3.96 -6.57 -50.13
CA CYS A 967 4.90 -7.13 -49.17
C CYS A 967 5.70 -8.25 -49.82
N TRP A 968 4.99 -9.08 -50.59
CA TRP A 968 5.59 -10.23 -51.27
C TRP A 968 6.61 -9.83 -52.34
N ASP A 969 6.23 -8.96 -53.26
CA ASP A 969 7.15 -8.54 -54.31
C ASP A 969 8.34 -7.81 -53.69
N GLU A 970 8.07 -6.95 -52.71
CA GLU A 970 9.15 -6.22 -52.07
C GLU A 970 10.09 -7.14 -51.29
N CYS A 971 9.54 -8.12 -50.59
CA CYS A 971 10.40 -9.03 -49.83
C CYS A 971 11.26 -9.84 -50.78
N LEU A 972 10.67 -10.33 -51.87
CA LEU A 972 11.41 -11.11 -52.86
C LEU A 972 12.60 -10.32 -53.36
N LYS A 973 12.36 -9.02 -53.59
CA LYS A 973 13.39 -8.12 -54.09
C LYS A 973 14.49 -7.83 -53.09
N SER A 974 14.15 -7.30 -51.93
CA SER A 974 15.15 -6.96 -50.93
C SER A 974 15.88 -8.16 -50.35
N SER A 975 15.27 -9.34 -50.40
CA SER A 975 15.90 -10.54 -49.86
C SER A 975 16.75 -11.22 -50.93
N GLN A 976 16.63 -10.75 -52.17
CA GLN A 976 17.37 -11.33 -53.29
C GLN A 976 17.07 -12.81 -53.37
N TYR A 977 15.81 -13.15 -53.10
CA TYR A 977 15.33 -14.53 -53.10
C TYR A 977 15.82 -15.41 -54.25
N TYR A 978 15.53 -15.00 -55.48
CA TYR A 978 15.91 -15.79 -56.65
C TYR A 978 17.40 -16.03 -56.78
N ALA A 979 18.21 -15.01 -56.53
CA ALA A 979 19.65 -15.16 -56.62
C ALA A 979 20.12 -16.16 -55.57
N ARG A 980 19.62 -16.03 -54.35
CA ARG A 980 20.02 -16.92 -53.28
C ARG A 980 19.48 -18.34 -53.44
N LYS A 981 18.37 -18.48 -54.16
CA LYS A 981 17.81 -19.81 -54.39
C LYS A 981 18.85 -20.60 -55.20
N SER A 982 19.53 -19.88 -56.08
CA SER A 982 20.56 -20.47 -56.92
C SER A 982 21.76 -20.89 -56.08
N GLU A 983 22.12 -20.03 -55.12
CA GLU A 983 23.23 -20.29 -54.22
C GLU A 983 22.94 -21.50 -53.35
N VAL A 984 21.71 -21.58 -52.85
CA VAL A 984 21.31 -22.71 -52.02
C VAL A 984 21.46 -24.02 -52.78
N ASP A 985 21.01 -24.04 -54.03
CA ASP A 985 21.11 -25.26 -54.82
C ASP A 985 22.56 -25.69 -55.03
N LYS A 986 23.42 -24.71 -55.28
CA LYS A 986 24.83 -24.98 -55.49
C LYS A 986 25.44 -25.59 -54.23
N PHE A 987 25.19 -24.96 -53.09
CA PHE A 987 25.70 -25.43 -51.81
C PHE A 987 25.33 -26.88 -51.57
N ASN A 988 24.08 -27.22 -51.87
CA ASN A 988 23.60 -28.58 -51.67
C ASN A 988 24.26 -29.57 -52.61
N LYS A 989 24.65 -29.10 -53.79
CA LYS A 989 25.32 -29.97 -54.75
C LYS A 989 26.75 -30.22 -54.31
N GLU A 990 27.31 -29.25 -53.59
CA GLU A 990 28.69 -29.35 -53.13
C GLU A 990 28.87 -29.88 -51.71
N ASN A 991 27.77 -30.14 -51.01
CA ASN A 991 27.84 -30.63 -49.64
C ASN A 991 26.99 -31.86 -49.41
N CYS A 992 27.62 -32.88 -48.84
CA CYS A 992 26.98 -34.15 -48.58
C CYS A 992 26.29 -34.28 -47.22
N TRP A 993 26.94 -33.78 -46.17
CA TRP A 993 26.38 -33.90 -44.83
C TRP A 993 25.84 -32.61 -44.22
N LYS A 994 25.70 -31.59 -45.05
CA LYS A 994 25.14 -30.30 -44.64
C LYS A 994 24.29 -29.83 -45.81
N LYS A 995 23.16 -29.21 -45.51
CA LYS A 995 22.28 -28.72 -46.57
C LYS A 995 21.62 -27.41 -46.18
N ARG A 996 21.28 -26.61 -47.18
CA ARG A 996 20.61 -25.34 -46.91
C ARG A 996 19.19 -25.39 -47.43
N GLY A 997 18.36 -24.55 -46.83
CA GLY A 997 16.96 -24.47 -47.23
C GLY A 997 16.55 -23.02 -47.26
N LEU A 998 15.57 -22.73 -48.11
CA LEU A 998 15.09 -21.37 -48.26
C LEU A 998 13.57 -21.40 -48.43
N CYS A 999 12.89 -20.43 -47.84
CA CYS A 999 11.45 -20.37 -47.95
C CYS A 999 10.91 -18.97 -47.71
N ILE A 1000 9.91 -18.59 -48.51
CA ILE A 1000 9.31 -17.28 -48.35
C ILE A 1000 7.83 -17.55 -48.13
N ILE A 1001 7.30 -17.02 -47.03
CA ILE A 1001 5.92 -17.23 -46.64
C ILE A 1001 5.19 -15.93 -46.31
N PRO A 1002 3.90 -15.85 -46.66
CA PRO A 1002 3.12 -14.64 -46.39
C PRO A 1002 2.19 -14.95 -45.21
N THR A 1003 1.46 -13.94 -44.75
CA THR A 1003 0.52 -14.14 -43.67
C THR A 1003 -0.42 -12.97 -43.55
N LYS A 1004 -1.63 -13.25 -43.06
CA LYS A 1004 -2.64 -12.24 -42.81
C LYS A 1004 -3.23 -12.64 -41.47
N PHE A 1005 -3.58 -11.66 -40.65
CA PHE A 1005 -4.12 -11.92 -39.33
C PHE A 1005 -5.31 -10.99 -39.12
N GLY A 1006 -6.46 -11.55 -38.78
CA GLY A 1006 -7.65 -10.75 -38.57
C GLY A 1006 -7.56 -9.93 -37.29
N ILE A 1007 -7.92 -8.65 -37.38
CA ILE A 1007 -7.83 -7.77 -36.23
C ILE A 1007 -9.16 -7.42 -35.58
N SER A 1008 -9.27 -7.78 -34.29
CA SER A 1008 -10.41 -7.54 -33.40
C SER A 1008 -10.81 -8.81 -32.66
N PHE A 1009 -11.53 -8.67 -31.54
CA PHE A 1009 -12.02 -9.84 -30.81
C PHE A 1009 -13.16 -10.35 -31.67
N THR A 1010 -13.24 -11.65 -31.93
CA THR A 1010 -14.33 -12.15 -32.77
C THR A 1010 -15.66 -12.08 -32.01
N VAL A 1011 -15.56 -11.88 -30.71
CA VAL A 1011 -16.75 -11.72 -29.85
C VAL A 1011 -16.98 -10.22 -29.90
N PRO A 1012 -18.03 -9.77 -30.60
CA PRO A 1012 -18.34 -8.34 -30.73
C PRO A 1012 -18.27 -7.45 -29.48
N PHE A 1013 -18.93 -7.86 -28.40
CA PHE A 1013 -18.97 -7.03 -27.19
C PHE A 1013 -17.65 -6.65 -26.53
N LEU A 1014 -16.57 -7.38 -26.81
CA LEU A 1014 -15.28 -7.06 -26.22
C LEU A 1014 -14.55 -5.93 -26.92
N ASN A 1015 -15.01 -5.58 -28.12
CA ASN A 1015 -14.38 -4.51 -28.88
C ASN A 1015 -14.89 -3.15 -28.42
N GLN A 1016 -14.61 -2.84 -27.15
CA GLN A 1016 -14.99 -1.57 -26.53
C GLN A 1016 -13.82 -1.13 -25.65
N ALA A 1017 -13.65 0.18 -25.48
CA ALA A 1017 -12.54 0.68 -24.67
C ALA A 1017 -12.86 2.02 -24.05
N GLY A 1018 -12.43 2.21 -22.81
CA GLY A 1018 -12.68 3.47 -22.13
C GLY A 1018 -11.38 4.11 -21.66
N ALA A 1019 -11.44 5.42 -21.45
CA ALA A 1019 -10.29 6.18 -20.98
C ALA A 1019 -10.80 7.27 -20.05
N LEU A 1020 -9.93 7.73 -19.17
CA LEU A 1020 -10.25 8.79 -18.23
C LEU A 1020 -9.05 9.72 -18.20
N ILE A 1021 -9.28 11.00 -18.44
CA ILE A 1021 -8.18 11.96 -18.45
C ILE A 1021 -8.43 13.15 -17.55
N HIS A 1022 -7.41 13.52 -16.78
CA HIS A 1022 -7.49 14.67 -15.89
C HIS A 1022 -6.36 15.62 -16.28
N VAL A 1023 -6.65 16.91 -16.27
CA VAL A 1023 -5.61 17.90 -16.53
C VAL A 1023 -5.57 18.67 -15.21
N TYR A 1024 -4.44 18.62 -14.51
CA TYR A 1024 -4.35 19.33 -13.24
C TYR A 1024 -4.06 20.80 -13.49
N THR A 1025 -4.23 21.63 -12.47
CA THR A 1025 -4.04 23.08 -12.63
C THR A 1025 -2.66 23.57 -13.03
N ASP A 1026 -1.65 22.70 -13.05
CA ASP A 1026 -0.33 23.12 -13.48
C ASP A 1026 -0.19 22.76 -14.97
N GLY A 1027 -1.26 22.21 -15.53
CA GLY A 1027 -1.24 21.84 -16.93
C GLY A 1027 -0.78 20.41 -17.18
N SER A 1028 -0.28 19.73 -16.15
CA SER A 1028 0.16 18.35 -16.33
C SER A 1028 -1.06 17.47 -16.51
N VAL A 1029 -0.95 16.46 -17.36
CA VAL A 1029 -2.05 15.56 -17.66
C VAL A 1029 -1.83 14.12 -17.23
N LEU A 1030 -2.84 13.56 -16.57
CA LEU A 1030 -2.78 12.17 -16.12
C LEU A 1030 -3.77 11.39 -16.96
N VAL A 1031 -3.27 10.45 -17.74
CA VAL A 1031 -4.13 9.63 -18.58
C VAL A 1031 -4.29 8.24 -18.02
N SER A 1032 -5.51 7.72 -18.09
CA SER A 1032 -5.81 6.38 -17.63
C SER A 1032 -6.69 5.71 -18.66
N HIS A 1033 -6.40 4.45 -18.99
CA HIS A 1033 -7.22 3.73 -19.96
C HIS A 1033 -7.35 2.29 -19.52
N GLY A 1034 -8.23 1.54 -20.18
CA GLY A 1034 -8.46 0.15 -19.81
C GLY A 1034 -7.32 -0.81 -20.14
N GLY A 1035 -6.37 -0.37 -20.96
CA GLY A 1035 -5.27 -1.25 -21.33
C GLY A 1035 -4.16 -1.36 -20.30
N THR A 1036 -3.43 -2.46 -20.36
CA THR A 1036 -2.31 -2.72 -19.45
C THR A 1036 -1.01 -2.82 -20.23
N GLU A 1037 0.10 -2.54 -19.56
CA GLU A 1037 1.42 -2.60 -20.16
C GLU A 1037 2.12 -3.92 -19.82
N MET A 1038 2.51 -4.66 -20.86
CA MET A 1038 3.20 -5.93 -20.67
C MET A 1038 4.51 -5.92 -21.47
N GLY A 1039 4.93 -4.73 -21.87
CA GLY A 1039 6.16 -4.59 -22.62
C GLY A 1039 5.96 -4.20 -24.07
N GLN A 1040 4.72 -4.27 -24.55
CA GLN A 1040 4.41 -3.95 -25.94
C GLN A 1040 4.42 -2.44 -26.22
N GLY A 1041 4.60 -1.64 -25.17
CA GLY A 1041 4.64 -0.19 -25.36
C GLY A 1041 3.29 0.48 -25.58
N LEU A 1042 2.24 -0.06 -24.97
CA LEU A 1042 0.91 0.53 -25.11
C LEU A 1042 0.83 1.91 -24.46
N HIS A 1043 1.31 2.05 -23.23
CA HIS A 1043 1.25 3.36 -22.57
C HIS A 1043 2.05 4.39 -23.36
N THR A 1044 3.18 3.97 -23.88
CA THR A 1044 4.01 4.86 -24.69
C THR A 1044 3.19 5.38 -25.87
N LYS A 1045 2.57 4.47 -26.60
CA LYS A 1045 1.75 4.86 -27.76
C LYS A 1045 0.56 5.74 -27.37
N MET A 1046 -0.05 5.46 -26.21
CA MET A 1046 -1.19 6.26 -25.77
C MET A 1046 -0.74 7.68 -25.42
N VAL A 1047 0.48 7.81 -24.91
CA VAL A 1047 1.00 9.13 -24.57
C VAL A 1047 1.31 9.86 -25.87
N GLN A 1048 1.86 9.15 -26.85
CA GLN A 1048 2.15 9.76 -28.13
C GLN A 1048 0.85 10.28 -28.75
N VAL A 1049 -0.19 9.46 -28.70
CA VAL A 1049 -1.50 9.85 -29.25
C VAL A 1049 -2.08 11.08 -28.55
N ALA A 1050 -2.07 11.06 -27.22
CA ALA A 1050 -2.59 12.17 -26.44
C ALA A 1050 -1.84 13.46 -26.73
N SER A 1051 -0.52 13.35 -26.84
CA SER A 1051 0.32 14.51 -27.13
C SER A 1051 -0.04 15.13 -28.48
N LYS A 1052 -0.23 14.28 -29.48
CA LYS A 1052 -0.58 14.75 -30.82
C LYS A 1052 -1.95 15.41 -30.80
N ALA A 1053 -2.93 14.72 -30.22
CA ALA A 1053 -4.30 15.22 -30.15
C ALA A 1053 -4.40 16.57 -29.43
N LEU A 1054 -3.77 16.68 -28.26
CA LEU A 1054 -3.82 17.92 -27.48
C LEU A 1054 -2.83 18.97 -27.97
N LYS A 1055 -1.89 18.55 -28.81
CA LYS A 1055 -0.87 19.43 -29.36
C LYS A 1055 0.01 20.02 -28.26
N ILE A 1056 0.48 19.16 -27.37
CA ILE A 1056 1.37 19.56 -26.28
C ILE A 1056 2.46 18.48 -26.25
N PRO A 1057 3.63 18.79 -25.67
CA PRO A 1057 4.73 17.82 -25.60
C PRO A 1057 4.37 16.60 -24.75
N ILE A 1058 4.92 15.45 -25.10
CA ILE A 1058 4.65 14.23 -24.34
C ILE A 1058 5.13 14.38 -22.89
N SER A 1059 6.05 15.31 -22.67
CA SER A 1059 6.59 15.53 -21.33
C SER A 1059 5.54 16.02 -20.33
N LYS A 1060 4.42 16.54 -20.82
CA LYS A 1060 3.38 17.04 -19.93
C LYS A 1060 2.28 16.01 -19.67
N ILE A 1061 2.44 14.82 -20.25
CA ILE A 1061 1.45 13.77 -20.10
C ILE A 1061 2.07 12.57 -19.39
N TYR A 1062 1.27 11.90 -18.55
CA TYR A 1062 1.77 10.75 -17.81
C TYR A 1062 0.71 9.68 -17.61
N ILE A 1063 1.14 8.42 -17.67
CA ILE A 1063 0.25 7.29 -17.43
C ILE A 1063 0.93 6.50 -16.31
N SER A 1064 0.26 6.41 -15.17
CA SER A 1064 0.82 5.71 -14.02
C SER A 1064 0.53 4.22 -13.96
N GLU A 1065 -0.74 3.86 -14.12
CA GLU A 1065 -1.13 2.46 -14.05
C GLU A 1065 -2.52 2.23 -14.60
N THR A 1066 -2.97 0.98 -14.51
CA THR A 1066 -4.31 0.59 -14.97
C THR A 1066 -5.05 0.17 -13.70
N SER A 1067 -6.29 0.63 -13.53
CA SER A 1067 -7.05 0.30 -12.32
C SER A 1067 -8.56 0.25 -12.55
N THR A 1068 -9.23 -0.68 -11.89
CA THR A 1068 -10.67 -0.84 -12.04
C THR A 1068 -11.50 0.33 -11.51
N ASN A 1069 -10.90 1.19 -10.68
CA ASN A 1069 -11.66 2.32 -10.15
C ASN A 1069 -11.46 3.60 -10.98
N THR A 1070 -10.74 3.51 -12.09
CA THR A 1070 -10.57 4.65 -12.98
C THR A 1070 -11.32 4.35 -14.28
N VAL A 1071 -11.12 3.15 -14.82
CA VAL A 1071 -11.80 2.71 -16.04
C VAL A 1071 -12.37 1.33 -15.74
N PRO A 1072 -13.70 1.21 -15.63
CA PRO A 1072 -14.32 -0.07 -15.32
C PRO A 1072 -14.68 -0.92 -16.55
N ASN A 1073 -15.06 -2.15 -16.28
CA ASN A 1073 -15.51 -3.10 -17.30
C ASN A 1073 -14.64 -3.19 -18.54
N SER A 1074 -13.33 -3.19 -18.35
CA SER A 1074 -12.42 -3.25 -19.48
C SER A 1074 -12.24 -4.67 -20.01
N SER A 1075 -12.11 -4.78 -21.32
CA SER A 1075 -11.88 -6.08 -21.93
C SER A 1075 -10.40 -6.35 -21.63
N PRO A 1076 -10.00 -7.63 -21.65
CA PRO A 1076 -8.58 -7.90 -21.37
C PRO A 1076 -7.71 -7.22 -22.43
N THR A 1077 -6.48 -6.89 -22.06
CA THR A 1077 -5.57 -6.26 -23.01
C THR A 1077 -5.13 -7.39 -23.92
N ALA A 1078 -5.75 -7.48 -25.10
CA ALA A 1078 -5.43 -8.57 -26.01
C ALA A 1078 -5.95 -8.37 -27.42
N ALA A 1079 -5.81 -9.41 -28.24
CA ALA A 1079 -6.24 -9.40 -29.63
C ALA A 1079 -5.47 -8.40 -30.49
N SER A 1080 -4.38 -7.87 -29.94
CA SER A 1080 -3.55 -6.90 -30.66
C SER A 1080 -4.28 -5.59 -30.97
N VAL A 1081 -5.49 -5.41 -30.43
CA VAL A 1081 -6.25 -4.20 -30.73
C VAL A 1081 -6.17 -3.08 -29.70
N SER A 1082 -5.39 -3.27 -28.64
CA SER A 1082 -5.29 -2.27 -27.59
C SER A 1082 -4.98 -0.85 -28.08
N THR A 1083 -3.99 -0.73 -28.96
CA THR A 1083 -3.62 0.58 -29.49
C THR A 1083 -4.80 1.16 -30.25
N ASP A 1084 -5.42 0.31 -31.07
CA ASP A 1084 -6.57 0.69 -31.88
C ASP A 1084 -7.72 1.26 -31.05
N ILE A 1085 -8.18 0.49 -30.07
CA ILE A 1085 -9.32 0.91 -29.28
C ILE A 1085 -9.06 1.91 -28.15
N TYR A 1086 -7.99 1.72 -27.37
CA TYR A 1086 -7.71 2.68 -26.31
C TYR A 1086 -7.19 3.97 -26.93
N GLY A 1087 -6.57 3.85 -28.10
CA GLY A 1087 -6.06 5.04 -28.77
C GLY A 1087 -7.23 5.93 -29.14
N GLN A 1088 -8.32 5.30 -29.55
CA GLN A 1088 -9.52 6.04 -29.93
C GLN A 1088 -10.18 6.66 -28.69
N ALA A 1089 -10.25 5.88 -27.60
CA ALA A 1089 -10.84 6.38 -26.36
C ALA A 1089 -10.07 7.56 -25.82
N VAL A 1090 -8.74 7.46 -25.85
CA VAL A 1090 -7.87 8.54 -25.39
C VAL A 1090 -8.10 9.77 -26.28
N TYR A 1091 -8.16 9.53 -27.58
CA TYR A 1091 -8.39 10.59 -28.56
C TYR A 1091 -9.68 11.34 -28.29
N GLU A 1092 -10.77 10.61 -28.08
CA GLU A 1092 -12.05 11.24 -27.82
C GLU A 1092 -12.01 12.07 -26.54
N ALA A 1093 -11.35 11.56 -25.51
CA ALA A 1093 -11.23 12.29 -24.25
C ALA A 1093 -10.47 13.59 -24.49
N CYS A 1094 -9.42 13.53 -25.30
CA CYS A 1094 -8.64 14.71 -25.60
C CYS A 1094 -9.49 15.75 -26.37
N GLN A 1095 -10.34 15.27 -27.27
CA GLN A 1095 -11.20 16.18 -28.03
C GLN A 1095 -12.11 16.96 -27.09
N THR A 1096 -12.68 16.26 -26.11
CA THR A 1096 -13.58 16.90 -25.16
C THR A 1096 -12.81 17.97 -24.38
N ILE A 1097 -11.59 17.64 -23.97
CA ILE A 1097 -10.76 18.60 -23.24
C ILE A 1097 -10.54 19.84 -24.11
N LEU A 1098 -10.14 19.62 -25.36
CA LEU A 1098 -9.91 20.72 -26.30
C LEU A 1098 -11.15 21.58 -26.47
N LYS A 1099 -12.31 20.93 -26.54
CA LYS A 1099 -13.59 21.63 -26.71
C LYS A 1099 -13.82 22.57 -25.53
N ARG A 1100 -13.49 22.10 -24.34
CA ARG A 1100 -13.67 22.89 -23.12
C ARG A 1100 -12.68 24.04 -22.97
N LEU A 1101 -11.48 23.89 -23.53
CA LEU A 1101 -10.47 24.95 -23.44
C LEU A 1101 -10.60 25.96 -24.57
N GLU A 1102 -11.30 25.57 -25.63
CA GLU A 1102 -11.50 26.42 -26.80
C GLU A 1102 -11.82 27.88 -26.50
N PRO A 1103 -12.85 28.16 -25.70
CA PRO A 1103 -13.22 29.54 -25.37
C PRO A 1103 -12.07 30.34 -24.78
N PHE A 1104 -11.26 29.68 -23.94
CA PHE A 1104 -10.15 30.35 -23.31
C PHE A 1104 -8.99 30.54 -24.27
N LYS A 1105 -8.88 29.65 -25.26
CA LYS A 1105 -7.84 29.75 -26.25
C LYS A 1105 -8.16 30.95 -27.14
N LYS A 1106 -9.41 31.05 -27.58
CA LYS A 1106 -9.86 32.16 -28.43
C LYS A 1106 -9.65 33.49 -27.71
N LYS A 1107 -9.98 33.52 -26.43
CA LYS A 1107 -9.83 34.73 -25.62
C LYS A 1107 -8.37 35.16 -25.44
N ASN A 1108 -7.47 34.19 -25.34
CA ASN A 1108 -6.05 34.48 -25.15
C ASN A 1108 -5.21 33.63 -26.11
N PRO A 1109 -5.32 33.91 -27.42
CA PRO A 1109 -4.62 33.22 -28.51
C PRO A 1109 -3.12 33.02 -28.33
N ASP A 1110 -2.44 34.05 -27.84
CA ASP A 1110 -1.00 33.97 -27.64
C ASP A 1110 -0.63 33.36 -26.29
N GLY A 1111 -1.64 32.92 -25.56
CA GLY A 1111 -1.39 32.32 -24.26
C GLY A 1111 -0.78 30.94 -24.38
N SER A 1112 -0.41 30.36 -23.24
CA SER A 1112 0.20 29.03 -23.22
C SER A 1112 -0.83 28.02 -22.74
N TRP A 1113 -0.51 26.74 -22.94
CA TRP A 1113 -1.36 25.65 -22.52
C TRP A 1113 -1.68 25.87 -21.04
N GLU A 1114 -0.66 26.18 -20.27
CA GLU A 1114 -0.83 26.41 -18.83
C GLU A 1114 -1.79 27.56 -18.53
N ASP A 1115 -1.72 28.63 -19.32
CA ASP A 1115 -2.61 29.78 -19.12
C ASP A 1115 -4.06 29.37 -19.36
N TRP A 1116 -4.30 28.66 -20.46
CA TRP A 1116 -5.65 28.23 -20.80
C TRP A 1116 -6.22 27.29 -19.76
N VAL A 1117 -5.39 26.37 -19.28
CA VAL A 1117 -5.81 25.41 -18.28
C VAL A 1117 -6.22 26.12 -16.98
N MET A 1118 -5.39 27.05 -16.51
CA MET A 1118 -5.71 27.76 -15.29
C MET A 1118 -6.94 28.65 -15.47
N ALA A 1119 -7.11 29.22 -16.65
CA ALA A 1119 -8.26 30.07 -16.91
C ALA A 1119 -9.54 29.23 -16.82
N ALA A 1120 -9.50 28.05 -17.42
CA ALA A 1120 -10.65 27.16 -17.41
C ALA A 1120 -11.00 26.77 -15.97
N TYR A 1121 -9.98 26.42 -15.19
CA TYR A 1121 -10.19 26.05 -13.81
C TYR A 1121 -10.85 27.22 -13.06
N GLN A 1122 -10.27 28.40 -13.19
CA GLN A 1122 -10.81 29.60 -12.54
C GLN A 1122 -12.23 29.92 -12.96
N ASP A 1123 -12.60 29.52 -14.17
CA ASP A 1123 -13.94 29.79 -14.66
C ASP A 1123 -14.87 28.61 -14.34
N ARG A 1124 -14.36 27.68 -13.54
CA ARG A 1124 -15.11 26.50 -13.15
C ARG A 1124 -15.57 25.63 -14.32
N VAL A 1125 -14.62 25.29 -15.18
CA VAL A 1125 -14.87 24.41 -16.31
C VAL A 1125 -14.15 23.12 -15.91
N SER A 1126 -14.86 22.00 -15.94
CA SER A 1126 -14.27 20.72 -15.57
C SER A 1126 -13.13 20.31 -16.48
N LEU A 1127 -12.02 19.88 -15.88
CA LEU A 1127 -10.85 19.45 -16.65
C LEU A 1127 -10.71 17.93 -16.55
N SER A 1128 -11.82 17.25 -16.36
CA SER A 1128 -11.81 15.79 -16.26
C SER A 1128 -12.86 15.21 -17.18
N THR A 1129 -12.51 14.18 -17.92
CA THR A 1129 -13.48 13.57 -18.81
C THR A 1129 -13.13 12.15 -19.20
N THR A 1130 -14.14 11.40 -19.60
CA THR A 1130 -13.95 10.04 -20.05
C THR A 1130 -13.87 10.07 -21.57
N GLY A 1131 -13.50 8.94 -22.15
CA GLY A 1131 -13.40 8.80 -23.59
C GLY A 1131 -13.84 7.36 -23.80
N PHE A 1132 -14.47 7.07 -24.94
CA PHE A 1132 -14.94 5.70 -25.17
C PHE A 1132 -14.95 5.39 -26.65
N TYR A 1133 -14.76 4.13 -26.99
CA TYR A 1133 -14.76 3.71 -28.38
C TYR A 1133 -15.33 2.30 -28.53
N ARG A 1134 -16.10 2.13 -29.59
CA ARG A 1134 -16.76 0.87 -29.92
C ARG A 1134 -16.46 0.59 -31.40
N THR A 1135 -15.68 -0.44 -31.69
CA THR A 1135 -15.35 -0.76 -33.08
C THR A 1135 -16.64 -1.03 -33.86
N PRO A 1136 -16.86 -0.31 -34.96
CA PRO A 1136 -18.07 -0.48 -35.78
C PRO A 1136 -18.10 -1.65 -36.76
N ASN A 1137 -19.31 -1.99 -37.19
CA ASN A 1137 -19.56 -3.03 -38.18
C ASN A 1137 -18.95 -4.41 -37.95
N LEU A 1138 -19.07 -4.93 -36.72
CA LEU A 1138 -18.54 -6.25 -36.43
C LEU A 1138 -19.69 -7.18 -36.07
N GLY A 1139 -19.52 -8.47 -36.36
CA GLY A 1139 -20.55 -9.43 -36.04
C GLY A 1139 -20.69 -10.55 -37.05
N TYR A 1140 -19.80 -11.54 -36.95
CA TYR A 1140 -19.84 -12.69 -37.85
C TYR A 1140 -20.70 -13.77 -37.21
N SER A 1141 -21.31 -14.60 -38.06
CA SER A 1141 -22.14 -15.69 -37.58
C SER A 1141 -21.74 -16.98 -38.28
N PHE A 1142 -21.38 -18.00 -37.50
CA PHE A 1142 -21.00 -19.28 -38.08
C PHE A 1142 -22.19 -19.97 -38.72
N GLU A 1143 -23.40 -19.63 -38.26
CA GLU A 1143 -24.62 -20.22 -38.80
C GLU A 1143 -24.94 -19.81 -40.24
N THR A 1144 -24.62 -18.57 -40.58
CA THR A 1144 -24.90 -18.06 -41.92
C THR A 1144 -23.62 -17.78 -42.71
N ASN A 1145 -22.47 -17.92 -42.04
CA ASN A 1145 -21.17 -17.66 -42.64
C ASN A 1145 -21.18 -16.26 -43.28
N SER A 1146 -21.61 -15.27 -42.51
CA SER A 1146 -21.66 -13.90 -42.99
C SER A 1146 -21.39 -12.94 -41.83
N GLY A 1147 -21.17 -11.68 -42.17
CA GLY A 1147 -20.89 -10.67 -41.15
C GLY A 1147 -19.40 -10.48 -41.00
N ASN A 1148 -18.97 -9.27 -40.62
CA ASN A 1148 -17.55 -8.98 -40.46
C ASN A 1148 -16.98 -9.55 -39.17
N ALA A 1149 -16.04 -10.48 -39.30
CA ALA A 1149 -15.40 -11.08 -38.15
C ALA A 1149 -14.30 -10.15 -37.64
N PHE A 1150 -13.66 -9.45 -38.57
CA PHE A 1150 -12.59 -8.54 -38.21
C PHE A 1150 -12.80 -7.14 -38.77
N HIS A 1151 -12.13 -6.17 -38.15
CA HIS A 1151 -12.25 -4.79 -38.59
C HIS A 1151 -11.37 -4.60 -39.83
N TYR A 1152 -10.24 -5.30 -39.85
CA TYR A 1152 -9.30 -5.28 -40.96
C TYR A 1152 -8.24 -6.34 -40.68
N PHE A 1153 -7.28 -6.51 -41.59
CA PHE A 1153 -6.23 -7.50 -41.40
C PHE A 1153 -4.85 -6.87 -41.47
N THR A 1154 -3.90 -7.45 -40.74
CA THR A 1154 -2.51 -6.98 -40.77
C THR A 1154 -1.79 -8.01 -41.63
N TYR A 1155 -0.87 -7.53 -42.48
CA TYR A 1155 -0.15 -8.43 -43.39
C TYR A 1155 1.37 -8.37 -43.29
N GLY A 1156 2.01 -9.40 -43.81
CA GLY A 1156 3.45 -9.46 -43.81
C GLY A 1156 3.98 -10.65 -44.59
N VAL A 1157 5.27 -10.61 -44.91
CA VAL A 1157 5.93 -11.68 -45.63
C VAL A 1157 7.33 -11.85 -45.08
N ALA A 1158 7.79 -13.09 -44.98
CA ALA A 1158 9.12 -13.36 -44.46
C ALA A 1158 9.83 -14.42 -45.27
N CYS A 1159 11.11 -14.19 -45.50
CA CYS A 1159 11.94 -15.14 -46.23
C CYS A 1159 13.08 -15.51 -45.30
N SER A 1160 13.25 -16.80 -45.05
CA SER A 1160 14.32 -17.27 -44.18
C SER A 1160 15.15 -18.36 -44.84
N GLU A 1161 16.44 -18.37 -44.51
CA GLU A 1161 17.36 -19.35 -45.06
C GLU A 1161 18.03 -20.02 -43.87
N VAL A 1162 18.26 -21.33 -43.96
CA VAL A 1162 18.90 -22.07 -42.89
C VAL A 1162 19.92 -23.06 -43.46
N GLU A 1163 20.75 -23.58 -42.56
CA GLU A 1163 21.74 -24.59 -42.92
C GLU A 1163 21.65 -25.65 -41.83
N ILE A 1164 21.30 -26.88 -42.22
CA ILE A 1164 21.19 -27.97 -41.26
C ILE A 1164 22.39 -28.90 -41.28
N ASP A 1165 22.66 -29.52 -40.14
CA ASP A 1165 23.74 -30.49 -40.03
C ASP A 1165 22.99 -31.80 -40.13
N CYS A 1166 23.10 -32.44 -41.29
CA CYS A 1166 22.40 -33.69 -41.54
C CYS A 1166 22.81 -34.82 -40.62
N LEU A 1167 23.95 -34.67 -39.95
CA LEU A 1167 24.44 -35.70 -39.05
C LEU A 1167 24.04 -35.55 -37.58
N THR A 1168 23.67 -34.34 -37.16
CA THR A 1168 23.30 -34.11 -35.76
C THR A 1168 21.88 -33.58 -35.55
N GLY A 1169 21.35 -32.89 -36.56
CA GLY A 1169 20.00 -32.34 -36.43
C GLY A 1169 20.02 -30.86 -36.07
N ASP A 1170 21.19 -30.36 -35.69
CA ASP A 1170 21.31 -28.96 -35.33
C ASP A 1170 21.26 -28.15 -36.64
N HIS A 1171 20.95 -26.86 -36.51
CA HIS A 1171 20.88 -26.01 -37.69
C HIS A 1171 21.20 -24.58 -37.33
N LYS A 1172 21.52 -23.79 -38.34
CA LYS A 1172 21.84 -22.40 -38.14
C LYS A 1172 20.86 -21.55 -38.95
N ASN A 1173 20.35 -20.49 -38.33
CA ASN A 1173 19.43 -19.60 -39.03
C ASN A 1173 20.34 -18.55 -39.69
N LEU A 1174 20.56 -18.71 -40.99
CA LEU A 1174 21.45 -17.83 -41.73
C LEU A 1174 20.95 -16.42 -41.99
N ARG A 1175 19.74 -16.31 -42.50
CA ARG A 1175 19.19 -15.00 -42.80
C ARG A 1175 17.68 -14.99 -42.89
N THR A 1176 17.11 -13.88 -42.44
CA THR A 1176 15.66 -13.68 -42.47
C THR A 1176 15.37 -12.25 -42.87
N ASP A 1177 14.45 -12.10 -43.83
CA ASP A 1177 14.04 -10.79 -44.33
C ASP A 1177 12.54 -10.71 -44.14
N ILE A 1178 12.10 -9.65 -43.48
CA ILE A 1178 10.67 -9.45 -43.22
C ILE A 1178 10.16 -8.11 -43.75
N VAL A 1179 8.99 -8.14 -44.37
CA VAL A 1179 8.36 -6.92 -44.85
C VAL A 1179 6.99 -6.98 -44.21
N MET A 1180 6.71 -6.03 -43.32
CA MET A 1180 5.45 -6.01 -42.60
C MET A 1180 4.60 -4.79 -42.89
N ASP A 1181 3.30 -4.99 -43.04
CA ASP A 1181 2.38 -3.89 -43.28
C ASP A 1181 1.70 -3.54 -41.95
N VAL A 1182 2.16 -2.45 -41.34
CA VAL A 1182 1.58 -1.98 -40.09
C VAL A 1182 0.97 -0.61 -40.36
N GLY A 1183 0.54 -0.39 -41.59
CA GLY A 1183 -0.05 0.89 -41.96
C GLY A 1183 0.94 2.00 -41.65
N SER A 1184 0.43 3.15 -41.24
CA SER A 1184 1.32 4.25 -40.88
C SER A 1184 1.63 4.05 -39.40
N SER A 1185 2.77 3.41 -39.13
CA SER A 1185 3.17 3.11 -37.75
C SER A 1185 3.13 4.30 -36.81
N LEU A 1186 2.61 4.10 -35.61
CA LEU A 1186 2.55 5.16 -34.60
C LEU A 1186 3.93 5.33 -34.00
N ASN A 1187 4.70 4.25 -34.04
CA ASN A 1187 6.05 4.23 -33.49
C ASN A 1187 6.79 3.08 -34.16
N PRO A 1188 7.58 3.37 -35.20
CA PRO A 1188 8.32 2.33 -35.91
C PRO A 1188 9.31 1.54 -35.07
N ALA A 1189 9.82 2.14 -34.00
CA ALA A 1189 10.77 1.44 -33.14
C ALA A 1189 10.02 0.33 -32.40
N ILE A 1190 8.91 0.70 -31.79
CA ILE A 1190 8.09 -0.26 -31.04
C ILE A 1190 7.52 -1.33 -31.98
N ASP A 1191 7.06 -0.93 -33.15
CA ASP A 1191 6.47 -1.89 -34.09
C ASP A 1191 7.47 -2.89 -34.66
N ILE A 1192 8.68 -2.43 -34.96
CA ILE A 1192 9.70 -3.34 -35.47
C ILE A 1192 10.07 -4.29 -34.34
N GLY A 1193 10.08 -3.77 -33.11
CA GLY A 1193 10.39 -4.59 -31.96
C GLY A 1193 9.32 -5.66 -31.78
N GLN A 1194 8.09 -5.30 -32.09
CA GLN A 1194 6.99 -6.25 -31.98
C GLN A 1194 7.14 -7.31 -33.08
N VAL A 1195 7.56 -6.86 -34.27
CA VAL A 1195 7.78 -7.77 -35.38
C VAL A 1195 8.92 -8.75 -35.07
N GLU A 1196 10.03 -8.24 -34.57
CA GLU A 1196 11.15 -9.13 -34.26
C GLU A 1196 10.85 -10.04 -33.09
N GLY A 1197 10.19 -9.50 -32.07
CA GLY A 1197 9.85 -10.29 -30.90
C GLY A 1197 8.88 -11.41 -31.24
N ALA A 1198 7.84 -11.08 -31.99
CA ALA A 1198 6.83 -12.04 -32.39
C ALA A 1198 7.46 -13.12 -33.27
N PHE A 1199 8.25 -12.68 -34.25
CA PHE A 1199 8.90 -13.62 -35.15
C PHE A 1199 9.76 -14.61 -34.38
N VAL A 1200 10.51 -14.12 -33.39
CA VAL A 1200 11.37 -15.01 -32.63
C VAL A 1200 10.57 -16.01 -31.77
N GLN A 1201 9.45 -15.57 -31.21
CA GLN A 1201 8.63 -16.50 -30.42
C GLN A 1201 8.08 -17.57 -31.36
N GLY A 1202 7.77 -17.18 -32.59
CA GLY A 1202 7.25 -18.12 -33.55
C GLY A 1202 8.35 -19.11 -33.93
N LEU A 1203 9.56 -18.57 -34.07
CA LEU A 1203 10.72 -19.37 -34.40
C LEU A 1203 10.87 -20.42 -33.31
N GLY A 1204 10.66 -20.01 -32.07
CA GLY A 1204 10.75 -20.94 -30.95
C GLY A 1204 9.68 -22.01 -31.04
N LEU A 1205 8.44 -21.59 -31.25
CA LEU A 1205 7.32 -22.54 -31.35
C LEU A 1205 7.55 -23.63 -32.39
N PHE A 1206 8.03 -23.24 -33.56
CA PHE A 1206 8.22 -24.17 -34.67
C PHE A 1206 9.55 -24.91 -34.75
N THR A 1207 10.56 -24.49 -33.99
CA THR A 1207 11.86 -25.14 -34.11
C THR A 1207 12.65 -25.47 -32.85
N LEU A 1208 12.30 -24.90 -31.70
CA LEU A 1208 13.08 -25.15 -30.49
C LEU A 1208 12.31 -25.61 -29.27
N GLU A 1209 11.16 -24.98 -29.03
CA GLU A 1209 10.33 -25.25 -27.87
C GLU A 1209 9.48 -26.52 -27.95
N GLU A 1210 9.65 -27.38 -26.95
CA GLU A 1210 8.92 -28.63 -26.90
C GLU A 1210 8.67 -29.07 -25.46
N LEU A 1211 7.40 -29.30 -25.14
CA LEU A 1211 7.04 -29.74 -23.80
C LEU A 1211 6.89 -31.26 -23.86
N HIS A 1212 7.38 -31.95 -22.83
CA HIS A 1212 7.28 -33.41 -22.78
C HIS A 1212 6.54 -33.84 -21.51
N TYR A 1213 5.62 -34.80 -21.67
CA TYR A 1213 4.85 -35.33 -20.55
C TYR A 1213 4.96 -36.85 -20.46
N SER A 1214 4.84 -37.37 -19.25
CA SER A 1214 4.90 -38.82 -19.04
C SER A 1214 3.59 -39.37 -19.61
N PRO A 1215 3.51 -40.70 -19.82
CA PRO A 1215 2.27 -41.26 -20.35
C PRO A 1215 1.08 -40.98 -19.45
N GLU A 1216 1.35 -40.80 -18.16
CA GLU A 1216 0.27 -40.53 -17.20
C GLU A 1216 -0.08 -39.04 -17.09
N GLY A 1217 0.49 -38.22 -17.96
CA GLY A 1217 0.17 -36.80 -17.96
C GLY A 1217 0.94 -35.85 -17.06
N SER A 1218 2.15 -36.22 -16.64
CA SER A 1218 2.94 -35.35 -15.79
C SER A 1218 4.01 -34.64 -16.59
N LEU A 1219 3.99 -33.31 -16.57
CA LEU A 1219 4.96 -32.51 -17.31
C LEU A 1219 6.39 -32.76 -16.83
N HIS A 1220 7.27 -33.10 -17.78
CA HIS A 1220 8.68 -33.34 -17.49
C HIS A 1220 9.48 -32.05 -17.58
N THR A 1221 9.21 -31.27 -18.62
CA THR A 1221 9.91 -30.01 -18.89
C THR A 1221 9.33 -28.84 -18.10
N ARG A 1222 9.95 -28.54 -16.96
CA ARG A 1222 9.47 -27.46 -16.10
C ARG A 1222 10.48 -26.34 -15.81
N GLY A 1223 11.45 -26.14 -16.69
CA GLY A 1223 12.43 -25.09 -16.45
C GLY A 1223 13.23 -24.80 -17.71
N PRO A 1224 14.00 -23.70 -17.74
CA PRO A 1224 14.80 -23.38 -18.94
C PRO A 1224 15.88 -24.42 -19.23
N SER A 1225 16.20 -25.26 -18.25
CA SER A 1225 17.22 -26.27 -18.47
C SER A 1225 16.70 -27.36 -19.40
N THR A 1226 15.39 -27.57 -19.42
CA THR A 1226 14.79 -28.60 -20.24
C THR A 1226 13.82 -28.05 -21.30
N TYR A 1227 13.46 -26.78 -21.17
CA TYR A 1227 12.56 -26.14 -22.13
C TYR A 1227 13.39 -25.02 -22.73
N LYS A 1228 13.71 -25.14 -24.01
CA LYS A 1228 14.55 -24.15 -24.67
C LYS A 1228 13.86 -23.11 -25.53
N ILE A 1229 13.79 -21.88 -25.03
CA ILE A 1229 13.21 -20.80 -25.82
C ILE A 1229 14.39 -20.21 -26.60
N PRO A 1230 14.11 -19.37 -27.60
CA PRO A 1230 15.23 -18.79 -28.35
C PRO A 1230 16.22 -18.03 -27.47
N ALA A 1231 17.51 -18.23 -27.73
CA ALA A 1231 18.58 -17.57 -26.99
C ALA A 1231 19.19 -16.49 -27.89
N PHE A 1232 20.10 -15.69 -27.34
CA PHE A 1232 20.75 -14.65 -28.13
C PHE A 1232 21.31 -15.27 -29.41
N GLY A 1233 21.94 -16.42 -29.28
CA GLY A 1233 22.54 -17.09 -30.43
C GLY A 1233 21.59 -17.78 -31.39
N SER A 1234 20.30 -17.80 -31.07
CA SER A 1234 19.30 -18.46 -31.91
C SER A 1234 18.78 -17.63 -33.08
N ILE A 1235 18.87 -16.31 -32.99
CA ILE A 1235 18.34 -15.45 -34.05
C ILE A 1235 19.13 -15.49 -35.35
N PRO A 1236 18.48 -15.21 -36.47
CA PRO A 1236 19.16 -15.23 -37.76
C PRO A 1236 20.35 -14.28 -37.76
N THR A 1237 21.49 -14.76 -38.26
CA THR A 1237 22.72 -13.98 -38.32
C THR A 1237 22.50 -12.65 -39.04
N GLU A 1238 21.77 -12.70 -40.14
CA GLU A 1238 21.43 -11.51 -40.89
C GLU A 1238 19.93 -11.41 -40.69
N PHE A 1239 19.51 -10.38 -39.96
CA PHE A 1239 18.10 -10.18 -39.61
C PHE A 1239 17.64 -8.82 -40.13
N ARG A 1240 16.79 -8.82 -41.16
CA ARG A 1240 16.31 -7.57 -41.75
C ARG A 1240 14.80 -7.40 -41.63
N VAL A 1241 14.38 -6.21 -41.20
CA VAL A 1241 12.96 -5.91 -41.06
C VAL A 1241 12.63 -4.58 -41.73
N SER A 1242 11.56 -4.59 -42.55
CA SER A 1242 11.12 -3.39 -43.25
C SER A 1242 9.62 -3.22 -43.02
N LEU A 1243 9.20 -1.99 -42.74
CA LEU A 1243 7.79 -1.70 -42.55
C LEU A 1243 7.32 -1.12 -43.89
N LEU A 1244 6.29 -1.74 -44.47
CA LEU A 1244 5.75 -1.30 -45.74
C LEU A 1244 5.48 0.20 -45.71
N ARG A 1245 5.90 0.92 -46.75
CA ARG A 1245 5.66 2.36 -46.78
C ARG A 1245 4.43 2.74 -47.59
N ASP A 1246 3.95 3.96 -47.34
CA ASP A 1246 2.78 4.50 -48.03
C ASP A 1246 1.61 3.54 -48.07
N CYS A 1247 1.11 3.16 -46.90
CA CYS A 1247 -0.02 2.25 -46.82
C CYS A 1247 -0.92 2.59 -45.63
N PRO A 1248 -1.37 3.86 -45.54
CA PRO A 1248 -2.22 4.27 -44.42
C PRO A 1248 -3.47 3.40 -44.27
N ASN A 1249 -3.80 3.09 -43.02
CA ASN A 1249 -4.98 2.29 -42.72
C ASN A 1249 -6.06 3.18 -42.13
N LYS A 1250 -7.03 3.54 -42.96
CA LYS A 1250 -8.12 4.42 -42.54
C LYS A 1250 -9.04 3.84 -41.46
N LYS A 1251 -8.89 2.56 -41.15
CA LYS A 1251 -9.75 1.96 -40.15
C LYS A 1251 -9.22 1.96 -38.71
N ALA A 1252 -8.06 2.58 -38.50
CA ALA A 1252 -7.49 2.63 -37.14
C ALA A 1252 -6.87 4.00 -36.84
N ILE A 1253 -6.70 4.26 -35.55
CA ILE A 1253 -6.14 5.52 -35.05
C ILE A 1253 -4.91 5.99 -35.82
N TYR A 1254 -4.98 7.22 -36.31
CA TYR A 1254 -3.88 7.83 -37.06
C TYR A 1254 -3.31 6.95 -38.18
N ALA A 1255 -4.20 6.17 -38.80
CA ALA A 1255 -3.84 5.32 -39.92
C ALA A 1255 -2.87 4.16 -39.64
N SER A 1256 -2.79 3.73 -38.38
CA SER A 1256 -1.90 2.64 -38.01
C SER A 1256 -2.60 1.28 -38.07
N LYS A 1257 -1.85 0.22 -37.77
CA LYS A 1257 -2.40 -1.14 -37.76
C LYS A 1257 -1.87 -1.92 -36.54
N ALA A 1258 -2.69 -2.85 -36.06
CA ALA A 1258 -2.30 -3.71 -34.94
C ALA A 1258 -1.07 -4.51 -35.35
N VAL A 1259 -0.14 -4.71 -34.42
CA VAL A 1259 1.10 -5.41 -34.73
C VAL A 1259 1.49 -6.52 -33.74
N GLY A 1260 0.85 -6.52 -32.58
CA GLY A 1260 1.18 -7.51 -31.55
C GLY A 1260 1.36 -8.96 -31.97
N GLU A 1261 0.31 -9.56 -32.51
CA GLU A 1261 0.34 -10.98 -32.89
C GLU A 1261 0.66 -11.35 -34.34
N PRO A 1262 0.15 -10.57 -35.30
CA PRO A 1262 0.38 -10.85 -36.72
C PRO A 1262 1.74 -11.38 -37.18
N PRO A 1263 2.85 -10.82 -36.67
CA PRO A 1263 4.16 -11.30 -37.13
C PRO A 1263 4.62 -12.68 -36.65
N LEU A 1264 4.04 -13.18 -35.56
CA LEU A 1264 4.48 -14.46 -35.03
C LEU A 1264 4.53 -15.61 -36.03
N PHE A 1265 3.46 -15.83 -36.79
CA PHE A 1265 3.48 -16.95 -37.73
C PHE A 1265 4.61 -16.88 -38.75
N LEU A 1266 5.14 -15.69 -39.01
CA LEU A 1266 6.21 -15.57 -39.99
C LEU A 1266 7.45 -16.37 -39.57
N GLY A 1267 7.49 -16.78 -38.30
CA GLY A 1267 8.61 -17.57 -37.83
C GLY A 1267 8.59 -18.94 -38.49
N ALA A 1268 7.43 -19.31 -39.03
CA ALA A 1268 7.27 -20.61 -39.69
C ALA A 1268 8.14 -20.65 -40.95
N SER A 1269 8.59 -19.49 -41.41
CA SER A 1269 9.43 -19.44 -42.59
C SER A 1269 10.70 -20.24 -42.31
N VAL A 1270 11.11 -20.26 -41.04
CA VAL A 1270 12.30 -21.00 -40.65
C VAL A 1270 12.02 -22.49 -40.68
N PHE A 1271 10.81 -22.86 -40.28
CA PHE A 1271 10.39 -24.26 -40.27
C PHE A 1271 10.42 -24.82 -41.68
N PHE A 1272 9.77 -24.13 -42.61
CA PHE A 1272 9.73 -24.61 -43.98
C PHE A 1272 11.05 -24.52 -44.72
N ALA A 1273 11.94 -23.66 -44.25
CA ALA A 1273 13.26 -23.55 -44.87
C ALA A 1273 13.99 -24.82 -44.44
N ILE A 1274 13.77 -25.22 -43.19
CA ILE A 1274 14.38 -26.43 -42.64
C ILE A 1274 13.86 -27.64 -43.41
N LYS A 1275 12.56 -27.66 -43.68
CA LYS A 1275 11.95 -28.77 -44.41
C LYS A 1275 12.54 -28.86 -45.82
N ASP A 1276 12.80 -27.71 -46.42
CA ASP A 1276 13.39 -27.65 -47.75
C ASP A 1276 14.77 -28.30 -47.68
N ALA A 1277 15.51 -27.99 -46.62
CA ALA A 1277 16.85 -28.54 -46.42
C ALA A 1277 16.81 -30.06 -46.21
N ILE A 1278 15.85 -30.52 -45.41
CA ILE A 1278 15.72 -31.95 -45.16
C ILE A 1278 15.44 -32.66 -46.48
N ARG A 1279 14.61 -32.02 -47.31
CA ARG A 1279 14.28 -32.59 -48.60
C ARG A 1279 15.56 -32.78 -49.43
N ALA A 1280 16.47 -31.82 -49.37
CA ALA A 1280 17.73 -31.92 -50.10
C ALA A 1280 18.56 -33.08 -49.54
N ALA A 1281 18.50 -33.26 -48.23
CA ALA A 1281 19.24 -34.33 -47.56
C ALA A 1281 18.68 -35.70 -47.95
N ARG A 1282 17.36 -35.82 -48.03
CA ARG A 1282 16.74 -37.09 -48.39
C ARG A 1282 17.05 -37.45 -49.84
N ALA A 1283 17.16 -36.44 -50.69
CA ALA A 1283 17.48 -36.68 -52.10
C ALA A 1283 18.93 -37.13 -52.19
N GLN A 1284 19.72 -36.68 -51.23
CA GLN A 1284 21.14 -37.00 -51.15
C GLN A 1284 21.41 -38.43 -50.68
N HIS A 1285 20.73 -38.85 -49.62
CA HIS A 1285 20.96 -40.20 -49.07
C HIS A 1285 19.75 -41.12 -48.91
N THR A 1286 18.55 -40.55 -48.93
CA THR A 1286 17.36 -41.37 -48.75
C THR A 1286 16.83 -42.00 -50.04
N ASN A 1287 15.87 -41.34 -50.68
CA ASN A 1287 15.28 -41.86 -51.91
C ASN A 1287 15.79 -41.14 -53.16
N ASN A 1288 15.06 -41.31 -54.25
CA ASN A 1288 15.39 -40.67 -55.52
C ASN A 1288 14.12 -40.07 -56.11
N ASN A 1289 13.02 -40.23 -55.39
CA ASN A 1289 11.73 -39.71 -55.85
C ASN A 1289 11.57 -38.26 -55.43
N THR A 1290 11.73 -37.37 -56.41
CA THR A 1290 11.64 -35.93 -56.20
C THR A 1290 10.30 -35.43 -55.67
N LYS A 1291 9.23 -36.18 -55.93
CA LYS A 1291 7.91 -35.76 -55.48
C LYS A 1291 7.38 -36.54 -54.29
N GLU A 1292 8.28 -37.25 -53.60
CA GLU A 1292 7.89 -38.02 -52.42
C GLU A 1292 7.61 -37.05 -51.27
N LEU A 1293 6.53 -37.30 -50.53
CA LEU A 1293 6.18 -36.44 -49.41
C LEU A 1293 6.48 -37.14 -48.10
N PHE A 1294 7.03 -36.39 -47.15
CA PHE A 1294 7.35 -36.95 -45.84
C PHE A 1294 6.76 -36.03 -44.80
N ARG A 1295 6.25 -36.61 -43.72
CA ARG A 1295 5.64 -35.81 -42.66
C ARG A 1295 6.67 -35.21 -41.72
N LEU A 1296 6.46 -33.95 -41.35
CA LEU A 1296 7.34 -33.27 -40.41
C LEU A 1296 6.45 -32.42 -39.51
N ASP A 1297 6.27 -32.89 -38.28
CA ASP A 1297 5.44 -32.16 -37.32
C ASP A 1297 6.25 -31.04 -36.68
N SER A 1298 5.53 -30.15 -35.99
CA SER A 1298 6.15 -29.02 -35.28
C SER A 1298 6.14 -29.40 -33.81
N PRO A 1299 7.22 -29.04 -33.08
CA PRO A 1299 8.39 -28.30 -33.54
C PRO A 1299 9.42 -29.17 -34.25
N ALA A 1300 10.09 -28.60 -35.25
CA ALA A 1300 11.12 -29.31 -35.99
C ALA A 1300 12.42 -29.19 -35.20
N THR A 1301 12.52 -30.01 -34.14
CA THR A 1301 13.67 -30.03 -33.25
C THR A 1301 14.80 -30.85 -33.88
N PRO A 1302 16.00 -30.82 -33.26
CA PRO A 1302 17.09 -31.61 -33.84
C PRO A 1302 16.73 -33.09 -33.95
N GLU A 1303 15.93 -33.59 -33.01
CA GLU A 1303 15.52 -34.99 -33.07
C GLU A 1303 14.77 -35.27 -34.37
N LYS A 1304 13.75 -34.46 -34.64
CA LYS A 1304 12.94 -34.65 -35.84
C LYS A 1304 13.75 -34.41 -37.11
N ILE A 1305 14.60 -33.39 -37.09
CA ILE A 1305 15.42 -33.08 -38.25
C ILE A 1305 16.34 -34.24 -38.58
N ARG A 1306 17.06 -34.74 -37.58
CA ARG A 1306 18.00 -35.85 -37.78
C ARG A 1306 17.31 -37.11 -38.27
N ASN A 1307 16.26 -37.53 -37.57
CA ASN A 1307 15.53 -38.74 -37.94
C ASN A 1307 14.99 -38.65 -39.37
N ALA A 1308 14.68 -37.44 -39.82
CA ALA A 1308 14.16 -37.23 -41.16
C ALA A 1308 15.25 -37.34 -42.22
N CYS A 1309 16.50 -37.10 -41.81
CA CYS A 1309 17.62 -37.20 -42.74
C CYS A 1309 18.07 -38.65 -42.80
N VAL A 1310 17.18 -39.50 -43.32
CA VAL A 1310 17.42 -40.92 -43.45
C VAL A 1310 18.69 -41.21 -44.24
N ASP A 1311 19.57 -42.02 -43.65
CA ASP A 1311 20.84 -42.37 -44.30
C ASP A 1311 21.30 -43.76 -43.85
N LYS A 1312 22.56 -44.07 -44.12
CA LYS A 1312 23.11 -45.37 -43.74
C LYS A 1312 23.22 -45.53 -42.23
N PHE A 1313 23.14 -44.43 -41.50
CA PHE A 1313 23.23 -44.47 -40.05
C PHE A 1313 21.87 -44.69 -39.39
N THR A 1314 20.87 -43.90 -39.78
CA THR A 1314 19.54 -44.06 -39.20
C THR A 1314 19.02 -45.44 -39.61
N THR A 1315 19.46 -45.90 -40.77
CA THR A 1315 19.04 -47.19 -41.31
C THR A 1315 19.66 -48.39 -40.60
N LEU A 1316 20.79 -48.19 -39.92
CA LEU A 1316 21.44 -49.29 -39.21
C LEU A 1316 21.06 -49.33 -37.73
N CYS A 1317 20.65 -48.19 -37.19
CA CYS A 1317 20.24 -48.12 -35.79
C CYS A 1317 18.72 -47.97 -35.73
N VAL A 1318 18.05 -48.68 -36.63
CA VAL A 1318 16.59 -48.68 -36.75
C VAL A 1318 15.88 -48.52 -35.41
N THR A 1319 14.72 -47.86 -35.45
CA THR A 1319 13.92 -47.65 -34.25
C THR A 1319 13.52 -48.99 -33.64
N GLY A 1320 14.40 -49.53 -32.81
CA GLY A 1320 14.11 -50.81 -32.17
C GLY A 1320 14.10 -51.96 -33.17
N ALA A 1321 14.64 -53.10 -32.76
CA ALA A 1321 14.69 -54.29 -33.61
C ALA A 1321 15.31 -54.00 -34.98
N PRO A 1322 16.66 -53.88 -35.03
CA PRO A 1322 17.35 -53.60 -36.29
C PRO A 1322 17.58 -54.89 -37.10
N GLY A 1323 18.81 -55.39 -37.07
CA GLY A 1323 19.12 -56.61 -37.79
C GLY A 1323 18.23 -57.76 -37.33
N ASN A 1324 18.09 -57.90 -36.03
CA ASN A 1324 17.26 -58.96 -35.45
C ASN A 1324 15.78 -58.60 -35.54
N CYS A 1325 15.28 -58.43 -36.77
CA CYS A 1325 13.88 -58.06 -36.96
C CYS A 1325 13.36 -58.45 -38.35
N LYS A 1326 13.99 -59.44 -38.97
CA LYS A 1326 13.56 -59.88 -40.29
C LYS A 1326 12.44 -60.90 -40.15
N PRO A 1327 11.25 -60.61 -40.72
CA PRO A 1327 10.11 -61.53 -40.63
C PRO A 1327 10.39 -62.88 -41.28
N TRP A 1328 9.87 -63.94 -40.66
CA TRP A 1328 10.04 -65.30 -41.15
C TRP A 1328 9.60 -65.42 -42.61
N SER A 1329 8.49 -64.76 -42.95
CA SER A 1329 7.97 -64.80 -44.31
C SER A 1329 7.39 -63.46 -44.72
N LEU A 1330 7.42 -63.20 -46.03
CA LEU A 1330 6.88 -61.96 -46.59
C LEU A 1330 5.93 -62.35 -47.72
N ARG A 1331 4.71 -61.86 -47.65
CA ARG A 1331 3.68 -62.19 -48.64
C ARG A 1331 4.00 -61.87 -50.09
N VAL A 1332 3.48 -62.74 -50.96
CA VAL A 1332 3.60 -62.68 -52.41
C VAL A 1332 4.95 -63.18 -52.94
N ALA B 3 13.81 -9.47 26.67
CA ALA B 3 13.37 -8.47 27.69
C ALA B 3 12.42 -9.17 28.70
N ASP B 4 12.70 -10.46 28.92
CA ASP B 4 12.00 -11.41 29.82
C ASP B 4 10.45 -11.59 29.83
N GLU B 5 10.07 -12.75 30.37
CA GLU B 5 8.72 -13.36 30.47
C GLU B 5 7.42 -12.75 31.02
N LEU B 6 6.69 -12.05 30.15
CA LEU B 6 5.41 -11.43 30.52
C LEU B 6 4.24 -12.20 29.87
N VAL B 7 3.29 -12.63 30.69
CA VAL B 7 2.15 -13.41 30.19
C VAL B 7 0.79 -12.79 30.54
N PHE B 8 0.01 -12.47 29.50
CA PHE B 8 -1.33 -11.90 29.70
C PHE B 8 -2.23 -12.30 28.54
N PHE B 9 -3.50 -11.93 28.59
CA PHE B 9 -4.45 -12.28 27.53
C PHE B 9 -5.11 -11.06 26.90
N VAL B 10 -5.39 -11.15 25.60
CA VAL B 10 -6.05 -10.07 24.89
C VAL B 10 -7.18 -10.69 24.09
N ASN B 11 -8.41 -10.29 24.43
CA ASN B 11 -9.59 -10.82 23.77
C ASN B 11 -9.61 -12.35 23.79
N GLY B 12 -9.29 -12.91 24.96
CA GLY B 12 -9.31 -14.35 25.14
C GLY B 12 -8.10 -15.10 24.63
N LYS B 13 -7.21 -14.42 23.89
CA LYS B 13 -6.03 -15.07 23.36
C LYS B 13 -4.82 -14.84 24.24
N LYS B 14 -4.08 -15.92 24.52
CA LYS B 14 -2.90 -15.85 25.36
C LYS B 14 -1.75 -15.11 24.67
N VAL B 15 -1.09 -14.22 25.39
CA VAL B 15 0.03 -13.47 24.84
C VAL B 15 1.26 -13.77 25.69
N VAL B 16 2.33 -14.22 25.06
CA VAL B 16 3.56 -14.51 25.79
C VAL B 16 4.65 -13.61 25.23
N GLU B 17 5.01 -12.59 26.00
CA GLU B 17 6.06 -11.66 25.58
C GLU B 17 7.32 -12.05 26.33
N LYS B 18 8.23 -12.74 25.64
CA LYS B 18 9.49 -13.20 26.23
C LYS B 18 10.45 -12.05 26.42
N ASN B 19 10.17 -10.96 25.72
CA ASN B 19 11.02 -9.81 25.87
C ASN B 19 10.17 -8.82 26.65
N ALA B 20 9.78 -7.69 26.07
CA ALA B 20 8.94 -6.73 26.81
C ALA B 20 9.76 -5.68 27.50
N ASP B 21 9.60 -4.47 26.99
CA ASP B 21 10.28 -3.31 27.47
C ASP B 21 9.38 -2.57 28.46
N PRO B 22 9.87 -2.32 29.68
CA PRO B 22 9.11 -1.60 30.71
C PRO B 22 8.49 -0.30 30.22
N GLU B 23 9.06 0.26 29.15
CA GLU B 23 8.55 1.51 28.61
C GLU B 23 7.40 1.31 27.62
N THR B 24 7.10 0.07 27.26
CA THR B 24 6.02 -0.20 26.32
C THR B 24 4.64 -0.10 26.96
N THR B 25 3.77 0.74 26.38
CA THR B 25 2.42 0.91 26.88
C THR B 25 1.52 -0.10 26.20
N LEU B 26 0.36 -0.36 26.79
CA LEU B 26 -0.57 -1.30 26.18
C LEU B 26 -1.05 -0.80 24.81
N LEU B 27 -1.27 0.50 24.70
CA LEU B 27 -1.74 1.07 23.44
C LEU B 27 -0.77 0.76 22.30
N ALA B 28 0.52 1.00 22.55
CA ALA B 28 1.53 0.73 21.53
C ALA B 28 1.59 -0.76 21.20
N TYR B 29 1.52 -1.59 22.23
CA TYR B 29 1.59 -3.03 22.04
C TYR B 29 0.41 -3.52 21.18
N LEU B 30 -0.79 -3.07 21.53
CA LEU B 30 -1.98 -3.47 20.79
C LEU B 30 -1.90 -3.08 19.32
N ARG B 31 -1.56 -1.82 19.08
CA ARG B 31 -1.49 -1.30 17.73
C ARG B 31 -0.32 -1.74 16.87
N ARG B 32 0.88 -1.76 17.45
CA ARG B 32 2.09 -2.12 16.70
C ARG B 32 2.49 -3.59 16.73
N LYS B 33 2.24 -4.27 17.84
CA LYS B 33 2.62 -5.67 17.95
C LYS B 33 1.49 -6.64 17.66
N LEU B 34 0.32 -6.38 18.23
CA LEU B 34 -0.81 -7.27 18.01
C LEU B 34 -1.68 -6.93 16.81
N GLY B 35 -1.45 -5.76 16.22
CA GLY B 35 -2.22 -5.35 15.05
C GLY B 35 -3.71 -5.12 15.29
N LEU B 36 -4.07 -4.68 16.49
CA LEU B 36 -5.46 -4.41 16.81
C LEU B 36 -5.55 -2.88 16.88
N ARG B 37 -5.87 -2.27 15.74
CA ARG B 37 -5.94 -0.82 15.63
C ARG B 37 -7.23 -0.15 16.08
N GLY B 38 -8.14 -0.91 16.65
CA GLY B 38 -9.41 -0.31 17.10
C GLY B 38 -9.20 0.70 18.21
N THR B 39 -8.27 0.38 19.11
CA THR B 39 -7.95 1.26 20.23
C THR B 39 -7.10 2.39 19.63
N LYS B 40 -7.46 3.63 19.91
CA LYS B 40 -6.77 4.79 19.34
C LYS B 40 -5.98 5.67 20.30
N LEU B 41 -5.14 6.51 19.71
CA LEU B 41 -4.34 7.49 20.44
C LEU B 41 -5.02 8.84 20.18
N GLY B 42 -5.44 9.51 21.24
CA GLY B 42 -6.09 10.80 21.08
C GLY B 42 -5.41 11.89 21.86
N CYS B 43 -4.59 11.51 22.85
CA CYS B 43 -3.89 12.49 23.68
C CYS B 43 -2.68 11.92 24.43
N GLY B 44 -2.73 10.64 24.77
CA GLY B 44 -1.65 10.00 25.51
C GLY B 44 -1.50 10.64 26.88
N GLU B 45 -2.57 11.27 27.32
CA GLU B 45 -2.60 12.00 28.58
C GLU B 45 -3.65 11.52 29.57
N GLY B 46 -4.47 10.55 29.18
CA GLY B 46 -5.49 10.05 30.08
C GLY B 46 -6.77 10.89 30.09
N GLY B 47 -6.82 11.94 29.27
CA GLY B 47 -7.98 12.80 29.28
C GLY B 47 -9.07 12.62 28.23
N CYS B 48 -8.76 11.96 27.11
CA CYS B 48 -9.76 11.80 26.07
C CYS B 48 -10.48 10.44 26.06
N GLY B 49 -9.84 9.41 26.58
CA GLY B 49 -10.46 8.09 26.63
C GLY B 49 -10.55 7.30 25.34
N ALA B 50 -9.98 7.82 24.26
CA ALA B 50 -10.03 7.12 22.98
C ALA B 50 -9.28 5.79 23.03
N CYS B 51 -8.40 5.65 24.02
CA CYS B 51 -7.59 4.43 24.20
C CYS B 51 -8.19 3.51 25.26
N THR B 52 -9.43 3.76 25.66
CA THR B 52 -10.04 2.94 26.70
C THR B 52 -10.18 1.46 26.35
N VAL B 53 -9.84 0.61 27.31
CA VAL B 53 -9.97 -0.83 27.15
C VAL B 53 -10.47 -1.37 28.48
N MET B 54 -10.90 -2.63 28.51
CA MET B 54 -11.35 -3.21 29.76
C MET B 54 -10.32 -4.22 30.20
N LEU B 55 -10.09 -4.27 31.50
CA LEU B 55 -9.14 -5.22 32.07
C LEU B 55 -9.90 -6.10 33.05
N SER B 56 -9.56 -7.39 33.08
CA SER B 56 -10.21 -8.33 33.98
C SER B 56 -9.15 -9.15 34.69
N LYS B 57 -9.39 -9.46 35.96
CA LYS B 57 -8.43 -10.26 36.71
C LYS B 57 -9.07 -10.87 37.93
N TYR B 58 -8.47 -11.96 38.41
CA TYR B 58 -8.96 -12.63 39.61
C TYR B 58 -8.37 -11.91 40.81
N ASP B 59 -9.22 -11.32 41.64
CA ASP B 59 -8.73 -10.63 42.82
C ASP B 59 -8.69 -11.66 43.94
N ARG B 60 -7.49 -12.11 44.29
CA ARG B 60 -7.30 -13.11 45.34
C ARG B 60 -7.78 -12.60 46.69
N LEU B 61 -7.60 -11.30 46.93
CA LEU B 61 -8.02 -10.69 48.18
C LEU B 61 -9.55 -10.63 48.31
N GLN B 62 -10.23 -10.63 47.17
CA GLN B 62 -11.69 -10.55 47.16
C GLN B 62 -12.28 -11.88 46.67
N ASP B 63 -11.40 -12.78 46.23
CA ASP B 63 -11.80 -14.10 45.74
C ASP B 63 -12.88 -13.98 44.68
N LYS B 64 -12.59 -13.28 43.59
CA LYS B 64 -13.56 -13.09 42.53
C LYS B 64 -12.93 -12.41 41.30
N ILE B 65 -13.59 -12.54 40.15
CA ILE B 65 -13.10 -11.91 38.93
C ILE B 65 -13.65 -10.48 38.87
N ILE B 66 -12.76 -9.51 38.72
CA ILE B 66 -13.19 -8.12 38.65
C ILE B 66 -12.92 -7.55 37.26
N HIS B 67 -13.76 -6.60 36.84
CA HIS B 67 -13.65 -5.96 35.54
C HIS B 67 -13.60 -4.46 35.75
N PHE B 68 -12.65 -3.80 35.09
CA PHE B 68 -12.53 -2.35 35.20
C PHE B 68 -11.90 -1.78 33.92
N SER B 69 -12.14 -0.51 33.65
CA SER B 69 -11.60 0.12 32.46
C SER B 69 -10.27 0.82 32.77
N ALA B 70 -9.52 1.14 31.73
CA ALA B 70 -8.24 1.80 31.89
C ALA B 70 -7.80 2.42 30.57
N ASN B 71 -6.91 3.41 30.66
CA ASN B 71 -6.38 4.07 29.48
C ASN B 71 -5.19 3.27 28.98
N ALA B 72 -5.30 2.72 27.78
CA ALA B 72 -4.20 1.93 27.23
C ALA B 72 -2.93 2.77 27.04
N CYS B 73 -3.09 4.09 26.87
CA CYS B 73 -1.93 4.96 26.67
C CYS B 73 -1.05 5.17 27.90
N LEU B 74 -1.59 4.87 29.08
CA LEU B 74 -0.82 5.04 30.31
C LEU B 74 -0.52 3.71 31.00
N ALA B 75 -1.14 2.64 30.53
CA ALA B 75 -0.94 1.32 31.12
C ALA B 75 0.34 0.61 30.64
N PRO B 76 1.32 0.41 31.54
CA PRO B 76 2.53 -0.27 31.11
C PRO B 76 2.16 -1.74 30.94
N ILE B 77 2.63 -2.40 29.89
CA ILE B 77 2.27 -3.81 29.74
C ILE B 77 2.87 -4.61 30.89
N CYS B 78 3.93 -4.07 31.50
CA CYS B 78 4.58 -4.77 32.61
C CYS B 78 3.75 -4.81 33.90
N THR B 79 2.58 -4.17 33.89
CA THR B 79 1.70 -4.19 35.06
C THR B 79 0.58 -5.19 34.79
N LEU B 80 0.56 -5.73 33.58
CA LEU B 80 -0.50 -6.64 33.16
C LEU B 80 -0.26 -8.15 33.20
N HIS B 81 0.76 -8.59 33.91
CA HIS B 81 1.04 -10.02 33.99
C HIS B 81 -0.20 -10.70 34.59
N HIS B 82 -0.72 -11.71 33.90
CA HIS B 82 -1.91 -12.44 34.33
C HIS B 82 -3.17 -11.58 34.43
N VAL B 83 -3.31 -10.66 33.48
CA VAL B 83 -4.49 -9.80 33.41
C VAL B 83 -5.08 -10.07 32.04
N ALA B 84 -6.41 -10.02 31.93
CA ALA B 84 -7.07 -10.24 30.65
C ALA B 84 -7.57 -8.92 30.08
N VAL B 85 -7.09 -8.57 28.89
CA VAL B 85 -7.48 -7.33 28.23
C VAL B 85 -8.61 -7.56 27.23
N THR B 86 -9.56 -6.64 27.18
CA THR B 86 -10.65 -6.72 26.23
C THR B 86 -10.68 -5.39 25.48
N THR B 87 -10.53 -5.45 24.16
CA THR B 87 -10.55 -4.24 23.35
C THR B 87 -11.87 -4.22 22.60
N VAL B 88 -12.10 -3.19 21.80
CA VAL B 88 -13.34 -3.08 21.05
C VAL B 88 -13.55 -4.29 20.12
N GLU B 89 -12.47 -4.77 19.48
CA GLU B 89 -12.64 -5.92 18.59
C GLU B 89 -12.94 -7.21 19.35
N GLY B 90 -12.82 -7.16 20.67
CA GLY B 90 -13.09 -8.34 21.48
C GLY B 90 -14.54 -8.56 21.86
N ILE B 91 -15.41 -7.55 21.66
CA ILE B 91 -16.80 -7.73 22.03
C ILE B 91 -17.78 -7.90 20.87
N GLY B 92 -17.29 -7.67 19.65
CA GLY B 92 -18.14 -7.81 18.48
C GLY B 92 -17.55 -7.15 17.26
N SER B 93 -18.13 -7.42 16.09
CA SER B 93 -17.66 -6.83 14.84
C SER B 93 -18.72 -7.01 13.77
N THR B 94 -18.64 -6.19 12.71
CA THR B 94 -19.60 -6.28 11.63
C THR B 94 -19.38 -7.55 10.83
N LYS B 95 -18.22 -8.19 11.03
CA LYS B 95 -17.92 -9.42 10.31
C LYS B 95 -18.57 -10.61 11.01
N THR B 96 -18.90 -10.45 12.29
CA THR B 96 -19.56 -11.51 13.05
C THR B 96 -20.91 -10.93 13.45
N ARG B 97 -20.94 -10.27 14.60
CA ARG B 97 -22.15 -9.64 15.11
C ARG B 97 -21.75 -8.54 16.09
N LEU B 98 -22.39 -7.38 15.98
CA LEU B 98 -22.10 -6.28 16.88
C LEU B 98 -22.64 -6.58 18.27
N HIS B 99 -21.92 -6.14 19.28
CA HIS B 99 -22.37 -6.31 20.65
C HIS B 99 -23.45 -5.23 20.84
N PRO B 100 -24.39 -5.42 21.78
CA PRO B 100 -25.43 -4.41 21.98
C PRO B 100 -24.89 -2.98 22.13
N VAL B 101 -23.80 -2.81 22.88
CA VAL B 101 -23.24 -1.47 23.05
C VAL B 101 -22.90 -0.86 21.69
N GLN B 102 -22.26 -1.64 20.83
CA GLN B 102 -21.87 -1.16 19.50
C GLN B 102 -23.08 -0.90 18.60
N GLU B 103 -24.05 -1.81 18.65
CA GLU B 103 -25.26 -1.66 17.85
C GLU B 103 -26.01 -0.39 18.21
N ARG B 104 -26.19 -0.14 19.50
CA ARG B 104 -26.94 1.03 19.94
C ARG B 104 -26.28 2.38 19.69
N ILE B 105 -24.96 2.48 19.86
CA ILE B 105 -24.32 3.77 19.61
C ILE B 105 -24.37 4.08 18.12
N ALA B 106 -24.27 3.04 17.31
CA ALA B 106 -24.33 3.20 15.86
C ALA B 106 -25.73 3.60 15.39
N LYS B 107 -26.73 2.81 15.79
CA LYS B 107 -28.11 3.08 15.38
C LYS B 107 -28.70 4.36 15.97
N SER B 108 -28.16 4.78 17.11
CA SER B 108 -28.64 5.99 17.79
C SER B 108 -27.99 7.26 17.26
N HIS B 109 -27.14 7.11 16.25
CA HIS B 109 -26.44 8.25 15.65
C HIS B 109 -25.45 8.83 16.65
N GLY B 110 -24.87 7.96 17.47
CA GLY B 110 -23.89 8.40 18.46
C GLY B 110 -22.47 8.40 17.93
N SER B 111 -22.32 8.13 16.63
CA SER B 111 -21.00 8.11 16.03
C SER B 111 -20.97 8.96 14.76
N GLN B 112 -20.08 9.95 14.72
CA GLN B 112 -19.94 10.80 13.54
C GLN B 112 -18.60 10.50 12.87
N CYS B 113 -17.51 11.16 13.27
CA CYS B 113 -16.22 10.85 12.64
C CYS B 113 -15.82 9.46 13.13
N GLY B 114 -16.30 9.09 14.31
CA GLY B 114 -16.04 7.77 14.88
C GLY B 114 -14.72 7.47 15.59
N PHE B 115 -13.84 8.45 15.72
CA PHE B 115 -12.54 8.19 16.37
C PHE B 115 -12.66 7.93 17.87
N CYS B 116 -13.67 8.50 18.50
CA CYS B 116 -13.89 8.33 19.93
C CYS B 116 -14.78 7.14 20.26
N THR B 117 -15.45 6.61 19.25
CA THR B 117 -16.41 5.53 19.46
C THR B 117 -15.86 4.27 20.14
N PRO B 118 -14.72 3.74 19.69
CA PRO B 118 -14.23 2.53 20.38
C PRO B 118 -14.05 2.76 21.88
N GLY B 119 -13.47 3.90 22.26
CA GLY B 119 -13.27 4.20 23.67
C GLY B 119 -14.57 4.36 24.45
N ILE B 120 -15.55 4.99 23.83
CA ILE B 120 -16.85 5.20 24.46
C ILE B 120 -17.52 3.84 24.64
N VAL B 121 -17.43 3.01 23.60
CA VAL B 121 -18.00 1.67 23.60
C VAL B 121 -17.42 0.86 24.76
N MET B 122 -16.11 0.92 24.94
CA MET B 122 -15.46 0.17 26.02
C MET B 122 -15.80 0.70 27.41
N SER B 123 -16.07 2.00 27.52
CA SER B 123 -16.45 2.58 28.82
C SER B 123 -17.86 2.08 29.17
N MET B 124 -18.74 1.99 28.18
CA MET B 124 -20.11 1.52 28.41
C MET B 124 -20.11 0.01 28.65
N TYR B 125 -19.33 -0.71 27.86
CA TYR B 125 -19.21 -2.16 28.01
C TYR B 125 -18.77 -2.51 29.43
N THR B 126 -17.76 -1.80 29.91
CA THR B 126 -17.24 -2.04 31.25
C THR B 126 -18.34 -1.85 32.30
N LEU B 127 -19.11 -0.78 32.16
CA LEU B 127 -20.18 -0.52 33.11
C LEU B 127 -21.14 -1.71 33.14
N LEU B 128 -21.56 -2.15 31.95
CA LEU B 128 -22.49 -3.27 31.84
C LEU B 128 -21.94 -4.59 32.38
N ARG B 129 -20.62 -4.76 32.29
CA ARG B 129 -19.98 -5.97 32.79
C ARG B 129 -20.01 -6.00 34.31
N ASN B 130 -20.13 -4.81 34.91
CA ASN B 130 -20.21 -4.67 36.37
C ASN B 130 -21.67 -4.59 36.80
N GLN B 131 -22.48 -3.97 35.96
CA GLN B 131 -23.91 -3.79 36.25
C GLN B 131 -24.71 -3.91 34.96
N PRO B 132 -25.30 -5.09 34.70
CA PRO B 132 -26.09 -5.35 33.49
C PRO B 132 -27.34 -4.46 33.37
N GLU B 133 -27.81 -3.93 34.49
CA GLU B 133 -28.96 -3.04 34.49
C GLU B 133 -28.64 -1.80 35.31
N PRO B 134 -27.88 -0.86 34.73
CA PRO B 134 -27.49 0.37 35.41
C PRO B 134 -28.58 1.44 35.45
N THR B 135 -28.43 2.39 36.37
CA THR B 135 -29.38 3.48 36.49
C THR B 135 -28.92 4.53 35.48
N VAL B 136 -29.78 5.48 35.16
CA VAL B 136 -29.42 6.52 34.21
C VAL B 136 -28.22 7.32 34.71
N GLU B 137 -28.15 7.50 36.03
CA GLU B 137 -27.04 8.25 36.61
C GLU B 137 -25.70 7.53 36.42
N GLU B 138 -25.70 6.22 36.62
CA GLU B 138 -24.48 5.44 36.46
C GLU B 138 -24.01 5.52 35.01
N ILE B 139 -24.94 5.50 34.08
CA ILE B 139 -24.60 5.57 32.67
C ILE B 139 -23.84 6.86 32.33
N GLU B 140 -24.23 7.99 32.90
CA GLU B 140 -23.50 9.23 32.58
C GLU B 140 -22.10 9.24 33.20
N ASP B 141 -22.02 8.91 34.48
CA ASP B 141 -20.72 8.89 35.17
C ASP B 141 -19.72 7.96 34.53
N ALA B 142 -20.21 7.06 33.68
CA ALA B 142 -19.32 6.12 33.02
C ALA B 142 -18.40 6.79 32.01
N PHE B 143 -18.71 8.03 31.62
CA PHE B 143 -17.90 8.72 30.62
C PHE B 143 -17.18 10.01 31.02
N GLN B 144 -16.89 10.18 32.30
CA GLN B 144 -16.18 11.38 32.72
C GLN B 144 -14.79 11.39 32.08
N GLY B 145 -14.33 10.23 31.64
CA GLY B 145 -13.02 10.15 31.01
C GLY B 145 -13.04 9.98 29.50
N ASN B 146 -14.17 10.28 28.87
CA ASN B 146 -14.27 10.15 27.42
C ASN B 146 -14.72 11.45 26.76
N LEU B 147 -14.02 11.84 25.70
CA LEU B 147 -14.35 13.06 24.99
C LEU B 147 -14.78 12.81 23.55
N CYS B 148 -15.76 13.58 23.10
CA CYS B 148 -16.24 13.49 21.72
C CYS B 148 -16.35 14.92 21.23
N ARG B 149 -15.80 15.17 20.05
CA ARG B 149 -15.81 16.51 19.47
C ARG B 149 -16.90 16.72 18.41
N CYS B 150 -17.50 15.63 17.93
CA CYS B 150 -18.51 15.72 16.88
C CYS B 150 -20.00 15.72 17.21
N THR B 151 -20.41 14.84 18.11
CA THR B 151 -21.82 14.65 18.43
C THR B 151 -22.59 15.55 19.39
N GLY B 152 -21.91 16.22 20.30
CA GLY B 152 -22.66 17.03 21.24
C GLY B 152 -23.16 16.10 22.34
N TYR B 153 -22.68 14.86 22.30
CA TYR B 153 -22.99 13.84 23.31
C TYR B 153 -24.43 13.34 23.46
N ARG B 154 -25.41 14.20 23.21
CA ARG B 154 -26.82 13.81 23.37
C ARG B 154 -27.21 12.41 22.83
N PRO B 155 -26.90 12.12 21.56
CA PRO B 155 -27.26 10.81 20.99
C PRO B 155 -26.61 9.60 21.68
N ILE B 156 -25.40 9.80 22.19
CA ILE B 156 -24.71 8.71 22.87
C ILE B 156 -25.46 8.36 24.15
N LEU B 157 -25.74 9.36 24.96
CA LEU B 157 -26.45 9.15 26.23
C LEU B 157 -27.87 8.65 26.02
N GLN B 158 -28.58 9.24 25.05
CA GLN B 158 -29.95 8.83 24.79
C GLN B 158 -29.98 7.39 24.28
N GLY B 159 -29.00 7.02 23.46
CA GLY B 159 -28.95 5.67 22.95
C GLY B 159 -28.63 4.66 24.05
N PHE B 160 -27.66 4.99 24.90
CA PHE B 160 -27.26 4.10 25.99
C PHE B 160 -28.25 4.09 27.16
N ARG B 161 -29.10 5.10 27.23
CA ARG B 161 -30.11 5.19 28.28
C ARG B 161 -31.08 4.01 28.20
N THR B 162 -31.16 3.40 27.02
CA THR B 162 -32.06 2.27 26.80
C THR B 162 -31.61 1.01 27.54
N PHE B 163 -30.38 1.04 28.08
CA PHE B 163 -29.88 -0.10 28.82
C PHE B 163 -30.39 -0.07 30.26
N ALA B 164 -30.93 1.08 30.68
CA ALA B 164 -31.43 1.23 32.04
C ALA B 164 -32.87 0.74 32.17
N LYS B 165 -33.43 0.91 33.37
CA LYS B 165 -34.80 0.51 33.66
C LYS B 165 -34.94 -1.00 33.71
N SER B 192 -44.96 12.07 16.19
CA SER B 192 -43.79 12.56 15.38
C SER B 192 -42.79 11.43 15.15
N PRO B 193 -42.07 11.47 14.02
CA PRO B 193 -41.09 10.43 13.70
C PRO B 193 -39.93 10.39 14.71
N SER B 194 -39.27 9.25 14.80
CA SER B 194 -38.16 9.08 15.72
C SER B 194 -36.86 8.90 14.94
N LEU B 195 -35.74 9.33 15.52
CA LEU B 195 -34.45 9.19 14.87
C LEU B 195 -33.96 7.74 14.90
N PHE B 196 -34.44 6.97 15.86
CA PHE B 196 -34.07 5.56 15.96
C PHE B 196 -35.13 4.80 16.75
N ASN B 197 -35.14 3.47 16.65
CA ASN B 197 -36.12 2.65 17.33
C ASN B 197 -35.56 1.61 18.29
N PRO B 198 -35.65 1.87 19.60
CA PRO B 198 -35.15 0.99 20.65
C PRO B 198 -35.72 -0.43 20.61
N GLU B 199 -36.96 -0.56 20.10
CA GLU B 199 -37.59 -1.88 20.01
C GLU B 199 -36.80 -2.82 19.13
N GLU B 200 -35.96 -2.24 18.28
CA GLU B 200 -35.14 -3.01 17.36
C GLU B 200 -33.83 -3.45 18.02
N PHE B 201 -33.55 -2.89 19.21
CA PHE B 201 -32.33 -3.20 19.93
C PHE B 201 -32.28 -4.58 20.59
N MET B 202 -31.20 -5.30 20.35
CA MET B 202 -31.01 -6.62 20.93
C MET B 202 -30.71 -6.47 22.42
N PRO B 203 -31.49 -7.14 23.28
CA PRO B 203 -31.27 -7.07 24.72
C PRO B 203 -29.90 -7.62 25.10
N LEU B 204 -29.35 -7.11 26.20
CA LEU B 204 -28.05 -7.58 26.67
C LEU B 204 -28.28 -8.96 27.28
N ASP B 205 -27.36 -9.89 27.02
CA ASP B 205 -27.46 -11.24 27.57
C ASP B 205 -26.11 -11.66 28.12
N PRO B 206 -25.88 -11.42 29.42
CA PRO B 206 -24.62 -11.76 30.09
C PRO B 206 -24.12 -13.17 29.88
N THR B 207 -25.03 -14.11 29.61
CA THR B 207 -24.63 -15.50 29.40
C THR B 207 -23.85 -15.71 28.11
N GLN B 208 -23.93 -14.75 27.20
CA GLN B 208 -23.24 -14.85 25.92
C GLN B 208 -21.93 -14.05 25.88
N GLU B 209 -21.56 -13.47 27.03
CA GLU B 209 -20.35 -12.66 27.14
C GLU B 209 -19.09 -13.55 27.22
N PRO B 210 -17.96 -13.09 26.66
CA PRO B 210 -16.72 -13.87 26.68
C PRO B 210 -16.37 -14.34 28.10
N ILE B 211 -16.05 -15.63 28.22
CA ILE B 211 -15.70 -16.19 29.52
C ILE B 211 -14.28 -15.78 29.91
N PHE B 212 -14.04 -15.62 31.21
CA PHE B 212 -12.72 -15.25 31.70
C PHE B 212 -11.77 -16.38 31.28
N PRO B 213 -10.60 -16.05 30.73
CA PRO B 213 -9.64 -17.08 30.30
C PRO B 213 -9.43 -18.18 31.32
N PRO B 214 -9.82 -19.41 30.99
CA PRO B 214 -9.68 -20.58 31.87
C PRO B 214 -8.25 -20.78 32.37
N GLU B 215 -7.29 -20.74 31.45
CA GLU B 215 -5.88 -20.92 31.83
C GLU B 215 -5.47 -19.88 32.86
N LEU B 216 -6.01 -18.68 32.71
CA LEU B 216 -5.70 -17.60 33.62
C LEU B 216 -6.30 -17.88 34.99
N LEU B 217 -7.42 -18.60 35.00
CA LEU B 217 -8.10 -18.92 36.26
C LEU B 217 -7.38 -20.04 37.02
N ARG B 218 -6.62 -20.87 36.32
CA ARG B 218 -5.87 -21.95 36.97
C ARG B 218 -4.64 -21.35 37.66
N LEU B 219 -4.07 -20.33 37.02
CA LEU B 219 -2.88 -19.66 37.53
C LEU B 219 -3.11 -18.94 38.85
N LYS B 220 -4.35 -18.52 39.11
CA LYS B 220 -4.66 -17.80 40.34
C LYS B 220 -4.17 -18.59 41.56
N ASP B 221 -4.21 -19.91 41.45
CA ASP B 221 -3.80 -20.79 42.53
C ASP B 221 -2.30 -20.67 42.83
N VAL B 222 -1.47 -20.65 41.79
CA VAL B 222 -0.03 -20.55 41.94
C VAL B 222 0.44 -19.25 42.59
N PRO B 223 1.17 -19.35 43.72
CA PRO B 223 1.69 -18.18 44.42
C PRO B 223 2.54 -17.29 43.52
N PRO B 224 2.31 -15.98 43.55
CA PRO B 224 3.10 -15.06 42.71
C PRO B 224 4.56 -14.97 43.14
N LYS B 225 5.43 -14.76 42.17
CA LYS B 225 6.86 -14.62 42.44
C LYS B 225 7.37 -13.35 41.77
N GLN B 226 8.46 -12.81 42.31
CA GLN B 226 9.05 -11.59 41.77
C GLN B 226 9.45 -11.78 40.32
N LEU B 227 9.17 -10.78 39.49
CA LEU B 227 9.51 -10.83 38.08
C LEU B 227 10.41 -9.66 37.71
N ARG B 228 11.23 -9.88 36.68
CA ARG B 228 12.16 -8.85 36.23
C ARG B 228 12.04 -8.65 34.72
N PHE B 229 11.87 -7.40 34.31
CA PHE B 229 11.77 -7.07 32.90
C PHE B 229 12.91 -6.12 32.52
N GLU B 230 13.52 -6.38 31.37
CA GLU B 230 14.65 -5.57 30.89
C GLU B 230 14.36 -4.95 29.53
N GLY B 231 14.36 -3.63 29.48
CA GLY B 231 14.09 -2.94 28.22
C GLY B 231 15.34 -2.25 27.67
N GLU B 232 15.15 -1.39 26.69
CA GLU B 232 16.27 -0.67 26.09
C GLU B 232 16.94 0.23 27.10
N ARG B 233 16.15 0.90 27.94
CA ARG B 233 16.68 1.83 28.92
C ARG B 233 16.20 1.58 30.35
N VAL B 234 15.16 0.77 30.51
CA VAL B 234 14.60 0.54 31.84
C VAL B 234 14.52 -0.90 32.31
N THR B 235 14.72 -1.07 33.62
CA THR B 235 14.63 -2.38 34.26
C THR B 235 13.41 -2.28 35.18
N TRP B 236 12.56 -3.28 35.13
CA TRP B 236 11.32 -3.31 35.91
C TRP B 236 11.25 -4.55 36.80
N ILE B 237 11.04 -4.33 38.09
CA ILE B 237 10.93 -5.45 39.01
C ILE B 237 9.53 -5.45 39.63
N GLN B 238 8.80 -6.54 39.44
CA GLN B 238 7.46 -6.68 39.98
C GLN B 238 7.63 -7.39 41.32
N ALA B 239 7.50 -6.64 42.42
CA ALA B 239 7.65 -7.20 43.76
C ALA B 239 6.40 -7.97 44.19
N SER B 240 6.59 -9.22 44.63
CA SER B 240 5.45 -10.04 45.05
C SER B 240 5.11 -9.94 46.53
N THR B 241 6.07 -9.54 47.37
CA THR B 241 5.81 -9.43 48.80
C THR B 241 6.37 -8.13 49.37
N LEU B 242 5.84 -7.71 50.52
CA LEU B 242 6.30 -6.49 51.16
C LEU B 242 7.79 -6.60 51.50
N LYS B 243 8.22 -7.77 51.96
CA LYS B 243 9.62 -7.96 52.30
C LYS B 243 10.50 -7.68 51.08
N GLU B 244 10.09 -8.20 49.93
CA GLU B 244 10.85 -7.99 48.70
C GLU B 244 10.92 -6.51 48.36
N LEU B 245 9.81 -5.81 48.50
CA LEU B 245 9.77 -4.38 48.19
C LEU B 245 10.71 -3.60 49.11
N LEU B 246 10.65 -3.88 50.40
CA LEU B 246 11.50 -3.18 51.35
C LEU B 246 12.98 -3.48 51.12
N ASP B 247 13.29 -4.72 50.73
CA ASP B 247 14.68 -5.07 50.47
C ASP B 247 15.13 -4.35 49.19
N LEU B 248 14.30 -4.39 48.16
CA LEU B 248 14.61 -3.74 46.90
C LEU B 248 14.87 -2.26 47.10
N LYS B 249 14.05 -1.62 47.93
CA LYS B 249 14.21 -0.19 48.21
C LYS B 249 15.53 0.11 48.91
N ALA B 250 16.00 -0.84 49.72
CA ALA B 250 17.25 -0.68 50.45
C ALA B 250 18.42 -0.85 49.49
N GLN B 251 18.30 -1.81 48.58
CA GLN B 251 19.36 -2.09 47.63
C GLN B 251 19.40 -1.06 46.51
N HIS B 252 18.24 -0.51 46.15
CA HIS B 252 18.16 0.48 45.09
C HIS B 252 17.27 1.65 45.49
N PRO B 253 17.79 2.54 46.35
CA PRO B 253 17.05 3.72 46.83
C PRO B 253 16.59 4.63 45.69
N GLU B 254 17.34 4.60 44.59
CA GLU B 254 17.03 5.41 43.43
C GLU B 254 15.85 4.87 42.62
N ALA B 255 15.57 3.58 42.76
CA ALA B 255 14.46 2.97 42.03
C ALA B 255 13.18 3.76 42.23
N LYS B 256 12.40 3.88 41.17
CA LYS B 256 11.14 4.62 41.21
C LYS B 256 9.96 3.66 41.28
N LEU B 257 9.11 3.83 42.27
CA LEU B 257 7.95 2.97 42.41
C LEU B 257 6.89 3.39 41.39
N VAL B 258 6.18 2.41 40.86
CA VAL B 258 5.10 2.66 39.91
C VAL B 258 3.96 1.72 40.23
N VAL B 259 2.76 2.27 40.31
CA VAL B 259 1.56 1.49 40.56
C VAL B 259 0.66 1.69 39.34
N GLY B 260 -0.08 2.79 39.31
CA GLY B 260 -0.97 3.06 38.19
C GLY B 260 -0.29 3.72 36.99
N ASN B 261 0.86 4.34 37.23
CA ASN B 261 1.62 5.01 36.18
C ASN B 261 0.91 6.23 35.59
N THR B 262 -0.16 6.70 36.25
CA THR B 262 -0.89 7.84 35.72
C THR B 262 -0.15 9.16 35.92
N GLU B 263 0.90 9.12 36.74
CA GLU B 263 1.73 10.30 36.98
C GLU B 263 3.08 10.06 36.32
N ILE B 264 3.71 8.93 36.60
CA ILE B 264 5.01 8.62 36.01
C ILE B 264 4.92 8.57 34.50
N GLY B 265 3.82 8.03 33.98
CA GLY B 265 3.64 7.95 32.55
C GLY B 265 3.70 9.34 31.93
N ILE B 266 3.17 10.32 32.65
CA ILE B 266 3.16 11.70 32.19
C ILE B 266 4.60 12.24 32.25
N GLU B 267 5.27 11.99 33.37
CA GLU B 267 6.65 12.46 33.54
C GLU B 267 7.55 11.91 32.43
N MET B 268 7.34 10.65 32.09
CA MET B 268 8.13 9.99 31.04
C MET B 268 7.86 10.59 29.67
N LYS B 269 6.58 10.71 29.33
CA LYS B 269 6.16 11.21 28.04
C LYS B 269 6.27 12.71 27.82
N PHE B 270 5.91 13.51 28.82
CA PHE B 270 5.93 14.95 28.66
C PHE B 270 7.01 15.75 29.40
N LYS B 271 7.62 15.15 30.42
CA LYS B 271 8.64 15.87 31.19
C LYS B 271 10.05 15.35 30.95
N ASN B 272 10.23 14.53 29.93
CA ASN B 272 11.54 13.99 29.60
C ASN B 272 12.27 13.38 30.80
N GLN B 273 11.56 12.56 31.56
CA GLN B 273 12.15 11.90 32.71
C GLN B 273 12.48 10.47 32.32
N LEU B 274 13.55 9.93 32.90
CA LEU B 274 13.95 8.56 32.63
C LEU B 274 14.37 7.91 33.94
N PHE B 275 13.65 6.87 34.33
CA PHE B 275 13.96 6.15 35.57
C PHE B 275 14.46 4.78 35.15
N PRO B 276 15.80 4.59 35.15
CA PRO B 276 16.44 3.32 34.77
C PRO B 276 15.94 2.07 35.49
N MET B 277 15.43 2.24 36.71
CA MET B 277 14.89 1.10 37.45
C MET B 277 13.56 1.42 38.08
N ILE B 278 12.59 0.55 37.86
CA ILE B 278 11.25 0.70 38.40
C ILE B 278 10.87 -0.51 39.23
N ILE B 279 10.15 -0.26 40.32
CA ILE B 279 9.65 -1.33 41.17
C ILE B 279 8.14 -1.13 41.23
N CYS B 280 7.40 -2.16 40.87
CA CYS B 280 5.95 -2.10 40.91
C CYS B 280 5.50 -2.99 42.05
N PRO B 281 4.94 -2.39 43.11
CA PRO B 281 4.46 -3.11 44.31
C PRO B 281 2.98 -3.45 44.29
N ALA B 282 2.33 -3.22 43.16
CA ALA B 282 0.89 -3.47 43.01
C ALA B 282 0.34 -4.80 43.52
N TRP B 283 1.12 -5.87 43.42
CA TRP B 283 0.67 -7.19 43.86
C TRP B 283 0.63 -7.43 45.37
N ILE B 284 1.39 -6.64 46.12
CA ILE B 284 1.49 -6.80 47.56
C ILE B 284 0.19 -6.63 48.35
N PRO B 285 -0.23 -7.69 49.06
CA PRO B 285 -1.46 -7.64 49.85
C PRO B 285 -1.56 -6.49 50.86
N GLU B 286 -0.48 -6.22 51.57
CA GLU B 286 -0.51 -5.14 52.55
C GLU B 286 -0.78 -3.79 51.89
N LEU B 287 -0.32 -3.61 50.66
CA LEU B 287 -0.55 -2.36 49.96
C LEU B 287 -1.94 -2.29 49.33
N ASN B 288 -2.71 -3.36 49.50
CA ASN B 288 -4.06 -3.43 48.96
C ASN B 288 -5.12 -3.72 50.01
N ALA B 289 -4.70 -3.83 51.27
CA ALA B 289 -5.62 -4.13 52.35
C ALA B 289 -6.50 -2.97 52.78
N VAL B 290 -7.74 -3.28 53.13
CA VAL B 290 -8.70 -2.29 53.61
C VAL B 290 -9.13 -2.75 54.99
N GLU B 291 -8.88 -1.94 55.99
CA GLU B 291 -9.23 -2.31 57.36
C GLU B 291 -10.06 -1.26 58.06
N HIS B 292 -11.13 -1.70 58.71
CA HIS B 292 -12.02 -0.81 59.43
C HIS B 292 -11.65 -0.84 60.91
N GLY B 293 -11.00 0.22 61.37
CA GLY B 293 -10.58 0.29 62.75
C GLY B 293 -11.41 1.24 63.60
N PRO B 294 -11.02 1.44 64.88
CA PRO B 294 -11.72 2.32 65.82
C PRO B 294 -11.66 3.80 65.46
N GLU B 295 -10.54 4.22 64.87
CA GLU B 295 -10.36 5.62 64.50
C GLU B 295 -10.71 5.95 63.07
N GLY B 296 -10.81 4.94 62.22
CA GLY B 296 -11.14 5.20 60.83
C GLY B 296 -10.95 4.00 59.92
N ILE B 297 -10.97 4.25 58.62
CA ILE B 297 -10.80 3.19 57.64
C ILE B 297 -9.43 3.31 56.99
N SER B 298 -8.66 2.23 57.05
CA SER B 298 -7.32 2.20 56.49
C SER B 298 -7.28 1.57 55.10
N PHE B 299 -6.53 2.20 54.20
CA PHE B 299 -6.38 1.69 52.83
C PHE B 299 -4.91 1.49 52.49
N GLY B 300 -4.59 0.36 51.86
CA GLY B 300 -3.23 0.12 51.45
C GLY B 300 -2.92 1.20 50.43
N ALA B 301 -1.66 1.63 50.36
CA ALA B 301 -1.28 2.69 49.42
C ALA B 301 -1.54 2.38 47.95
N ALA B 302 -1.60 1.10 47.60
CA ALA B 302 -1.83 0.70 46.21
C ALA B 302 -3.31 0.61 45.83
N CYS B 303 -4.20 0.77 46.80
CA CYS B 303 -5.64 0.72 46.52
C CYS B 303 -5.98 1.80 45.50
N ALA B 304 -6.75 1.42 44.47
CA ALA B 304 -7.14 2.36 43.45
C ALA B 304 -8.17 3.33 44.02
N LEU B 305 -8.26 4.52 43.45
CA LEU B 305 -9.20 5.51 43.91
C LEU B 305 -10.64 5.02 43.78
N SER B 306 -10.89 4.16 42.79
CA SER B 306 -12.24 3.62 42.61
C SER B 306 -12.60 2.75 43.82
N SER B 307 -11.61 2.01 44.33
CA SER B 307 -11.83 1.15 45.48
C SER B 307 -12.11 2.01 46.72
N VAL B 308 -11.31 3.05 46.90
CA VAL B 308 -11.49 3.95 48.03
C VAL B 308 -12.88 4.56 47.96
N GLU B 309 -13.25 5.02 46.78
CA GLU B 309 -14.55 5.64 46.55
C GLU B 309 -15.70 4.70 46.91
N LYS B 310 -15.61 3.45 46.45
CA LYS B 310 -16.66 2.48 46.73
C LYS B 310 -16.77 2.20 48.24
N THR B 311 -15.62 1.98 48.87
CA THR B 311 -15.58 1.71 50.29
C THR B 311 -16.14 2.85 51.13
N LEU B 312 -15.76 4.08 50.81
CA LEU B 312 -16.25 5.22 51.56
C LEU B 312 -17.74 5.44 51.33
N LEU B 313 -18.20 5.21 50.11
CA LEU B 313 -19.62 5.38 49.80
C LEU B 313 -20.43 4.44 50.68
N GLU B 314 -19.98 3.20 50.80
CA GLU B 314 -20.67 2.22 51.61
C GLU B 314 -20.65 2.63 53.08
N ALA B 315 -19.52 3.19 53.52
CA ALA B 315 -19.39 3.63 54.92
C ALA B 315 -20.32 4.80 55.21
N VAL B 316 -20.48 5.69 54.22
CA VAL B 316 -21.36 6.85 54.39
C VAL B 316 -22.82 6.42 54.47
N ALA B 317 -23.16 5.34 53.77
CA ALA B 317 -24.53 4.84 53.77
C ALA B 317 -24.88 4.09 55.05
N LYS B 318 -23.90 3.40 55.62
CA LYS B 318 -24.13 2.61 56.83
C LYS B 318 -23.87 3.30 58.16
N LEU B 319 -22.92 4.23 58.19
CA LEU B 319 -22.58 4.90 59.44
C LEU B 319 -23.28 6.23 59.69
N PRO B 320 -23.39 6.63 60.97
CA PRO B 320 -24.04 7.89 61.35
C PRO B 320 -23.35 9.04 60.63
N THR B 321 -24.15 10.00 60.15
CA THR B 321 -23.60 11.14 59.43
C THR B 321 -22.51 11.88 60.19
N GLN B 322 -22.62 11.95 61.51
CA GLN B 322 -21.63 12.68 62.29
C GLN B 322 -20.26 11.99 62.34
N LYS B 323 -20.19 10.78 61.80
CA LYS B 323 -18.93 10.03 61.78
C LYS B 323 -18.27 10.06 60.40
N THR B 324 -19.00 10.50 59.39
CA THR B 324 -18.47 10.50 58.03
C THR B 324 -18.21 11.86 57.38
N GLU B 325 -17.99 12.89 58.18
CA GLU B 325 -17.72 14.23 57.64
C GLU B 325 -16.50 14.21 56.72
N VAL B 326 -15.42 13.59 57.16
CA VAL B 326 -14.20 13.53 56.36
C VAL B 326 -14.39 12.65 55.14
N PHE B 327 -15.05 11.50 55.32
CA PHE B 327 -15.28 10.58 54.21
C PHE B 327 -16.04 11.31 53.10
N ARG B 328 -16.99 12.14 53.51
CA ARG B 328 -17.83 12.92 52.59
C ARG B 328 -16.94 13.89 51.81
N GLY B 329 -15.98 14.50 52.49
CA GLY B 329 -15.08 15.44 51.84
C GLY B 329 -14.25 14.76 50.77
N VAL B 330 -13.76 13.56 51.08
CA VAL B 330 -12.96 12.80 50.12
C VAL B 330 -13.82 12.47 48.91
N LEU B 331 -15.05 12.04 49.16
CA LEU B 331 -15.98 11.67 48.09
C LEU B 331 -16.33 12.87 47.20
N GLU B 332 -16.47 14.04 47.80
CA GLU B 332 -16.79 15.23 47.01
C GLU B 332 -15.66 15.57 46.04
N GLN B 333 -14.42 15.38 46.48
CA GLN B 333 -13.27 15.67 45.61
C GLN B 333 -13.12 14.61 44.52
N LEU B 334 -13.51 13.37 44.83
CA LEU B 334 -13.42 12.29 43.86
C LEU B 334 -14.53 12.33 42.80
N ARG B 335 -15.59 13.09 43.09
CA ARG B 335 -16.71 13.19 42.17
C ARG B 335 -16.30 13.78 40.83
N TRP B 336 -15.53 14.86 40.86
CA TRP B 336 -15.07 15.52 39.64
C TRP B 336 -13.56 15.35 39.58
N PHE B 337 -13.14 14.10 39.67
CA PHE B 337 -11.73 13.73 39.68
C PHE B 337 -11.48 12.70 38.57
N ALA B 338 -10.95 13.18 37.44
CA ALA B 338 -10.66 12.29 36.32
C ALA B 338 -11.90 11.48 35.93
N GLY B 339 -11.67 10.37 35.24
CA GLY B 339 -12.77 9.51 34.83
C GLY B 339 -12.58 8.12 35.42
N LYS B 340 -13.47 7.21 35.07
CA LYS B 340 -13.40 5.83 35.56
C LYS B 340 -12.09 5.14 35.20
N GLN B 341 -11.61 5.38 33.99
CA GLN B 341 -10.35 4.76 33.52
C GLN B 341 -9.18 5.11 34.42
N VAL B 342 -9.07 6.37 34.80
CA VAL B 342 -7.97 6.80 35.66
C VAL B 342 -8.15 6.36 37.11
N LYS B 343 -9.35 6.53 37.64
CA LYS B 343 -9.60 6.15 39.03
C LYS B 343 -9.49 4.65 39.29
N SER B 344 -9.65 3.83 38.26
CA SER B 344 -9.56 2.40 38.44
C SER B 344 -8.11 1.91 38.51
N VAL B 345 -7.16 2.74 38.08
CA VAL B 345 -5.75 2.34 38.14
C VAL B 345 -4.93 3.27 39.04
N ALA B 346 -5.38 4.51 39.20
CA ALA B 346 -4.68 5.49 40.03
C ALA B 346 -4.75 5.09 41.49
N SER B 347 -3.59 5.00 42.14
CA SER B 347 -3.54 4.59 43.55
C SER B 347 -3.62 5.77 44.50
N LEU B 348 -4.11 5.49 45.70
CA LEU B 348 -4.26 6.50 46.74
C LEU B 348 -2.87 7.02 47.10
N GLY B 349 -1.94 6.10 47.35
CA GLY B 349 -0.59 6.49 47.71
C GLY B 349 0.10 7.26 46.59
N GLY B 350 -0.24 6.94 45.35
CA GLY B 350 0.36 7.61 44.22
C GLY B 350 0.04 9.09 44.22
N ASN B 351 -1.21 9.43 44.52
CA ASN B 351 -1.62 10.83 44.55
C ASN B 351 -0.91 11.60 45.66
N ILE B 352 -0.84 11.00 46.84
CA ILE B 352 -0.20 11.62 47.99
C ILE B 352 1.28 11.92 47.75
N ILE B 353 2.02 10.91 47.31
CA ILE B 353 3.44 11.07 47.07
C ILE B 353 3.78 11.93 45.86
N THR B 354 2.91 11.95 44.85
CA THR B 354 3.17 12.79 43.68
C THR B 354 3.32 14.23 44.18
N ALA B 355 2.62 14.55 45.27
CA ALA B 355 2.68 15.86 45.89
C ALA B 355 2.51 17.04 44.94
N SER B 356 1.56 16.94 44.03
CA SER B 356 1.33 18.04 43.10
C SER B 356 0.70 19.20 43.86
N PRO B 357 1.10 20.44 43.50
CA PRO B 357 0.55 21.62 44.18
C PRO B 357 -0.97 21.66 44.06
N ILE B 358 -1.51 21.03 43.04
CA ILE B 358 -2.95 21.04 42.84
C ILE B 358 -3.68 19.73 43.14
N SER B 359 -3.07 18.87 43.94
CA SER B 359 -3.73 17.62 44.32
C SER B 359 -5.02 18.00 45.04
N ASP B 360 -6.11 17.31 44.73
CA ASP B 360 -7.38 17.59 45.37
C ASP B 360 -7.53 16.78 46.66
N LEU B 361 -6.71 15.74 46.80
CA LEU B 361 -6.79 14.89 47.97
C LEU B 361 -5.88 15.30 49.14
N ASN B 362 -4.65 15.72 48.84
CA ASN B 362 -3.75 16.10 49.92
C ASN B 362 -4.29 17.21 50.81
N PRO B 363 -5.01 18.19 50.23
CA PRO B 363 -5.52 19.24 51.12
C PRO B 363 -6.52 18.65 52.12
N VAL B 364 -7.27 17.64 51.68
CA VAL B 364 -8.26 16.98 52.53
C VAL B 364 -7.58 16.11 53.57
N PHE B 365 -6.52 15.43 53.18
CA PHE B 365 -5.79 14.57 54.09
C PHE B 365 -5.03 15.39 55.14
N MET B 366 -4.58 16.58 54.74
CA MET B 366 -3.85 17.46 55.65
C MET B 366 -4.80 18.13 56.65
N ALA B 367 -5.94 18.59 56.15
CA ALA B 367 -6.92 19.25 57.02
C ALA B 367 -7.51 18.27 58.03
N SER B 368 -7.57 16.99 57.65
CA SER B 368 -8.13 15.97 58.52
C SER B 368 -7.09 15.21 59.34
N GLY B 369 -5.82 15.51 59.13
CA GLY B 369 -4.77 14.83 59.87
C GLY B 369 -4.73 13.34 59.57
N THR B 370 -5.12 12.97 58.36
CA THR B 370 -5.13 11.58 57.93
C THR B 370 -3.80 10.90 58.28
N LYS B 371 -3.90 9.70 58.86
CA LYS B 371 -2.72 8.95 59.29
C LYS B 371 -1.97 8.20 58.20
N LEU B 372 -0.67 8.44 58.14
CA LEU B 372 0.19 7.80 57.14
C LEU B 372 1.16 6.83 57.80
N THR B 373 1.11 5.56 57.39
CA THR B 373 2.01 4.56 57.94
C THR B 373 3.14 4.39 56.93
N ILE B 374 4.34 4.82 57.33
CA ILE B 374 5.51 4.76 56.48
C ILE B 374 6.48 3.68 56.94
N VAL B 375 6.97 2.89 55.99
CA VAL B 375 7.87 1.79 56.31
C VAL B 375 9.13 1.68 55.45
N SER B 376 10.16 1.09 56.05
CA SER B 376 11.44 0.84 55.38
C SER B 376 11.83 -0.55 55.89
N ARG B 377 12.83 -1.18 55.27
CA ARG B 377 13.25 -2.52 55.67
C ARG B 377 13.11 -2.81 57.16
N GLY B 378 13.79 -2.05 58.01
CA GLY B 378 13.69 -2.30 59.43
C GLY B 378 13.00 -1.22 60.24
N THR B 379 12.33 -0.30 59.55
CA THR B 379 11.65 0.79 60.25
C THR B 379 10.16 0.86 59.94
N ARG B 380 9.40 1.46 60.86
CA ARG B 380 7.96 1.61 60.71
C ARG B 380 7.45 2.72 61.63
N ARG B 381 6.70 3.66 61.06
CA ARG B 381 6.14 4.75 61.86
C ARG B 381 4.87 5.30 61.24
N THR B 382 3.99 5.80 62.09
CA THR B 382 2.73 6.36 61.63
C THR B 382 2.68 7.83 62.03
N VAL B 383 2.36 8.69 61.08
CA VAL B 383 2.30 10.12 61.35
C VAL B 383 1.07 10.77 60.72
N PRO B 384 0.45 11.70 61.44
CA PRO B 384 -0.72 12.36 60.86
C PRO B 384 -0.20 13.38 59.85
N MET B 385 -0.81 13.47 58.69
CA MET B 385 -0.38 14.45 57.69
C MET B 385 -0.66 15.85 58.18
N ASP B 386 0.34 16.71 58.09
CA ASP B 386 0.19 18.11 58.48
C ASP B 386 1.00 18.94 57.50
N HIS B 387 1.06 20.26 57.72
CA HIS B 387 1.78 21.12 56.80
C HIS B 387 3.25 20.79 56.54
N THR B 388 3.92 20.21 57.53
CA THR B 388 5.33 19.87 57.37
C THR B 388 5.59 18.69 56.44
N PHE B 389 4.56 17.91 56.14
CA PHE B 389 4.72 16.74 55.28
C PHE B 389 5.19 17.06 53.87
N PHE B 390 4.86 18.25 53.38
CA PHE B 390 5.26 18.69 52.06
C PHE B 390 6.20 19.87 52.26
N PRO B 391 7.51 19.59 52.45
CA PRO B 391 8.56 20.58 52.67
C PRO B 391 8.75 21.57 51.52
N SER B 392 8.75 21.03 50.30
CA SER B 392 8.95 21.85 49.12
C SER B 392 8.27 21.25 47.90
N TYR B 393 8.38 21.95 46.78
CA TYR B 393 7.79 21.54 45.52
C TYR B 393 8.02 20.07 45.15
N ARG B 394 6.92 19.32 45.06
CA ARG B 394 6.98 17.91 44.69
C ARG B 394 7.68 16.99 45.67
N LYS B 395 7.93 17.45 46.89
CA LYS B 395 8.60 16.62 47.88
C LYS B 395 7.73 16.30 49.09
N THR B 396 8.04 15.19 49.74
CA THR B 396 7.34 14.73 50.93
C THR B 396 8.37 14.32 51.98
N LEU B 397 7.93 14.16 53.22
CA LEU B 397 8.82 13.74 54.30
C LEU B 397 9.00 12.23 54.34
N LEU B 398 9.44 11.66 53.23
CA LEU B 398 9.68 10.24 53.13
C LEU B 398 11.16 10.07 52.82
N GLY B 399 11.79 9.08 53.45
CA GLY B 399 13.20 8.84 53.21
C GLY B 399 13.39 8.12 51.89
N PRO B 400 14.62 8.11 51.35
CA PRO B 400 14.89 7.44 50.07
C PRO B 400 14.63 5.93 50.09
N GLU B 401 14.63 5.33 51.28
CA GLU B 401 14.41 3.90 51.39
C GLU B 401 13.04 3.54 51.99
N GLU B 402 12.21 4.55 52.23
CA GLU B 402 10.89 4.35 52.79
C GLU B 402 9.80 4.33 51.72
N ILE B 403 8.69 3.67 52.02
CA ILE B 403 7.56 3.64 51.10
C ILE B 403 6.29 3.84 51.92
N LEU B 404 5.27 4.42 51.31
CA LEU B 404 3.99 4.64 51.99
C LEU B 404 3.26 3.32 51.96
N LEU B 405 2.99 2.76 53.13
CA LEU B 405 2.31 1.47 53.23
C LEU B 405 0.79 1.56 53.27
N SER B 406 0.26 2.42 54.14
CA SER B 406 -1.17 2.57 54.26
C SER B 406 -1.59 3.96 54.71
N ILE B 407 -2.86 4.27 54.47
CA ILE B 407 -3.43 5.57 54.81
C ILE B 407 -4.75 5.33 55.57
N GLU B 408 -4.89 5.92 56.75
CA GLU B 408 -6.11 5.75 57.52
C GLU B 408 -6.91 7.04 57.52
N ILE B 409 -8.04 7.04 56.82
CA ILE B 409 -8.90 8.22 56.77
C ILE B 409 -9.77 8.15 58.03
N PRO B 410 -9.67 9.17 58.89
CA PRO B 410 -10.42 9.26 60.14
C PRO B 410 -11.93 9.49 60.12
N TYR B 411 -12.59 8.96 61.14
CA TYR B 411 -14.02 9.15 61.32
C TYR B 411 -14.11 10.55 61.92
N SER B 412 -15.23 11.23 61.71
CA SER B 412 -15.44 12.56 62.27
C SER B 412 -15.92 12.34 63.70
N ARG B 413 -15.61 13.27 64.58
CA ARG B 413 -16.03 13.17 65.98
C ARG B 413 -17.22 14.09 66.20
N GLU B 414 -17.80 14.04 67.40
CA GLU B 414 -18.93 14.92 67.70
C GLU B 414 -18.37 16.34 67.69
N ASP B 415 -19.18 17.30 67.26
CA ASP B 415 -18.75 18.69 67.21
C ASP B 415 -17.63 18.94 66.20
N GLU B 416 -17.44 18.01 65.27
CA GLU B 416 -16.40 18.14 64.26
C GLU B 416 -17.03 18.10 62.86
N PHE B 417 -16.81 19.14 62.07
CA PHE B 417 -17.39 19.21 60.74
C PHE B 417 -16.31 19.39 59.66
N PHE B 418 -16.62 18.92 58.45
CA PHE B 418 -15.66 18.97 57.35
C PHE B 418 -16.29 19.32 56.01
N SER B 419 -15.53 20.01 55.16
CA SER B 419 -15.96 20.39 53.83
C SER B 419 -14.74 20.36 52.91
N ALA B 420 -14.98 20.09 51.63
CA ALA B 420 -13.92 20.07 50.63
C ALA B 420 -14.50 20.75 49.39
N PHE B 421 -13.72 21.66 48.80
CA PHE B 421 -14.17 22.36 47.60
C PHE B 421 -13.10 22.34 46.54
N LYS B 422 -13.54 22.39 45.28
CA LYS B 422 -12.62 22.38 44.15
C LYS B 422 -13.22 23.17 43.01
N GLN B 423 -12.44 24.09 42.44
CA GLN B 423 -12.91 24.88 41.33
C GLN B 423 -11.86 24.86 40.25
N ALA B 424 -12.23 24.39 39.06
CA ALA B 424 -11.31 24.32 37.93
C ALA B 424 -11.86 25.14 36.76
N SER B 425 -11.54 24.71 35.54
CA SER B 425 -12.01 25.39 34.34
C SER B 425 -13.28 24.70 33.89
N ARG B 426 -13.33 23.38 34.13
CA ARG B 426 -14.48 22.56 33.77
C ARG B 426 -14.75 21.64 34.95
N ARG B 427 -16.02 21.30 35.15
CA ARG B 427 -16.41 20.44 36.26
C ARG B 427 -15.87 19.01 36.14
N GLU B 428 -16.02 18.41 34.95
CA GLU B 428 -15.56 17.05 34.71
C GLU B 428 -14.08 16.93 34.38
N ASP B 429 -13.44 15.91 34.96
CA ASP B 429 -12.02 15.63 34.73
C ASP B 429 -11.19 16.86 34.35
N ASP B 430 -10.81 17.64 35.36
CA ASP B 430 -10.01 18.84 35.12
C ASP B 430 -9.06 19.12 36.30
N ILE B 431 -8.05 19.93 36.04
CA ILE B 431 -7.07 20.30 37.07
C ILE B 431 -7.60 21.52 37.82
N ALA B 432 -7.65 21.41 39.13
CA ALA B 432 -8.16 22.48 39.99
C ALA B 432 -7.33 23.76 40.01
N LYS B 433 -8.03 24.89 40.05
CA LYS B 433 -7.37 26.20 40.15
C LYS B 433 -7.03 26.30 41.62
N VAL B 434 -8.06 26.20 42.45
CA VAL B 434 -7.92 26.24 43.90
C VAL B 434 -8.68 25.03 44.40
N THR B 435 -8.12 24.33 45.38
CA THR B 435 -8.78 23.15 45.93
C THR B 435 -8.49 23.15 47.43
N CYS B 436 -9.43 22.66 48.23
CA CYS B 436 -9.20 22.69 49.67
C CYS B 436 -9.92 21.65 50.50
N GLY B 437 -9.47 21.58 51.75
CA GLY B 437 -10.04 20.69 52.74
C GLY B 437 -10.16 21.58 53.96
N MET B 438 -11.33 21.61 54.58
CA MET B 438 -11.54 22.46 55.75
C MET B 438 -12.18 21.68 56.89
N ARG B 439 -11.60 21.80 58.08
CA ARG B 439 -12.11 21.10 59.25
C ARG B 439 -12.17 22.01 60.48
N VAL B 440 -13.20 21.81 61.28
CA VAL B 440 -13.34 22.58 62.51
C VAL B 440 -13.83 21.64 63.60
N LEU B 441 -13.29 21.83 64.80
CA LEU B 441 -13.66 21.04 65.97
C LEU B 441 -14.01 22.06 67.04
N PHE B 442 -15.22 21.96 67.58
CA PHE B 442 -15.65 22.88 68.62
C PHE B 442 -15.63 22.23 69.99
N GLN B 443 -15.64 23.05 71.03
CA GLN B 443 -15.68 22.54 72.39
C GLN B 443 -17.02 21.79 72.46
N PRO B 444 -17.10 20.73 73.27
CA PRO B 444 -18.35 19.96 73.39
C PRO B 444 -19.63 20.78 73.47
N GLY B 445 -20.53 20.52 72.52
CA GLY B 445 -21.82 21.19 72.47
C GLY B 445 -21.85 22.70 72.30
N SER B 446 -20.76 23.29 71.83
CA SER B 446 -20.73 24.74 71.65
C SER B 446 -20.37 25.17 70.23
N MET B 447 -20.23 26.49 70.06
CA MET B 447 -19.86 27.08 68.79
C MET B 447 -18.48 27.70 68.98
N GLN B 448 -17.76 27.25 70.00
CA GLN B 448 -16.43 27.77 70.28
C GLN B 448 -15.34 26.91 69.64
N VAL B 449 -14.58 27.51 68.75
CA VAL B 449 -13.52 26.83 68.03
C VAL B 449 -12.40 26.27 68.92
N LYS B 450 -12.19 24.95 68.82
CA LYS B 450 -11.14 24.27 69.56
C LYS B 450 -9.99 23.99 68.59
N GLU B 451 -10.36 23.59 67.37
CA GLU B 451 -9.40 23.30 66.31
C GLU B 451 -9.96 23.80 64.98
N LEU B 452 -9.08 24.32 64.12
CA LEU B 452 -9.49 24.82 62.81
C LEU B 452 -8.36 24.62 61.83
N ALA B 453 -8.68 24.05 60.67
CA ALA B 453 -7.67 23.81 59.65
C ALA B 453 -8.22 24.12 58.27
N LEU B 454 -7.56 25.03 57.58
CA LEU B 454 -7.95 25.41 56.23
C LEU B 454 -6.73 25.14 55.37
N CYS B 455 -6.78 24.06 54.60
CA CYS B 455 -5.66 23.67 53.75
C CYS B 455 -6.02 23.82 52.29
N TYR B 456 -5.11 24.45 51.54
CA TYR B 456 -5.34 24.71 50.12
C TYR B 456 -4.29 24.20 49.15
N GLY B 457 -4.76 23.90 47.94
CA GLY B 457 -3.89 23.48 46.86
C GLY B 457 -4.06 24.56 45.81
N GLY B 458 -3.11 24.73 44.90
CA GLY B 458 -3.26 25.75 43.87
C GLY B 458 -2.98 27.18 44.29
N MET B 459 -2.48 27.38 45.51
CA MET B 459 -2.17 28.72 45.99
C MET B 459 -0.69 28.90 46.26
N ALA B 460 0.08 27.83 46.00
CA ALA B 460 1.53 27.83 46.20
C ALA B 460 2.10 26.62 45.47
N ASP B 461 3.43 26.45 45.53
CA ASP B 461 4.08 25.33 44.86
C ASP B 461 3.97 24.03 45.67
N ARG B 462 3.01 24.01 46.59
CA ARG B 462 2.78 22.82 47.42
C ARG B 462 1.48 23.01 48.20
N THR B 463 0.97 21.93 48.80
CA THR B 463 -0.24 22.04 49.59
C THR B 463 0.15 22.81 50.85
N ILE B 464 -0.63 23.83 51.19
CA ILE B 464 -0.34 24.65 52.37
C ILE B 464 -1.53 24.80 53.30
N SER B 465 -1.23 25.17 54.54
CA SER B 465 -2.24 25.39 55.58
C SER B 465 -2.20 26.85 55.99
N ALA B 466 -3.37 27.47 56.15
CA ALA B 466 -3.43 28.87 56.57
C ALA B 466 -3.33 28.94 58.09
N LEU B 467 -2.23 28.38 58.60
CA LEU B 467 -1.96 28.33 60.03
C LEU B 467 -2.05 29.65 60.78
N LYS B 468 -1.51 30.72 60.20
CA LYS B 468 -1.56 32.02 60.86
C LYS B 468 -3.01 32.47 61.06
N THR B 469 -3.80 32.34 60.00
CA THR B 469 -5.21 32.74 60.04
C THR B 469 -6.06 31.90 60.99
N THR B 470 -5.94 30.58 60.90
CA THR B 470 -6.73 29.70 61.76
C THR B 470 -6.32 29.79 63.22
N GLN B 471 -5.03 29.95 63.47
CA GLN B 471 -4.52 30.04 64.84
C GLN B 471 -5.20 31.18 65.62
N LYS B 472 -5.41 32.31 64.96
CA LYS B 472 -6.03 33.47 65.59
C LYS B 472 -7.48 33.24 66.00
N GLN B 473 -8.10 32.21 65.46
CA GLN B 473 -9.50 31.92 65.75
C GLN B 473 -9.74 30.90 66.84
N LEU B 474 -8.68 30.28 67.34
CA LEU B 474 -8.85 29.29 68.40
C LEU B 474 -9.44 29.98 69.62
N SER B 475 -10.48 29.37 70.19
CA SER B 475 -11.19 29.89 71.36
C SER B 475 -12.24 30.92 70.98
N LYS B 476 -12.28 31.29 69.71
CA LYS B 476 -13.27 32.25 69.24
C LYS B 476 -14.54 31.46 68.94
N PHE B 477 -15.62 32.18 68.67
CA PHE B 477 -16.91 31.53 68.36
C PHE B 477 -17.29 31.67 66.90
N TRP B 478 -18.06 30.71 66.40
CA TRP B 478 -18.50 30.72 65.00
C TRP B 478 -19.53 31.81 64.79
N ASN B 479 -19.08 32.97 64.33
CA ASN B 479 -19.98 34.09 64.10
C ASN B 479 -19.52 34.99 62.97
N GLU B 480 -20.34 36.00 62.66
CA GLU B 480 -20.05 36.95 61.60
C GLU B 480 -18.66 37.56 61.74
N LYS B 481 -18.27 37.88 62.97
CA LYS B 481 -16.96 38.47 63.23
C LYS B 481 -15.83 37.54 62.82
N LEU B 482 -15.99 36.24 63.10
CA LEU B 482 -14.98 35.26 62.75
C LEU B 482 -14.87 35.13 61.23
N LEU B 483 -16.01 35.27 60.55
CA LEU B 483 -16.03 35.18 59.08
C LEU B 483 -15.21 36.33 58.51
N GLN B 484 -15.46 37.54 59.00
CA GLN B 484 -14.75 38.72 58.54
C GLN B 484 -13.26 38.59 58.83
N ASP B 485 -12.92 38.18 60.05
CA ASP B 485 -11.52 38.02 60.43
C ASP B 485 -10.77 36.96 59.62
N VAL B 486 -11.41 35.82 59.39
CA VAL B 486 -10.77 34.76 58.62
C VAL B 486 -10.56 35.20 57.17
N CYS B 487 -11.55 35.87 56.59
CA CYS B 487 -11.45 36.35 55.22
C CYS B 487 -10.30 37.35 55.09
N ALA B 488 -10.20 38.27 56.04
CA ALA B 488 -9.13 39.27 56.03
C ALA B 488 -7.79 38.57 56.21
N GLY B 489 -7.77 37.53 57.03
CA GLY B 489 -6.56 36.78 57.27
C GLY B 489 -6.11 36.04 56.01
N LEU B 490 -7.04 35.31 55.41
CA LEU B 490 -6.75 34.55 54.20
C LEU B 490 -6.24 35.47 53.10
N ALA B 491 -6.88 36.63 52.95
CA ALA B 491 -6.49 37.60 51.93
C ALA B 491 -5.05 38.05 52.13
N GLU B 492 -4.63 38.10 53.39
CA GLU B 492 -3.27 38.53 53.73
C GLU B 492 -2.27 37.38 53.67
N GLU B 493 -2.58 36.28 54.35
CA GLU B 493 -1.69 35.13 54.40
C GLU B 493 -1.49 34.39 53.07
N LEU B 494 -2.55 34.26 52.28
CA LEU B 494 -2.46 33.57 50.99
C LEU B 494 -2.34 34.55 49.84
N SER B 495 -1.51 35.57 50.01
CA SER B 495 -1.33 36.58 48.97
C SER B 495 -0.65 35.99 47.74
N LEU B 496 -0.88 36.62 46.59
CA LEU B 496 -0.27 36.18 45.33
C LEU B 496 0.34 37.39 44.64
N SER B 497 1.55 37.24 44.13
CA SER B 497 2.23 38.31 43.43
C SER B 497 1.90 38.24 41.94
N PRO B 498 1.92 39.39 41.25
CA PRO B 498 1.61 39.51 39.82
C PRO B 498 2.22 38.42 38.94
N ASP B 499 3.44 38.00 39.24
CA ASP B 499 4.11 36.98 38.44
C ASP B 499 3.89 35.56 38.94
N ALA B 500 2.85 35.38 39.77
CA ALA B 500 2.56 34.07 40.31
C ALA B 500 2.24 33.10 39.17
N PRO B 501 2.90 31.93 39.16
CA PRO B 501 2.66 30.93 38.12
C PRO B 501 1.17 30.54 38.06
N GLY B 502 0.61 30.53 36.86
CA GLY B 502 -0.79 30.17 36.71
C GLY B 502 -1.71 31.35 36.49
N GLY B 503 -1.29 32.54 36.93
CA GLY B 503 -2.10 33.72 36.76
C GLY B 503 -3.42 33.63 37.53
N MET B 504 -4.45 34.28 37.00
CA MET B 504 -5.77 34.30 37.62
C MET B 504 -5.64 34.62 39.10
N ILE B 505 -4.88 35.68 39.38
CA ILE B 505 -4.62 36.13 40.74
C ILE B 505 -5.87 36.48 41.54
N GLU B 506 -6.64 37.46 41.06
CA GLU B 506 -7.83 37.90 41.76
C GLU B 506 -8.85 36.77 41.92
N PHE B 507 -9.00 35.95 40.87
CA PHE B 507 -9.94 34.84 40.89
C PHE B 507 -9.57 33.80 41.95
N ARG B 508 -8.31 33.40 42.00
CA ARG B 508 -7.87 32.41 42.98
C ARG B 508 -7.99 32.95 44.39
N ARG B 509 -7.63 34.22 44.58
CA ARG B 509 -7.72 34.82 45.90
C ARG B 509 -9.19 34.85 46.32
N THR B 510 -10.06 35.23 45.40
CA THR B 510 -11.50 35.28 45.67
C THR B 510 -12.06 33.90 46.04
N LEU B 511 -11.58 32.86 45.38
CA LEU B 511 -12.05 31.50 45.65
C LEU B 511 -11.66 31.03 47.04
N THR B 512 -10.46 31.39 47.50
CA THR B 512 -10.03 30.97 48.82
C THR B 512 -11.01 31.50 49.86
N LEU B 513 -11.45 32.74 49.67
CA LEU B 513 -12.42 33.36 50.58
C LEU B 513 -13.83 32.81 50.38
N SER B 514 -14.22 32.66 49.12
CA SER B 514 -15.55 32.15 48.79
C SER B 514 -15.74 30.73 49.29
N PHE B 515 -14.67 29.93 49.24
CA PHE B 515 -14.74 28.56 49.72
C PHE B 515 -14.93 28.58 51.24
N PHE B 516 -14.21 29.47 51.93
CA PHE B 516 -14.38 29.52 53.38
C PHE B 516 -15.78 29.98 53.72
N PHE B 517 -16.32 30.89 52.90
CA PHE B 517 -17.66 31.39 53.15
C PHE B 517 -18.66 30.24 53.10
N LYS B 518 -18.55 29.40 52.07
CA LYS B 518 -19.45 28.25 51.96
C LYS B 518 -19.28 27.34 53.17
N PHE B 519 -18.04 27.18 53.63
CA PHE B 519 -17.75 26.35 54.79
C PHE B 519 -18.42 26.96 56.02
N TYR B 520 -18.26 28.27 56.16
CA TYR B 520 -18.84 29.01 57.27
C TYR B 520 -20.35 28.80 57.36
N LEU B 521 -21.02 28.97 56.22
CA LEU B 521 -22.46 28.80 56.16
C LEU B 521 -22.86 27.36 56.40
N THR B 522 -22.11 26.43 55.83
CA THR B 522 -22.38 25.00 55.98
C THR B 522 -22.26 24.58 57.44
N VAL B 523 -21.27 25.12 58.14
CA VAL B 523 -21.07 24.79 59.54
C VAL B 523 -22.18 25.36 60.42
N LEU B 524 -22.65 26.57 60.09
CA LEU B 524 -23.74 27.16 60.85
C LEU B 524 -24.96 26.27 60.71
N LYS B 525 -25.17 25.76 59.51
CA LYS B 525 -26.31 24.89 59.25
C LYS B 525 -26.17 23.60 60.06
N LYS B 526 -24.95 23.06 60.10
CA LYS B 526 -24.69 21.84 60.85
C LYS B 526 -24.77 22.09 62.35
N LEU B 527 -24.45 23.30 62.77
CA LEU B 527 -24.52 23.64 64.19
C LEU B 527 -25.98 23.92 64.55
N GLY B 528 -26.86 23.75 63.56
CA GLY B 528 -28.28 23.97 63.77
C GLY B 528 -29.02 22.71 64.16
N LYS B 537 -29.91 28.43 62.01
CA LYS B 537 -30.59 28.30 60.68
C LYS B 537 -30.14 29.43 59.75
N LEU B 538 -29.96 29.08 58.48
CA LEU B 538 -29.53 30.06 57.49
C LEU B 538 -30.74 30.74 56.84
N ASP B 539 -30.47 31.83 56.14
CA ASP B 539 -31.50 32.57 55.43
C ASP B 539 -31.93 31.72 54.24
N PRO B 540 -33.23 31.67 53.93
CA PRO B 540 -33.72 30.88 52.81
C PRO B 540 -33.00 31.20 51.50
N THR B 541 -32.56 32.46 51.38
CA THR B 541 -31.86 32.92 50.18
C THR B 541 -30.37 32.59 50.24
N TYR B 542 -29.93 32.04 51.37
CA TYR B 542 -28.52 31.67 51.56
C TYR B 542 -28.32 30.17 51.46
N THR B 543 -29.36 29.41 51.75
CA THR B 543 -29.32 27.94 51.73
C THR B 543 -28.62 27.30 50.52
N SER B 544 -29.00 27.73 49.32
CA SER B 544 -28.42 27.15 48.11
C SER B 544 -26.89 27.29 48.00
N ALA B 545 -26.30 28.13 48.85
CA ALA B 545 -24.86 28.33 48.81
C ALA B 545 -24.13 27.17 49.49
N THR B 546 -24.88 26.38 50.25
CA THR B 546 -24.31 25.24 50.97
C THR B 546 -24.60 23.90 50.30
N LEU B 547 -25.39 23.93 49.24
CA LEU B 547 -25.74 22.70 48.54
C LEU B 547 -24.64 22.20 47.61
N LEU B 548 -24.42 20.89 47.63
CA LEU B 548 -23.41 20.27 46.77
C LEU B 548 -24.04 20.06 45.40
N PHE B 549 -23.23 20.09 44.35
CA PHE B 549 -23.73 19.92 42.99
C PHE B 549 -24.72 18.77 42.89
N GLN B 550 -25.93 19.07 42.43
CA GLN B 550 -26.98 18.07 42.28
C GLN B 550 -27.41 18.04 40.81
N LYS B 551 -27.30 16.88 40.18
CA LYS B 551 -27.68 16.75 38.78
C LYS B 551 -29.15 16.36 38.64
N HIS B 552 -29.81 16.98 37.66
CA HIS B 552 -31.22 16.73 37.40
C HIS B 552 -31.40 15.76 36.22
N PRO B 553 -32.55 15.06 36.16
CA PRO B 553 -32.85 14.10 35.09
C PRO B 553 -32.80 14.74 33.71
N PRO B 554 -32.03 14.16 32.78
CA PRO B 554 -31.93 14.71 31.42
C PRO B 554 -33.19 14.46 30.60
N ALA B 555 -33.54 15.44 29.75
CA ALA B 555 -34.71 15.33 28.89
C ALA B 555 -34.34 15.80 27.49
N ASN B 556 -34.51 14.93 26.50
CA ASN B 556 -34.17 15.27 25.13
C ASN B 556 -35.29 14.97 24.15
N ILE B 557 -35.64 15.97 23.35
CA ILE B 557 -36.70 15.81 22.35
C ILE B 557 -36.21 16.32 21.00
N GLN B 558 -36.35 15.47 19.98
CA GLN B 558 -35.96 15.87 18.63
C GLN B 558 -37.22 15.86 17.78
N LEU B 559 -37.44 16.94 17.05
CA LEU B 559 -38.60 17.03 16.19
C LEU B 559 -38.15 17.28 14.76
N PHE B 560 -38.68 16.50 13.83
CA PHE B 560 -38.36 16.66 12.43
C PHE B 560 -39.55 16.24 11.59
N GLN B 561 -39.46 16.40 10.28
CA GLN B 561 -40.58 16.08 9.41
C GLN B 561 -40.52 14.71 8.76
N GLU B 562 -41.64 14.00 8.84
CA GLU B 562 -41.74 12.68 8.23
C GLU B 562 -41.73 12.87 6.73
N VAL B 563 -41.29 11.85 5.99
CA VAL B 563 -41.27 11.95 4.53
C VAL B 563 -42.68 11.72 4.00
N PRO B 564 -42.96 12.16 2.77
CA PRO B 564 -44.30 11.96 2.20
C PRO B 564 -44.83 10.53 2.40
N ASN B 565 -46.08 10.45 2.85
CA ASN B 565 -46.75 9.19 3.12
C ASN B 565 -46.41 7.99 2.23
N GLY B 566 -46.58 8.16 0.92
CA GLY B 566 -46.31 7.07 0.01
C GLY B 566 -44.92 6.97 -0.60
N GLN B 567 -43.95 7.66 -0.02
CA GLN B 567 -42.59 7.61 -0.56
C GLN B 567 -42.05 6.18 -0.51
N SER B 568 -41.38 5.76 -1.59
CA SER B 568 -40.81 4.42 -1.66
C SER B 568 -39.83 4.16 -0.53
N LYS B 569 -39.83 2.92 -0.04
CA LYS B 569 -38.93 2.55 1.05
C LYS B 569 -37.48 2.64 0.55
N GLU B 570 -37.29 2.45 -0.75
CA GLU B 570 -35.96 2.52 -1.34
C GLU B 570 -35.44 3.96 -1.45
N ASP B 571 -36.33 4.94 -1.38
CA ASP B 571 -35.93 6.35 -1.44
C ASP B 571 -35.64 6.76 -0.01
N THR B 572 -34.36 6.84 0.36
CA THR B 572 -34.00 7.20 1.72
C THR B 572 -33.79 8.70 1.94
N VAL B 573 -33.92 9.50 0.88
CA VAL B 573 -33.74 10.94 1.04
C VAL B 573 -34.85 11.48 1.94
N GLY B 574 -34.45 12.07 3.06
CA GLY B 574 -35.41 12.61 4.00
C GLY B 574 -35.59 11.71 5.21
N ARG B 575 -35.05 10.50 5.14
CA ARG B 575 -35.16 9.54 6.25
C ARG B 575 -33.92 9.60 7.15
N PRO B 576 -34.08 9.23 8.43
CA PRO B 576 -32.97 9.24 9.40
C PRO B 576 -32.02 8.05 9.28
N LEU B 577 -31.39 7.92 8.12
CA LEU B 577 -30.45 6.83 7.86
C LEU B 577 -29.15 7.06 8.64
N PRO B 578 -28.73 6.07 9.45
CA PRO B 578 -27.48 6.27 10.20
C PRO B 578 -26.25 6.33 9.29
N HIS B 579 -25.21 7.02 9.77
CA HIS B 579 -23.95 7.17 9.05
C HIS B 579 -23.54 5.79 8.55
N LEU B 580 -23.24 5.67 7.25
CA LEU B 580 -22.90 4.38 6.67
C LEU B 580 -21.73 3.63 7.32
N ALA B 581 -20.81 4.34 7.95
CA ALA B 581 -19.67 3.68 8.58
C ALA B 581 -19.79 3.58 10.10
N ALA B 582 -20.92 4.01 10.64
CA ALA B 582 -21.13 3.99 12.08
C ALA B 582 -20.86 2.63 12.73
N ALA B 583 -21.39 1.56 12.15
CA ALA B 583 -21.19 0.23 12.70
C ALA B 583 -19.70 -0.13 12.75
N MET B 584 -18.98 0.17 11.68
CA MET B 584 -17.54 -0.15 11.65
C MET B 584 -16.75 0.75 12.59
N GLN B 585 -17.26 1.96 12.83
CA GLN B 585 -16.58 2.87 13.74
C GLN B 585 -16.78 2.34 15.16
N ALA B 586 -17.98 1.81 15.43
CA ALA B 586 -18.30 1.25 16.74
C ALA B 586 -17.53 -0.04 16.99
N SER B 587 -17.16 -0.74 15.92
CA SER B 587 -16.44 -2.00 16.05
C SER B 587 -14.93 -1.84 15.98
N GLY B 588 -14.46 -0.65 15.62
CA GLY B 588 -13.03 -0.45 15.53
C GLY B 588 -12.46 -0.97 14.21
N GLU B 589 -13.34 -1.31 13.27
CA GLU B 589 -12.91 -1.82 11.98
C GLU B 589 -12.66 -0.69 10.99
N ALA B 590 -13.26 0.47 11.23
CA ALA B 590 -13.08 1.62 10.37
C ALA B 590 -11.60 1.99 10.39
N VAL B 591 -10.99 2.15 9.22
CA VAL B 591 -9.58 2.50 9.14
C VAL B 591 -9.31 4.00 9.01
N TYR B 592 -8.48 4.52 9.92
CA TYR B 592 -8.06 5.93 9.86
C TYR B 592 -6.60 5.84 9.44
N CYS B 593 -6.05 6.96 8.98
CA CYS B 593 -4.68 6.99 8.47
C CYS B 593 -3.64 6.14 9.21
N ASP B 594 -3.42 6.37 10.49
CA ASP B 594 -2.41 5.58 11.19
C ASP B 594 -2.78 4.11 11.40
N ASP B 595 -4.04 3.77 11.16
CA ASP B 595 -4.48 2.37 11.32
C ASP B 595 -4.02 1.53 10.13
N ILE B 596 -3.62 2.21 9.06
CA ILE B 596 -3.13 1.50 7.88
C ILE B 596 -1.84 0.79 8.28
N PRO B 597 -1.73 -0.51 7.95
CA PRO B 597 -0.51 -1.25 8.31
C PRO B 597 0.75 -0.59 7.75
N ARG B 598 1.84 -0.67 8.50
CA ARG B 598 3.10 -0.09 8.03
C ARG B 598 3.84 -1.11 7.19
N TYR B 599 4.62 -0.62 6.22
CA TYR B 599 5.42 -1.51 5.41
C TYR B 599 6.57 -1.97 6.29
N GLU B 600 7.18 -3.09 5.94
CA GLU B 600 8.29 -3.61 6.73
C GLU B 600 9.45 -2.61 6.78
N ASN B 601 9.58 -1.80 5.75
CA ASN B 601 10.67 -0.80 5.69
C ASN B 601 10.19 0.62 5.95
N GLU B 602 8.99 0.76 6.51
CA GLU B 602 8.45 2.09 6.76
C GLU B 602 9.14 2.76 7.95
N LEU B 603 9.49 4.03 7.76
CA LEU B 603 10.17 4.80 8.78
C LEU B 603 9.23 5.81 9.44
N PHE B 604 9.69 6.43 10.52
CA PHE B 604 8.88 7.40 11.24
C PHE B 604 9.55 8.77 11.34
N LEU B 605 8.76 9.81 11.14
CA LEU B 605 9.26 11.18 11.19
C LEU B 605 8.72 11.93 12.40
N ARG B 606 9.60 12.76 12.98
CA ARG B 606 9.26 13.58 14.13
C ARG B 606 9.74 14.98 13.80
N LEU B 607 8.82 15.95 13.82
CA LEU B 607 9.17 17.33 13.51
C LEU B 607 10.03 17.98 14.58
N VAL B 608 10.98 18.80 14.14
CA VAL B 608 11.83 19.55 15.07
C VAL B 608 11.35 20.99 14.91
N THR B 609 10.81 21.56 15.98
CA THR B 609 10.24 22.89 15.92
C THR B 609 10.94 23.94 16.80
N SER B 610 10.75 25.20 16.43
CA SER B 610 11.32 26.33 17.14
C SER B 610 10.79 26.48 18.56
N THR B 611 11.67 26.86 19.48
CA THR B 611 11.27 27.07 20.87
C THR B 611 11.28 28.58 21.15
N ARG B 612 11.52 29.37 20.10
CA ARG B 612 11.55 30.83 20.19
C ARG B 612 10.48 31.46 19.30
N ALA B 613 9.86 32.55 19.78
CA ALA B 613 8.82 33.23 19.00
C ALA B 613 9.37 33.94 17.77
N HIS B 614 10.59 34.46 17.88
CA HIS B 614 11.20 35.17 16.75
C HIS B 614 12.70 35.26 16.96
N ALA B 615 13.47 34.64 16.08
CA ALA B 615 14.91 34.65 16.21
C ALA B 615 15.63 34.15 14.97
N LYS B 616 16.94 34.39 14.93
CA LYS B 616 17.76 33.94 13.83
C LYS B 616 18.26 32.56 14.20
N ILE B 617 18.32 31.66 13.24
CA ILE B 617 18.83 30.33 13.51
C ILE B 617 20.33 30.44 13.29
N LYS B 618 21.10 30.38 14.37
CA LYS B 618 22.55 30.50 14.27
C LYS B 618 23.18 29.21 13.81
N SER B 619 22.80 28.10 14.44
CA SER B 619 23.35 26.80 14.08
C SER B 619 22.44 25.68 14.56
N ILE B 620 22.61 24.51 13.97
CA ILE B 620 21.85 23.33 14.34
C ILE B 620 22.82 22.17 14.54
N ASP B 621 22.84 21.63 15.75
CA ASP B 621 23.72 20.52 16.07
C ASP B 621 22.93 19.23 16.27
N VAL B 622 23.19 18.25 15.42
CA VAL B 622 22.50 16.96 15.49
C VAL B 622 23.43 15.85 15.98
N SER B 623 24.59 16.23 16.49
CA SER B 623 25.56 15.26 16.98
C SER B 623 24.99 14.32 18.05
N GLU B 624 24.11 14.82 18.91
CA GLU B 624 23.53 13.99 19.95
C GLU B 624 22.39 13.12 19.39
N ALA B 625 21.62 13.67 18.47
CA ALA B 625 20.52 12.93 17.88
C ALA B 625 21.06 11.71 17.11
N GLN B 626 22.19 11.91 16.44
CA GLN B 626 22.83 10.85 15.66
C GLN B 626 23.20 9.62 16.48
N LYS B 627 23.30 9.79 17.80
CA LYS B 627 23.67 8.67 18.67
C LYS B 627 22.47 7.84 19.09
N VAL B 628 21.27 8.38 18.91
CA VAL B 628 20.06 7.65 19.29
C VAL B 628 19.90 6.41 18.41
N PRO B 629 19.64 5.25 19.03
CA PRO B 629 19.47 4.01 18.25
C PRO B 629 18.37 4.17 17.21
N GLY B 630 18.59 3.61 16.03
CA GLY B 630 17.59 3.71 14.98
C GLY B 630 17.53 5.03 14.24
N PHE B 631 18.39 5.97 14.60
CA PHE B 631 18.41 7.26 13.91
C PHE B 631 18.72 7.02 12.43
N VAL B 632 18.04 7.72 11.54
CA VAL B 632 18.30 7.57 10.12
C VAL B 632 18.89 8.85 9.55
N CYS B 633 18.22 9.97 9.78
CA CYS B 633 18.69 11.26 9.28
C CYS B 633 17.91 12.43 9.86
N PHE B 634 18.49 13.61 9.71
CA PHE B 634 17.85 14.85 10.13
C PHE B 634 17.64 15.59 8.82
N LEU B 635 16.41 16.04 8.57
CA LEU B 635 16.09 16.75 7.34
C LEU B 635 15.87 18.22 7.62
N SER B 636 16.35 19.07 6.71
CA SER B 636 16.18 20.52 6.85
C SER B 636 15.97 21.15 5.49
N ALA B 637 15.88 22.48 5.44
CA ALA B 637 15.64 23.20 4.21
C ALA B 637 16.53 22.82 3.02
N ASP B 638 17.83 22.64 3.27
CA ASP B 638 18.75 22.29 2.18
C ASP B 638 18.49 20.92 1.53
N ASP B 639 17.65 20.11 2.15
CA ASP B 639 17.35 18.79 1.59
C ASP B 639 16.25 18.85 0.53
N ILE B 640 15.45 19.91 0.55
CA ILE B 640 14.36 20.08 -0.40
C ILE B 640 14.90 20.18 -1.83
N PRO B 641 14.44 19.29 -2.73
CA PRO B 641 14.89 19.29 -4.13
C PRO B 641 14.20 20.35 -4.99
N GLY B 642 12.97 20.68 -4.62
CA GLY B 642 12.23 21.67 -5.38
C GLY B 642 12.22 23.04 -4.74
N SER B 643 11.06 23.44 -4.22
CA SER B 643 10.91 24.74 -3.60
C SER B 643 10.58 24.69 -2.11
N ASN B 644 11.18 25.60 -1.35
CA ASN B 644 10.92 25.67 0.08
C ASN B 644 9.85 26.73 0.34
N GLU B 645 9.27 27.25 -0.74
CA GLU B 645 8.22 28.25 -0.61
C GLU B 645 6.88 27.55 -0.70
N THR B 646 6.09 27.62 0.37
CA THR B 646 4.80 26.96 0.40
C THR B 646 3.74 27.84 1.03
N GLY B 647 2.58 27.27 1.32
CA GLY B 647 1.51 28.04 1.92
C GLY B 647 0.57 28.57 0.86
N LEU B 648 -0.68 28.80 1.25
CA LEU B 648 -1.68 29.28 0.32
C LEU B 648 -1.22 30.53 -0.42
N PHE B 649 -0.57 31.45 0.29
CA PHE B 649 -0.08 32.68 -0.32
C PHE B 649 1.43 32.72 -0.54
N ASN B 650 2.05 31.54 -0.56
CA ASN B 650 3.49 31.41 -0.80
C ASN B 650 4.35 32.28 0.10
N ASP B 651 3.92 32.44 1.34
CA ASP B 651 4.64 33.25 2.31
C ASP B 651 5.15 32.39 3.45
N GLU B 652 5.26 31.08 3.21
CA GLU B 652 5.73 30.16 4.24
C GLU B 652 6.88 29.31 3.74
N THR B 653 7.62 28.75 4.67
CA THR B 653 8.72 27.85 4.34
C THR B 653 8.25 26.44 4.69
N VAL B 654 8.79 25.44 4.01
CA VAL B 654 8.45 24.06 4.32
C VAL B 654 9.23 23.78 5.61
N PHE B 655 10.49 24.22 5.59
CA PHE B 655 11.41 24.09 6.73
C PHE B 655 12.03 25.47 6.95
N ALA B 656 12.03 25.94 8.19
CA ALA B 656 12.59 27.26 8.51
C ALA B 656 14.00 27.47 7.97
N LYS B 657 14.24 28.65 7.41
CA LYS B 657 15.54 28.99 6.85
C LYS B 657 16.01 30.35 7.38
N ASP B 658 17.12 30.34 8.11
CA ASP B 658 17.70 31.55 8.68
C ASP B 658 17.00 32.10 9.91
N THR B 659 15.67 32.12 9.91
CA THR B 659 14.94 32.64 11.06
C THR B 659 13.64 31.90 11.35
N VAL B 660 13.27 31.87 12.62
CA VAL B 660 12.02 31.24 13.05
C VAL B 660 11.09 32.38 13.42
N THR B 661 9.82 32.27 13.04
CA THR B 661 8.86 33.34 13.34
C THR B 661 7.73 32.99 14.30
N CYS B 662 7.88 31.90 15.05
CA CYS B 662 6.87 31.51 16.04
C CYS B 662 7.29 30.23 16.75
N VAL B 663 6.86 30.09 18.00
CA VAL B 663 7.16 28.88 18.74
C VAL B 663 6.36 27.81 17.99
N GLY B 664 7.03 26.75 17.56
CA GLY B 664 6.35 25.70 16.82
C GLY B 664 6.72 25.73 15.35
N HIS B 665 7.42 26.77 14.93
CA HIS B 665 7.85 26.92 13.55
C HIS B 665 8.73 25.72 13.18
N ILE B 666 8.32 24.98 12.16
CA ILE B 666 9.05 23.79 11.75
C ILE B 666 10.42 24.09 11.15
N ILE B 667 11.46 23.63 11.83
CA ILE B 667 12.84 23.85 11.40
C ILE B 667 13.36 22.66 10.59
N GLY B 668 12.94 21.47 10.99
CA GLY B 668 13.39 20.28 10.28
C GLY B 668 12.66 19.08 10.80
N ALA B 669 13.24 17.89 10.60
CA ALA B 669 12.60 16.68 11.06
C ALA B 669 13.58 15.54 11.17
N VAL B 670 13.33 14.65 12.12
CA VAL B 670 14.17 13.48 12.31
C VAL B 670 13.39 12.25 11.82
N VAL B 671 14.09 11.37 11.14
CA VAL B 671 13.50 10.14 10.63
C VAL B 671 14.24 9.01 11.35
N ALA B 672 13.48 8.05 11.87
CA ALA B 672 14.08 6.91 12.59
C ALA B 672 13.27 5.65 12.37
N ASP B 673 13.81 4.52 12.84
CA ASP B 673 13.14 3.24 12.67
C ASP B 673 11.88 3.06 13.51
N THR B 674 11.71 3.85 14.56
CA THR B 674 10.51 3.76 15.38
C THR B 674 10.09 5.16 15.81
N PRO B 675 8.81 5.34 16.19
CA PRO B 675 8.39 6.68 16.61
C PRO B 675 9.09 7.14 17.90
N GLU B 676 9.33 6.21 18.83
CA GLU B 676 10.00 6.56 20.08
C GLU B 676 11.42 7.08 19.80
N HIS B 677 12.13 6.37 18.93
CA HIS B 677 13.48 6.76 18.58
C HIS B 677 13.52 8.11 17.88
N ALA B 678 12.57 8.36 16.99
CA ALA B 678 12.53 9.62 16.27
C ALA B 678 12.25 10.75 17.26
N GLU B 679 11.34 10.51 18.19
CA GLU B 679 10.96 11.49 19.19
C GLU B 679 12.15 11.83 20.07
N ARG B 680 12.82 10.80 20.57
CA ARG B 680 13.99 11.01 21.44
C ARG B 680 15.11 11.73 20.70
N ALA B 681 15.35 11.34 19.45
CA ALA B 681 16.40 11.97 18.65
C ALA B 681 16.08 13.44 18.42
N ALA B 682 14.83 13.73 18.06
CA ALA B 682 14.41 15.10 17.79
C ALA B 682 14.55 15.98 19.04
N HIS B 683 14.23 15.40 20.19
CA HIS B 683 14.32 16.13 21.45
C HIS B 683 15.73 16.66 21.72
N VAL B 684 16.75 15.91 21.31
CA VAL B 684 18.12 16.34 21.54
C VAL B 684 18.81 17.08 20.39
N VAL B 685 18.04 17.48 19.38
CA VAL B 685 18.63 18.25 18.29
C VAL B 685 18.82 19.61 18.93
N LYS B 686 20.06 20.11 18.94
CA LYS B 686 20.35 21.38 19.56
C LYS B 686 20.38 22.56 18.58
N VAL B 687 19.47 23.51 18.80
CA VAL B 687 19.39 24.69 17.95
C VAL B 687 19.87 25.91 18.73
N THR B 688 20.69 26.74 18.08
CA THR B 688 21.21 27.95 18.69
C THR B 688 20.49 29.14 18.09
N TYR B 689 19.90 29.98 18.94
CA TYR B 689 19.16 31.14 18.46
C TYR B 689 19.75 32.48 18.86
N GLU B 690 19.29 33.50 18.18
CA GLU B 690 19.67 34.89 18.43
C GLU B 690 18.33 35.61 18.30
N ASP B 691 17.68 35.83 19.43
CA ASP B 691 16.36 36.47 19.45
C ASP B 691 16.24 37.77 18.67
N LEU B 692 15.03 38.00 18.16
CA LEU B 692 14.69 39.21 17.40
C LEU B 692 13.43 39.79 18.03
N PRO B 693 13.21 41.10 17.88
CA PRO B 693 12.02 41.71 18.46
C PRO B 693 10.77 40.94 18.00
N ALA B 694 9.92 40.57 18.95
CA ALA B 694 8.72 39.82 18.61
C ALA B 694 7.43 40.62 18.80
N ILE B 695 6.43 40.27 18.00
CA ILE B 695 5.10 40.90 18.06
C ILE B 695 4.14 39.75 18.31
N ILE B 696 3.59 39.68 19.52
CA ILE B 696 2.70 38.58 19.89
C ILE B 696 1.22 38.90 19.89
N THR B 697 0.84 39.98 20.57
CA THR B 697 -0.56 40.35 20.68
C THR B 697 -1.10 41.25 19.60
N ILE B 698 -2.43 41.31 19.52
CA ILE B 698 -3.11 42.15 18.56
C ILE B 698 -2.72 43.59 18.86
N GLU B 699 -2.66 43.93 20.14
CA GLU B 699 -2.26 45.28 20.53
C GLU B 699 -0.83 45.54 20.05
N ASP B 700 0.04 44.55 20.21
CA ASP B 700 1.43 44.67 19.77
C ASP B 700 1.45 44.97 18.27
N ALA B 701 0.64 44.23 17.53
CA ALA B 701 0.57 44.37 16.08
C ALA B 701 0.11 45.77 15.66
N ILE B 702 -0.98 46.23 16.29
CA ILE B 702 -1.52 47.54 16.00
C ILE B 702 -0.50 48.63 16.29
N LYS B 703 0.12 48.54 17.46
CA LYS B 703 1.11 49.51 17.89
C LYS B 703 2.30 49.57 16.93
N ASN B 704 2.61 48.43 16.31
CA ASN B 704 3.74 48.35 15.39
C ASN B 704 3.31 48.30 13.93
N ASN B 705 2.03 48.53 13.68
CA ASN B 705 1.50 48.52 12.31
C ASN B 705 1.93 47.23 11.59
N SER B 706 1.78 46.11 12.27
CA SER B 706 2.15 44.81 11.70
C SER B 706 0.88 44.10 11.25
N PHE B 707 0.55 44.27 9.96
CA PHE B 707 -0.65 43.65 9.40
C PHE B 707 -0.36 42.96 8.08
N TYR B 708 -1.30 42.13 7.64
CA TYR B 708 -1.17 41.47 6.36
C TYR B 708 -2.11 42.22 5.43
N GLY B 709 -1.58 42.80 4.36
CA GLY B 709 -2.42 43.52 3.43
C GLY B 709 -3.06 44.78 4.01
N SER B 710 -3.99 45.35 3.26
CA SER B 710 -4.67 46.57 3.69
C SER B 710 -6.02 46.31 4.34
N GLU B 711 -6.59 47.37 4.89
CA GLU B 711 -7.88 47.32 5.55
C GLU B 711 -9.01 46.85 4.65
N LEU B 712 -9.87 45.99 5.19
CA LEU B 712 -11.04 45.48 4.47
C LEU B 712 -12.21 46.29 4.99
N LYS B 713 -13.19 46.56 4.14
CA LYS B 713 -14.33 47.35 4.59
C LYS B 713 -15.62 47.22 3.78
N ILE B 714 -16.73 47.35 4.49
CA ILE B 714 -18.07 47.32 3.90
C ILE B 714 -18.78 48.48 4.57
N GLU B 715 -19.20 49.46 3.77
CA GLU B 715 -19.89 50.62 4.32
C GLU B 715 -21.16 50.90 3.53
N LYS B 716 -22.26 51.11 4.25
CA LYS B 716 -23.54 51.39 3.63
C LYS B 716 -24.27 52.47 4.44
N GLY B 717 -24.91 53.40 3.74
CA GLY B 717 -25.63 54.46 4.40
C GLY B 717 -24.77 55.66 4.74
N ASP B 718 -25.21 56.44 5.71
CA ASP B 718 -24.51 57.65 6.14
C ASP B 718 -24.30 57.57 7.65
N LEU B 719 -23.10 57.17 8.08
CA LEU B 719 -22.80 57.06 9.50
C LEU B 719 -23.00 58.35 10.26
N LYS B 720 -22.34 59.41 9.81
CA LYS B 720 -22.45 60.73 10.44
C LYS B 720 -23.92 61.05 10.70
N LYS B 721 -24.72 60.98 9.66
CA LYS B 721 -26.14 61.28 9.77
C LYS B 721 -26.82 60.34 10.76
N GLY B 722 -26.56 59.04 10.63
CA GLY B 722 -27.16 58.07 11.52
C GLY B 722 -26.91 58.38 12.98
N PHE B 723 -25.64 58.60 13.34
CA PHE B 723 -25.29 58.91 14.72
C PHE B 723 -25.96 60.20 15.19
N SER B 724 -26.12 61.16 14.29
CA SER B 724 -26.75 62.43 14.66
C SER B 724 -28.23 62.25 14.97
N GLU B 725 -28.84 61.21 14.41
CA GLU B 725 -30.26 60.94 14.60
C GLU B 725 -30.55 60.05 15.81
N ALA B 726 -29.56 59.24 16.21
CA ALA B 726 -29.73 58.33 17.34
C ALA B 726 -29.95 59.03 18.68
N ASP B 727 -30.84 58.49 19.49
CA ASP B 727 -31.12 59.03 20.81
C ASP B 727 -29.95 58.70 21.73
N ASN B 728 -29.44 57.49 21.59
CA ASN B 728 -28.33 57.02 22.42
C ASN B 728 -27.20 56.43 21.58
N VAL B 729 -25.99 56.52 22.11
CA VAL B 729 -24.82 55.97 21.43
C VAL B 729 -23.97 55.26 22.47
N VAL B 730 -23.68 53.99 22.21
CA VAL B 730 -22.85 53.20 23.11
C VAL B 730 -21.57 52.82 22.37
N SER B 731 -20.43 53.00 23.04
CA SER B 731 -19.15 52.67 22.45
C SER B 731 -18.40 51.72 23.36
N GLY B 732 -17.60 50.82 22.79
CA GLY B 732 -16.86 49.89 23.61
C GLY B 732 -15.83 49.05 22.88
N GLU B 733 -15.26 48.11 23.62
CA GLU B 733 -14.26 47.20 23.10
C GLU B 733 -14.61 45.79 23.56
N LEU B 734 -14.38 44.81 22.70
CA LEU B 734 -14.71 43.42 23.02
C LEU B 734 -13.64 42.49 22.47
N TYR B 735 -13.43 41.37 23.17
CA TYR B 735 -12.43 40.40 22.76
C TYR B 735 -13.00 38.98 22.76
N ILE B 736 -12.58 38.19 21.77
CA ILE B 736 -13.02 36.80 21.64
C ILE B 736 -11.78 35.94 21.49
N GLY B 737 -11.54 35.06 22.45
CA GLY B 737 -10.38 34.21 22.40
C GLY B 737 -10.43 33.20 21.28
N GLY B 738 -9.29 32.62 20.95
CA GLY B 738 -9.22 31.63 19.88
C GLY B 738 -9.80 30.29 20.29
N GLN B 739 -9.45 29.24 19.55
CA GLN B 739 -9.97 27.92 19.87
C GLN B 739 -9.18 26.85 19.14
N ASP B 740 -8.95 25.72 19.81
CA ASP B 740 -8.22 24.62 19.20
C ASP B 740 -9.24 23.64 18.65
N HIS B 741 -9.00 23.17 17.44
CA HIS B 741 -9.94 22.24 16.79
C HIS B 741 -10.23 21.01 17.64
N PHE B 742 -9.18 20.45 18.20
CA PHE B 742 -9.26 19.24 18.99
C PHE B 742 -10.07 18.13 18.32
N TYR B 743 -9.74 17.85 17.05
CA TYR B 743 -10.37 16.75 16.34
C TYR B 743 -9.77 15.56 17.08
N LEU B 744 -10.56 14.52 17.33
CA LEU B 744 -10.01 13.39 18.08
C LEU B 744 -8.82 12.75 17.41
N GLU B 745 -8.78 12.75 16.08
CA GLU B 745 -7.64 12.23 15.34
C GLU B 745 -6.80 13.44 14.94
N THR B 746 -5.56 13.49 15.38
CA THR B 746 -4.67 14.60 15.03
C THR B 746 -4.22 14.48 13.57
N HIS B 747 -3.43 15.46 13.11
CA HIS B 747 -2.92 15.44 11.74
C HIS B 747 -2.06 14.20 11.52
N CYS B 748 -2.15 13.63 10.32
CA CYS B 748 -1.40 12.42 10.01
C CYS B 748 -1.20 12.25 8.51
N THR B 749 -0.01 11.78 8.14
CA THR B 749 0.31 11.52 6.73
C THR B 749 1.24 10.34 6.58
N ILE B 750 0.98 9.54 5.56
CA ILE B 750 1.81 8.41 5.21
C ILE B 750 2.20 8.70 3.77
N ALA B 751 3.50 8.70 3.48
CA ALA B 751 3.97 8.96 2.12
C ALA B 751 4.70 7.73 1.58
N ILE B 752 4.30 7.28 0.40
CA ILE B 752 4.91 6.12 -0.24
C ILE B 752 5.64 6.52 -1.51
N PRO B 753 6.98 6.45 -1.51
CA PRO B 753 7.75 6.80 -2.71
C PRO B 753 7.81 5.56 -3.61
N LYS B 754 7.45 5.72 -4.88
CA LYS B 754 7.44 4.58 -5.79
C LYS B 754 8.82 4.29 -6.39
N GLY B 755 9.64 5.31 -6.54
CA GLY B 755 10.95 5.11 -7.12
C GLY B 755 10.97 5.30 -8.62
N GLU B 756 9.79 5.58 -9.19
CA GLU B 756 9.63 5.79 -10.62
C GLU B 756 9.10 7.18 -10.95
N GLU B 757 9.80 7.88 -11.84
CA GLU B 757 9.39 9.21 -12.30
C GLU B 757 8.90 10.18 -11.24
N GLY B 758 9.43 10.09 -10.02
CA GLY B 758 8.99 11.01 -8.97
C GLY B 758 7.64 10.69 -8.39
N GLU B 759 7.05 9.57 -8.79
CA GLU B 759 5.74 9.15 -8.29
C GLU B 759 5.72 8.95 -6.78
N MET B 760 4.64 9.42 -6.15
CA MET B 760 4.46 9.26 -4.72
C MET B 760 2.97 9.17 -4.44
N GLU B 761 2.60 8.24 -3.56
CA GLU B 761 1.20 8.02 -3.18
C GLU B 761 1.09 8.37 -1.70
N LEU B 762 0.17 9.26 -1.35
CA LEU B 762 0.01 9.66 0.04
C LEU B 762 -1.38 9.38 0.61
N PHE B 763 -1.39 8.94 1.87
CA PHE B 763 -2.63 8.68 2.59
C PHE B 763 -2.61 9.77 3.65
N VAL B 764 -3.58 10.66 3.57
CA VAL B 764 -3.59 11.82 4.47
C VAL B 764 -4.91 12.12 5.13
N SER B 765 -4.84 12.60 6.36
CA SER B 765 -6.04 13.01 7.09
C SER B 765 -6.19 14.50 6.73
N THR B 766 -6.87 14.78 5.62
CA THR B 766 -7.05 16.16 5.17
C THR B 766 -8.38 16.39 4.44
N GLN B 767 -8.84 17.63 4.45
CA GLN B 767 -10.08 18.01 3.79
C GLN B 767 -9.72 18.58 2.42
N ASN B 768 -8.42 18.66 2.16
CA ASN B 768 -7.93 19.27 0.92
C ASN B 768 -6.88 18.42 0.19
N ALA B 769 -7.33 17.40 -0.50
CA ALA B 769 -6.41 16.53 -1.24
C ALA B 769 -5.75 17.30 -2.38
N MET B 770 -6.47 18.26 -2.96
CA MET B 770 -5.92 19.05 -4.07
C MET B 770 -4.68 19.85 -3.68
N LYS B 771 -4.79 20.64 -2.61
CA LYS B 771 -3.65 21.43 -2.16
C LYS B 771 -2.54 20.54 -1.60
N THR B 772 -2.92 19.43 -0.98
CA THR B 772 -1.90 18.51 -0.47
C THR B 772 -1.10 18.06 -1.68
N GLN B 773 -1.81 17.69 -2.74
CA GLN B 773 -1.17 17.22 -3.96
C GLN B 773 -0.25 18.27 -4.59
N SER B 774 -0.78 19.48 -4.80
CA SER B 774 0.03 20.53 -5.42
C SER B 774 1.18 21.00 -4.55
N PHE B 775 0.98 21.10 -3.23
CA PHE B 775 2.04 21.53 -2.34
C PHE B 775 3.19 20.51 -2.29
N VAL B 776 2.84 19.23 -2.24
CA VAL B 776 3.87 18.18 -2.22
C VAL B 776 4.63 18.19 -3.55
N ALA B 777 3.91 18.38 -4.65
CA ALA B 777 4.54 18.40 -5.97
C ALA B 777 5.47 19.60 -6.09
N LYS B 778 5.03 20.74 -5.54
CA LYS B 778 5.83 21.97 -5.59
C LYS B 778 7.12 21.81 -4.78
N MET B 779 7.01 21.15 -3.64
CA MET B 779 8.18 20.94 -2.78
C MET B 779 9.17 20.00 -3.46
N LEU B 780 8.65 18.94 -4.09
CA LEU B 780 9.49 17.96 -4.77
C LEU B 780 10.02 18.47 -6.11
N GLY B 781 9.31 19.43 -6.69
CA GLY B 781 9.72 19.96 -7.98
C GLY B 781 9.35 19.01 -9.11
N VAL B 782 8.17 18.38 -8.99
CA VAL B 782 7.71 17.46 -10.02
C VAL B 782 6.30 17.85 -10.46
N PRO B 783 5.88 17.41 -11.67
CA PRO B 783 4.54 17.74 -12.13
C PRO B 783 3.48 17.20 -11.17
N VAL B 784 2.34 17.87 -11.10
CA VAL B 784 1.26 17.45 -10.22
C VAL B 784 0.74 16.06 -10.57
N ASN B 785 0.82 15.67 -11.84
CA ASN B 785 0.33 14.36 -12.26
C ASN B 785 1.13 13.18 -11.71
N ARG B 786 2.20 13.48 -10.97
CA ARG B 786 3.04 12.43 -10.39
C ARG B 786 2.61 12.10 -8.96
N ILE B 787 1.83 12.99 -8.38
CA ILE B 787 1.40 12.83 -6.99
C ILE B 787 -0.06 12.40 -6.82
N LEU B 788 -0.26 11.35 -6.03
CA LEU B 788 -1.60 10.82 -5.79
C LEU B 788 -1.92 10.96 -4.30
N VAL B 789 -3.02 11.61 -3.98
CA VAL B 789 -3.42 11.76 -2.59
C VAL B 789 -4.75 11.05 -2.39
N ARG B 790 -4.80 10.21 -1.36
CA ARG B 790 -5.98 9.44 -1.06
C ARG B 790 -6.45 9.73 0.35
N VAL B 791 -7.74 9.97 0.50
CA VAL B 791 -8.32 10.25 1.80
C VAL B 791 -9.50 9.33 2.02
N LYS B 792 -9.37 8.40 2.95
CA LYS B 792 -10.43 7.47 3.30
C LYS B 792 -11.42 8.22 4.19
N ARG B 793 -10.90 8.73 5.30
CA ARG B 793 -11.73 9.47 6.26
C ARG B 793 -10.82 10.17 7.25
N MET B 794 -11.39 11.17 7.93
CA MET B 794 -10.70 11.93 8.97
C MET B 794 -11.46 11.75 10.26
N GLY B 795 -10.74 11.59 11.36
CA GLY B 795 -11.38 11.49 12.66
C GLY B 795 -11.60 12.93 13.11
N GLY B 796 -12.32 13.69 12.29
CA GLY B 796 -12.58 15.08 12.60
C GLY B 796 -11.69 16.03 11.80
N GLY B 797 -12.24 17.18 11.43
CA GLY B 797 -11.48 18.17 10.67
C GLY B 797 -11.79 19.57 11.15
N PHE B 798 -13.08 19.93 11.11
CA PHE B 798 -13.55 21.23 11.58
C PHE B 798 -12.82 22.45 11.03
N GLY B 799 -12.26 22.32 9.83
CA GLY B 799 -11.55 23.44 9.23
C GLY B 799 -10.06 23.39 9.47
N GLY B 800 -9.65 22.70 10.53
CA GLY B 800 -8.25 22.60 10.87
C GLY B 800 -7.44 21.76 9.89
N LYS B 801 -8.13 21.05 9.00
CA LYS B 801 -7.45 20.24 8.01
C LYS B 801 -7.81 20.75 6.62
N GLU B 802 -8.30 21.99 6.55
CA GLU B 802 -8.63 22.58 5.27
C GLU B 802 -7.35 22.95 4.54
N THR B 803 -6.34 23.36 5.30
CA THR B 803 -5.05 23.74 4.73
C THR B 803 -3.83 23.34 5.54
N ARG B 804 -3.91 23.48 6.86
CA ARG B 804 -2.77 23.20 7.72
C ARG B 804 -2.26 21.78 7.76
N SER B 805 -3.00 20.85 7.17
CA SER B 805 -2.56 19.47 7.15
C SER B 805 -1.30 19.33 6.29
N THR B 806 -1.06 20.28 5.41
CA THR B 806 0.11 20.21 4.53
C THR B 806 1.43 20.39 5.27
N LEU B 807 1.38 20.97 6.46
CA LEU B 807 2.61 21.18 7.25
C LEU B 807 3.26 19.82 7.48
N VAL B 808 2.44 18.84 7.83
CA VAL B 808 2.94 17.49 8.08
C VAL B 808 3.13 16.74 6.76
N SER B 809 2.16 16.82 5.86
CA SER B 809 2.24 16.13 4.58
C SER B 809 3.51 16.42 3.79
N VAL B 810 3.87 17.69 3.68
CA VAL B 810 5.06 18.04 2.90
C VAL B 810 6.34 17.57 3.56
N ALA B 811 6.39 17.59 4.89
CA ALA B 811 7.58 17.14 5.61
C ALA B 811 7.76 15.63 5.41
N VAL B 812 6.66 14.89 5.53
CA VAL B 812 6.70 13.44 5.37
C VAL B 812 7.04 13.08 3.93
N ALA B 813 6.52 13.84 2.98
CA ALA B 813 6.80 13.59 1.58
C ALA B 813 8.30 13.74 1.33
N LEU B 814 8.92 14.76 1.94
CA LEU B 814 10.35 14.98 1.77
C LEU B 814 11.13 13.79 2.31
N ALA B 815 10.71 13.29 3.48
CA ALA B 815 11.37 12.15 4.11
C ALA B 815 11.31 10.92 3.18
N ALA B 816 10.15 10.71 2.57
CA ALA B 816 9.97 9.58 1.67
C ALA B 816 10.88 9.76 0.45
N TYR B 817 10.92 10.98 -0.06
CA TYR B 817 11.76 11.29 -1.22
C TYR B 817 13.24 11.04 -0.91
N LYS B 818 13.69 11.57 0.21
CA LYS B 818 15.09 11.45 0.63
C LYS B 818 15.54 10.03 0.97
N THR B 819 14.71 9.28 1.70
CA THR B 819 15.07 7.93 2.10
C THR B 819 14.71 6.85 1.09
N GLY B 820 13.66 7.09 0.30
CA GLY B 820 13.24 6.10 -0.65
C GLY B 820 12.40 5.05 0.04
N HIS B 821 12.09 5.29 1.31
CA HIS B 821 11.27 4.37 2.10
C HIS B 821 9.92 5.02 2.40
N PRO B 822 8.90 4.21 2.66
CA PRO B 822 7.62 4.85 2.98
C PRO B 822 7.90 5.48 4.34
N VAL B 823 7.23 6.58 4.65
CA VAL B 823 7.44 7.25 5.92
C VAL B 823 6.11 7.77 6.41
N ARG B 824 5.94 7.86 7.73
CA ARG B 824 4.69 8.37 8.26
C ARG B 824 4.91 9.20 9.51
N CYS B 825 3.93 10.03 9.82
CA CYS B 825 3.96 10.87 11.01
C CYS B 825 2.55 11.22 11.44
N MET B 826 2.25 10.95 12.70
CA MET B 826 0.95 11.33 13.27
C MET B 826 1.34 12.19 14.45
N LEU B 827 0.80 13.40 14.51
CA LEU B 827 1.13 14.33 15.58
C LEU B 827 0.58 13.94 16.95
N ASP B 828 1.38 14.18 17.99
CA ASP B 828 0.88 13.93 19.35
C ASP B 828 0.01 15.15 19.58
N ARG B 829 -0.87 15.10 20.58
CA ARG B 829 -1.77 16.22 20.84
C ARG B 829 -1.04 17.54 21.11
N ASN B 830 0.02 17.50 21.91
CA ASN B 830 0.73 18.73 22.24
C ASN B 830 1.39 19.35 21.01
N GLU B 831 1.85 18.53 20.07
CA GLU B 831 2.46 19.07 18.85
C GLU B 831 1.37 19.71 18.00
N ASP B 832 0.25 19.01 17.88
CA ASP B 832 -0.86 19.48 17.07
C ASP B 832 -1.37 20.85 17.52
N MET B 833 -1.62 21.00 18.81
CA MET B 833 -2.12 22.25 19.38
C MET B 833 -1.14 23.41 19.24
N LEU B 834 0.14 23.11 19.30
CA LEU B 834 1.16 24.14 19.18
C LEU B 834 1.40 24.59 17.74
N ILE B 835 1.51 23.61 16.85
CA ILE B 835 1.84 23.86 15.46
C ILE B 835 0.78 24.20 14.42
N THR B 836 -0.30 23.42 14.38
CA THR B 836 -1.30 23.57 13.33
C THR B 836 -2.26 24.76 13.25
N GLY B 837 -2.22 25.66 14.23
CA GLY B 837 -3.10 26.81 14.21
C GLY B 837 -4.52 26.50 14.65
N GLY B 838 -5.28 27.53 15.01
CA GLY B 838 -6.66 27.34 15.44
C GLY B 838 -7.55 28.47 14.99
N ARG B 839 -8.63 28.71 15.74
CA ARG B 839 -9.54 29.80 15.39
C ARG B 839 -8.83 31.13 15.68
N HIS B 840 -9.20 32.15 14.92
CA HIS B 840 -8.62 33.48 15.05
C HIS B 840 -9.16 34.28 16.23
N PRO B 841 -8.28 34.70 17.16
CA PRO B 841 -8.82 35.49 18.26
C PRO B 841 -9.21 36.81 17.58
N PHE B 842 -10.24 37.48 18.08
CA PHE B 842 -10.68 38.75 17.50
C PHE B 842 -10.78 39.84 18.57
N LEU B 843 -10.41 41.06 18.19
CA LEU B 843 -10.53 42.21 19.08
C LEU B 843 -11.42 43.16 18.30
N ALA B 844 -12.44 43.70 18.95
CA ALA B 844 -13.35 44.61 18.26
C ALA B 844 -13.54 45.94 18.98
N ARG B 845 -13.58 47.01 18.20
CA ARG B 845 -13.82 48.35 18.73
C ARG B 845 -15.09 48.79 18.02
N TYR B 846 -16.16 49.01 18.78
CA TYR B 846 -17.44 49.36 18.18
C TYR B 846 -18.13 50.59 18.76
N LYS B 847 -19.09 51.10 18.01
CA LYS B 847 -19.87 52.26 18.38
C LYS B 847 -21.24 52.10 17.72
N VAL B 848 -22.28 52.02 18.55
CA VAL B 848 -23.63 51.84 18.02
C VAL B 848 -24.59 52.94 18.46
N GLY B 849 -25.35 53.45 17.48
CA GLY B 849 -26.34 54.48 17.75
C GLY B 849 -27.72 53.88 17.62
N PHE B 850 -28.59 54.19 18.57
CA PHE B 850 -29.95 53.65 18.55
C PHE B 850 -30.96 54.58 19.19
N MET B 851 -32.23 54.32 18.91
CA MET B 851 -33.32 55.13 19.47
C MET B 851 -33.74 54.53 20.80
N LYS B 852 -34.44 55.31 21.61
CA LYS B 852 -34.89 54.83 22.93
C LYS B 852 -35.78 53.60 22.81
N THR B 853 -36.29 53.35 21.60
CA THR B 853 -37.15 52.19 21.37
C THR B 853 -36.29 50.95 21.17
N GLY B 854 -34.99 51.17 21.03
CA GLY B 854 -34.07 50.06 20.82
C GLY B 854 -33.72 49.84 19.36
N THR B 855 -34.34 50.61 18.48
CA THR B 855 -34.07 50.50 17.04
C THR B 855 -32.68 51.01 16.70
N ILE B 856 -31.92 50.21 15.97
CA ILE B 856 -30.56 50.56 15.57
C ILE B 856 -30.57 51.52 14.40
N VAL B 857 -29.78 52.59 14.49
CA VAL B 857 -29.72 53.58 13.43
C VAL B 857 -28.33 53.68 12.83
N ALA B 858 -27.31 53.37 13.63
CA ALA B 858 -25.94 53.44 13.15
C ALA B 858 -25.06 52.42 13.87
N LEU B 859 -24.10 51.86 13.14
CA LEU B 859 -23.18 50.88 13.70
C LEU B 859 -21.83 50.99 13.04
N GLU B 860 -20.79 51.01 13.86
CA GLU B 860 -19.43 51.09 13.37
C GLU B 860 -18.60 50.08 14.15
N VAL B 861 -17.98 49.14 13.43
CA VAL B 861 -17.17 48.14 14.08
C VAL B 861 -15.84 47.93 13.35
N ASP B 862 -14.75 48.00 14.11
CA ASP B 862 -13.44 47.79 13.54
C ASP B 862 -12.94 46.47 14.11
N HIS B 863 -12.74 45.49 13.23
CA HIS B 863 -12.27 44.17 13.64
C HIS B 863 -10.77 44.01 13.45
N TYR B 864 -10.16 43.24 14.34
CA TYR B 864 -8.74 42.92 14.28
C TYR B 864 -8.62 41.45 14.64
N SER B 865 -7.97 40.66 13.79
CA SER B 865 -7.80 39.25 14.09
C SER B 865 -6.31 38.97 14.26
N ASN B 866 -5.99 38.01 15.12
CA ASN B 866 -4.61 37.65 15.30
C ASN B 866 -4.39 36.53 14.29
N ALA B 867 -3.70 36.85 13.20
CA ALA B 867 -3.47 35.90 12.13
C ALA B 867 -2.28 34.95 12.24
N GLY B 868 -1.30 35.28 13.07
CA GLY B 868 -0.16 34.39 13.19
C GLY B 868 0.93 34.70 12.17
N ASN B 869 1.87 33.77 12.01
CA ASN B 869 3.02 33.99 11.12
C ASN B 869 2.89 33.75 9.62
N SER B 870 1.67 33.64 9.12
CA SER B 870 1.44 33.48 7.68
C SER B 870 0.01 33.91 7.40
N ARG B 871 -0.29 34.19 6.14
CA ARG B 871 -1.62 34.63 5.76
C ARG B 871 -2.64 33.47 5.80
N ASP B 872 -2.30 32.38 5.13
CA ASP B 872 -3.19 31.22 5.07
C ASP B 872 -4.58 31.73 4.68
N LEU B 873 -5.61 31.30 5.40
CA LEU B 873 -6.98 31.71 5.10
C LEU B 873 -7.47 32.95 5.85
N SER B 874 -6.56 33.66 6.52
CA SER B 874 -6.94 34.83 7.31
C SER B 874 -7.75 35.90 6.58
N HIS B 875 -7.43 36.16 5.33
CA HIS B 875 -8.17 37.19 4.60
C HIS B 875 -9.61 36.78 4.34
N SER B 876 -9.81 35.57 3.81
CA SER B 876 -11.16 35.10 3.53
C SER B 876 -11.98 35.06 4.80
N ILE B 877 -11.32 34.73 5.91
CA ILE B 877 -11.96 34.66 7.21
C ILE B 877 -12.45 36.05 7.65
N MET B 878 -11.62 37.07 7.44
CA MET B 878 -12.03 38.42 7.84
C MET B 878 -13.21 38.86 6.96
N GLU B 879 -13.18 38.46 5.69
CA GLU B 879 -14.26 38.83 4.79
C GLU B 879 -15.57 38.23 5.28
N ARG B 880 -15.56 36.95 5.68
CA ARG B 880 -16.79 36.33 6.17
C ARG B 880 -17.26 37.01 7.44
N ALA B 881 -16.32 37.45 8.27
CA ALA B 881 -16.68 38.14 9.51
C ALA B 881 -17.45 39.40 9.14
N LEU B 882 -16.93 40.17 8.18
CA LEU B 882 -17.62 41.39 7.75
C LEU B 882 -19.00 41.10 7.18
N PHE B 883 -19.13 39.99 6.46
CA PHE B 883 -20.40 39.59 5.88
C PHE B 883 -21.44 39.24 6.94
N HIS B 884 -20.99 38.97 8.15
CA HIS B 884 -21.91 38.59 9.22
C HIS B 884 -22.02 39.53 10.42
N MET B 885 -21.46 40.72 10.30
CA MET B 885 -21.50 41.67 11.42
C MET B 885 -22.91 42.19 11.70
N ASP B 886 -23.86 41.78 10.87
CA ASP B 886 -25.26 42.21 10.99
C ASP B 886 -26.15 41.15 11.63
N ASN B 887 -25.66 39.91 11.61
CA ASN B 887 -26.43 38.77 12.07
C ASN B 887 -27.79 38.85 11.39
N CYS B 888 -28.88 38.96 12.16
CA CYS B 888 -30.20 39.02 11.54
C CYS B 888 -30.89 40.38 11.69
N TYR B 889 -30.09 41.43 11.82
CA TYR B 889 -30.67 42.77 12.02
C TYR B 889 -30.41 43.78 10.91
N LYS B 890 -31.44 44.53 10.55
CA LYS B 890 -31.34 45.54 9.52
C LYS B 890 -30.79 46.85 10.10
N ILE B 891 -29.65 47.29 9.59
CA ILE B 891 -29.01 48.51 10.07
C ILE B 891 -28.77 49.45 8.89
N PRO B 892 -29.56 50.53 8.79
CA PRO B 892 -29.50 51.57 7.74
C PRO B 892 -28.14 52.19 7.46
N ASN B 893 -27.41 52.49 8.53
CA ASN B 893 -26.10 53.12 8.38
C ASN B 893 -25.10 52.24 9.10
N ILE B 894 -24.20 51.63 8.34
CA ILE B 894 -23.24 50.70 8.91
C ILE B 894 -21.86 50.76 8.25
N ARG B 895 -20.83 50.57 9.06
CA ARG B 895 -19.46 50.57 8.58
C ARG B 895 -18.67 49.52 9.35
N GLY B 896 -18.14 48.56 8.63
CA GLY B 896 -17.34 47.51 9.25
C GLY B 896 -15.99 47.41 8.59
N THR B 897 -14.93 47.42 9.40
CA THR B 897 -13.58 47.31 8.87
C THR B 897 -12.90 46.10 9.49
N GLY B 898 -11.88 45.59 8.81
CA GLY B 898 -11.16 44.45 9.32
C GLY B 898 -9.68 44.56 8.97
N ARG B 899 -8.84 44.15 9.91
CA ARG B 899 -7.41 44.18 9.72
C ARG B 899 -6.84 42.86 10.23
N LEU B 900 -5.88 42.30 9.50
CA LEU B 900 -5.25 41.04 9.89
C LEU B 900 -3.91 41.33 10.56
N CYS B 901 -3.79 40.97 11.83
CA CYS B 901 -2.56 41.21 12.57
C CYS B 901 -1.51 40.14 12.34
N LYS B 902 -0.35 40.58 11.87
CA LYS B 902 0.78 39.71 11.59
C LYS B 902 1.57 39.57 12.88
N THR B 903 1.58 38.36 13.45
CA THR B 903 2.26 38.12 14.71
C THR B 903 3.18 36.91 14.68
N ASN B 904 3.99 36.78 15.73
CA ASN B 904 4.91 35.66 15.85
C ASN B 904 4.27 34.52 16.62
N LEU B 905 3.16 34.03 16.08
CA LEU B 905 2.40 32.92 16.65
C LEU B 905 2.09 31.98 15.48
N SER B 906 1.79 30.72 15.78
CA SER B 906 1.46 29.77 14.73
C SER B 906 0.31 30.38 13.91
N SER B 907 0.41 30.24 12.59
CA SER B 907 -0.60 30.79 11.68
C SER B 907 -1.98 30.23 11.97
N ASN B 908 -2.95 31.11 12.22
CA ASN B 908 -4.30 30.63 12.49
C ASN B 908 -5.00 30.36 11.17
N THR B 909 -6.00 29.50 11.21
CA THR B 909 -6.67 29.08 9.99
C THR B 909 -8.18 28.95 10.13
N ALA B 910 -8.78 28.11 9.30
CA ALA B 910 -10.21 27.90 9.34
C ALA B 910 -10.62 27.05 10.54
N PHE B 911 -11.81 27.34 11.06
CA PHE B 911 -12.40 26.63 12.17
C PHE B 911 -13.91 26.88 12.06
N ARG B 912 -14.67 25.79 11.98
CA ARG B 912 -16.12 25.80 11.85
C ARG B 912 -16.73 27.16 12.18
N GLY B 913 -17.17 27.87 11.14
CA GLY B 913 -17.74 29.19 11.34
C GLY B 913 -16.99 30.17 10.45
N PHE B 914 -15.67 29.95 10.36
CA PHE B 914 -14.81 30.75 9.49
C PHE B 914 -15.01 32.26 9.63
N GLY B 915 -14.80 32.79 10.83
CA GLY B 915 -14.94 34.22 11.05
C GLY B 915 -16.35 34.65 11.41
N GLY B 916 -17.34 33.85 11.04
CA GLY B 916 -18.72 34.19 11.35
C GLY B 916 -19.02 34.27 12.83
N PRO B 917 -18.67 33.23 13.61
CA PRO B 917 -18.94 33.24 15.05
C PRO B 917 -18.39 34.49 15.76
N GLN B 918 -17.20 34.92 15.38
CA GLN B 918 -16.59 36.09 15.99
C GLN B 918 -17.43 37.34 15.71
N ALA B 919 -17.73 37.57 14.44
CA ALA B 919 -18.51 38.73 14.03
C ALA B 919 -19.93 38.70 14.63
N LEU B 920 -20.53 37.52 14.61
CA LEU B 920 -21.88 37.35 15.16
C LEU B 920 -21.92 37.59 16.67
N PHE B 921 -20.84 37.20 17.34
CA PHE B 921 -20.72 37.39 18.78
C PHE B 921 -20.61 38.87 19.10
N ILE B 922 -19.81 39.58 18.31
CA ILE B 922 -19.65 41.01 18.50
C ILE B 922 -20.99 41.72 18.29
N ALA B 923 -21.74 41.28 17.28
CA ALA B 923 -23.04 41.87 17.00
C ALA B 923 -24.03 41.69 18.15
N GLU B 924 -24.14 40.46 18.65
CA GLU B 924 -25.05 40.18 19.75
C GLU B 924 -24.65 40.89 21.04
N ASN B 925 -23.36 41.16 21.19
CA ASN B 925 -22.88 41.85 22.38
C ASN B 925 -23.39 43.28 22.42
N TRP B 926 -23.19 44.06 21.35
CA TRP B 926 -23.70 45.42 21.40
C TRP B 926 -25.23 45.41 21.41
N MET B 927 -25.82 44.36 20.84
CA MET B 927 -27.27 44.25 20.84
C MET B 927 -27.75 44.08 22.27
N SER B 928 -27.03 43.26 23.04
CA SER B 928 -27.40 43.02 24.43
C SER B 928 -27.23 44.33 25.21
N GLU B 929 -26.26 45.14 24.82
CA GLU B 929 -26.03 46.41 25.51
C GLU B 929 -27.12 47.41 25.15
N VAL B 930 -27.62 47.32 23.92
CA VAL B 930 -28.69 48.22 23.47
C VAL B 930 -29.94 47.95 24.30
N ALA B 931 -30.28 46.69 24.48
CA ALA B 931 -31.46 46.31 25.26
C ALA B 931 -31.37 46.83 26.70
N VAL B 932 -30.22 46.60 27.34
CA VAL B 932 -30.04 47.05 28.71
C VAL B 932 -30.08 48.58 28.82
N THR B 933 -29.46 49.27 27.88
CA THR B 933 -29.45 50.73 27.92
C THR B 933 -30.86 51.30 27.79
N CYS B 934 -31.69 50.67 26.96
CA CYS B 934 -33.06 51.12 26.76
C CYS B 934 -33.99 50.64 27.85
N GLY B 935 -33.54 49.68 28.64
CA GLY B 935 -34.36 49.14 29.69
C GLY B 935 -35.54 48.39 29.10
N LEU B 936 -35.27 47.62 28.04
CA LEU B 936 -36.32 46.85 27.37
C LEU B 936 -35.96 45.37 27.26
N PRO B 937 -36.98 44.49 27.26
CA PRO B 937 -36.74 43.05 27.13
C PRO B 937 -35.91 42.79 25.89
N ALA B 938 -34.86 41.98 26.03
CA ALA B 938 -33.97 41.69 24.91
C ALA B 938 -34.67 41.10 23.69
N GLU B 939 -35.62 40.18 23.90
CA GLU B 939 -36.30 39.57 22.77
C GLU B 939 -37.07 40.62 21.98
N GLU B 940 -37.59 41.64 22.67
CA GLU B 940 -38.34 42.70 22.00
C GLU B 940 -37.41 43.56 21.14
N VAL B 941 -36.23 43.84 21.65
CA VAL B 941 -35.26 44.65 20.91
C VAL B 941 -34.77 43.88 19.69
N ARG B 942 -34.45 42.60 19.88
CA ARG B 942 -33.97 41.81 18.76
C ARG B 942 -35.03 41.69 17.67
N TRP B 943 -36.26 41.39 18.06
CA TRP B 943 -37.35 41.26 17.09
C TRP B 943 -37.65 42.50 16.26
N LYS B 944 -37.73 43.66 16.91
CA LYS B 944 -38.02 44.89 16.17
C LYS B 944 -36.91 45.31 15.22
N ASN B 945 -35.71 44.79 15.43
CA ASN B 945 -34.58 45.13 14.58
C ASN B 945 -34.30 44.06 13.53
N MET B 946 -35.05 42.97 13.61
CA MET B 946 -34.87 41.84 12.70
C MET B 946 -35.23 42.14 11.25
N TYR B 947 -34.45 41.57 10.34
CA TYR B 947 -34.69 41.74 8.91
C TYR B 947 -36.07 41.17 8.61
N LYS B 948 -36.60 41.50 7.44
CA LYS B 948 -37.89 40.98 7.02
C LYS B 948 -37.68 40.42 5.62
N GLU B 949 -38.55 39.50 5.22
CA GLU B 949 -38.46 38.90 3.89
C GLU B 949 -38.24 39.97 2.83
N GLY B 950 -37.22 39.79 1.99
CA GLY B 950 -36.96 40.76 0.94
C GLY B 950 -35.96 41.86 1.21
N ASP B 951 -35.62 42.08 2.48
CA ASP B 951 -34.65 43.11 2.83
C ASP B 951 -33.28 42.80 2.26
N LEU B 952 -32.47 43.85 2.08
CA LEU B 952 -31.11 43.68 1.59
C LEU B 952 -30.19 43.76 2.80
N THR B 953 -29.11 42.98 2.78
CA THR B 953 -28.15 43.00 3.88
C THR B 953 -27.30 44.25 3.69
N HIS B 954 -26.28 44.42 4.54
CA HIS B 954 -25.39 45.57 4.45
C HIS B 954 -24.49 45.44 3.24
N PHE B 955 -24.38 44.23 2.69
CA PHE B 955 -23.58 44.01 1.49
C PHE B 955 -24.48 43.89 0.28
N ASN B 956 -25.69 44.41 0.46
CA ASN B 956 -26.74 44.48 -0.57
C ASN B 956 -27.29 43.21 -1.20
N GLN B 957 -27.27 42.10 -0.47
CA GLN B 957 -27.84 40.87 -1.02
C GLN B 957 -29.24 40.72 -0.46
N ARG B 958 -30.18 40.37 -1.33
CA ARG B 958 -31.58 40.22 -0.92
C ARG B 958 -31.79 38.92 -0.14
N LEU B 959 -32.60 39.01 0.91
CA LEU B 959 -32.91 37.86 1.74
C LEU B 959 -34.19 37.20 1.28
N GLU B 960 -34.06 36.14 0.49
CA GLU B 960 -35.22 35.42 -0.03
C GLU B 960 -35.39 34.13 0.75
N GLY B 961 -36.62 33.87 1.20
CA GLY B 961 -36.86 32.68 1.98
C GLY B 961 -36.25 32.86 3.35
N PHE B 962 -36.36 34.08 3.86
CA PHE B 962 -35.84 34.45 5.18
C PHE B 962 -36.76 33.84 6.22
N SER B 963 -36.33 32.75 6.86
CA SER B 963 -37.16 32.06 7.83
C SER B 963 -36.90 32.31 9.31
N VAL B 964 -36.03 33.24 9.65
CA VAL B 964 -35.76 33.50 11.06
C VAL B 964 -37.05 33.79 11.84
N PRO B 965 -37.96 34.59 11.27
CA PRO B 965 -39.21 34.88 11.99
C PRO B 965 -39.95 33.61 12.43
N ARG B 966 -40.05 32.63 11.55
CA ARG B 966 -40.72 31.37 11.90
C ARG B 966 -39.96 30.62 12.97
N CYS B 967 -38.64 30.51 12.81
CA CYS B 967 -37.81 29.82 13.79
C CYS B 967 -37.93 30.55 15.12
N TRP B 968 -37.94 31.88 15.05
CA TRP B 968 -38.03 32.72 16.24
C TRP B 968 -39.34 32.49 16.98
N ASP B 969 -40.46 32.62 16.27
CA ASP B 969 -41.77 32.42 16.89
C ASP B 969 -41.94 30.99 17.41
N GLU B 970 -41.55 30.02 16.61
CA GLU B 970 -41.68 28.63 17.02
C GLU B 970 -40.83 28.31 18.24
N CYS B 971 -39.60 28.81 18.28
CA CYS B 971 -38.72 28.55 19.41
C CYS B 971 -39.26 29.19 20.69
N LEU B 972 -39.74 30.42 20.59
CA LEU B 972 -40.30 31.10 21.76
C LEU B 972 -41.41 30.24 22.34
N LYS B 973 -42.25 29.71 21.47
CA LYS B 973 -43.37 28.90 21.88
C LYS B 973 -42.96 27.53 22.44
N SER B 974 -42.20 26.76 21.67
CA SER B 974 -41.82 25.43 22.13
C SER B 974 -40.89 25.46 23.35
N SER B 975 -40.14 26.54 23.53
CA SER B 975 -39.25 26.65 24.68
C SER B 975 -39.98 27.23 25.88
N GLN B 976 -41.19 27.74 25.64
CA GLN B 976 -41.97 28.36 26.70
C GLN B 976 -41.17 29.49 27.33
N TYR B 977 -40.54 30.27 26.45
CA TYR B 977 -39.70 31.39 26.84
C TYR B 977 -40.31 32.32 27.89
N TYR B 978 -41.46 32.92 27.56
CA TYR B 978 -42.10 33.86 28.47
C TYR B 978 -42.45 33.27 29.82
N ALA B 979 -42.99 32.06 29.84
CA ALA B 979 -43.33 31.42 31.10
C ALA B 979 -42.08 31.23 31.94
N ARG B 980 -40.98 30.83 31.30
CA ARG B 980 -39.74 30.61 32.02
C ARG B 980 -39.03 31.89 32.44
N LYS B 981 -39.23 32.98 31.71
CA LYS B 981 -38.59 34.24 32.08
C LYS B 981 -39.09 34.64 33.47
N SER B 982 -40.37 34.40 33.73
CA SER B 982 -40.97 34.72 35.03
C SER B 982 -40.36 33.81 36.08
N GLU B 983 -40.15 32.55 35.69
CA GLU B 983 -39.57 31.54 36.56
C GLU B 983 -38.16 31.96 36.97
N VAL B 984 -37.40 32.45 36.01
CA VAL B 984 -36.03 32.88 36.25
C VAL B 984 -35.97 34.05 37.23
N ASP B 985 -36.81 35.05 37.01
CA ASP B 985 -36.83 36.22 37.89
C ASP B 985 -37.18 35.84 39.32
N LYS B 986 -38.14 34.93 39.47
CA LYS B 986 -38.55 34.47 40.79
C LYS B 986 -37.37 33.78 41.47
N PHE B 987 -36.68 32.93 40.73
CA PHE B 987 -35.52 32.22 41.27
C PHE B 987 -34.48 33.20 41.79
N ASN B 988 -34.22 34.23 41.00
CA ASN B 988 -33.22 35.23 41.38
C ASN B 988 -33.61 36.03 42.60
N LYS B 989 -34.91 36.22 42.80
CA LYS B 989 -35.39 36.96 43.95
C LYS B 989 -35.24 36.12 45.22
N GLU B 990 -35.35 34.81 45.06
CA GLU B 990 -35.26 33.90 46.21
C GLU B 990 -33.86 33.35 46.47
N ASN B 991 -32.93 33.61 45.56
CA ASN B 991 -31.56 33.12 45.73
C ASN B 991 -30.53 34.23 45.71
N CYS B 992 -29.69 34.24 46.75
CA CYS B 992 -28.68 35.26 46.90
C CYS B 992 -27.32 34.93 46.28
N TRP B 993 -26.89 33.67 46.38
CA TRP B 993 -25.58 33.30 45.85
C TRP B 993 -25.57 32.43 44.60
N LYS B 994 -26.74 32.28 43.99
CA LYS B 994 -26.91 31.53 42.76
C LYS B 994 -27.89 32.34 41.95
N LYS B 995 -27.70 32.41 40.64
CA LYS B 995 -28.60 33.18 39.78
C LYS B 995 -28.82 32.46 38.47
N ARG B 996 -29.99 32.67 37.86
CA ARG B 996 -30.28 32.05 36.58
C ARG B 996 -30.33 33.09 35.49
N GLY B 997 -30.07 32.66 34.27
CA GLY B 997 -30.09 33.57 33.14
C GLY B 997 -30.79 32.90 31.97
N LEU B 998 -31.38 33.70 31.10
CA LEU B 998 -32.11 33.19 29.95
C LEU B 998 -31.84 34.09 28.75
N CYS B 999 -31.77 33.49 27.57
CA CYS B 999 -31.52 34.27 26.37
C CYS B 999 -31.88 33.49 25.11
N ILE B 1000 -32.53 34.17 24.18
CA ILE B 1000 -32.93 33.55 22.92
C ILE B 1000 -32.26 34.38 21.83
N ILE B 1001 -31.53 33.71 20.94
CA ILE B 1001 -30.82 34.40 19.88
C ILE B 1001 -30.99 33.73 18.53
N PRO B 1002 -31.02 34.54 17.45
CA PRO B 1002 -31.17 34.02 16.10
C PRO B 1002 -29.83 34.01 15.40
N THR B 1003 -29.79 33.47 14.19
CA THR B 1003 -28.58 33.48 13.40
C THR B 1003 -28.88 33.17 11.95
N LYS B 1004 -28.02 33.68 11.08
CA LYS B 1004 -28.12 33.42 9.67
C LYS B 1004 -26.68 33.24 9.25
N PHE B 1005 -26.44 32.31 8.33
CA PHE B 1005 -25.09 32.01 7.89
C PHE B 1005 -25.11 31.86 6.36
N GLY B 1006 -24.32 32.68 5.68
CA GLY B 1006 -24.26 32.63 4.23
C GLY B 1006 -23.66 31.33 3.72
N ILE B 1007 -24.26 30.75 2.68
CA ILE B 1007 -23.79 29.48 2.14
C ILE B 1007 -23.09 29.58 0.78
N SER B 1008 -21.81 29.17 0.77
CA SER B 1008 -20.93 29.13 -0.41
C SER B 1008 -19.56 29.73 -0.08
N PHE B 1009 -18.56 29.44 -0.92
CA PHE B 1009 -17.23 30.02 -0.74
C PHE B 1009 -17.40 31.42 -1.31
N THR B 1010 -16.87 32.45 -0.63
CA THR B 1010 -17.03 33.80 -1.13
C THR B 1010 -16.19 34.06 -2.38
N VAL B 1011 -15.19 33.21 -2.63
CA VAL B 1011 -14.40 33.32 -3.85
C VAL B 1011 -15.16 32.39 -4.79
N PRO B 1012 -15.79 32.96 -5.83
CA PRO B 1012 -16.57 32.19 -6.80
C PRO B 1012 -15.98 30.90 -7.36
N PHE B 1013 -14.71 30.92 -7.76
CA PHE B 1013 -14.11 29.74 -8.38
C PHE B 1013 -14.06 28.45 -7.56
N LEU B 1014 -14.14 28.54 -6.24
CA LEU B 1014 -14.11 27.33 -5.42
C LEU B 1014 -15.46 26.61 -5.40
N ASN B 1015 -16.50 27.28 -5.89
CA ASN B 1015 -17.83 26.70 -5.90
C ASN B 1015 -18.05 25.82 -7.15
N GLN B 1016 -17.27 24.75 -7.22
CA GLN B 1016 -17.35 23.79 -8.32
C GLN B 1016 -17.13 22.42 -7.71
N ALA B 1017 -17.76 21.39 -8.26
CA ALA B 1017 -17.63 20.05 -7.73
C ALA B 1017 -17.72 19.00 -8.82
N GLY B 1018 -16.93 17.94 -8.67
CA GLY B 1018 -16.94 16.87 -9.65
C GLY B 1018 -17.22 15.52 -9.02
N ALA B 1019 -17.66 14.59 -9.86
CA ALA B 1019 -17.97 13.23 -9.42
C ALA B 1019 -17.63 12.27 -10.56
N LEU B 1020 -17.38 11.03 -10.20
CA LEU B 1020 -17.08 9.98 -11.17
C LEU B 1020 -17.84 8.74 -10.71
N ILE B 1021 -18.66 8.19 -11.59
CA ILE B 1021 -19.44 7.01 -11.24
C ILE B 1021 -19.24 5.86 -12.22
N HIS B 1022 -19.07 4.65 -11.67
CA HIS B 1022 -18.91 3.46 -12.49
C HIS B 1022 -19.99 2.48 -12.08
N VAL B 1023 -20.59 1.80 -13.06
CA VAL B 1023 -21.57 0.77 -12.77
C VAL B 1023 -20.89 -0.49 -13.30
N TYR B 1024 -20.57 -1.43 -12.41
CA TYR B 1024 -19.92 -2.65 -12.86
C TYR B 1024 -20.96 -3.60 -13.43
N THR B 1025 -20.50 -4.65 -14.11
CA THR B 1025 -21.41 -5.59 -14.75
C THR B 1025 -22.37 -6.39 -13.88
N ASP B 1026 -22.17 -6.39 -12.56
CA ASP B 1026 -23.09 -7.10 -11.68
C ASP B 1026 -24.14 -6.11 -11.20
N GLY B 1027 -24.05 -4.89 -11.70
CA GLY B 1027 -25.01 -3.86 -11.31
C GLY B 1027 -24.60 -3.05 -10.10
N SER B 1028 -23.50 -3.43 -9.43
CA SER B 1028 -23.06 -2.67 -8.27
C SER B 1028 -22.46 -1.35 -8.75
N VAL B 1029 -22.69 -0.30 -7.98
CA VAL B 1029 -22.22 1.04 -8.34
C VAL B 1029 -21.14 1.59 -7.40
N LEU B 1030 -20.08 2.14 -7.98
CA LEU B 1030 -19.02 2.73 -7.19
C LEU B 1030 -19.02 4.22 -7.48
N VAL B 1031 -19.26 5.03 -6.46
CA VAL B 1031 -19.29 6.47 -6.62
C VAL B 1031 -18.07 7.11 -6.01
N SER B 1032 -17.54 8.11 -6.71
CA SER B 1032 -16.38 8.86 -6.24
C SER B 1032 -16.69 10.34 -6.50
N HIS B 1033 -16.35 11.20 -5.56
CA HIS B 1033 -16.60 12.63 -5.72
C HIS B 1033 -15.48 13.40 -5.02
N GLY B 1034 -15.40 14.71 -5.25
CA GLY B 1034 -14.34 15.50 -4.65
C GLY B 1034 -14.37 15.71 -3.15
N GLY B 1035 -15.52 15.46 -2.52
CA GLY B 1035 -15.63 15.66 -1.09
C GLY B 1035 -15.00 14.58 -0.22
N THR B 1036 -14.62 14.96 1.00
CA THR B 1036 -14.02 14.02 1.96
C THR B 1036 -14.94 13.83 3.16
N GLU B 1037 -14.81 12.68 3.81
CA GLU B 1037 -15.60 12.36 4.99
C GLU B 1037 -14.81 12.64 6.26
N MET B 1038 -15.34 13.48 7.12
CA MET B 1038 -14.68 13.82 8.38
C MET B 1038 -15.64 13.62 9.55
N GLY B 1039 -16.72 12.87 9.30
CA GLY B 1039 -17.69 12.60 10.33
C GLY B 1039 -19.05 13.23 10.12
N GLN B 1040 -19.14 14.17 9.18
CA GLN B 1040 -20.37 14.88 8.89
C GLN B 1040 -21.38 14.07 8.07
N GLY B 1041 -20.99 12.87 7.66
CA GLY B 1041 -21.89 12.03 6.86
C GLY B 1041 -22.09 12.42 5.41
N LEU B 1042 -21.06 12.98 4.78
CA LEU B 1042 -21.16 13.38 3.37
C LEU B 1042 -21.35 12.18 2.44
N HIS B 1043 -20.56 11.13 2.61
CA HIS B 1043 -20.67 9.96 1.76
C HIS B 1043 -22.06 9.33 1.92
N THR B 1044 -22.52 9.27 3.16
CA THR B 1044 -23.84 8.71 3.43
C THR B 1044 -24.88 9.48 2.63
N LYS B 1045 -24.82 10.81 2.67
CA LYS B 1045 -25.76 11.64 1.93
C LYS B 1045 -25.63 11.48 0.42
N MET B 1046 -24.41 11.30 -0.07
CA MET B 1046 -24.21 11.13 -1.50
C MET B 1046 -24.78 9.80 -1.99
N VAL B 1047 -24.67 8.76 -1.16
CA VAL B 1047 -25.21 7.45 -1.51
C VAL B 1047 -26.74 7.57 -1.52
N GLN B 1048 -27.28 8.31 -0.56
CA GLN B 1048 -28.72 8.51 -0.48
C GLN B 1048 -29.19 9.22 -1.75
N VAL B 1049 -28.43 10.21 -2.20
CA VAL B 1049 -28.74 10.97 -3.40
C VAL B 1049 -28.67 10.10 -4.66
N ALA B 1050 -27.58 9.36 -4.80
CA ALA B 1050 -27.40 8.49 -5.95
C ALA B 1050 -28.50 7.43 -6.02
N SER B 1051 -28.88 6.89 -4.86
CA SER B 1051 -29.93 5.89 -4.78
C SER B 1051 -31.27 6.46 -5.25
N LYS B 1052 -31.62 7.65 -4.78
CA LYS B 1052 -32.88 8.26 -5.20
C LYS B 1052 -32.86 8.53 -6.69
N ALA B 1053 -31.79 9.17 -7.16
CA ALA B 1053 -31.64 9.51 -8.56
C ALA B 1053 -31.69 8.32 -9.52
N LEU B 1054 -31.00 7.25 -9.16
CA LEU B 1054 -30.97 6.05 -9.99
C LEU B 1054 -32.15 5.12 -9.78
N LYS B 1055 -32.87 5.31 -8.68
CA LYS B 1055 -34.02 4.48 -8.33
C LYS B 1055 -33.63 3.03 -8.04
N ILE B 1056 -32.56 2.86 -7.26
CA ILE B 1056 -32.10 1.54 -6.85
C ILE B 1056 -31.80 1.64 -5.35
N PRO B 1057 -31.74 0.51 -4.63
CA PRO B 1057 -31.46 0.56 -3.20
C PRO B 1057 -30.04 1.07 -2.91
N ILE B 1058 -29.83 1.67 -1.75
CA ILE B 1058 -28.50 2.17 -1.38
C ILE B 1058 -27.52 1.01 -1.25
N SER B 1059 -28.04 -0.18 -0.96
CA SER B 1059 -27.22 -1.37 -0.81
C SER B 1059 -26.42 -1.70 -2.06
N LYS B 1060 -26.84 -1.17 -3.20
CA LYS B 1060 -26.14 -1.44 -4.45
C LYS B 1060 -25.13 -0.34 -4.78
N ILE B 1061 -25.02 0.64 -3.90
CA ILE B 1061 -24.11 1.76 -4.11
C ILE B 1061 -23.05 1.80 -3.02
N TYR B 1062 -21.82 2.18 -3.40
CA TYR B 1062 -20.73 2.24 -2.45
C TYR B 1062 -19.77 3.38 -2.73
N ILE B 1063 -19.21 3.95 -1.67
CA ILE B 1063 -18.22 5.01 -1.79
C ILE B 1063 -17.06 4.55 -0.91
N SER B 1064 -15.92 4.30 -1.54
CA SER B 1064 -14.74 3.83 -0.83
C SER B 1064 -13.86 4.93 -0.26
N GLU B 1065 -13.52 5.90 -1.09
CA GLU B 1065 -12.63 6.96 -0.64
C GLU B 1065 -12.61 8.16 -1.59
N THR B 1066 -11.77 9.12 -1.25
CA THR B 1066 -11.59 10.32 -2.05
C THR B 1066 -10.15 10.27 -2.56
N SER B 1067 -9.96 10.44 -3.86
CA SER B 1067 -8.61 10.37 -4.45
C SER B 1067 -8.43 11.34 -5.63
N THR B 1068 -7.22 11.91 -5.74
CA THR B 1068 -6.93 12.87 -6.80
C THR B 1068 -6.88 12.25 -8.19
N ASN B 1069 -6.78 10.93 -8.29
CA ASN B 1069 -6.74 10.30 -9.60
C ASN B 1069 -8.13 9.88 -10.09
N THR B 1070 -9.16 10.17 -9.28
CA THR B 1070 -10.54 9.87 -9.69
C THR B 1070 -11.26 11.19 -9.96
N VAL B 1071 -11.11 12.15 -9.04
CA VAL B 1071 -11.70 13.47 -9.23
C VAL B 1071 -10.59 14.50 -8.96
N PRO B 1072 -10.13 15.18 -10.01
CA PRO B 1072 -9.07 16.18 -9.90
C PRO B 1072 -9.54 17.60 -9.57
N ASN B 1073 -8.57 18.44 -9.19
CA ASN B 1073 -8.81 19.84 -8.89
C ASN B 1073 -10.00 20.13 -8.00
N SER B 1074 -10.16 19.37 -6.94
CA SER B 1074 -11.28 19.57 -6.04
C SER B 1074 -11.01 20.69 -5.04
N SER B 1075 -12.06 21.42 -4.69
CA SER B 1075 -11.95 22.49 -3.70
C SER B 1075 -11.90 21.75 -2.37
N PRO B 1076 -11.37 22.38 -1.31
CA PRO B 1076 -11.34 21.65 -0.04
C PRO B 1076 -12.77 21.35 0.41
N THR B 1077 -12.94 20.29 1.17
CA THR B 1077 -14.27 19.92 1.67
C THR B 1077 -14.56 20.91 2.78
N ALA B 1078 -15.29 21.97 2.45
CA ALA B 1078 -15.58 22.99 3.44
C ALA B 1078 -16.72 23.93 3.06
N ALA B 1079 -16.87 24.99 3.86
CA ALA B 1079 -17.90 26.00 3.66
C ALA B 1079 -19.31 25.45 3.81
N SER B 1080 -19.43 24.25 4.37
CA SER B 1080 -20.74 23.61 4.57
C SER B 1080 -21.51 23.35 3.27
N VAL B 1081 -20.86 23.54 2.12
CA VAL B 1081 -21.56 23.34 0.85
C VAL B 1081 -21.33 22.00 0.15
N SER B 1082 -20.56 21.12 0.77
CA SER B 1082 -20.24 19.83 0.16
C SER B 1082 -21.46 19.04 -0.31
N THR B 1083 -22.47 18.92 0.54
CA THR B 1083 -23.67 18.19 0.17
C THR B 1083 -24.31 18.86 -1.04
N ASP B 1084 -24.40 20.18 -0.98
CA ASP B 1084 -24.99 20.96 -2.07
C ASP B 1084 -24.35 20.70 -3.42
N ILE B 1085 -23.04 20.94 -3.49
CA ILE B 1085 -22.33 20.80 -4.75
C ILE B 1085 -21.96 19.39 -5.21
N TYR B 1086 -21.48 18.54 -4.32
CA TYR B 1086 -21.16 17.18 -4.76
C TYR B 1086 -22.46 16.43 -4.99
N GLY B 1087 -23.50 16.80 -4.25
CA GLY B 1087 -24.79 16.15 -4.43
C GLY B 1087 -25.28 16.41 -5.83
N GLN B 1088 -25.01 17.60 -6.33
CA GLN B 1088 -25.42 17.98 -7.68
C GLN B 1088 -24.57 17.24 -8.71
N ALA B 1089 -23.26 17.16 -8.48
CA ALA B 1089 -22.35 16.46 -9.39
C ALA B 1089 -22.71 14.98 -9.47
N VAL B 1090 -23.00 14.38 -8.32
CA VAL B 1090 -23.39 12.97 -8.27
C VAL B 1090 -24.73 12.80 -9.00
N TYR B 1091 -25.63 13.74 -8.78
CA TYR B 1091 -26.95 13.73 -9.41
C TYR B 1091 -26.81 13.70 -10.94
N GLU B 1092 -25.96 14.59 -11.46
CA GLU B 1092 -25.73 14.70 -12.90
C GLU B 1092 -25.12 13.43 -13.51
N ALA B 1093 -24.16 12.84 -12.81
CA ALA B 1093 -23.53 11.61 -13.29
C ALA B 1093 -24.62 10.54 -13.38
N CYS B 1094 -25.49 10.50 -12.37
CA CYS B 1094 -26.57 9.53 -12.37
C CYS B 1094 -27.52 9.72 -13.56
N GLN B 1095 -27.81 10.98 -13.90
CA GLN B 1095 -28.69 11.27 -15.02
C GLN B 1095 -28.09 10.74 -16.31
N THR B 1096 -26.79 10.92 -16.48
CA THR B 1096 -26.11 10.45 -17.68
C THR B 1096 -26.22 8.94 -17.75
N ILE B 1097 -26.02 8.28 -16.61
CA ILE B 1097 -26.12 6.83 -16.55
C ILE B 1097 -27.54 6.41 -16.99
N LEU B 1098 -28.54 7.03 -16.39
CA LEU B 1098 -29.94 6.74 -16.71
C LEU B 1098 -30.23 6.89 -18.19
N LYS B 1099 -29.73 7.96 -18.79
CA LYS B 1099 -29.96 8.20 -20.22
C LYS B 1099 -29.38 7.09 -21.08
N ARG B 1100 -28.24 6.55 -20.67
CA ARG B 1100 -27.60 5.47 -21.41
C ARG B 1100 -28.35 4.16 -21.25
N LEU B 1101 -28.94 3.96 -20.08
CA LEU B 1101 -29.70 2.74 -19.81
C LEU B 1101 -31.12 2.75 -20.38
N GLU B 1102 -31.65 3.94 -20.63
CA GLU B 1102 -33.02 4.09 -21.15
C GLU B 1102 -33.42 3.17 -22.31
N PRO B 1103 -32.62 3.11 -23.37
CA PRO B 1103 -32.99 2.24 -24.49
C PRO B 1103 -33.20 0.78 -24.07
N PHE B 1104 -32.40 0.32 -23.13
CA PHE B 1104 -32.51 -1.06 -22.66
C PHE B 1104 -33.69 -1.22 -21.73
N LYS B 1105 -34.03 -0.15 -21.03
CA LYS B 1105 -35.17 -0.18 -20.13
C LYS B 1105 -36.41 -0.30 -21.01
N LYS B 1106 -36.41 0.44 -22.11
CA LYS B 1106 -37.53 0.42 -23.06
C LYS B 1106 -37.72 -0.97 -23.66
N LYS B 1107 -36.63 -1.59 -24.11
CA LYS B 1107 -36.68 -2.91 -24.71
C LYS B 1107 -37.12 -4.00 -23.73
N ASN B 1108 -36.78 -3.84 -22.46
CA ASN B 1108 -37.12 -4.84 -21.45
C ASN B 1108 -37.68 -4.17 -20.20
N PRO B 1109 -38.88 -3.57 -20.31
CA PRO B 1109 -39.60 -2.87 -19.24
C PRO B 1109 -39.73 -3.62 -17.92
N ASP B 1110 -39.99 -4.92 -17.99
CA ASP B 1110 -40.14 -5.72 -16.79
C ASP B 1110 -38.81 -6.28 -16.27
N GLY B 1111 -37.73 -5.93 -16.95
CA GLY B 1111 -36.42 -6.41 -16.55
C GLY B 1111 -35.95 -5.77 -15.26
N SER B 1112 -34.84 -6.25 -14.73
CA SER B 1112 -34.27 -5.73 -13.49
C SER B 1112 -33.11 -4.79 -13.80
N TRP B 1113 -32.68 -4.04 -12.78
CA TRP B 1113 -31.57 -3.11 -12.93
C TRP B 1113 -30.37 -3.89 -13.47
N GLU B 1114 -30.15 -5.09 -12.93
CA GLU B 1114 -29.04 -5.93 -13.36
C GLU B 1114 -29.19 -6.32 -14.83
N ASP B 1115 -30.40 -6.63 -15.27
CA ASP B 1115 -30.61 -7.01 -16.66
C ASP B 1115 -30.26 -5.86 -17.59
N TRP B 1116 -30.70 -4.66 -17.24
CA TRP B 1116 -30.43 -3.49 -18.07
C TRP B 1116 -28.95 -3.18 -18.15
N VAL B 1117 -28.27 -3.26 -17.01
CA VAL B 1117 -26.84 -2.99 -16.95
C VAL B 1117 -26.05 -3.96 -17.82
N MET B 1118 -26.31 -5.25 -17.69
CA MET B 1118 -25.59 -6.24 -18.49
C MET B 1118 -25.91 -6.06 -19.98
N ALA B 1119 -27.16 -5.72 -20.28
CA ALA B 1119 -27.54 -5.52 -21.68
C ALA B 1119 -26.76 -4.34 -22.24
N ALA B 1120 -26.61 -3.30 -21.43
CA ALA B 1120 -25.86 -2.13 -21.86
C ALA B 1120 -24.39 -2.48 -22.09
N TYR B 1121 -23.82 -3.24 -21.18
CA TYR B 1121 -22.42 -3.64 -21.32
C TYR B 1121 -22.22 -4.46 -22.60
N GLN B 1122 -23.08 -5.45 -22.80
CA GLN B 1122 -23.01 -6.32 -23.97
C GLN B 1122 -23.19 -5.54 -25.26
N ASP B 1123 -23.93 -4.43 -25.19
CA ASP B 1123 -24.17 -3.61 -26.37
C ASP B 1123 -23.09 -2.56 -26.53
N ARG B 1124 -22.06 -2.67 -25.70
CA ARG B 1124 -20.93 -1.75 -25.73
C ARG B 1124 -21.30 -0.28 -25.51
N VAL B 1125 -22.00 -0.04 -24.42
CA VAL B 1125 -22.38 1.30 -24.02
C VAL B 1125 -21.60 1.52 -22.73
N SER B 1126 -20.89 2.65 -22.65
CA SER B 1126 -20.08 2.94 -21.47
C SER B 1126 -20.93 3.08 -20.21
N LEU B 1127 -20.46 2.45 -19.14
CA LEU B 1127 -21.16 2.52 -17.86
C LEU B 1127 -20.34 3.36 -16.88
N SER B 1128 -19.56 4.28 -17.42
CA SER B 1128 -18.73 5.16 -16.60
C SER B 1128 -18.91 6.61 -17.06
N THR B 1129 -19.12 7.51 -16.10
CA THR B 1129 -19.31 8.91 -16.45
C THR B 1129 -18.93 9.88 -15.33
N THR B 1130 -18.65 11.12 -15.71
CA THR B 1130 -18.32 12.14 -14.74
C THR B 1130 -19.57 12.97 -14.55
N GLY B 1131 -19.57 13.78 -13.49
CA GLY B 1131 -20.68 14.66 -13.20
C GLY B 1131 -20.01 15.93 -12.72
N PHE B 1132 -20.61 17.09 -12.93
CA PHE B 1132 -19.99 18.32 -12.51
C PHE B 1132 -21.05 19.37 -12.19
N TYR B 1133 -20.73 20.26 -11.25
CA TYR B 1133 -21.65 21.31 -10.87
C TYR B 1133 -20.90 22.59 -10.56
N ARG B 1134 -21.53 23.72 -10.90
CA ARG B 1134 -20.98 25.04 -10.70
C ARG B 1134 -22.11 25.90 -10.15
N THR B 1135 -21.96 26.38 -8.92
CA THR B 1135 -23.00 27.21 -8.31
C THR B 1135 -23.18 28.50 -9.12
N PRO B 1136 -24.41 28.75 -9.58
CA PRO B 1136 -24.74 29.94 -10.38
C PRO B 1136 -24.96 31.25 -9.64
N ASN B 1137 -24.86 32.33 -10.42
CA ASN B 1137 -25.10 33.69 -9.95
C ASN B 1137 -24.34 34.13 -8.69
N LEU B 1138 -23.05 33.83 -8.63
CA LEU B 1138 -22.23 34.23 -7.49
C LEU B 1138 -21.15 35.22 -7.96
N GLY B 1139 -20.83 36.19 -7.12
CA GLY B 1139 -19.82 37.17 -7.49
C GLY B 1139 -19.93 38.51 -6.81
N TYR B 1140 -19.58 38.56 -5.52
CA TYR B 1140 -19.64 39.80 -4.77
C TYR B 1140 -18.38 40.62 -4.97
N SER B 1141 -18.53 41.93 -4.91
CA SER B 1141 -17.39 42.83 -5.07
C SER B 1141 -17.37 43.80 -3.90
N PHE B 1142 -16.21 43.91 -3.24
CA PHE B 1142 -16.09 44.83 -2.12
C PHE B 1142 -16.00 46.27 -2.63
N GLU B 1143 -15.59 46.43 -3.87
CA GLU B 1143 -15.47 47.77 -4.45
C GLU B 1143 -16.83 48.39 -4.75
N THR B 1144 -17.77 47.59 -5.23
CA THR B 1144 -19.10 48.08 -5.55
C THR B 1144 -20.14 47.69 -4.51
N ASN B 1145 -19.75 46.87 -3.56
CA ASN B 1145 -20.66 46.38 -2.53
C ASN B 1145 -21.94 45.88 -3.19
N SER B 1146 -21.77 45.02 -4.20
CA SER B 1146 -22.90 44.44 -4.93
C SER B 1146 -22.51 43.08 -5.49
N GLY B 1147 -23.52 42.27 -5.79
CA GLY B 1147 -23.26 40.94 -6.31
C GLY B 1147 -23.48 39.93 -5.19
N ASN B 1148 -24.01 38.75 -5.53
CA ASN B 1148 -24.27 37.73 -4.51
C ASN B 1148 -23.02 37.10 -3.93
N ALA B 1149 -22.87 37.23 -2.62
CA ALA B 1149 -21.73 36.66 -1.91
C ALA B 1149 -22.07 35.20 -1.59
N PHE B 1150 -23.35 34.94 -1.38
CA PHE B 1150 -23.80 33.59 -1.05
C PHE B 1150 -24.95 33.13 -1.93
N HIS B 1151 -25.13 31.81 -2.02
CA HIS B 1151 -26.19 31.24 -2.84
C HIS B 1151 -27.50 31.37 -2.08
N TYR B 1152 -27.42 31.27 -0.76
CA TYR B 1152 -28.58 31.41 0.12
C TYR B 1152 -28.05 31.40 1.55
N PHE B 1153 -28.95 31.46 2.52
CA PHE B 1153 -28.55 31.47 3.92
C PHE B 1153 -29.27 30.37 4.70
N THR B 1154 -28.60 29.87 5.74
CA THR B 1154 -29.20 28.87 6.60
C THR B 1154 -29.52 29.62 7.89
N TYR B 1155 -30.69 29.35 8.46
CA TYR B 1155 -31.11 30.06 9.67
C TYR B 1155 -31.45 29.16 10.85
N GLY B 1156 -31.46 29.77 12.04
CA GLY B 1156 -31.78 29.03 13.25
C GLY B 1156 -31.94 29.97 14.43
N VAL B 1157 -32.60 29.48 15.47
CA VAL B 1157 -32.80 30.25 16.68
C VAL B 1157 -32.59 29.30 17.85
N ALA B 1158 -31.98 29.80 18.92
CA ALA B 1158 -31.74 28.98 20.10
C ALA B 1158 -32.02 29.75 21.38
N CYS B 1159 -32.66 29.07 22.33
CA CYS B 1159 -32.96 29.66 23.63
C CYS B 1159 -32.25 28.80 24.65
N SER B 1160 -31.44 29.44 25.51
CA SER B 1160 -30.71 28.71 26.54
C SER B 1160 -30.85 29.32 27.91
N GLU B 1161 -30.94 28.44 28.91
CA GLU B 1161 -31.06 28.87 30.30
C GLU B 1161 -29.93 28.25 31.09
N VAL B 1162 -29.35 29.04 32.00
CA VAL B 1162 -28.27 28.56 32.83
C VAL B 1162 -28.49 28.99 34.27
N GLU B 1163 -27.70 28.39 35.16
CA GLU B 1163 -27.74 28.73 36.58
C GLU B 1163 -26.27 28.82 36.98
N ILE B 1164 -25.85 30.01 37.39
CA ILE B 1164 -24.46 30.21 37.79
C ILE B 1164 -24.29 30.17 39.30
N ASP B 1165 -23.10 29.79 39.75
CA ASP B 1165 -22.77 29.78 41.17
C ASP B 1165 -21.95 31.05 41.34
N CYS B 1166 -22.56 32.07 41.92
CA CYS B 1166 -21.91 33.37 42.11
C CYS B 1166 -20.67 33.36 42.99
N LEU B 1167 -20.49 32.30 43.77
CA LEU B 1167 -19.34 32.21 44.65
C LEU B 1167 -18.15 31.45 44.05
N THR B 1168 -18.36 30.69 42.98
CA THR B 1168 -17.27 29.93 42.37
C THR B 1168 -17.06 30.16 40.88
N GLY B 1169 -18.10 30.63 40.20
CA GLY B 1169 -17.98 30.87 38.76
C GLY B 1169 -18.45 29.70 37.93
N ASP B 1170 -18.72 28.57 38.58
CA ASP B 1170 -19.19 27.41 37.84
C ASP B 1170 -20.64 27.68 37.46
N HIS B 1171 -21.16 26.94 36.49
CA HIS B 1171 -22.54 27.12 36.08
C HIS B 1171 -23.08 25.83 35.48
N LYS B 1172 -24.40 25.74 35.44
CA LYS B 1172 -25.06 24.58 34.88
C LYS B 1172 -25.85 25.04 33.67
N ASN B 1173 -25.83 24.24 32.61
CA ASN B 1173 -26.60 24.54 31.41
C ASN B 1173 -27.87 23.72 31.63
N LEU B 1174 -28.91 24.41 32.11
CA LEU B 1174 -30.20 23.80 32.42
C LEU B 1174 -31.00 23.31 31.22
N ARG B 1175 -31.19 24.17 30.24
CA ARG B 1175 -31.98 23.81 29.08
C ARG B 1175 -31.68 24.66 27.86
N THR B 1176 -31.76 24.02 26.70
CA THR B 1176 -31.54 24.69 25.42
C THR B 1176 -32.55 24.15 24.42
N ASP B 1177 -33.19 25.05 23.69
CA ASP B 1177 -34.18 24.70 22.67
C ASP B 1177 -33.72 25.33 21.37
N ILE B 1178 -33.55 24.50 20.34
CA ILE B 1178 -33.09 24.97 19.04
C ILE B 1178 -34.07 24.66 17.92
N VAL B 1179 -34.32 25.65 17.07
CA VAL B 1179 -35.19 25.46 15.92
C VAL B 1179 -34.32 25.84 14.74
N MET B 1180 -34.00 24.86 13.91
CA MET B 1180 -33.12 25.09 12.78
C MET B 1180 -33.78 24.91 11.42
N ASP B 1181 -33.46 25.81 10.50
CA ASP B 1181 -33.98 25.75 9.15
C ASP B 1181 -32.93 25.12 8.24
N VAL B 1182 -33.13 23.84 7.93
CA VAL B 1182 -32.21 23.13 7.05
C VAL B 1182 -32.96 22.71 5.79
N GLY B 1183 -33.99 23.48 5.45
CA GLY B 1183 -34.79 23.18 4.28
C GLY B 1183 -35.37 21.79 4.43
N SER B 1184 -35.50 21.07 3.33
CA SER B 1184 -36.00 19.70 3.38
C SER B 1184 -34.77 18.82 3.60
N SER B 1185 -34.52 18.47 4.85
CA SER B 1185 -33.35 17.65 5.20
C SER B 1185 -33.22 16.37 4.38
N LEU B 1186 -31.99 16.08 3.94
CA LEU B 1186 -31.74 14.87 3.18
C LEU B 1186 -31.65 13.72 4.18
N ASN B 1187 -31.31 14.07 5.42
CA ASN B 1187 -31.16 13.08 6.48
C ASN B 1187 -31.32 13.81 7.81
N PRO B 1188 -32.52 13.75 8.41
CA PRO B 1188 -32.76 14.42 9.69
C PRO B 1188 -31.90 13.97 10.85
N ALA B 1189 -31.42 12.72 10.80
CA ALA B 1189 -30.55 12.23 11.86
C ALA B 1189 -29.17 12.89 11.74
N ILE B 1190 -28.60 12.87 10.53
CA ILE B 1190 -27.29 13.49 10.31
C ILE B 1190 -27.44 14.97 10.61
N ASP B 1191 -28.49 15.58 10.07
CA ASP B 1191 -28.75 16.99 10.38
C ASP B 1191 -28.88 17.70 11.72
N ILE B 1192 -29.37 17.01 12.75
CA ILE B 1192 -29.61 17.64 14.05
C ILE B 1192 -28.33 17.18 14.72
N GLY B 1193 -27.73 16.11 14.20
CA GLY B 1193 -26.47 15.65 14.74
C GLY B 1193 -25.47 16.77 14.51
N GLN B 1194 -25.56 17.38 13.32
CA GLN B 1194 -24.71 18.50 12.96
C GLN B 1194 -25.10 19.69 13.81
N VAL B 1195 -26.41 19.88 13.99
CA VAL B 1195 -26.91 20.97 14.81
C VAL B 1195 -26.40 20.86 16.24
N GLU B 1196 -26.57 19.68 16.85
CA GLU B 1196 -26.13 19.48 18.23
C GLU B 1196 -24.61 19.57 18.35
N GLY B 1197 -23.90 18.96 17.40
CA GLY B 1197 -22.44 18.98 17.45
C GLY B 1197 -21.89 20.39 17.31
N ALA B 1198 -22.40 21.14 16.33
CA ALA B 1198 -21.95 22.50 16.10
C ALA B 1198 -22.28 23.35 17.33
N PHE B 1199 -23.50 23.20 17.84
CA PHE B 1199 -23.95 23.96 19.01
C PHE B 1199 -23.00 23.75 20.19
N VAL B 1200 -22.60 22.50 20.43
CA VAL B 1200 -21.71 22.19 21.54
C VAL B 1200 -20.30 22.76 21.36
N GLN B 1201 -19.78 22.76 20.12
CA GLN B 1201 -18.46 23.34 19.89
C GLN B 1201 -18.56 24.85 20.12
N GLY B 1202 -19.74 25.42 19.85
CA GLY B 1202 -19.93 26.84 20.05
C GLY B 1202 -19.94 27.10 21.55
N LEU B 1203 -20.66 26.24 22.27
CA LEU B 1203 -20.75 26.29 23.72
C LEU B 1203 -19.32 26.28 24.26
N GLY B 1204 -18.48 25.41 23.70
CA GLY B 1204 -17.10 25.32 24.14
C GLY B 1204 -16.36 26.63 23.91
N LEU B 1205 -16.47 27.14 22.68
CA LEU B 1205 -15.82 28.39 22.29
C LEU B 1205 -16.16 29.56 23.21
N PHE B 1206 -17.45 29.71 23.52
CA PHE B 1206 -17.91 30.82 24.34
C PHE B 1206 -17.88 30.68 25.86
N THR B 1207 -17.76 29.47 26.38
CA THR B 1207 -17.81 29.30 27.83
C THR B 1207 -16.78 28.40 28.51
N LEU B 1208 -16.08 27.56 27.76
CA LEU B 1208 -15.14 26.62 28.38
C LEU B 1208 -13.71 26.62 27.88
N GLU B 1209 -13.56 26.67 26.56
CA GLU B 1209 -12.27 26.61 25.90
C GLU B 1209 -11.46 27.89 25.93
N GLU B 1210 -10.23 27.79 26.44
CA GLU B 1210 -9.36 28.94 26.51
C GLU B 1210 -7.90 28.53 26.39
N LEU B 1211 -7.19 29.16 25.46
CA LEU B 1211 -5.77 28.87 25.26
C LEU B 1211 -4.98 29.97 25.98
N HIS B 1212 -3.90 29.60 26.65
CA HIS B 1212 -3.07 30.57 27.36
C HIS B 1212 -1.65 30.55 26.83
N TYR B 1213 -1.05 31.73 26.70
CA TYR B 1213 0.31 31.87 26.21
C TYR B 1213 1.16 32.70 27.16
N SER B 1214 2.44 32.37 27.23
CA SER B 1214 3.35 33.12 28.08
C SER B 1214 3.54 34.45 27.36
N PRO B 1215 4.00 35.49 28.08
CA PRO B 1215 4.21 36.79 27.44
C PRO B 1215 5.14 36.68 26.24
N GLU B 1216 6.00 35.66 26.24
CA GLU B 1216 6.95 35.44 25.16
C GLU B 1216 6.33 34.71 23.95
N GLY B 1217 5.04 34.39 24.04
CA GLY B 1217 4.38 33.72 22.93
C GLY B 1217 4.40 32.19 22.91
N SER B 1218 4.67 31.57 24.05
CA SER B 1218 4.70 30.11 24.12
C SER B 1218 3.38 29.58 24.68
N LEU B 1219 2.73 28.69 23.94
CA LEU B 1219 1.46 28.10 24.35
C LEU B 1219 1.62 27.25 25.62
N HIS B 1220 0.83 27.55 26.64
CA HIS B 1220 0.87 26.79 27.89
C HIS B 1220 -0.08 25.60 27.84
N THR B 1221 -1.24 25.81 27.23
CA THR B 1221 -2.29 24.81 27.12
C THR B 1221 -2.09 23.89 25.92
N ARG B 1222 -1.57 22.69 26.15
CA ARG B 1222 -1.30 21.76 25.06
C ARG B 1222 -1.87 20.35 25.22
N GLY B 1223 -2.94 20.22 25.99
CA GLY B 1223 -3.55 18.91 26.18
C GLY B 1223 -4.91 19.02 26.82
N PRO B 1224 -5.73 17.95 26.82
CA PRO B 1224 -7.06 18.02 27.43
C PRO B 1224 -7.02 18.30 28.94
N SER B 1225 -5.87 18.09 29.57
CA SER B 1225 -5.74 18.36 31.00
C SER B 1225 -5.83 19.86 31.27
N THR B 1226 -5.35 20.68 30.34
CA THR B 1226 -5.36 22.12 30.52
C THR B 1226 -6.30 22.87 29.58
N TYR B 1227 -6.75 22.20 28.52
CA TYR B 1227 -7.67 22.80 27.55
C TYR B 1227 -8.93 21.99 27.68
N LYS B 1228 -10.00 22.61 28.16
CA LYS B 1228 -11.23 21.88 28.38
C LYS B 1228 -12.34 22.08 27.37
N ILE B 1229 -12.54 21.07 26.53
CA ILE B 1229 -13.60 21.13 25.54
C ILE B 1229 -14.83 20.57 26.27
N PRO B 1230 -16.03 20.72 25.70
CA PRO B 1230 -17.22 20.20 26.35
C PRO B 1230 -17.13 18.70 26.64
N ALA B 1231 -17.57 18.30 27.83
CA ALA B 1231 -17.56 16.89 28.24
C ALA B 1231 -19.00 16.39 28.25
N PHE B 1232 -19.20 15.09 28.46
CA PHE B 1232 -20.56 14.56 28.49
C PHE B 1232 -21.42 15.40 29.44
N GLY B 1233 -20.85 15.75 30.59
CA GLY B 1233 -21.58 16.51 31.59
C GLY B 1233 -21.78 18.00 31.32
N SER B 1234 -21.21 18.50 30.23
CA SER B 1234 -21.33 19.92 29.90
C SER B 1234 -22.57 20.31 29.12
N ILE B 1235 -23.19 19.36 28.43
CA ILE B 1235 -24.36 19.69 27.62
C ILE B 1235 -25.60 20.05 28.42
N PRO B 1236 -26.51 20.83 27.82
CA PRO B 1236 -27.72 21.19 28.58
C PRO B 1236 -28.49 19.95 29.01
N THR B 1237 -28.90 19.94 30.27
CA THR B 1237 -29.65 18.81 30.84
C THR B 1237 -30.88 18.49 30.00
N GLU B 1238 -31.61 19.54 29.60
CA GLU B 1238 -32.77 19.35 28.75
C GLU B 1238 -32.30 19.95 27.43
N PHE B 1239 -32.15 19.08 26.42
CA PHE B 1239 -31.65 19.48 25.11
C PHE B 1239 -32.68 19.13 24.04
N ARG B 1240 -33.31 20.16 23.47
CA ARG B 1240 -34.33 19.97 22.44
C ARG B 1240 -33.92 20.59 21.11
N VAL B 1241 -34.15 19.85 20.03
CA VAL B 1241 -33.81 20.31 18.69
C VAL B 1241 -34.96 20.04 17.74
N SER B 1242 -35.35 21.05 16.97
CA SER B 1242 -36.43 20.93 16.01
C SER B 1242 -35.99 21.43 14.64
N LEU B 1243 -36.30 20.66 13.60
CA LEU B 1243 -35.96 21.08 12.24
C LEU B 1243 -37.24 21.71 11.68
N LEU B 1244 -37.13 22.93 11.19
CA LEU B 1244 -38.26 23.65 10.64
C LEU B 1244 -39.03 22.84 9.59
N ARG B 1245 -40.35 22.78 9.74
CA ARG B 1245 -41.20 22.02 8.81
C ARG B 1245 -41.63 22.84 7.61
N ASP B 1246 -41.91 22.15 6.50
CA ASP B 1246 -42.37 22.78 5.27
C ASP B 1246 -41.61 24.03 4.85
N CYS B 1247 -40.32 23.88 4.59
CA CYS B 1247 -39.51 25.01 4.17
C CYS B 1247 -38.50 24.61 3.10
N PRO B 1248 -38.98 24.00 2.00
CA PRO B 1248 -38.10 23.57 0.92
C PRO B 1248 -37.24 24.70 0.35
N ASN B 1249 -35.99 24.36 0.02
CA ASN B 1249 -35.04 25.32 -0.52
C ASN B 1249 -34.74 24.95 -1.97
N LYS B 1250 -35.32 25.71 -2.90
CA LYS B 1250 -35.14 25.46 -4.33
C LYS B 1250 -33.72 25.70 -4.82
N LYS B 1251 -32.89 26.30 -3.98
CA LYS B 1251 -31.51 26.60 -4.36
C LYS B 1251 -30.53 25.43 -4.21
N ALA B 1252 -30.95 24.33 -3.59
CA ALA B 1252 -30.05 23.20 -3.40
C ALA B 1252 -30.67 21.82 -3.64
N ILE B 1253 -29.80 20.84 -3.85
CA ILE B 1253 -30.18 19.46 -4.11
C ILE B 1253 -31.33 18.95 -3.24
N TYR B 1254 -32.39 18.49 -3.91
CA TYR B 1254 -33.57 17.96 -3.26
C TYR B 1254 -34.17 18.87 -2.18
N ALA B 1255 -34.08 20.18 -2.41
CA ALA B 1255 -34.65 21.18 -1.50
C ALA B 1255 -34.02 21.27 -0.11
N SER B 1256 -32.81 20.77 0.04
CA SER B 1256 -32.12 20.81 1.33
C SER B 1256 -31.30 22.08 1.54
N LYS B 1257 -30.63 22.17 2.69
CA LYS B 1257 -29.79 23.31 3.01
C LYS B 1257 -28.53 22.88 3.75
N ALA B 1258 -27.47 23.67 3.60
CA ALA B 1258 -26.21 23.40 4.27
C ALA B 1258 -26.43 23.50 5.77
N VAL B 1259 -25.79 22.63 6.55
CA VAL B 1259 -25.99 22.63 8.00
C VAL B 1259 -24.70 22.53 8.83
N GLY B 1260 -23.60 22.19 8.17
CA GLY B 1260 -22.34 22.03 8.90
C GLY B 1260 -21.95 23.09 9.91
N GLU B 1261 -21.79 24.32 9.45
CA GLU B 1261 -21.37 25.44 10.30
C GLU B 1261 -22.43 26.38 10.89
N PRO B 1262 -23.51 26.63 10.16
CA PRO B 1262 -24.57 27.53 10.63
C PRO B 1262 -25.04 27.46 12.08
N PRO B 1263 -25.17 26.24 12.65
CA PRO B 1263 -25.62 26.12 14.05
C PRO B 1263 -24.63 26.47 15.15
N LEU B 1264 -23.34 26.53 14.82
CA LEU B 1264 -22.33 26.78 15.85
C LEU B 1264 -22.50 28.06 16.66
N PHE B 1265 -22.86 29.16 16.01
CA PHE B 1265 -23.02 30.40 16.76
C PHE B 1265 -24.17 30.34 17.77
N LEU B 1266 -25.14 29.46 17.54
CA LEU B 1266 -26.26 29.36 18.46
C LEU B 1266 -25.78 28.99 19.87
N GLY B 1267 -24.54 28.52 19.97
CA GLY B 1267 -24.00 28.18 21.27
C GLY B 1267 -23.84 29.45 22.10
N ALA B 1268 -23.84 30.60 21.43
CA ALA B 1268 -23.69 31.88 22.12
C ALA B 1268 -24.89 32.16 23.01
N SER B 1269 -25.99 31.45 22.78
CA SER B 1269 -27.17 31.66 23.62
C SER B 1269 -26.80 31.36 25.08
N VAL B 1270 -25.86 30.43 25.25
CA VAL B 1270 -25.40 30.06 26.60
C VAL B 1270 -24.60 31.23 27.18
N PHE B 1271 -23.73 31.81 26.36
CA PHE B 1271 -22.91 32.92 26.80
C PHE B 1271 -23.76 34.08 27.32
N PHE B 1272 -24.75 34.48 26.53
CA PHE B 1272 -25.59 35.59 26.93
C PHE B 1272 -26.56 35.25 28.06
N ALA B 1273 -26.84 33.96 28.23
CA ALA B 1273 -27.71 33.54 29.32
C ALA B 1273 -26.88 33.78 30.58
N ILE B 1274 -25.60 33.39 30.51
CA ILE B 1274 -24.69 33.58 31.63
C ILE B 1274 -24.57 35.07 31.95
N LYS B 1275 -24.45 35.90 30.92
CA LYS B 1275 -24.32 37.34 31.14
C LYS B 1275 -25.56 37.87 31.86
N ASP B 1276 -26.72 37.37 31.43
CA ASP B 1276 -28.01 37.76 32.02
C ASP B 1276 -27.97 37.40 33.50
N ALA B 1277 -27.43 36.22 33.81
CA ALA B 1277 -27.32 35.75 35.18
C ALA B 1277 -26.36 36.63 35.98
N ILE B 1278 -25.25 37.03 35.35
CA ILE B 1278 -24.28 37.87 36.03
C ILE B 1278 -24.90 39.23 36.37
N ARG B 1279 -25.71 39.78 35.46
CA ARG B 1279 -26.36 41.06 35.72
C ARG B 1279 -27.23 40.94 36.97
N ALA B 1280 -27.89 39.79 37.12
CA ALA B 1280 -28.74 39.57 38.29
C ALA B 1280 -27.88 39.54 39.55
N ALA B 1281 -26.70 38.93 39.45
CA ALA B 1281 -25.79 38.85 40.59
C ALA B 1281 -25.27 40.22 40.98
N ARG B 1282 -24.91 41.02 39.98
CA ARG B 1282 -24.40 42.36 40.22
C ARG B 1282 -25.48 43.26 40.81
N ALA B 1283 -26.74 42.99 40.45
CA ALA B 1283 -27.85 43.77 40.98
C ALA B 1283 -28.05 43.39 42.44
N GLN B 1284 -27.68 42.15 42.76
CA GLN B 1284 -27.81 41.63 44.12
C GLN B 1284 -26.81 42.24 45.09
N HIS B 1285 -25.53 42.18 44.75
CA HIS B 1285 -24.48 42.70 45.61
C HIS B 1285 -23.63 43.85 45.05
N THR B 1286 -24.05 44.45 43.93
CA THR B 1286 -23.25 45.52 43.33
C THR B 1286 -24.03 46.75 42.84
N ASN B 1287 -23.31 47.64 42.17
CA ASN B 1287 -23.82 48.89 41.59
C ASN B 1287 -25.24 49.31 41.88
N ASN B 1288 -26.20 48.62 41.27
CA ASN B 1288 -27.63 48.90 41.41
C ASN B 1288 -28.04 49.95 40.39
N ASN B 1289 -27.23 50.09 39.34
CA ASN B 1289 -27.50 51.07 38.28
C ASN B 1289 -28.57 50.61 37.31
N THR B 1290 -28.73 49.29 37.15
CA THR B 1290 -29.72 48.72 36.25
C THR B 1290 -29.39 48.85 34.77
N LYS B 1291 -29.04 50.08 34.33
CA LYS B 1291 -28.68 50.31 32.94
C LYS B 1291 -27.17 50.27 32.78
N GLU B 1292 -26.49 49.92 33.86
CA GLU B 1292 -25.03 49.85 33.88
C GLU B 1292 -24.57 48.76 32.91
N LEU B 1293 -23.47 49.03 32.21
CA LEU B 1293 -22.92 48.06 31.28
C LEU B 1293 -21.55 47.62 31.76
N PHE B 1294 -21.31 46.30 31.73
CA PHE B 1294 -20.02 45.78 32.14
C PHE B 1294 -19.53 44.87 31.02
N ARG B 1295 -18.23 44.92 30.77
CA ARG B 1295 -17.64 44.12 29.69
C ARG B 1295 -17.42 42.67 30.08
N LEU B 1296 -17.81 41.77 29.19
CA LEU B 1296 -17.63 40.34 29.41
C LEU B 1296 -17.10 39.75 28.11
N ASP B 1297 -15.81 39.47 28.08
CA ASP B 1297 -15.19 38.90 26.88
C ASP B 1297 -15.47 37.41 26.83
N SER B 1298 -15.17 36.82 25.67
CA SER B 1298 -15.35 35.39 25.47
C SER B 1298 -13.95 34.77 25.52
N PRO B 1299 -13.82 33.57 26.09
CA PRO B 1299 -14.90 32.77 26.68
C PRO B 1299 -15.26 33.18 28.10
N ALA B 1300 -16.53 33.04 28.45
CA ALA B 1300 -17.01 33.37 29.79
C ALA B 1300 -16.72 32.19 30.69
N THR B 1301 -15.46 32.07 31.08
CA THR B 1301 -14.97 31.00 31.93
C THR B 1301 -15.31 31.26 33.40
N PRO B 1302 -15.07 30.25 34.27
CA PRO B 1302 -15.36 30.42 35.69
C PRO B 1302 -14.67 31.67 36.22
N GLU B 1303 -13.46 31.94 35.74
CA GLU B 1303 -12.70 33.10 36.17
C GLU B 1303 -13.43 34.40 35.87
N LYS B 1304 -13.88 34.54 34.62
CA LYS B 1304 -14.58 35.75 34.20
C LYS B 1304 -15.94 35.88 34.87
N ILE B 1305 -16.64 34.77 35.02
CA ILE B 1305 -17.94 34.80 35.65
C ILE B 1305 -17.82 35.23 37.11
N ARG B 1306 -16.93 34.58 37.85
CA ARG B 1306 -16.74 34.90 39.27
C ARG B 1306 -16.28 36.33 39.49
N ASN B 1307 -15.27 36.77 38.73
CA ASN B 1307 -14.75 38.13 38.89
C ASN B 1307 -15.82 39.16 38.61
N ALA B 1308 -16.77 38.83 37.72
CA ALA B 1308 -17.85 39.74 37.36
C ALA B 1308 -18.90 39.84 38.46
N CYS B 1309 -18.97 38.82 39.31
CA CYS B 1309 -19.93 38.81 40.40
C CYS B 1309 -19.35 39.56 41.60
N VAL B 1310 -19.08 40.85 41.38
CA VAL B 1310 -18.51 41.73 42.39
C VAL B 1310 -19.29 41.68 43.70
N ASP B 1311 -18.58 41.43 44.80
CA ASP B 1311 -19.19 41.36 46.11
C ASP B 1311 -18.19 41.69 47.21
N LYS B 1312 -18.57 41.40 48.46
CA LYS B 1312 -17.70 41.67 49.60
C LYS B 1312 -16.41 40.86 49.59
N PHE B 1313 -16.37 39.79 48.82
CA PHE B 1313 -15.16 38.97 48.75
C PHE B 1313 -14.21 39.44 47.66
N THR B 1314 -14.75 39.67 46.46
CA THR B 1314 -13.93 40.14 45.35
C THR B 1314 -13.30 41.48 45.72
N THR B 1315 -14.08 42.30 46.43
CA THR B 1315 -13.65 43.61 46.87
C THR B 1315 -12.50 43.53 47.88
N LEU B 1316 -12.23 42.33 48.37
CA LEU B 1316 -11.16 42.15 49.34
C LEU B 1316 -9.95 41.44 48.73
N CYS B 1317 -10.08 41.02 47.48
CA CYS B 1317 -9.00 40.31 46.79
C CYS B 1317 -8.41 41.02 45.57
N VAL B 1318 -9.16 41.97 45.02
CA VAL B 1318 -8.69 42.71 43.84
C VAL B 1318 -7.26 43.24 44.02
N THR B 1319 -6.51 43.28 42.92
CA THR B 1319 -5.12 43.77 42.96
C THR B 1319 -5.05 45.20 43.46
N GLY B 1320 -4.70 45.35 44.75
CA GLY B 1320 -4.61 46.66 45.35
C GLY B 1320 -5.79 46.90 46.28
N ALA B 1321 -6.56 45.84 46.50
CA ALA B 1321 -7.74 45.86 47.37
C ALA B 1321 -7.48 46.55 48.70
N PRO B 1322 -8.55 46.88 49.46
CA PRO B 1322 -8.40 47.55 50.75
C PRO B 1322 -7.31 46.90 51.60
N GLY B 1323 -6.13 47.51 51.57
CA GLY B 1323 -5.00 47.00 52.33
C GLY B 1323 -3.75 47.76 51.92
N ASN B 1324 -3.08 47.28 50.87
CA ASN B 1324 -1.86 47.91 50.38
C ASN B 1324 -1.00 48.34 51.57
N CYS B 1325 -0.96 47.49 52.58
CA CYS B 1325 -0.18 47.76 53.79
C CYS B 1325 -0.74 49.02 54.45
N LYS B 1326 -0.39 50.17 53.89
CA LYS B 1326 -0.85 51.48 54.39
C LYS B 1326 -0.06 52.62 53.77
N PRO B 1327 -0.57 53.20 52.66
CA PRO B 1327 0.13 54.31 52.01
C PRO B 1327 0.22 55.51 52.96
N TRP B 1328 1.33 56.23 52.91
CA TRP B 1328 1.54 57.38 53.79
C TRP B 1328 0.57 58.52 53.51
N SER B 1329 0.41 58.88 52.25
CA SER B 1329 -0.48 59.97 51.86
C SER B 1329 -1.48 59.55 50.79
N LEU B 1330 -2.60 60.26 50.74
CA LEU B 1330 -3.65 59.98 49.76
C LEU B 1330 -4.32 61.32 49.44
N ARG B 1331 -4.19 61.78 48.19
CA ARG B 1331 -4.79 63.05 47.79
C ARG B 1331 -6.28 63.03 48.10
N VAL B 1332 -6.80 64.14 48.61
CA VAL B 1332 -8.22 64.24 48.95
C VAL B 1332 -9.07 64.75 47.79
CA CA C . -8.85 -24.73 -22.04
FE1 FES D . 10.73 -8.73 -21.67
FE2 FES D . 13.36 -9.13 -22.14
S1 FES D . 12.24 -7.28 -22.44
S2 FES D . 11.92 -10.57 -21.37
FE1 FES E . 18.77 -16.94 -11.60
FE2 FES E . 17.00 -17.43 -13.62
S1 FES E . 19.19 -17.73 -13.63
S2 FES E . 16.57 -16.63 -11.64
N1 MTE F . 5.04 -7.88 -26.35
C2 MTE F . 5.74 -7.95 -25.14
N2 MTE F . 6.95 -7.37 -25.11
N3 MTE F . 5.18 -8.60 -24.10
C4 MTE F . 3.92 -9.20 -24.15
O4 MTE F . 3.36 -9.83 -23.15
N5 MTE F . 1.77 -9.86 -25.63
C6 MTE F . 1.33 -10.07 -27.00
C7 MTE F . 1.79 -8.79 -27.99
N8 MTE F . 3.13 -8.27 -27.82
C9 MTE F . 3.13 -9.15 -25.38
C10 MTE F . 3.81 -8.37 -26.62
C1' MTE F . -0.02 -10.43 -27.21
S1' MTE F . -0.38 -12.04 -27.02
C2' MTE F . -0.95 -9.35 -27.56
S2' MTE F . -2.58 -9.83 -27.81
C3' MTE F . -0.50 -7.83 -27.69
O3' MTE F . 0.93 -7.68 -27.65
C4' MTE F . -1.33 -7.03 -26.75
O4' MTE F . -1.05 -5.71 -26.94
P MTE F . -1.59 -4.79 -27.84
O1P MTE F . -3.08 -5.10 -28.04
O2P MTE F . -0.86 -4.81 -29.10
O3P MTE F . -1.49 -3.54 -27.34
MO MOS G . -2.78 -11.97 -26.74
S MOS G . -2.82 -14.32 -27.25
O1 MOS G . -4.76 -12.01 -27.37
O2 MOS G . -3.28 -11.84 -25.12
PA FAD H . 28.60 -27.74 -6.20
O1A FAD H . 29.07 -26.71 -5.10
O2A FAD H . 27.16 -27.64 -6.57
O5B FAD H . 28.85 -29.32 -5.95
C5B FAD H . 28.45 -30.46 -6.73
C4B FAD H . 28.85 -31.77 -6.04
O4B FAD H . 30.29 -31.97 -6.08
C3B FAD H . 28.40 -31.97 -4.59
O3B FAD H . 28.04 -33.35 -4.54
C2B FAD H . 29.68 -31.68 -3.83
O2B FAD H . 29.81 -32.09 -2.47
C1B FAD H . 30.81 -32.15 -4.72
N9A FAD H . 32.16 -31.53 -4.78
C8A FAD H . 32.53 -30.30 -5.17
N7A FAD H . 33.84 -30.13 -5.09
C5A FAD H . 34.36 -31.27 -4.64
C6A FAD H . 35.65 -31.74 -4.33
N6A FAD H . 36.72 -30.94 -4.50
N1A FAD H . 35.83 -33.03 -3.86
C2A FAD H . 34.77 -33.90 -3.68
N3A FAD H . 33.52 -33.46 -3.96
C4A FAD H . 33.29 -32.18 -4.43
N1 FAD H . 27.23 -29.44 -16.89
C2 FAD H . 27.58 -30.07 -18.08
O2 FAD H . 28.27 -31.09 -18.06
N3 FAD H . 27.15 -29.52 -19.31
C4 FAD H . 26.35 -28.34 -19.34
O4 FAD H . 26.01 -27.91 -20.43
C4X FAD H . 25.99 -27.69 -18.13
N5 FAD H . 25.21 -26.55 -18.12
C5X FAD H . 24.69 -25.99 -16.97
C6 FAD H . 23.74 -24.92 -17.07
C7 FAD H . 23.19 -24.37 -15.87
C7M FAD H . 22.19 -23.24 -16.05
C8 FAD H . 23.61 -24.88 -14.56
C8M FAD H . 23.09 -24.36 -13.21
C9 FAD H . 24.54 -25.94 -14.49
C9A FAD H . 25.11 -26.52 -15.68
N10 FAD H . 26.07 -27.61 -15.65
C10 FAD H . 26.43 -28.25 -16.89
C1' FAD H . 26.44 -28.42 -14.45
C2' FAD H . 27.72 -27.73 -13.89
O2' FAD H . 28.87 -27.77 -14.76
C3' FAD H . 27.92 -28.08 -12.40
O3' FAD H . 26.70 -27.77 -11.72
C4' FAD H . 29.24 -27.49 -11.84
O4' FAD H . 30.48 -27.77 -12.50
C5' FAD H . 29.30 -28.10 -10.45
O5' FAD H . 30.30 -27.37 -9.75
P FAD H . 29.92 -26.48 -8.46
O1P FAD H . 28.72 -25.45 -8.62
O2P FAD H . 31.24 -25.95 -8.06
O3P FAD H . 29.52 -27.67 -7.50
CPO FYX I . -7.08 -12.78 -27.45
CPR FYX I . -5.78 -12.61 -27.96
NPS FYX I . -5.61 -12.65 -29.31
CPT FYX I . -6.59 -12.84 -30.22
CPQ FYX I . -7.92 -13.02 -29.78
CPP FYX I . -8.14 -12.99 -28.37
CPM FYX I . -9.44 -13.18 -27.87
NPJ FYX I . -9.84 -13.19 -26.56
NPN FYX I . -10.58 -13.40 -28.59
NPL FYX I . -11.57 -13.53 -27.82
CPK FYX I . -11.19 -13.42 -26.50
CPH FYX I . -12.00 -13.51 -25.35
CPG FYX I . -11.58 -12.96 -24.11
CPI FYX I . -13.26 -14.16 -25.47
CPF FYX I . -14.09 -14.27 -24.33
NPE FYX I . -13.65 -13.74 -23.17
CPD FYX I . -12.45 -13.10 -23.00
CPB FYX I . -12.13 -12.60 -21.74
NPC FYX I . -11.86 -12.15 -20.63
C ACY J . -3.34 -20.74 -28.69
O ACY J . -3.47 -21.94 -28.17
OXT ACY J . -2.82 -20.44 -29.81
CH3 ACY J . -3.86 -19.65 -27.81
C1 GOL K . -5.35 -25.59 -12.60
O1 GOL K . -5.53 -25.55 -11.05
C2 GOL K . -6.15 -26.34 -13.42
O2 GOL K . -6.97 -27.19 -12.82
C3 GOL K . -5.98 -26.10 -14.52
O3 GOL K . -5.60 -25.86 -15.88
C1 GOL L . 6.30 -14.86 -3.24
O1 GOL L . 5.91 -16.33 -3.59
C2 GOL L . 7.61 -14.47 -3.07
O2 GOL L . 8.52 -15.44 -3.04
C3 GOL L . 7.71 -13.34 -3.00
O3 GOL L . 7.74 -11.93 -2.75
C1 GOL M . 4.58 7.25 -41.47
O1 GOL M . 3.30 7.57 -42.31
C2 GOL M . 4.51 6.65 -40.24
O2 GOL M . 3.30 6.52 -39.71
C3 GOL M . 5.54 6.33 -39.86
O3 GOL M . 6.88 6.11 -39.38
C1 GOL N . -7.98 10.00 -35.56
O1 GOL N . -6.92 10.09 -36.70
C2 GOL N . -9.28 9.65 -35.78
O2 GOL N . -9.66 9.56 -37.05
C3 GOL N . -9.85 9.46 -34.81
O3 GOL N . -10.54 9.42 -33.56
CA CA O . -3.03 32.94 9.25
FE1 FES P . -15.90 12.28 16.25
FE2 FES P . -16.72 11.47 18.70
S1 FES P . -17.66 11.00 16.77
S2 FES P . -15.00 12.70 18.22
FE1 FES Q . -5.35 7.71 26.29
FE2 FES Q . -6.36 10.06 25.33
S1 FES Q . -6.73 9.13 27.29
S2 FES Q . -5.02 8.67 24.32
N1 MTE R . -18.81 17.31 11.64
C2 MTE R . -17.95 16.31 12.11
N2 MTE R . -18.52 15.30 12.78
N3 MTE R . -16.64 16.40 11.86
C4 MTE R . -16.07 17.46 11.16
O4 MTE R . -14.80 17.59 10.91
N5 MTE R . -16.38 19.82 10.00
C6 MTE R . -17.28 21.02 9.91
C7 MTE R . -18.86 20.51 9.66
N8 MTE R . -19.33 19.40 10.45
C9 MTE R . -16.89 18.55 10.63
C10 MTE R . -18.47 18.42 10.93
C1' MTE R . -16.90 22.08 9.01
S1' MTE R . -15.77 23.15 9.59
C2' MTE R . -17.54 22.07 7.69
S2' MTE R . -17.06 23.35 6.63
C3' MTE R . -18.60 20.97 7.24
O3' MTE R . -18.95 20.04 8.30
C4' MTE R . -18.04 20.34 6.01
O4' MTE R . -18.95 19.47 5.54
P MTE R . -20.00 19.61 4.66
O1P MTE R . -19.65 20.68 3.63
O2P MTE R . -21.23 19.93 5.37
O3P MTE R . -20.22 18.43 4.00
MO MOS S . -15.07 24.26 7.57
S MOS S . -14.26 26.12 8.87
O1 MOS S . -15.02 25.60 6.08
O2 MOS S . -13.75 23.42 6.96
PA FAD T . 2.34 6.45 39.73
O1A FAD T . 2.43 4.88 39.51
O2A FAD T . 2.28 7.33 38.54
O5B FAD T . 3.23 7.00 40.98
C5B FAD T . 3.32 8.40 41.28
C4B FAD T . 4.44 8.75 42.28
O4B FAD T . 4.21 8.17 43.58
C3B FAD T . 5.84 8.29 41.86
O3B FAD T . 6.70 9.33 42.36
C2B FAD T . 6.10 7.01 42.64
O2B FAD T . 7.37 6.41 42.90
C1B FAD T . 5.24 7.17 43.89
N9A FAD T . 4.56 6.10 44.67
C8A FAD T . 3.53 5.30 44.33
N7A FAD T . 3.22 4.47 45.32
C5A FAD T . 4.04 4.74 46.33
C6A FAD T . 4.24 4.23 47.64
N6A FAD T . 3.46 3.24 48.09
N1A FAD T . 5.23 4.75 48.43
C2A FAD T . 6.06 5.75 48.02
N3A FAD T . 5.89 6.26 46.78
C4A FAD T . 4.91 5.77 45.91
N1 FAD T . -5.19 14.30 40.83
C2 FAD T . -5.95 15.17 41.63
O2 FAD T . -5.57 15.44 42.77
N3 FAD T . -7.14 15.72 41.09
C4 FAD T . -7.58 15.40 39.78
O4 FAD T . -8.61 15.90 39.38
C4X FAD T . -6.81 14.50 38.98
N5 FAD T . -7.19 14.16 37.69
C5X FAD T . -6.40 13.44 36.82
C6 FAD T . -6.80 13.30 35.45
C7 FAD T . -5.98 12.54 34.56
C7M FAD T . -6.46 12.43 33.13
C8 FAD T . -4.74 11.94 35.05
C8M FAD T . -3.76 11.12 34.17
C9 FAD T . -4.36 12.11 36.40
C9A FAD T . -5.17 12.86 37.32
N10 FAD T . -4.81 13.05 38.72
C10 FAD T . -5.60 13.95 39.52
C1' FAD T . -3.55 12.60 39.39
C2' FAD T . -3.78 11.17 39.92
O2' FAD T . -4.78 11.03 40.95
C3' FAD T . -2.40 10.49 40.09
O3' FAD T . -1.81 10.45 38.78
C4' FAD T . -2.58 9.13 40.80
O4' FAD T . -3.26 9.01 42.05
C5' FAD T . -1.13 8.71 41.08
O5' FAD T . -1.34 7.31 41.27
P FAD T . -0.50 6.26 40.37
O1P FAD T . -0.96 6.27 38.85
O2P FAD T . -0.78 5.03 41.14
O3P FAD T . 1.02 6.68 40.56
CPO FYX U . -14.18 27.32 4.62
CPR FYX U . -15.00 26.81 5.64
NPS FYX U . -16.12 27.50 5.96
CPT FYX U . -16.54 28.65 5.39
CPQ FYX U . -15.77 29.22 4.36
CPP FYX U . -14.57 28.54 3.98
CPM FYX U . -13.76 29.06 2.98
NPJ FYX U . -12.57 28.56 2.49
NPN FYX U . -13.97 30.21 2.27
NPL FYX U . -13.03 30.41 1.42
CPK FYX U . -12.10 29.40 1.50
CPH FYX U . -10.92 29.27 0.75
CPG FYX U . -10.27 28.01 0.62
CPI FYX U . -10.40 30.42 0.10
CPF FYX U . -9.23 30.32 -0.67
NPE FYX U . -8.64 29.11 -0.78
CPD FYX U . -9.10 27.97 -0.18
CPB FYX U . -8.39 26.78 -0.36
NPC FYX U . -7.77 25.73 -0.55
C ACY V . -11.80 31.27 12.31
O ACY V . -13.02 31.38 12.73
OXT ACY V . -10.73 31.83 12.77
CH3 ACY V . -11.66 30.34 11.14
C1 GOL W . 4.45 26.35 11.41
O1 GOL W . 5.74 25.57 11.03
C2 GOL W . 4.33 27.70 11.26
O2 GOL W . 5.44 28.36 10.96
C3 GOL W . 3.26 28.06 11.41
O3 GOL W . 1.93 28.46 11.78
C1 GOL X . 4.07 7.89 14.04
O1 GOL X . 4.58 9.28 14.50
C2 GOL X . 3.18 7.14 14.77
O2 GOL X . 2.93 7.57 16.00
C3 GOL X . 2.79 6.25 14.20
O3 GOL X . 2.46 5.06 13.46
C1 GOL Y . -38.92 16.14 4.71
O1 GOL Y . -39.48 17.12 3.62
C2 GOL Y . -37.59 15.81 4.80
O2 GOL Y . -36.82 16.21 3.80
C3 GOL Y . -37.36 15.25 5.76
O3 GOL Y . -37.17 14.39 6.90
C1 GOL Z . -31.81 17.91 -7.87
O1 GOL Z . -32.98 17.72 -6.86
C2 GOL Z . -31.82 18.89 -8.82
O2 GOL Z . -32.95 19.56 -8.98
C3 GOL Z . -30.82 19.00 -9.35
O3 GOL Z . -29.57 18.95 -10.07
#